data_4KYI
#
_entry.id   4KYI
#
_cell.length_a   94.275
_cell.length_b   97.976
_cell.length_c   109.849
_cell.angle_alpha   76.570
_cell.angle_beta   80.710
_cell.angle_gamma   78.910
#
_symmetry.space_group_name_H-M   'P 1'
#
loop_
_entity.id
_entity.type
_entity.pdbx_description
1 polymer VipD
2 polymer 'Ras-related protein Rab-5C'
3 non-polymer 1,2-ETHANEDIOL
4 non-polymer GLYCEROL
5 non-polymer 'PHOSPHOAMINOPHOSPHONIC ACID-GUANYLATE ESTER'
6 non-polymer 'MAGNESIUM ION'
#
loop_
_entity_poly.entity_id
_entity_poly.type
_entity_poly.pdbx_seq_one_letter_code
_entity_poly.pdbx_strand_id
1 'polypeptide(L)'
;GAMGSEISKTEAGQYSVSAPEHKGLVLSGGGAKGISYLGMIQALQERGKIKNLTHVSGASAGAMTASILAVGMDIKDIKK
LIEGLDITKLLDNSGVGFRARGDRFRNILDVIYMMQMKKHLESVQQPIPPEQQMNYGILKQKIALYEDKLSRAGIVINNV
DDIINLTKSVKDLEKLDKALNSIPTELKGAKGEQLENPRLTLGDLGRLRELLPEENKHLIKNLSVVVTNQTKHELERYSE
DTTPQQSIAQVVQWSGAHPVLFVPGRNAKGEYIADGGILDNMPEIEGLDREEVLCVKAEAGTAFEDRVNKAKQSAMEAIS
WFKARMDSLVEATIGGKWLHATSSVLNREKVYYNIDNMIYINTGEVTTTNTSPTPEQRARAVKNGYDQTMQLLDSHKQTF
DHPLMAILYIGHDKLKDALIDEKSEKEIFEASAHAQAILHLQEQIVKEMNDGDYSSVQNYLDQIEDILTVDAKMDDIQKE
KAFALCIKQVNFLSEGKLETYLNKVEAEAKAAAEPSWATKILNLLWAPIEWVVSLFKGPAQDFKVEVQPEP
;
A,C,E,G
2 'polypeptide(L)'
;GAMGSKICQFKLVLLGESAVGKSSLVLRFVKGQFHEYQESTIGAAFLTQTVCLDDTTVKFEIWDTAGLERYHSLAPMYYR
GAQAAIVVYDITNTDTFARAKNWVKELQRQASPNIVIALAGNKADLASKRAVEFQEAQAYADDNSLLFMETSAKTAMNVN
EIFMAIAKKL
;
B,D,F,H
#
loop_
_chem_comp.id
_chem_comp.type
_chem_comp.name
_chem_comp.formula
EDO non-polymer 1,2-ETHANEDIOL 'C2 H6 O2'
GNP non-polymer 'PHOSPHOAMINOPHOSPHONIC ACID-GUANYLATE ESTER' 'C10 H17 N6 O13 P3'
GOL non-polymer GLYCEROL 'C3 H8 O3'
MG non-polymer 'MAGNESIUM ION' 'Mg 2'
#
# COMPACT_ATOMS: atom_id res chain seq x y z
N GLY A 4 -7.63 31.23 5.84
CA GLY A 4 -9.03 31.25 5.47
C GLY A 4 -9.41 30.06 4.62
N SER A 5 -8.82 28.91 4.91
CA SER A 5 -9.08 27.70 4.15
C SER A 5 -10.31 26.97 4.66
N GLU A 6 -10.92 26.16 3.80
CA GLU A 6 -12.03 25.32 4.20
C GLU A 6 -11.69 23.84 3.99
N ILE A 7 -12.48 22.96 4.59
CA ILE A 7 -12.32 21.54 4.39
C ILE A 7 -13.58 20.96 3.73
N SER A 8 -13.38 20.29 2.59
CA SER A 8 -14.51 19.80 1.81
C SER A 8 -14.48 18.27 1.68
N LYS A 9 -15.62 17.64 1.89
CA LYS A 9 -15.75 16.20 1.71
C LYS A 9 -15.74 15.88 0.22
N THR A 10 -14.95 14.88 -0.18
CA THR A 10 -14.83 14.53 -1.59
C THR A 10 -15.89 13.51 -2.03
N GLU A 11 -15.96 13.25 -3.33
CA GLU A 11 -16.91 12.30 -3.89
C GLU A 11 -16.69 10.87 -3.42
N ALA A 12 -15.50 10.61 -2.87
CA ALA A 12 -15.16 9.28 -2.39
C ALA A 12 -14.85 9.24 -0.90
N GLY A 13 -15.52 10.12 -0.14
CA GLY A 13 -15.46 10.06 1.31
C GLY A 13 -14.16 10.51 1.97
N GLN A 14 -13.32 11.22 1.22
CA GLN A 14 -12.10 11.78 1.81
C GLN A 14 -12.28 13.27 2.08
N TYR A 15 -11.25 13.91 2.60
CA TYR A 15 -11.36 15.31 3.00
C TYR A 15 -10.23 16.18 2.45
N SER A 16 -10.48 16.79 1.30
CA SER A 16 -9.54 17.69 0.67
C SER A 16 -9.72 19.09 1.25
N VAL A 17 -8.62 19.83 1.36
CA VAL A 17 -8.68 21.20 1.85
C VAL A 17 -8.69 22.15 0.65
N SER A 18 -9.17 23.37 0.87
CA SER A 18 -9.27 24.35 -0.22
C SER A 18 -7.92 24.60 -0.87
N ALA A 19 -7.86 24.45 -2.18
CA ALA A 19 -6.63 24.67 -2.93
C ALA A 19 -6.13 26.10 -2.75
N PRO A 20 -4.82 26.25 -2.52
CA PRO A 20 -4.23 27.57 -2.29
C PRO A 20 -4.23 28.42 -3.56
N GLU A 21 -4.29 29.73 -3.40
CA GLU A 21 -4.25 30.64 -4.55
C GLU A 21 -2.98 31.48 -4.53
N HIS A 22 -2.21 31.40 -5.61
CA HIS A 22 -0.98 32.16 -5.73
C HIS A 22 -1.17 33.39 -6.60
N LYS A 23 -0.88 34.57 -6.04
CA LYS A 23 -1.04 35.83 -6.77
C LYS A 23 0.30 36.45 -7.11
N GLY A 24 1.39 35.75 -6.78
CA GLY A 24 2.73 36.24 -7.04
C GLY A 24 3.63 35.21 -7.66
N LEU A 25 4.62 35.67 -8.43
CA LEU A 25 5.61 34.79 -9.04
C LEU A 25 6.94 35.53 -9.15
N VAL A 26 8.00 34.90 -8.63
CA VAL A 26 9.33 35.51 -8.64
C VAL A 26 10.40 34.56 -9.16
N LEU A 27 11.20 35.05 -10.11
CA LEU A 27 12.23 34.23 -10.73
C LEU A 27 13.63 34.66 -10.26
N SER A 28 14.46 33.67 -9.92
CA SER A 28 15.75 33.94 -9.29
C SER A 28 16.78 34.56 -10.22
N GLY A 29 17.68 35.33 -9.64
CA GLY A 29 18.83 35.86 -10.38
C GLY A 29 19.98 34.88 -10.30
N GLY A 30 20.28 34.23 -11.42
CA GLY A 30 21.36 33.26 -11.47
C GLY A 30 22.00 33.19 -12.84
N GLY A 31 22.73 32.09 -13.09
CA GLY A 31 23.35 31.87 -14.38
C GLY A 31 22.44 31.09 -15.30
N ALA A 32 21.14 31.17 -15.02
CA ALA A 32 20.15 30.46 -15.82
C ALA A 32 19.94 31.11 -17.18
N LYS A 33 19.58 30.28 -18.15
CA LYS A 33 19.20 30.78 -19.47
C LYS A 33 17.68 30.88 -19.52
N GLY A 34 17.17 31.74 -20.40
CA GLY A 34 15.73 31.96 -20.50
C GLY A 34 14.94 30.73 -20.89
N ILE A 35 15.62 29.76 -21.49
CA ILE A 35 14.98 28.53 -21.95
C ILE A 35 14.54 27.67 -20.77
N SER A 36 15.21 27.85 -19.63
CA SER A 36 14.93 27.04 -18.44
C SER A 36 13.59 27.40 -17.80
N TYR A 37 13.07 28.58 -18.10
CA TYR A 37 11.79 29.02 -17.55
C TYR A 37 10.64 28.68 -18.48
N LEU A 38 10.94 28.06 -19.62
CA LEU A 38 9.92 27.75 -20.61
C LEU A 38 8.96 26.68 -20.09
N GLY A 39 9.51 25.59 -19.58
CA GLY A 39 8.71 24.50 -19.06
C GLY A 39 7.90 24.87 -17.84
N MET A 40 8.40 25.84 -17.08
CA MET A 40 7.70 26.30 -15.87
C MET A 40 6.42 27.07 -16.23
N ILE A 41 6.52 27.94 -17.23
CA ILE A 41 5.37 28.71 -17.69
C ILE A 41 4.35 27.80 -18.39
N GLN A 42 4.87 26.85 -19.17
CA GLN A 42 4.04 25.86 -19.85
C GLN A 42 3.24 25.05 -18.85
N ALA A 43 3.82 24.86 -17.67
CA ALA A 43 3.18 24.10 -16.60
C ALA A 43 2.12 24.95 -15.88
N LEU A 44 2.45 26.20 -15.59
CA LEU A 44 1.53 27.10 -14.93
C LEU A 44 0.31 27.41 -15.79
N GLN A 45 0.50 27.35 -17.11
CA GLN A 45 -0.60 27.51 -18.06
C GLN A 45 -1.51 26.30 -18.01
N GLU A 46 -0.91 25.13 -18.07
CA GLU A 46 -1.63 23.86 -18.08
C GLU A 46 -2.48 23.65 -16.83
N ARG A 47 -2.06 24.26 -15.73
CA ARG A 47 -2.81 24.15 -14.48
C ARG A 47 -3.53 25.45 -14.13
N GLY A 48 -3.37 26.47 -14.97
CA GLY A 48 -4.05 27.74 -14.77
C GLY A 48 -3.65 28.47 -13.51
N LYS A 49 -2.35 28.52 -13.24
CA LYS A 49 -1.84 29.21 -12.06
C LYS A 49 -1.48 30.66 -12.41
N ILE A 50 -1.55 30.98 -13.70
CA ILE A 50 -1.12 32.28 -14.20
C ILE A 50 -2.21 33.37 -14.16
N LYS A 51 -3.42 33.02 -14.56
CA LYS A 51 -4.52 33.98 -14.67
C LYS A 51 -4.76 34.78 -13.39
N ASN A 52 -4.61 34.13 -12.24
CA ASN A 52 -4.89 34.78 -10.96
C ASN A 52 -3.68 35.47 -10.36
N LEU A 53 -2.59 35.53 -11.11
CA LEU A 53 -1.41 36.27 -10.70
C LEU A 53 -1.63 37.76 -10.85
N THR A 54 -1.37 38.52 -9.79
CA THR A 54 -1.47 39.97 -9.84
C THR A 54 -0.09 40.57 -10.05
N HIS A 55 0.90 40.01 -9.36
CA HIS A 55 2.27 40.52 -9.42
C HIS A 55 3.23 39.50 -10.03
N VAL A 56 4.32 40.01 -10.58
CA VAL A 56 5.38 39.15 -11.10
C VAL A 56 6.74 39.83 -10.89
N SER A 57 7.74 39.05 -10.50
CA SER A 57 9.06 39.58 -10.24
C SER A 57 10.13 38.76 -10.94
N GLY A 58 11.33 39.33 -11.07
CA GLY A 58 12.41 38.62 -11.73
C GLY A 58 13.76 39.33 -11.66
N ALA A 59 14.82 38.56 -11.79
CA ALA A 59 16.18 39.09 -11.88
C ALA A 59 16.93 38.26 -12.91
N SER A 60 17.99 38.82 -13.47
CA SER A 60 18.75 38.16 -14.53
C SER A 60 17.87 37.77 -15.72
N ALA A 61 17.93 36.51 -16.10
CA ALA A 61 17.11 36.01 -17.20
C ALA A 61 15.66 35.90 -16.79
N GLY A 62 15.42 35.93 -15.47
CA GLY A 62 14.07 35.92 -14.95
C GLY A 62 13.40 37.27 -15.15
N ALA A 63 14.18 38.34 -15.01
CA ALA A 63 13.68 39.69 -15.21
C ALA A 63 13.08 39.85 -16.61
N MET A 64 13.67 39.18 -17.59
CA MET A 64 13.16 39.19 -18.95
C MET A 64 11.92 38.32 -19.10
N THR A 65 11.99 37.10 -18.56
CA THR A 65 10.89 36.16 -18.63
C THR A 65 9.67 36.68 -17.87
N ALA A 66 9.91 37.37 -16.76
CA ALA A 66 8.83 37.95 -15.97
C ALA A 66 8.27 39.21 -16.63
N SER A 67 8.97 39.71 -17.64
CA SER A 67 8.55 40.93 -18.33
C SER A 67 7.61 40.61 -19.48
N ILE A 68 7.80 39.46 -20.12
CA ILE A 68 6.94 39.04 -21.21
C ILE A 68 5.73 38.27 -20.68
N LEU A 69 5.66 38.15 -19.36
CA LEU A 69 4.47 37.64 -18.69
C LEU A 69 3.62 38.82 -18.25
N ALA A 70 4.28 39.87 -17.76
CA ALA A 70 3.60 41.06 -17.31
C ALA A 70 2.98 41.83 -18.47
N VAL A 71 3.48 41.58 -19.67
CA VAL A 71 2.96 42.24 -20.87
C VAL A 71 1.76 41.47 -21.41
N GLY A 72 1.54 40.27 -20.87
CA GLY A 72 0.38 39.48 -21.25
C GLY A 72 0.51 38.76 -22.58
N MET A 73 1.74 38.43 -22.96
CA MET A 73 1.97 37.70 -24.20
C MET A 73 1.37 36.30 -24.13
N ASP A 74 0.73 35.87 -25.20
CA ASP A 74 0.11 34.55 -25.27
C ASP A 74 1.16 33.46 -25.12
N ILE A 75 0.77 32.34 -24.51
CA ILE A 75 1.70 31.25 -24.21
C ILE A 75 2.25 30.59 -25.48
N LYS A 76 1.55 30.78 -26.60
CA LYS A 76 2.01 30.26 -27.88
C LYS A 76 3.18 31.09 -28.41
N ASP A 77 3.09 32.41 -28.24
CA ASP A 77 4.13 33.31 -28.69
C ASP A 77 5.37 33.22 -27.80
N ILE A 78 5.14 33.11 -26.49
CA ILE A 78 6.23 32.95 -25.53
C ILE A 78 7.08 31.72 -25.87
N LYS A 79 6.41 30.63 -26.20
CA LYS A 79 7.10 29.40 -26.62
C LYS A 79 7.95 29.64 -27.86
N LYS A 80 7.41 30.39 -28.82
CA LYS A 80 8.17 30.75 -30.01
C LYS A 80 9.24 31.78 -29.70
N LEU A 81 8.95 32.67 -28.75
CA LEU A 81 9.89 33.72 -28.37
C LEU A 81 11.06 33.15 -27.58
N ILE A 82 10.75 32.42 -26.51
CA ILE A 82 11.76 31.88 -25.62
C ILE A 82 12.66 30.83 -26.29
N GLU A 83 12.06 29.91 -27.04
CA GLU A 83 12.81 28.86 -27.72
C GLU A 83 13.76 29.41 -28.80
N GLY A 84 13.25 30.35 -29.59
CA GLY A 84 14.01 30.88 -30.71
C GLY A 84 14.56 32.28 -30.51
N LEU A 85 15.32 32.47 -29.43
CA LEU A 85 15.96 33.75 -29.17
C LEU A 85 17.26 33.58 -28.39
N ASP A 86 18.35 33.37 -29.13
CA ASP A 86 19.67 33.28 -28.52
C ASP A 86 20.19 34.68 -28.16
N ILE A 87 20.47 34.88 -26.89
CA ILE A 87 20.98 36.17 -26.40
C ILE A 87 22.35 36.46 -27.02
N THR A 88 23.13 35.42 -27.26
CA THR A 88 24.44 35.53 -27.89
C THR A 88 24.37 36.27 -29.23
N LYS A 89 23.25 36.11 -29.93
CA LYS A 89 23.01 36.81 -31.18
C LYS A 89 22.93 38.32 -30.95
N LEU A 90 22.40 38.71 -29.79
CA LEU A 90 22.14 40.11 -29.50
C LEU A 90 23.30 40.79 -28.78
N LEU A 91 24.52 40.31 -29.02
CA LEU A 91 25.71 40.94 -28.45
C LEU A 91 26.31 41.94 -29.42
N ASP A 92 26.41 43.19 -28.99
CA ASP A 92 26.98 44.24 -29.83
C ASP A 92 28.20 44.90 -29.17
N ASN A 93 29.36 44.27 -29.35
CA ASN A 93 30.60 44.83 -28.84
C ASN A 93 30.90 46.17 -29.49
N SER A 94 31.53 47.07 -28.74
CA SER A 94 31.92 48.37 -29.27
C SER A 94 33.03 48.18 -30.29
N GLY A 95 33.66 47.01 -30.24
CA GLY A 95 34.74 46.64 -31.14
C GLY A 95 35.33 45.35 -30.64
N VAL A 96 36.41 44.88 -31.27
CA VAL A 96 37.06 43.65 -30.85
C VAL A 96 37.92 43.87 -29.61
N GLY A 97 37.63 43.11 -28.56
CA GLY A 97 38.34 43.24 -27.29
C GLY A 97 37.50 43.96 -26.25
N PHE A 98 36.27 44.28 -26.61
CA PHE A 98 35.38 45.03 -25.73
C PHE A 98 34.18 44.22 -25.27
N ARG A 99 33.55 44.67 -24.18
CA ARG A 99 32.31 44.06 -23.71
C ARG A 99 31.14 44.64 -24.50
N ALA A 100 30.03 43.91 -24.51
CA ALA A 100 28.84 44.32 -25.26
C ALA A 100 28.27 45.65 -24.77
N ARG A 101 27.70 46.42 -25.69
CA ARG A 101 27.09 47.70 -25.34
C ARG A 101 25.90 47.53 -24.42
N GLY A 102 25.04 46.57 -24.75
CA GLY A 102 23.82 46.36 -24.01
C GLY A 102 22.71 47.24 -24.56
N ASP A 103 22.97 47.89 -25.68
CA ASP A 103 21.98 48.74 -26.34
C ASP A 103 21.10 47.94 -27.29
N ARG A 104 21.66 46.87 -27.86
CA ARG A 104 20.94 46.03 -28.81
C ARG A 104 19.94 45.11 -28.12
N PHE A 105 20.37 44.49 -27.03
CA PHE A 105 19.48 43.64 -26.24
C PHE A 105 18.33 44.47 -25.70
N ARG A 106 18.63 45.72 -25.33
CA ARG A 106 17.62 46.63 -24.82
C ARG A 106 16.60 47.00 -25.90
N ASN A 107 17.02 47.00 -27.15
CA ASN A 107 16.15 47.40 -28.25
C ASN A 107 15.20 46.31 -28.72
N ILE A 108 15.63 45.05 -28.62
CA ILE A 108 14.76 43.92 -28.94
C ILE A 108 13.64 43.82 -27.91
N LEU A 109 13.97 44.15 -26.66
CA LEU A 109 13.00 44.18 -25.58
C LEU A 109 11.89 45.20 -25.86
N ASP A 110 12.29 46.40 -26.28
CA ASP A 110 11.33 47.46 -26.60
C ASP A 110 10.43 47.07 -27.76
N VAL A 111 10.98 46.38 -28.75
CA VAL A 111 10.20 45.89 -29.88
C VAL A 111 9.17 44.84 -29.44
N ILE A 112 9.62 43.91 -28.61
CA ILE A 112 8.75 42.90 -28.03
C ILE A 112 7.60 43.54 -27.26
N TYR A 113 7.94 44.50 -26.40
CA TYR A 113 6.95 45.17 -25.56
C TYR A 113 5.97 45.99 -26.41
N MET A 114 6.50 46.77 -27.35
CA MET A 114 5.65 47.64 -28.17
C MET A 114 4.71 46.85 -29.09
N MET A 115 5.13 45.66 -29.49
CA MET A 115 4.31 44.82 -30.36
C MET A 115 3.13 44.22 -29.60
N GLN A 116 3.35 43.88 -28.33
CA GLN A 116 2.32 43.25 -27.52
C GLN A 116 1.47 44.28 -26.76
N MET A 117 2.07 45.43 -26.44
CA MET A 117 1.32 46.51 -25.79
C MET A 117 0.45 47.25 -26.80
N LYS A 118 0.70 47.00 -28.08
CA LYS A 118 -0.09 47.60 -29.15
C LYS A 118 -1.32 46.74 -29.42
N LYS A 119 -1.12 45.44 -29.50
CA LYS A 119 -2.21 44.50 -29.76
C LYS A 119 -3.20 44.41 -28.60
N HIS A 120 -2.88 45.10 -27.50
CA HIS A 120 -3.79 45.18 -26.36
C HIS A 120 -4.61 46.46 -26.42
N LEU A 121 -4.09 47.48 -27.09
CA LEU A 121 -4.82 48.73 -27.28
C LEU A 121 -5.87 48.58 -28.38
N GLU A 122 -5.65 47.63 -29.28
CA GLU A 122 -6.59 47.37 -30.37
C GLU A 122 -7.82 46.63 -29.86
N SER A 123 -7.69 46.00 -28.70
CA SER A 123 -8.79 45.23 -28.11
C SER A 123 -9.69 46.10 -27.24
N VAL A 124 -9.23 47.31 -26.93
CA VAL A 124 -10.00 48.23 -26.11
C VAL A 124 -11.20 48.76 -26.89
N GLN A 125 -12.28 49.06 -26.20
CA GLN A 125 -13.52 49.51 -26.83
C GLN A 125 -13.62 51.04 -26.85
N GLN A 126 -13.71 51.60 -28.04
CA GLN A 126 -13.88 53.05 -28.20
C GLN A 126 -15.36 53.41 -28.10
N PRO A 127 -15.67 54.63 -27.62
CA PRO A 127 -14.77 55.71 -27.20
C PRO A 127 -14.08 55.45 -25.85
N ILE A 128 -13.41 56.48 -25.33
CA ILE A 128 -12.66 56.37 -24.09
C ILE A 128 -13.11 57.42 -23.07
N PRO A 129 -13.58 56.96 -21.88
CA PRO A 129 -14.02 57.76 -20.74
C PRO A 129 -13.12 58.96 -20.39
N PRO A 130 -13.70 59.99 -19.76
CA PRO A 130 -13.00 61.23 -19.39
C PRO A 130 -11.76 61.01 -18.52
N GLU A 131 -11.94 60.32 -17.39
CA GLU A 131 -10.81 60.07 -16.48
C GLU A 131 -9.86 59.02 -17.07
N GLN A 132 -10.25 58.46 -18.21
CA GLN A 132 -9.43 57.47 -18.90
C GLN A 132 -8.88 58.06 -20.19
N GLN A 133 -9.32 59.27 -20.52
CA GLN A 133 -8.94 59.93 -21.77
C GLN A 133 -7.44 60.13 -21.89
N MET A 134 -6.80 60.50 -20.79
CA MET A 134 -5.37 60.78 -20.77
C MET A 134 -4.53 59.54 -21.07
N ASN A 135 -4.71 58.51 -20.24
CA ASN A 135 -3.92 57.28 -20.32
C ASN A 135 -3.84 56.67 -21.73
N TYR A 136 -4.94 56.75 -22.48
CA TYR A 136 -4.95 56.26 -23.85
C TYR A 136 -4.04 57.11 -24.73
N GLY A 137 -4.03 58.41 -24.47
CA GLY A 137 -3.22 59.33 -25.25
C GLY A 137 -1.73 59.09 -25.14
N ILE A 138 -1.24 58.97 -23.91
CA ILE A 138 0.18 58.77 -23.66
C ILE A 138 0.71 57.49 -24.32
N LEU A 139 0.00 56.39 -24.14
CA LEU A 139 0.39 55.11 -24.72
C LEU A 139 0.40 55.16 -26.24
N LYS A 140 -0.60 55.84 -26.81
CA LYS A 140 -0.71 55.99 -28.25
C LYS A 140 0.43 56.83 -28.81
N GLN A 141 0.86 57.82 -28.04
CA GLN A 141 1.94 58.71 -28.45
C GLN A 141 3.27 57.97 -28.53
N LYS A 142 3.52 57.11 -27.54
CA LYS A 142 4.77 56.39 -27.46
C LYS A 142 4.94 55.36 -28.57
N ILE A 143 3.90 54.57 -28.82
CA ILE A 143 3.92 53.57 -29.88
C ILE A 143 4.17 54.24 -31.24
N ALA A 144 3.64 55.45 -31.41
CA ALA A 144 3.90 56.23 -32.60
C ALA A 144 5.40 56.48 -32.75
N LEU A 145 6.03 56.92 -31.67
CA LEU A 145 7.48 57.17 -31.64
C LEU A 145 8.27 55.93 -32.04
N TYR A 146 7.86 54.78 -31.51
CA TYR A 146 8.49 53.51 -31.83
C TYR A 146 8.26 53.13 -33.29
N GLU A 147 7.02 53.26 -33.74
CA GLU A 147 6.68 52.95 -35.13
C GLU A 147 7.24 53.99 -36.09
N ASP A 148 7.48 55.19 -35.58
CA ASP A 148 8.15 56.23 -36.35
C ASP A 148 9.56 55.80 -36.71
N LYS A 149 10.39 55.60 -35.69
CA LYS A 149 11.78 55.20 -35.88
C LYS A 149 11.95 53.91 -36.68
N LEU A 150 11.05 52.95 -36.43
CA LEU A 150 11.10 51.67 -37.13
C LEU A 150 10.76 51.81 -38.62
N SER A 151 9.86 52.73 -38.92
CA SER A 151 9.50 53.03 -40.31
C SER A 151 10.64 53.79 -41.00
N ARG A 152 11.43 54.50 -40.20
CA ARG A 152 12.58 55.25 -40.71
C ARG A 152 13.74 54.31 -41.03
N ALA A 153 13.59 53.04 -40.69
CA ALA A 153 14.64 52.05 -40.89
C ALA A 153 14.19 50.92 -41.81
N GLY A 154 12.89 50.86 -42.07
CA GLY A 154 12.36 49.85 -42.97
C GLY A 154 12.11 48.51 -42.31
N ILE A 155 11.70 48.52 -41.05
CA ILE A 155 11.32 47.30 -40.36
C ILE A 155 9.90 47.43 -39.82
N VAL A 156 9.04 46.50 -40.22
CA VAL A 156 7.67 46.48 -39.74
C VAL A 156 7.43 45.31 -38.79
N ILE A 157 6.93 45.60 -37.60
CA ILE A 157 6.74 44.57 -36.58
C ILE A 157 5.30 44.51 -36.09
N ASN A 158 4.55 43.55 -36.62
CA ASN A 158 3.19 43.28 -36.15
C ASN A 158 2.99 41.79 -35.90
N ASN A 159 4.10 41.05 -35.95
CA ASN A 159 4.12 39.62 -35.64
C ASN A 159 5.29 39.31 -34.70
N VAL A 160 5.24 38.16 -34.04
CA VAL A 160 6.29 37.74 -33.14
C VAL A 160 7.49 37.18 -33.92
N ASP A 161 7.19 36.43 -34.97
CA ASP A 161 8.23 35.82 -35.80
C ASP A 161 9.06 36.88 -36.53
N ASP A 162 8.51 38.08 -36.66
CA ASP A 162 9.25 39.19 -37.27
C ASP A 162 10.38 39.67 -36.36
N ILE A 163 10.15 39.58 -35.05
CA ILE A 163 11.17 39.94 -34.07
C ILE A 163 12.29 38.90 -34.08
N ILE A 164 11.92 37.64 -34.27
CA ILE A 164 12.86 36.53 -34.24
C ILE A 164 13.90 36.61 -35.38
N ASN A 165 13.42 36.64 -36.62
CA ASN A 165 14.32 36.70 -37.77
C ASN A 165 15.03 38.05 -37.90
N LEU A 166 14.51 39.05 -37.22
CA LEU A 166 15.16 40.36 -37.13
C LEU A 166 16.54 40.15 -36.51
N THR A 167 16.58 39.33 -35.46
CA THR A 167 17.82 39.01 -34.77
C THR A 167 18.78 38.23 -35.67
N LYS A 168 18.22 37.50 -36.63
CA LYS A 168 19.03 36.65 -37.50
C LYS A 168 19.70 37.42 -38.63
N SER A 169 19.50 38.73 -38.65
CA SER A 169 20.08 39.58 -39.69
C SER A 169 20.74 40.82 -39.08
N VAL A 170 22.06 40.87 -39.13
CA VAL A 170 22.83 41.98 -38.55
C VAL A 170 22.51 43.30 -39.23
N LYS A 171 22.19 43.25 -40.51
CA LYS A 171 21.86 44.44 -41.28
C LYS A 171 20.65 45.15 -40.71
N ASP A 172 19.56 44.40 -40.51
CA ASP A 172 18.34 44.94 -39.92
C ASP A 172 18.54 45.23 -38.43
N LEU A 173 19.58 44.63 -37.86
CA LEU A 173 19.89 44.81 -36.44
C LEU A 173 20.58 46.15 -36.20
N GLU A 174 21.54 46.48 -37.06
CA GLU A 174 22.23 47.76 -36.98
C GLU A 174 21.30 48.91 -37.39
N LYS A 175 20.36 48.62 -38.28
CA LYS A 175 19.32 49.57 -38.63
C LYS A 175 18.51 49.91 -37.39
N LEU A 176 18.26 48.89 -36.59
CA LEU A 176 17.46 49.02 -35.37
C LEU A 176 18.19 49.85 -34.30
N ASP A 177 19.50 49.60 -34.16
CA ASP A 177 20.30 50.31 -33.16
C ASP A 177 20.40 51.80 -33.46
N LYS A 178 20.51 52.16 -34.74
CA LYS A 178 20.60 53.57 -35.12
C LYS A 178 19.26 54.28 -34.90
N ALA A 179 18.18 53.54 -35.09
CA ALA A 179 16.84 54.11 -34.97
C ALA A 179 16.46 54.40 -33.52
N LEU A 180 16.43 53.37 -32.68
CA LEU A 180 15.91 53.49 -31.32
C LEU A 180 16.83 54.23 -30.34
N ASN A 181 18.14 54.13 -30.54
CA ASN A 181 19.09 54.80 -29.64
C ASN A 181 18.95 56.32 -29.63
N SER A 182 18.31 56.87 -30.67
CA SER A 182 18.06 58.29 -30.76
C SER A 182 17.16 58.77 -29.63
N ILE A 183 16.22 57.93 -29.24
CA ILE A 183 15.28 58.24 -28.17
C ILE A 183 16.03 58.46 -26.85
N PRO A 184 15.98 59.69 -26.32
CA PRO A 184 16.69 60.05 -25.08
C PRO A 184 16.24 59.20 -23.90
N THR A 185 17.03 59.20 -22.84
CA THR A 185 16.72 58.39 -21.67
C THR A 185 16.06 59.25 -20.59
N GLU A 186 16.29 60.56 -20.68
CA GLU A 186 15.82 61.48 -19.65
C GLU A 186 15.54 62.86 -20.23
N LEU A 187 14.25 63.17 -20.38
CA LEU A 187 13.84 64.48 -20.88
C LEU A 187 13.73 65.48 -19.73
N LYS A 188 14.17 66.71 -19.98
CA LYS A 188 14.06 67.78 -18.99
C LYS A 188 13.68 69.10 -19.63
N GLY A 189 13.92 70.19 -18.91
CA GLY A 189 13.56 71.52 -19.37
C GLY A 189 13.09 72.36 -18.20
N ALA A 190 13.14 73.68 -18.36
CA ALA A 190 12.72 74.61 -17.32
C ALA A 190 11.34 74.25 -16.81
N LYS A 191 11.19 74.11 -15.49
CA LYS A 191 12.25 74.43 -14.54
C LYS A 191 13.06 73.24 -14.03
N GLY A 192 13.52 72.40 -14.94
CA GLY A 192 14.30 71.23 -14.55
C GLY A 192 13.42 70.08 -14.12
N GLU A 193 12.11 70.29 -14.25
CA GLU A 193 11.13 69.26 -13.95
C GLU A 193 11.30 68.09 -14.90
N GLN A 194 11.04 66.88 -14.41
CA GLN A 194 11.13 65.70 -15.25
C GLN A 194 9.92 65.58 -16.16
N LEU A 195 10.17 65.37 -17.45
CA LEU A 195 9.09 65.16 -18.40
C LEU A 195 8.91 63.66 -18.64
N GLU A 196 7.73 63.28 -19.13
CA GLU A 196 7.41 61.88 -19.36
C GLU A 196 8.44 61.17 -20.24
N ASN A 197 8.87 59.99 -19.80
CA ASN A 197 9.85 59.21 -20.56
C ASN A 197 9.24 58.73 -21.87
N PRO A 198 9.91 59.06 -22.99
CA PRO A 198 9.44 58.73 -24.35
C PRO A 198 9.36 57.22 -24.61
N ARG A 199 9.99 56.43 -23.76
CA ARG A 199 9.90 54.96 -23.88
C ARG A 199 8.78 54.41 -23.00
N LEU A 200 8.30 53.22 -23.35
CA LEU A 200 7.31 52.52 -22.54
C LEU A 200 7.91 52.19 -21.17
N THR A 201 7.27 52.68 -20.11
CA THR A 201 7.77 52.51 -18.76
C THR A 201 7.05 51.42 -17.99
N LEU A 202 7.45 51.23 -16.73
CA LEU A 202 6.76 50.31 -15.84
C LEU A 202 5.34 50.80 -15.58
N GLY A 203 5.18 52.12 -15.53
CA GLY A 203 3.89 52.72 -15.25
C GLY A 203 2.91 52.61 -16.40
N ASP A 204 3.44 52.41 -17.61
CA ASP A 204 2.60 52.25 -18.78
C ASP A 204 1.90 50.89 -18.74
N LEU A 205 2.49 49.96 -17.99
CA LEU A 205 1.86 48.67 -17.74
C LEU A 205 0.61 48.90 -16.90
N GLY A 206 0.68 49.87 -16.00
CA GLY A 206 -0.45 50.21 -15.16
C GLY A 206 -1.51 51.00 -15.92
N ARG A 207 -1.05 51.83 -16.86
CA ARG A 207 -1.97 52.63 -17.69
C ARG A 207 -2.77 51.73 -18.62
N LEU A 208 -2.09 50.77 -19.24
CA LEU A 208 -2.74 49.82 -20.16
C LEU A 208 -3.82 49.04 -19.44
N ARG A 209 -3.51 48.58 -18.22
CA ARG A 209 -4.42 47.73 -17.47
C ARG A 209 -5.70 48.43 -17.06
N GLU A 210 -5.60 49.71 -16.68
CA GLU A 210 -6.77 50.50 -16.33
C GLU A 210 -7.68 50.67 -17.53
N LEU A 211 -7.09 50.68 -18.73
CA LEU A 211 -7.84 50.83 -19.97
C LEU A 211 -8.64 49.57 -20.28
N LEU A 212 -7.99 48.41 -20.19
CA LEU A 212 -8.63 47.13 -20.47
C LEU A 212 -9.85 46.91 -19.57
N PRO A 213 -10.87 46.23 -20.10
CA PRO A 213 -12.05 45.90 -19.30
C PRO A 213 -11.70 44.97 -18.14
N GLU A 214 -12.48 45.02 -17.07
CA GLU A 214 -12.29 44.13 -15.92
C GLU A 214 -12.30 42.66 -16.35
N GLU A 215 -12.97 42.39 -17.46
CA GLU A 215 -13.00 41.08 -18.08
C GLU A 215 -11.58 40.60 -18.39
N ASN A 216 -10.72 41.52 -18.81
CA ASN A 216 -9.37 41.18 -19.24
C ASN A 216 -8.25 42.01 -18.60
N LYS A 217 -8.50 42.55 -17.41
CA LYS A 217 -7.48 43.31 -16.68
C LYS A 217 -6.42 42.38 -16.10
N HIS A 218 -6.67 41.07 -16.19
CA HIS A 218 -5.77 40.08 -15.62
C HIS A 218 -4.62 39.74 -16.55
N LEU A 219 -4.61 40.33 -17.73
CA LEU A 219 -3.56 40.08 -18.71
C LEU A 219 -2.26 40.81 -18.35
N ILE A 220 -2.40 41.93 -17.63
CA ILE A 220 -1.24 42.73 -17.28
C ILE A 220 -0.86 42.55 -15.80
N LYS A 221 0.38 42.15 -15.56
CA LYS A 221 0.85 41.89 -14.19
C LYS A 221 1.69 43.05 -13.67
N ASN A 222 1.78 43.17 -12.35
CA ASN A 222 2.63 44.18 -11.73
C ASN A 222 4.08 43.73 -11.77
N LEU A 223 4.87 44.31 -12.67
CA LEU A 223 6.25 43.91 -12.87
C LEU A 223 7.22 44.61 -11.92
N SER A 224 8.16 43.84 -11.39
CA SER A 224 9.22 44.39 -10.55
C SER A 224 10.51 43.62 -10.81
N VAL A 225 11.61 44.34 -11.05
CA VAL A 225 12.88 43.70 -11.29
C VAL A 225 13.93 44.16 -10.27
N VAL A 226 14.95 43.34 -10.08
CA VAL A 226 16.02 43.65 -9.13
C VAL A 226 17.37 43.67 -9.85
N VAL A 227 18.16 44.71 -9.58
CA VAL A 227 19.47 44.86 -10.21
C VAL A 227 20.55 44.99 -9.15
N THR A 228 21.80 45.08 -9.58
CA THR A 228 22.91 45.33 -8.67
C THR A 228 23.48 46.72 -8.89
N ASN A 229 23.61 47.49 -7.82
CA ASN A 229 24.21 48.82 -7.91
C ASN A 229 25.70 48.73 -7.59
N GLN A 230 26.52 48.63 -8.64
CA GLN A 230 27.95 48.43 -8.48
C GLN A 230 28.66 49.62 -7.80
N THR A 231 27.97 50.74 -7.72
CA THR A 231 28.50 51.90 -7.01
C THR A 231 28.16 51.84 -5.53
N LYS A 232 26.90 51.54 -5.22
CA LYS A 232 26.45 51.47 -3.83
C LYS A 232 26.64 50.08 -3.24
N HIS A 233 27.11 49.14 -4.07
CA HIS A 233 27.42 47.78 -3.64
C HIS A 233 26.26 47.08 -2.94
N GLU A 234 25.05 47.29 -3.47
CA GLU A 234 23.85 46.65 -2.94
C GLU A 234 22.83 46.42 -4.04
N LEU A 235 21.64 45.96 -3.66
CA LEU A 235 20.60 45.64 -4.62
C LEU A 235 19.54 46.74 -4.72
N GLU A 236 19.13 47.04 -5.95
CA GLU A 236 18.03 47.98 -6.18
C GLU A 236 16.82 47.25 -6.75
N ARG A 237 15.63 47.74 -6.42
CA ARG A 237 14.40 47.15 -6.94
C ARG A 237 13.55 48.19 -7.66
N TYR A 238 13.26 47.92 -8.92
CA TYR A 238 12.42 48.80 -9.73
C TYR A 238 11.04 48.18 -9.92
N SER A 239 10.01 48.90 -9.51
CA SER A 239 8.64 48.36 -9.58
C SER A 239 7.68 49.30 -10.29
N GLU A 240 6.49 48.78 -10.60
CA GLU A 240 5.44 49.57 -11.22
C GLU A 240 4.92 50.61 -10.23
N ASP A 241 4.95 50.26 -8.95
CA ASP A 241 4.43 51.15 -7.90
C ASP A 241 5.47 52.14 -7.41
N THR A 242 6.71 51.68 -7.28
CA THR A 242 7.79 52.49 -6.72
C THR A 242 8.47 53.35 -7.77
N THR A 243 8.84 52.75 -8.89
CA THR A 243 9.47 53.49 -9.99
C THR A 243 8.67 53.33 -11.29
N PRO A 244 7.55 54.06 -11.41
CA PRO A 244 6.68 53.95 -12.59
C PRO A 244 7.20 54.72 -13.78
N GLN A 245 8.16 55.61 -13.55
CA GLN A 245 8.75 56.41 -14.63
C GLN A 245 9.97 55.74 -15.25
N GLN A 246 10.21 54.49 -14.87
CA GLN A 246 11.37 53.76 -15.34
C GLN A 246 11.02 52.83 -16.50
N SER A 247 11.79 52.95 -17.59
CA SER A 247 11.58 52.12 -18.78
C SER A 247 11.74 50.64 -18.46
N ILE A 248 10.93 49.80 -19.11
CA ILE A 248 10.97 48.37 -18.88
C ILE A 248 12.20 47.74 -19.53
N ALA A 249 12.45 48.09 -20.78
CA ALA A 249 13.57 47.54 -21.54
C ALA A 249 14.91 47.90 -20.93
N GLN A 250 14.96 49.00 -20.18
CA GLN A 250 16.19 49.45 -19.56
C GLN A 250 16.56 48.58 -18.35
N VAL A 251 15.62 48.42 -17.42
CA VAL A 251 15.87 47.64 -16.20
C VAL A 251 15.99 46.14 -16.44
N VAL A 252 15.32 45.65 -17.46
CA VAL A 252 15.38 44.23 -17.80
C VAL A 252 16.75 43.87 -18.36
N GLN A 253 17.25 44.69 -19.27
CA GLN A 253 18.60 44.53 -19.80
C GLN A 253 19.63 44.73 -18.68
N TRP A 254 19.36 45.73 -17.83
CA TRP A 254 20.17 46.00 -16.65
C TRP A 254 20.30 44.78 -15.75
N SER A 255 19.15 44.23 -15.37
CA SER A 255 19.09 43.11 -14.45
C SER A 255 19.74 41.87 -15.04
N GLY A 256 19.85 41.84 -16.37
CA GLY A 256 20.49 40.73 -17.05
C GLY A 256 21.82 41.13 -17.66
N ALA A 257 22.36 42.26 -17.22
CA ALA A 257 23.65 42.73 -17.71
C ALA A 257 24.79 42.18 -16.86
N HIS A 258 25.20 40.95 -17.15
CA HIS A 258 26.33 40.35 -16.46
C HIS A 258 27.60 41.10 -16.84
N PRO A 259 28.42 41.46 -15.84
CA PRO A 259 29.64 42.24 -16.07
C PRO A 259 30.68 41.49 -16.91
N VAL A 260 30.52 40.19 -17.04
CA VAL A 260 31.41 39.38 -17.87
C VAL A 260 31.16 39.65 -19.36
N LEU A 261 29.88 39.77 -19.72
CA LEU A 261 29.50 39.94 -21.12
C LEU A 261 29.10 41.38 -21.45
N PHE A 262 28.48 42.06 -20.49
CA PHE A 262 27.98 43.41 -20.71
C PHE A 262 28.73 44.45 -19.88
N VAL A 263 28.90 45.64 -20.46
CA VAL A 263 29.38 46.79 -19.71
C VAL A 263 28.29 47.18 -18.71
N PRO A 264 28.67 47.78 -17.57
CA PRO A 264 27.67 48.19 -16.59
C PRO A 264 26.77 49.28 -17.15
N GLY A 265 25.60 49.47 -16.54
CA GLY A 265 24.66 50.48 -17.00
C GLY A 265 24.80 51.79 -16.25
N ARG A 266 24.09 52.80 -16.71
CA ARG A 266 24.12 54.11 -16.05
C ARG A 266 22.80 54.42 -15.35
N ASN A 267 22.86 54.49 -14.01
CA ASN A 267 21.71 54.88 -13.20
C ASN A 267 21.29 56.30 -13.55
N ALA A 268 20.12 56.72 -13.05
CA ALA A 268 19.66 58.09 -13.25
C ALA A 268 20.53 59.09 -12.48
N LYS A 269 21.50 58.57 -11.73
CA LYS A 269 22.49 59.39 -11.05
C LYS A 269 23.85 59.21 -11.70
N GLY A 270 23.97 58.18 -12.53
CA GLY A 270 25.24 57.87 -13.18
C GLY A 270 25.94 56.71 -12.49
N GLU A 271 25.28 56.14 -11.49
CA GLU A 271 25.82 55.01 -10.75
C GLU A 271 25.89 53.77 -11.63
N TYR A 272 26.81 52.86 -11.32
CA TYR A 272 26.98 51.65 -12.13
C TYR A 272 25.97 50.56 -11.77
N ILE A 273 25.40 49.95 -12.80
CA ILE A 273 24.35 48.95 -12.62
C ILE A 273 24.59 47.70 -13.47
N ALA A 274 24.52 46.54 -12.84
CA ALA A 274 24.73 45.26 -13.54
C ALA A 274 23.66 44.23 -13.18
N ASP A 275 23.94 42.97 -13.51
CA ASP A 275 23.04 41.85 -13.26
C ASP A 275 22.54 41.81 -11.81
N GLY A 276 21.26 41.52 -11.64
CA GLY A 276 20.68 41.45 -10.31
C GLY A 276 20.95 40.11 -9.63
N GLY A 277 21.60 39.22 -10.37
CA GLY A 277 21.94 37.91 -9.85
C GLY A 277 23.38 37.52 -10.08
N ILE A 278 24.29 38.45 -9.84
CA ILE A 278 25.71 38.15 -9.85
C ILE A 278 25.98 37.12 -8.76
N LEU A 279 25.37 37.35 -7.59
CA LEU A 279 25.25 36.33 -6.57
C LEU A 279 23.80 35.86 -6.59
N ASP A 280 23.55 34.61 -6.20
CA ASP A 280 22.20 34.10 -6.15
C ASP A 280 21.33 34.94 -5.21
N ASN A 281 20.16 35.34 -5.69
CA ASN A 281 19.27 36.19 -4.91
C ASN A 281 17.81 36.00 -5.28
N MET A 282 16.96 35.85 -4.28
CA MET A 282 15.53 35.68 -4.50
C MET A 282 14.79 36.94 -4.07
N PRO A 283 14.30 37.73 -5.04
CA PRO A 283 13.54 38.95 -4.76
C PRO A 283 12.25 38.64 -4.00
N GLU A 284 11.70 39.64 -3.33
CA GLU A 284 10.43 39.48 -2.63
C GLU A 284 9.42 40.51 -3.13
N ILE A 285 8.21 40.06 -3.42
CA ILE A 285 7.15 40.95 -3.88
C ILE A 285 6.49 41.65 -2.69
N GLU A 286 6.65 42.97 -2.63
CA GLU A 286 6.11 43.75 -1.52
C GLU A 286 4.60 43.84 -1.59
N GLY A 287 3.94 43.61 -0.46
CA GLY A 287 2.49 43.71 -0.39
C GLY A 287 1.79 42.36 -0.42
N LEU A 288 2.57 41.28 -0.42
CA LEU A 288 2.01 39.93 -0.45
C LEU A 288 2.59 39.08 0.68
N ASP A 289 1.92 37.98 0.98
CA ASP A 289 2.41 37.03 1.99
C ASP A 289 3.33 36.01 1.32
N ARG A 290 3.99 35.19 2.13
CA ARG A 290 4.92 34.19 1.59
C ARG A 290 4.17 33.02 0.95
N GLU A 291 3.01 32.68 1.50
CA GLU A 291 2.26 31.50 1.08
C GLU A 291 1.38 31.72 -0.16
N GLU A 292 1.46 32.90 -0.75
CA GLU A 292 0.72 33.16 -1.99
C GLU A 292 1.67 33.63 -3.08
N VAL A 293 2.94 33.24 -2.96
CA VAL A 293 3.95 33.60 -3.95
C VAL A 293 4.75 32.37 -4.39
N LEU A 294 4.71 32.09 -5.69
CA LEU A 294 5.50 30.99 -6.25
C LEU A 294 6.94 31.44 -6.49
N CYS A 295 7.89 30.75 -5.86
CA CYS A 295 9.30 31.09 -6.02
C CYS A 295 10.01 30.07 -6.90
N VAL A 296 10.78 30.56 -7.87
CA VAL A 296 11.49 29.69 -8.79
C VAL A 296 12.99 29.95 -8.77
N LYS A 297 13.78 28.90 -8.54
CA LYS A 297 15.23 29.01 -8.50
C LYS A 297 15.90 27.98 -9.38
N ALA A 298 16.75 28.44 -10.29
CA ALA A 298 17.52 27.55 -11.14
C ALA A 298 18.87 27.27 -10.49
N GLU A 299 19.15 26.00 -10.23
CA GLU A 299 20.41 25.60 -9.65
C GLU A 299 21.28 24.85 -10.66
N ALA A 300 22.57 24.79 -10.39
CA ALA A 300 23.49 24.02 -11.24
C ALA A 300 23.17 22.53 -11.12
N GLY A 301 23.68 21.74 -12.05
CA GLY A 301 23.43 20.31 -12.06
C GLY A 301 23.89 19.63 -10.80
N THR A 302 25.12 19.94 -10.37
CA THR A 302 25.68 19.36 -9.16
C THR A 302 24.95 19.89 -7.92
N ALA A 303 24.59 21.17 -7.97
CA ALA A 303 23.88 21.80 -6.86
C ALA A 303 22.46 21.27 -6.72
N PHE A 304 21.88 20.84 -7.85
CA PHE A 304 20.53 20.30 -7.85
C PHE A 304 20.49 18.92 -7.21
N GLU A 305 21.29 18.00 -7.76
CA GLU A 305 21.33 16.62 -7.28
C GLU A 305 21.74 16.54 -5.81
N ASP A 306 22.64 17.43 -5.39
CA ASP A 306 23.13 17.46 -4.02
C ASP A 306 21.99 17.73 -3.04
N ARG A 307 21.10 18.66 -3.39
CA ARG A 307 19.97 19.01 -2.54
C ARG A 307 18.92 17.90 -2.53
N VAL A 308 18.69 17.29 -3.68
CA VAL A 308 17.70 16.22 -3.81
C VAL A 308 18.17 14.98 -3.04
N ASN A 309 19.45 14.67 -3.12
CA ASN A 309 20.01 13.51 -2.43
C ASN A 309 20.01 13.66 -0.92
N LYS A 310 20.32 14.86 -0.42
CA LYS A 310 20.30 15.12 1.01
C LYS A 310 18.88 15.16 1.56
N ALA A 311 17.90 15.15 0.66
CA ALA A 311 16.50 15.09 1.04
C ALA A 311 16.01 13.65 1.00
N LYS A 312 16.44 12.91 -0.01
CA LYS A 312 16.13 11.50 -0.11
C LYS A 312 16.81 10.73 1.02
N GLN A 313 17.89 11.30 1.54
CA GLN A 313 18.66 10.68 2.61
C GLN A 313 17.95 10.84 3.95
N SER A 314 17.60 12.08 4.28
CA SER A 314 16.94 12.39 5.55
C SER A 314 15.51 11.84 5.61
N ALA A 315 15.01 11.37 4.48
CA ALA A 315 13.70 10.73 4.44
C ALA A 315 13.82 9.22 4.59
N MET A 316 15.00 8.69 4.29
CA MET A 316 15.27 7.27 4.51
C MET A 316 15.62 7.01 5.97
N GLU A 317 16.32 7.96 6.58
CA GLU A 317 16.71 7.87 7.99
C GLU A 317 15.48 7.94 8.89
N ALA A 318 14.47 8.67 8.44
CA ALA A 318 13.23 8.81 9.19
C ALA A 318 12.56 7.45 9.40
N ILE A 319 12.63 6.60 8.38
CA ILE A 319 12.10 5.25 8.45
C ILE A 319 13.05 4.35 9.23
N SER A 320 14.34 4.56 9.02
CA SER A 320 15.39 3.79 9.68
C SER A 320 15.35 3.96 11.19
N TRP A 321 15.22 5.21 11.63
CA TRP A 321 15.20 5.51 13.06
C TRP A 321 13.98 4.93 13.76
N PHE A 322 12.89 4.74 13.02
CA PHE A 322 11.70 4.12 13.58
C PHE A 322 11.93 2.62 13.77
N LYS A 323 12.44 1.96 12.73
CA LYS A 323 12.76 0.55 12.80
C LYS A 323 13.84 0.33 13.85
N ALA A 324 14.70 1.33 14.03
CA ALA A 324 15.76 1.27 15.03
C ALA A 324 15.19 1.29 16.45
N ARG A 325 13.98 1.84 16.58
CA ARG A 325 13.32 1.93 17.88
C ARG A 325 12.48 0.69 18.15
N MET A 326 11.92 0.13 17.08
CA MET A 326 11.12 -1.09 17.20
C MET A 326 12.05 -2.31 17.37
N ASP A 327 13.25 -2.22 16.81
CA ASP A 327 14.24 -3.27 16.97
C ASP A 327 15.04 -3.06 18.25
N SER A 328 14.89 -1.90 18.86
CA SER A 328 15.48 -1.63 20.16
C SER A 328 14.80 -2.52 21.19
N LEU A 329 13.48 -2.56 21.11
CA LEU A 329 12.68 -3.54 21.84
C LEU A 329 13.08 -4.91 21.31
N VAL A 330 12.97 -5.93 22.17
CA VAL A 330 13.34 -7.31 21.83
C VAL A 330 14.67 -7.45 21.11
N THR A 342 20.83 9.66 19.87
CA THR A 342 19.63 8.84 19.83
C THR A 342 18.45 9.53 20.50
N SER A 343 18.20 10.78 20.10
CA SER A 343 17.03 11.53 20.57
C SER A 343 16.22 12.00 19.36
N SER A 344 14.93 12.22 19.56
CA SER A 344 14.04 12.56 18.45
C SER A 344 14.18 14.01 17.98
N VAL A 345 15.41 14.45 17.75
CA VAL A 345 15.66 15.72 17.08
C VAL A 345 16.45 15.41 15.81
N LEU A 346 16.23 14.21 15.29
CA LEU A 346 16.89 13.75 14.07
C LEU A 346 15.85 13.19 13.10
N ASN A 347 15.47 13.96 12.08
CA ASN A 347 15.97 15.30 11.83
C ASN A 347 14.89 16.10 11.09
N ARG A 348 15.01 17.42 11.09
CA ARG A 348 14.14 18.32 10.31
C ARG A 348 12.66 17.94 10.26
N GLU A 349 12.13 17.46 11.37
CA GLU A 349 10.75 16.99 11.41
C GLU A 349 9.77 18.13 11.60
N LYS A 350 9.09 18.50 10.53
CA LYS A 350 8.07 19.54 10.58
C LYS A 350 6.71 18.94 10.89
N VAL A 351 6.09 19.41 11.97
CA VAL A 351 4.90 18.78 12.51
C VAL A 351 3.61 19.59 12.28
N TYR A 352 3.78 20.82 11.80
CA TYR A 352 2.65 21.63 11.34
C TYR A 352 2.79 21.87 9.84
N TYR A 353 1.67 22.02 9.14
CA TYR A 353 1.74 22.20 7.69
C TYR A 353 2.15 23.60 7.25
N ASN A 354 3.22 23.67 6.47
CA ASN A 354 3.62 24.89 5.79
C ASN A 354 3.76 24.62 4.30
N ILE A 355 3.12 25.45 3.48
CA ILE A 355 3.11 25.23 2.04
C ILE A 355 4.48 25.38 1.40
N ASP A 356 4.77 24.52 0.43
CA ASP A 356 6.04 24.58 -0.31
C ASP A 356 5.82 25.22 -1.67
N ASN A 357 6.34 26.43 -1.83
CA ASN A 357 6.19 27.17 -3.08
C ASN A 357 7.48 27.26 -3.88
N MET A 358 8.51 26.57 -3.42
CA MET A 358 9.83 26.67 -4.05
C MET A 358 10.00 25.71 -5.22
N ILE A 359 10.09 26.28 -6.43
CA ILE A 359 10.33 25.48 -7.63
C ILE A 359 11.82 25.50 -7.97
N TYR A 360 12.46 24.33 -7.94
CA TYR A 360 13.87 24.22 -8.32
C TYR A 360 13.99 23.70 -9.75
N ILE A 361 14.83 24.34 -10.55
CA ILE A 361 15.01 23.91 -11.93
C ILE A 361 16.46 23.49 -12.20
N ASN A 362 16.63 22.30 -12.77
CA ASN A 362 17.95 21.77 -13.10
C ASN A 362 18.42 22.28 -14.47
N THR A 363 19.41 23.17 -14.45
CA THR A 363 20.00 23.69 -15.67
C THR A 363 20.68 22.56 -16.45
N GLY A 364 21.32 21.65 -15.73
CA GLY A 364 21.91 20.47 -16.32
C GLY A 364 23.10 20.75 -17.23
N GLU A 365 22.91 20.52 -18.52
CA GLU A 365 23.97 20.70 -19.49
C GLU A 365 23.95 22.10 -20.09
N VAL A 366 22.96 22.90 -19.70
CA VAL A 366 22.85 24.28 -20.16
C VAL A 366 23.53 25.18 -19.13
N THR A 367 24.73 24.78 -18.71
CA THR A 367 25.50 25.55 -17.73
C THR A 367 25.89 26.91 -18.29
N THR A 368 26.37 27.79 -17.41
CA THR A 368 26.86 29.09 -17.83
C THR A 368 28.19 28.95 -18.58
N THR A 369 28.79 27.77 -18.48
CA THR A 369 30.02 27.46 -19.18
C THR A 369 29.75 26.92 -20.59
N ASN A 370 28.57 26.34 -20.77
CA ASN A 370 28.20 25.78 -22.07
C ASN A 370 27.94 26.89 -23.09
N THR A 371 28.88 27.06 -24.01
CA THR A 371 28.80 28.11 -25.02
C THR A 371 27.56 27.96 -25.90
N SER A 372 27.33 26.75 -26.42
CA SER A 372 26.16 26.48 -27.24
C SER A 372 25.63 25.08 -26.99
N PRO A 373 24.37 24.97 -26.54
CA PRO A 373 23.73 23.70 -26.20
C PRO A 373 22.92 23.11 -27.35
N THR A 374 22.96 21.79 -27.47
CA THR A 374 22.19 21.09 -28.50
C THR A 374 20.70 21.13 -28.17
N PRO A 375 19.85 21.17 -29.21
CA PRO A 375 18.39 21.10 -29.04
C PRO A 375 17.95 19.85 -28.30
N GLU A 376 18.85 18.86 -28.22
CA GLU A 376 18.65 17.69 -27.38
C GLU A 376 18.63 18.13 -25.91
N GLN A 377 19.72 18.74 -25.46
CA GLN A 377 19.85 19.13 -24.06
C GLN A 377 19.17 20.47 -23.75
N ARG A 378 18.54 21.06 -24.75
CA ARG A 378 17.69 22.23 -24.53
C ARG A 378 16.31 21.79 -24.10
N ALA A 379 15.75 20.83 -24.84
CA ALA A 379 14.44 20.27 -24.51
C ALA A 379 14.52 19.41 -23.25
N ARG A 380 15.73 19.13 -22.79
CA ARG A 380 15.96 18.44 -21.54
C ARG A 380 15.75 19.42 -20.39
N ALA A 381 16.29 20.62 -20.56
CA ALA A 381 16.17 21.67 -19.54
C ALA A 381 14.73 22.16 -19.42
N VAL A 382 13.95 21.96 -20.48
CA VAL A 382 12.55 22.37 -20.48
C VAL A 382 11.69 21.35 -19.74
N LYS A 383 11.93 20.06 -20.00
CA LYS A 383 11.14 19.01 -19.38
C LYS A 383 11.37 18.92 -17.88
N ASN A 384 12.59 19.26 -17.44
CA ASN A 384 12.88 19.31 -16.02
C ASN A 384 12.04 20.37 -15.34
N GLY A 385 12.03 21.57 -15.92
CA GLY A 385 11.25 22.67 -15.39
C GLY A 385 9.76 22.41 -15.45
N TYR A 386 9.34 21.62 -16.42
CA TYR A 386 7.93 21.24 -16.52
C TYR A 386 7.55 20.22 -15.45
N ASP A 387 8.32 19.14 -15.39
CA ASP A 387 8.07 18.07 -14.43
C ASP A 387 8.21 18.53 -12.99
N GLN A 388 9.19 19.39 -12.72
CA GLN A 388 9.43 19.87 -11.37
C GLN A 388 8.37 20.87 -10.92
N THR A 389 7.89 21.68 -11.85
CA THR A 389 6.82 22.62 -11.56
C THR A 389 5.53 21.86 -11.31
N MET A 390 5.29 20.80 -12.08
CA MET A 390 4.14 19.93 -11.89
C MET A 390 4.24 19.19 -10.56
N GLN A 391 5.44 18.69 -10.27
CA GLN A 391 5.68 17.94 -9.03
C GLN A 391 5.42 18.79 -7.80
N LEU A 392 5.76 20.08 -7.87
CA LEU A 392 5.54 20.98 -6.75
C LEU A 392 4.05 21.29 -6.57
N LEU A 393 3.37 21.59 -7.66
CA LEU A 393 1.95 21.89 -7.61
C LEU A 393 1.15 20.69 -7.09
N ASP A 394 1.67 19.49 -7.32
CA ASP A 394 1.05 18.28 -6.80
C ASP A 394 1.26 18.12 -5.30
N SER A 395 2.00 19.05 -4.69
CA SER A 395 2.22 19.03 -3.25
C SER A 395 1.38 20.08 -2.54
N HIS A 396 0.50 20.74 -3.30
CA HIS A 396 -0.40 21.72 -2.73
C HIS A 396 -1.78 21.11 -2.53
N LYS A 397 -2.03 20.01 -3.22
CA LYS A 397 -3.29 19.30 -3.10
C LYS A 397 -3.31 18.45 -1.83
N GLN A 398 -3.92 18.98 -0.78
CA GLN A 398 -4.03 18.27 0.48
C GLN A 398 -5.29 17.41 0.49
N THR A 399 -5.16 16.18 0.98
CA THR A 399 -6.30 15.29 1.12
C THR A 399 -6.05 14.42 2.35
N PHE A 400 -7.12 14.06 3.05
CA PHE A 400 -6.99 13.23 4.25
C PHE A 400 -8.14 12.24 4.34
N ASP A 401 -7.97 11.21 5.16
CA ASP A 401 -9.00 10.19 5.33
C ASP A 401 -9.99 10.58 6.43
N HIS A 402 -9.55 11.44 7.35
CA HIS A 402 -10.41 11.91 8.43
C HIS A 402 -10.24 13.41 8.65
N PRO A 403 -11.36 14.13 8.80
CA PRO A 403 -11.36 15.59 8.91
C PRO A 403 -10.58 16.13 10.12
N LEU A 404 -10.48 15.34 11.18
CA LEU A 404 -9.74 15.77 12.37
C LEU A 404 -8.25 15.82 12.08
N MET A 405 -7.77 14.91 11.25
CA MET A 405 -6.37 14.87 10.86
C MET A 405 -5.97 16.16 10.16
N ALA A 406 -6.89 16.71 9.38
CA ALA A 406 -6.66 17.96 8.67
C ALA A 406 -6.62 19.14 9.63
N ILE A 407 -7.56 19.20 10.57
CA ILE A 407 -7.61 20.30 11.54
C ILE A 407 -6.42 20.26 12.49
N LEU A 408 -5.87 19.07 12.72
CA LEU A 408 -4.72 18.92 13.60
C LEU A 408 -3.40 19.24 12.90
N TYR A 409 -3.23 18.68 11.70
CA TYR A 409 -1.99 18.86 10.93
C TYR A 409 -1.88 20.30 10.40
N ILE A 410 -2.94 20.77 9.76
CA ILE A 410 -3.02 22.17 9.36
C ILE A 410 -3.48 22.98 10.57
N GLY A 411 -2.85 24.12 10.80
CA GLY A 411 -3.24 24.96 11.92
C GLY A 411 -4.69 25.39 11.86
N HIS A 412 -5.34 25.45 13.02
CA HIS A 412 -6.72 25.89 13.07
C HIS A 412 -6.77 27.41 12.92
N ASP A 413 -5.60 28.02 12.92
CA ASP A 413 -5.45 29.44 12.64
C ASP A 413 -5.41 29.65 11.14
N LYS A 414 -5.19 28.56 10.42
CA LYS A 414 -5.06 28.59 8.96
C LYS A 414 -6.34 28.09 8.31
N LEU A 415 -7.35 27.84 9.12
CA LEU A 415 -8.62 27.32 8.62
C LEU A 415 -9.76 28.26 8.98
N LYS A 416 -10.78 28.31 8.13
CA LYS A 416 -11.98 29.07 8.42
C LYS A 416 -12.73 28.42 9.58
N ASP A 417 -12.95 29.19 10.64
CA ASP A 417 -13.60 28.66 11.84
C ASP A 417 -14.98 28.11 11.52
N ALA A 418 -15.15 26.80 11.65
CA ALA A 418 -16.41 26.14 11.31
C ALA A 418 -17.42 26.24 12.45
N LEU A 419 -16.92 26.39 13.67
CA LEU A 419 -17.78 26.53 14.84
C LEU A 419 -18.63 27.81 14.75
N ILE A 420 -18.02 28.88 14.24
CA ILE A 420 -18.71 30.14 14.05
C ILE A 420 -19.71 30.06 12.88
N ASP A 421 -19.30 29.37 11.83
CA ASP A 421 -20.14 29.19 10.65
C ASP A 421 -21.39 28.38 10.99
N GLU A 422 -22.56 28.89 10.62
CA GLU A 422 -23.82 28.22 10.89
C GLU A 422 -24.17 27.22 9.79
N LYS A 423 -23.53 27.37 8.63
CA LYS A 423 -23.82 26.52 7.49
C LYS A 423 -22.73 25.49 7.23
N SER A 424 -21.73 25.46 8.10
CA SER A 424 -20.68 24.45 8.00
C SER A 424 -21.27 23.08 8.31
N GLU A 425 -20.82 22.07 7.58
CA GLU A 425 -21.33 20.71 7.75
C GLU A 425 -21.10 20.23 9.18
N LYS A 426 -22.03 19.42 9.69
CA LYS A 426 -21.95 18.92 11.06
C LYS A 426 -20.67 18.13 11.30
N GLU A 427 -20.24 17.41 10.27
CA GLU A 427 -19.07 16.54 10.36
C GLU A 427 -17.79 17.34 10.59
N ILE A 428 -17.70 18.51 9.97
CA ILE A 428 -16.55 19.39 10.12
C ILE A 428 -16.70 20.22 11.40
N PHE A 429 -17.92 20.65 11.67
CA PHE A 429 -18.23 21.39 12.89
C PHE A 429 -17.92 20.56 14.14
N GLU A 430 -18.21 19.25 14.07
CA GLU A 430 -17.92 18.36 15.18
C GLU A 430 -16.43 18.07 15.29
N ALA A 431 -15.78 17.84 14.15
CA ALA A 431 -14.36 17.51 14.13
C ALA A 431 -13.49 18.68 14.58
N SER A 432 -14.05 19.89 14.51
CA SER A 432 -13.34 21.08 14.96
C SER A 432 -13.39 21.17 16.48
N ALA A 433 -14.53 20.82 17.05
CA ALA A 433 -14.67 20.80 18.50
C ALA A 433 -13.80 19.69 19.10
N HIS A 434 -13.70 18.57 18.39
CA HIS A 434 -12.81 17.49 18.79
C HIS A 434 -11.36 17.96 18.79
N ALA A 435 -11.07 18.94 17.92
CA ALA A 435 -9.71 19.43 17.74
C ALA A 435 -9.31 20.46 18.79
N GLN A 436 -10.27 21.27 19.24
CA GLN A 436 -9.97 22.29 20.25
C GLN A 436 -9.88 21.66 21.64
N ALA A 437 -10.54 20.52 21.81
CA ALA A 437 -10.48 19.78 23.06
C ALA A 437 -9.09 19.18 23.23
N ILE A 438 -8.59 18.54 22.17
CA ILE A 438 -7.25 17.98 22.17
C ILE A 438 -6.20 19.07 22.38
N LEU A 439 -6.37 20.20 21.71
CA LEU A 439 -5.46 21.33 21.83
C LEU A 439 -5.43 21.86 23.25
N HIS A 440 -6.60 21.89 23.91
CA HIS A 440 -6.71 22.31 25.30
C HIS A 440 -5.84 21.40 26.19
N LEU A 441 -5.94 20.10 25.95
CA LEU A 441 -5.16 19.12 26.69
C LEU A 441 -3.68 19.24 26.35
N GLN A 442 -3.38 19.39 25.05
CA GLN A 442 -2.01 19.53 24.57
C GLN A 442 -1.29 20.69 25.24
N GLU A 443 -1.97 21.82 25.36
CA GLU A 443 -1.38 23.02 25.93
C GLU A 443 -1.24 22.92 27.45
N GLN A 444 -2.00 22.01 28.05
CA GLN A 444 -1.91 21.79 29.49
C GLN A 444 -0.73 20.92 29.86
N ILE A 445 -0.51 19.85 29.09
CA ILE A 445 0.65 18.99 29.28
C ILE A 445 1.93 19.80 29.21
N VAL A 446 1.99 20.72 28.25
CA VAL A 446 3.13 21.61 28.10
C VAL A 446 3.24 22.56 29.29
N LYS A 447 2.12 23.12 29.71
CA LYS A 447 2.09 24.05 30.84
C LYS A 447 2.55 23.39 32.13
N GLU A 448 2.08 22.18 32.38
CA GLU A 448 2.39 21.48 33.63
C GLU A 448 3.81 20.91 33.65
N MET A 449 4.29 20.43 32.51
CA MET A 449 5.65 19.88 32.42
C MET A 449 6.70 20.98 32.65
N ASN A 450 6.43 22.18 32.16
CA ASN A 450 7.33 23.31 32.36
C ASN A 450 7.30 23.80 33.81
N ASP A 451 6.16 23.58 34.47
CA ASP A 451 6.06 23.86 35.90
C ASP A 451 6.82 22.81 36.70
N GLY A 452 6.93 21.62 36.12
CA GLY A 452 7.64 20.53 36.77
C GLY A 452 6.73 19.36 37.10
N ASP A 453 5.43 19.53 36.87
CA ASP A 453 4.46 18.49 37.18
C ASP A 453 4.20 17.56 35.99
N TYR A 454 4.68 16.34 36.11
CA TYR A 454 4.52 15.33 35.07
C TYR A 454 3.52 14.26 35.51
N SER A 455 2.64 14.63 36.44
CA SER A 455 1.73 13.66 37.05
C SER A 455 0.55 13.25 36.16
N SER A 456 -0.09 14.23 35.54
CA SER A 456 -1.27 13.97 34.73
C SER A 456 -0.98 13.94 33.23
N VAL A 457 0.29 13.77 32.88
CA VAL A 457 0.69 13.66 31.48
C VAL A 457 0.04 12.46 30.81
N GLN A 458 0.13 11.30 31.45
CA GLN A 458 -0.51 10.10 30.96
C GLN A 458 -2.03 10.27 30.95
N ASN A 459 -2.55 10.94 31.96
CA ASN A 459 -3.98 11.21 32.06
C ASN A 459 -4.50 12.00 30.86
N TYR A 460 -3.83 13.11 30.57
CA TYR A 460 -4.23 13.98 29.45
C TYR A 460 -4.12 13.28 28.10
N LEU A 461 -3.06 12.49 27.93
CA LEU A 461 -2.84 11.76 26.68
C LEU A 461 -3.89 10.67 26.48
N ASP A 462 -4.30 10.02 27.57
CA ASP A 462 -5.36 9.02 27.52
C ASP A 462 -6.67 9.64 27.06
N GLN A 463 -6.92 10.88 27.51
CA GLN A 463 -8.12 11.60 27.12
C GLN A 463 -8.07 12.02 25.66
N ILE A 464 -6.87 12.38 25.19
CA ILE A 464 -6.67 12.72 23.78
C ILE A 464 -7.00 11.54 22.89
N GLU A 465 -6.36 10.41 23.15
CA GLU A 465 -6.59 9.19 22.40
C GLU A 465 -8.06 8.77 22.46
N ASP A 466 -8.68 9.00 23.62
CA ASP A 466 -10.09 8.64 23.82
C ASP A 466 -10.99 9.45 22.88
N ILE A 467 -10.64 10.71 22.65
CA ILE A 467 -11.39 11.56 21.74
C ILE A 467 -11.26 11.07 20.30
N LEU A 468 -10.05 10.68 19.93
CA LEU A 468 -9.78 10.18 18.58
C LEU A 468 -10.54 8.89 18.26
N THR A 469 -10.72 8.04 19.27
CA THR A 469 -11.28 6.71 19.05
C THR A 469 -12.78 6.60 19.33
N VAL A 470 -13.30 7.49 20.18
CA VAL A 470 -14.71 7.43 20.56
C VAL A 470 -15.55 8.50 19.86
N ASP A 471 -15.07 9.73 19.88
CA ASP A 471 -15.80 10.85 19.28
C ASP A 471 -15.52 11.01 17.79
N ALA A 472 -14.24 10.99 17.43
CA ALA A 472 -13.85 11.08 16.02
C ALA A 472 -14.20 9.81 15.28
N LYS A 473 -14.22 8.69 16.02
CA LYS A 473 -14.50 7.38 15.47
C LYS A 473 -13.56 7.05 14.31
N MET A 474 -12.26 7.23 14.54
CA MET A 474 -11.26 6.96 13.52
C MET A 474 -11.02 5.46 13.37
N ASP A 475 -10.47 5.06 12.23
CA ASP A 475 -10.03 3.68 12.06
C ASP A 475 -8.84 3.42 12.97
N ASP A 476 -8.59 2.15 13.27
CA ASP A 476 -7.54 1.77 14.18
C ASP A 476 -6.16 2.18 13.68
N ILE A 477 -6.04 2.37 12.36
CA ILE A 477 -4.77 2.69 11.73
C ILE A 477 -4.64 4.19 11.42
N GLN A 478 -5.76 4.85 11.20
CA GLN A 478 -5.74 6.28 10.93
C GLN A 478 -5.86 7.08 12.22
N LYS A 479 -5.96 6.37 13.35
CA LYS A 479 -5.95 7.00 14.66
C LYS A 479 -4.53 6.90 15.25
N GLU A 480 -3.75 5.96 14.73
CA GLU A 480 -2.34 5.85 15.10
C GLU A 480 -1.58 7.07 14.60
N LYS A 481 -1.82 7.43 13.34
CA LYS A 481 -1.21 8.62 12.73
C LYS A 481 -1.67 9.88 13.45
N ALA A 482 -2.94 9.93 13.79
CA ALA A 482 -3.51 11.08 14.45
C ALA A 482 -2.92 11.27 15.84
N PHE A 483 -2.83 10.18 16.61
CA PHE A 483 -2.27 10.24 17.94
C PHE A 483 -0.78 10.55 17.91
N ALA A 484 -0.06 9.94 16.98
CA ALA A 484 1.37 10.18 16.84
C ALA A 484 1.65 11.65 16.59
N LEU A 485 0.86 12.27 15.72
CA LEU A 485 0.98 13.68 15.42
C LEU A 485 0.73 14.52 16.67
N CYS A 486 -0.29 14.14 17.43
CA CYS A 486 -0.61 14.83 18.68
C CYS A 486 0.55 14.73 19.68
N ILE A 487 1.23 13.59 19.69
CA ILE A 487 2.37 13.38 20.55
C ILE A 487 3.58 14.18 20.06
N LYS A 488 3.85 14.09 18.76
CA LYS A 488 4.95 14.82 18.14
C LYS A 488 4.79 16.33 18.34
N GLN A 489 3.56 16.81 18.24
CA GLN A 489 3.29 18.24 18.41
C GLN A 489 3.56 18.71 19.83
N VAL A 490 3.12 17.93 20.81
CA VAL A 490 3.38 18.26 22.21
C VAL A 490 4.89 18.22 22.51
N ASN A 491 5.56 17.20 21.99
CA ASN A 491 7.01 17.08 22.13
C ASN A 491 7.72 18.29 21.56
N PHE A 492 7.16 18.86 20.50
CA PHE A 492 7.69 20.07 19.88
C PHE A 492 7.43 21.30 20.74
N LEU A 493 6.19 21.42 21.23
CA LEU A 493 5.78 22.59 21.99
C LEU A 493 6.43 22.67 23.37
N SER A 494 7.06 21.57 23.80
CA SER A 494 7.67 21.52 25.12
C SER A 494 9.20 21.50 25.04
N GLU A 495 9.72 21.69 23.84
CA GLU A 495 11.16 21.68 23.59
C GLU A 495 11.83 20.38 24.04
N GLY A 496 11.14 19.26 23.88
CA GLY A 496 11.70 17.96 24.15
C GLY A 496 11.46 17.40 25.54
N LYS A 497 10.76 18.17 26.38
CA LYS A 497 10.51 17.77 27.77
C LYS A 497 9.66 16.51 27.88
N LEU A 498 8.90 16.20 26.83
CA LEU A 498 8.06 15.00 26.82
C LEU A 498 8.88 13.74 26.56
N GLU A 499 9.73 13.80 25.54
CA GLU A 499 10.53 12.64 25.14
C GLU A 499 11.47 12.18 26.26
N THR A 500 12.13 13.12 26.90
CA THR A 500 13.05 12.81 28.00
C THR A 500 12.32 12.11 29.14
N TYR A 501 11.17 12.67 29.53
CA TYR A 501 10.35 12.09 30.58
C TYR A 501 9.82 10.71 30.18
N LEU A 502 9.50 10.56 28.90
CA LEU A 502 9.04 9.27 28.38
C LEU A 502 10.17 8.24 28.39
N ASN A 503 11.40 8.71 28.26
CA ASN A 503 12.56 7.82 28.24
C ASN A 503 12.94 7.33 29.64
N LYS A 504 12.62 8.12 30.66
CA LYS A 504 12.91 7.73 32.04
C LYS A 504 11.91 6.69 32.53
N VAL A 505 10.62 6.98 32.37
CA VAL A 505 9.55 6.08 32.79
C VAL A 505 9.71 4.68 32.22
N GLU A 506 10.07 4.61 30.94
CA GLU A 506 10.25 3.32 30.27
C GLU A 506 11.51 2.60 30.78
N ALA A 507 12.55 3.38 31.06
CA ALA A 507 13.79 2.82 31.59
C ALA A 507 13.62 2.41 33.05
N GLU A 508 12.76 3.12 33.76
CA GLU A 508 12.48 2.81 35.16
C GLU A 508 11.46 1.68 35.27
N ALA A 509 10.99 1.19 34.13
CA ALA A 509 10.04 0.08 34.08
C ALA A 509 10.71 -1.19 33.58
N LYS A 510 11.83 -1.04 32.88
CA LYS A 510 12.61 -2.18 32.43
C LYS A 510 13.54 -2.62 33.57
N ALA A 511 13.90 -1.66 34.41
CA ALA A 511 14.71 -1.95 35.60
C ALA A 511 13.82 -2.43 36.74
N ALA A 512 12.61 -2.86 36.39
CA ALA A 512 11.66 -3.43 37.33
C ALA A 512 10.94 -4.59 36.65
N ALA A 513 11.35 -4.87 35.42
CA ALA A 513 10.77 -5.95 34.61
C ALA A 513 9.25 -5.85 34.50
N GLU A 514 8.76 -4.68 34.10
CA GLU A 514 7.32 -4.47 33.97
C GLU A 514 6.98 -3.59 32.77
N PRO A 515 5.89 -3.93 32.06
CA PRO A 515 5.41 -3.15 30.92
C PRO A 515 5.06 -1.73 31.31
N SER A 516 5.25 -0.78 30.39
CA SER A 516 4.97 0.62 30.67
C SER A 516 4.02 1.23 29.63
N TRP A 517 3.48 2.39 29.96
CA TRP A 517 2.61 3.13 29.04
C TRP A 517 3.45 3.93 28.07
N ALA A 518 4.66 4.28 28.51
CA ALA A 518 5.57 5.09 27.71
C ALA A 518 6.08 4.35 26.49
N THR A 519 5.80 3.05 26.42
CA THR A 519 6.25 2.22 25.30
C THR A 519 5.57 2.60 23.99
N LYS A 520 4.24 2.71 24.01
CA LYS A 520 3.49 3.02 22.80
C LYS A 520 3.56 4.50 22.45
N ILE A 521 3.68 5.35 23.45
CA ILE A 521 3.77 6.79 23.24
C ILE A 521 5.09 7.15 22.56
N LEU A 522 6.16 6.46 22.95
CA LEU A 522 7.47 6.66 22.34
C LEU A 522 7.55 6.04 20.95
N ASN A 523 6.82 4.95 20.73
CA ASN A 523 6.77 4.32 19.42
C ASN A 523 6.17 5.27 18.38
N LEU A 524 5.03 5.87 18.72
CA LEU A 524 4.37 6.84 17.86
C LEU A 524 5.22 8.11 17.74
N LEU A 525 5.93 8.44 18.80
CA LEU A 525 6.80 9.61 18.82
C LEU A 525 7.93 9.43 17.82
N TRP A 526 8.26 8.17 17.53
CA TRP A 526 9.35 7.86 16.60
C TRP A 526 8.84 7.43 15.22
N ALA A 527 7.53 7.42 15.06
CA ALA A 527 6.91 7.07 13.78
C ALA A 527 7.37 8.06 12.70
N PRO A 528 7.54 7.58 11.47
CA PRO A 528 7.93 8.50 10.39
C PRO A 528 6.84 9.52 10.11
N ILE A 529 7.19 10.80 10.15
CA ILE A 529 6.23 11.88 9.91
C ILE A 529 5.69 11.80 8.49
N GLU A 530 6.47 11.18 7.61
CA GLU A 530 6.10 11.03 6.20
C GLU A 530 4.98 10.01 6.05
N TRP A 531 4.69 9.28 7.12
CA TRP A 531 3.66 8.26 7.12
C TRP A 531 2.36 8.75 7.75
N VAL A 532 2.49 9.57 8.79
CA VAL A 532 1.33 10.02 9.56
C VAL A 532 0.45 11.00 8.79
N VAL A 533 1.06 11.78 7.90
CA VAL A 533 0.33 12.77 7.12
C VAL A 533 0.03 12.23 5.73
N SER A 534 0.32 10.94 5.55
CA SER A 534 0.08 10.27 4.27
C SER A 534 -1.32 9.67 4.19
N LEU A 535 -1.65 9.15 3.02
CA LEU A 535 -2.92 8.44 2.84
C LEU A 535 -2.63 6.94 2.73
N PHE A 536 -1.43 6.57 3.15
CA PHE A 536 -1.02 5.18 3.19
C PHE A 536 -1.96 4.40 4.10
N LYS A 537 -2.56 3.35 3.55
CA LYS A 537 -3.58 2.58 4.26
C LYS A 537 -2.97 1.47 5.13
N GLY A 538 -1.64 1.44 5.21
CA GLY A 538 -0.97 0.39 5.95
C GLY A 538 -0.24 0.86 7.18
N PRO A 539 0.18 -0.08 8.04
CA PRO A 539 0.92 0.21 9.27
C PRO A 539 2.31 0.74 8.95
N ALA A 540 3.07 1.10 9.98
CA ALA A 540 4.38 1.68 9.77
C ALA A 540 5.38 0.72 9.11
N GLN A 541 5.10 0.40 7.85
CA GLN A 541 6.05 -0.24 6.97
C GLN A 541 6.03 0.63 5.72
N ASP A 542 5.88 1.93 5.98
CA ASP A 542 5.70 2.97 4.97
C ASP A 542 6.67 2.86 3.81
N PHE A 543 7.96 2.82 4.13
CA PHE A 543 9.02 2.86 3.13
C PHE A 543 8.91 4.10 2.23
N LYS A 544 9.38 4.00 1.00
CA LYS A 544 9.53 5.19 0.18
C LYS A 544 9.47 4.88 -1.31
N ILE B 7 -3.06 15.19 46.09
CA ILE B 7 -3.46 15.72 44.79
C ILE B 7 -4.40 14.76 44.08
N CYS B 8 -5.69 14.86 44.41
CA CYS B 8 -6.71 14.04 43.78
C CYS B 8 -7.41 14.83 42.66
N GLN B 9 -7.21 14.39 41.43
CA GLN B 9 -7.65 15.14 40.26
C GLN B 9 -8.98 14.64 39.72
N PHE B 10 -9.90 15.57 39.46
CA PHE B 10 -11.23 15.21 38.99
C PHE B 10 -11.69 16.07 37.82
N LYS B 11 -12.59 15.53 37.01
CA LYS B 11 -13.07 16.21 35.81
C LYS B 11 -14.49 16.74 36.00
N LEU B 12 -14.66 18.05 35.81
CA LEU B 12 -15.97 18.67 36.00
C LEU B 12 -16.47 19.32 34.71
N VAL B 13 -17.79 19.33 34.52
CA VAL B 13 -18.39 19.87 33.31
C VAL B 13 -19.67 20.66 33.61
N LEU B 14 -19.71 21.91 33.14
CA LEU B 14 -20.90 22.74 33.29
C LEU B 14 -21.81 22.62 32.08
N LEU B 15 -23.05 22.19 32.31
CA LEU B 15 -24.03 22.05 31.24
C LEU B 15 -25.17 23.03 31.46
N GLY B 16 -26.05 23.16 30.47
CA GLY B 16 -27.19 24.04 30.56
C GLY B 16 -27.41 24.87 29.30
N GLU B 17 -28.58 25.50 29.20
CA GLU B 17 -28.92 26.34 28.07
C GLU B 17 -27.99 27.56 28.03
N SER B 18 -27.91 28.22 26.87
CA SER B 18 -27.06 29.40 26.74
C SER B 18 -27.62 30.58 27.53
N ALA B 19 -26.75 31.52 27.86
CA ALA B 19 -27.12 32.73 28.61
C ALA B 19 -27.75 32.44 29.97
N VAL B 20 -27.23 31.45 30.68
CA VAL B 20 -27.67 31.18 32.05
C VAL B 20 -26.61 31.62 33.06
N GLY B 21 -25.34 31.54 32.68
CA GLY B 21 -24.26 32.02 33.52
C GLY B 21 -23.12 31.04 33.76
N LYS B 22 -23.06 29.98 32.96
CA LYS B 22 -22.05 28.94 33.11
C LYS B 22 -20.63 29.51 33.04
N SER B 23 -20.35 30.28 31.99
CA SER B 23 -19.02 30.83 31.76
C SER B 23 -18.66 31.90 32.78
N SER B 24 -19.67 32.51 33.39
CA SER B 24 -19.46 33.56 34.38
C SER B 24 -19.23 32.97 35.77
N LEU B 25 -19.84 31.82 36.04
CA LEU B 25 -19.63 31.12 37.29
C LEU B 25 -18.19 30.66 37.40
N VAL B 26 -17.63 30.22 36.27
CA VAL B 26 -16.25 29.77 36.20
C VAL B 26 -15.28 30.93 36.47
N LEU B 27 -15.60 32.11 35.93
CA LEU B 27 -14.78 33.29 36.16
C LEU B 27 -14.85 33.71 37.62
N ARG B 28 -16.04 33.61 38.21
CA ARG B 28 -16.24 33.93 39.62
C ARG B 28 -15.58 32.91 40.53
N PHE B 29 -15.59 31.65 40.10
CA PHE B 29 -15.00 30.57 40.89
C PHE B 29 -13.48 30.55 40.80
N VAL B 30 -12.93 31.04 39.69
CA VAL B 30 -11.49 31.05 39.48
C VAL B 30 -10.88 32.43 39.70
N LYS B 31 -11.18 33.36 38.81
CA LYS B 31 -10.59 34.69 38.87
C LYS B 31 -11.40 35.66 39.75
N GLY B 32 -12.54 35.19 40.22
CA GLY B 32 -13.37 35.98 41.13
C GLY B 32 -13.85 37.29 40.54
N GLN B 33 -14.06 37.32 39.23
CA GLN B 33 -14.52 38.52 38.54
C GLN B 33 -15.92 38.30 37.97
N PHE B 34 -16.41 39.30 37.23
CA PHE B 34 -17.71 39.21 36.59
C PHE B 34 -17.87 40.28 35.51
N HIS B 35 -18.28 39.86 34.32
CA HIS B 35 -18.51 40.79 33.22
C HIS B 35 -19.96 40.74 32.74
N GLU B 36 -20.61 41.90 32.71
CA GLU B 36 -22.01 41.98 32.29
C GLU B 36 -22.13 41.76 30.78
N TYR B 37 -21.04 42.01 30.06
CA TYR B 37 -21.02 41.79 28.62
C TYR B 37 -20.03 40.69 28.23
N GLN B 38 -20.32 39.46 28.65
CA GLN B 38 -19.48 38.32 28.31
C GLN B 38 -19.81 37.79 26.92
N GLU B 39 -18.78 37.34 26.21
CA GLU B 39 -18.96 36.71 24.92
C GLU B 39 -19.49 35.30 25.12
N SER B 40 -20.15 34.75 24.11
CA SER B 40 -20.70 33.41 24.20
C SER B 40 -19.62 32.37 23.97
N THR B 41 -19.70 31.26 24.70
CA THR B 41 -18.71 30.19 24.59
C THR B 41 -18.82 29.47 23.26
N ILE B 42 -17.73 29.44 22.51
CA ILE B 42 -17.67 28.70 21.25
C ILE B 42 -17.06 27.33 21.50
N GLY B 43 -17.85 26.28 21.34
CA GLY B 43 -17.40 24.93 21.62
C GLY B 43 -17.28 24.69 23.11
N ALA B 44 -16.08 24.87 23.65
CA ALA B 44 -15.83 24.70 25.08
C ALA B 44 -14.49 25.29 25.50
N ALA B 45 -14.46 25.90 26.67
CA ALA B 45 -13.22 26.45 27.22
C ALA B 45 -12.68 25.53 28.33
N PHE B 46 -11.36 25.50 28.49
CA PHE B 46 -10.75 24.59 29.47
C PHE B 46 -9.94 25.33 30.53
N LEU B 47 -10.20 25.01 31.79
CA LEU B 47 -9.44 25.54 32.91
C LEU B 47 -9.11 24.46 33.93
N THR B 48 -8.20 24.79 34.84
CA THR B 48 -7.88 23.94 35.96
C THR B 48 -7.76 24.80 37.21
N GLN B 49 -8.63 24.55 38.19
CA GLN B 49 -8.56 25.29 39.45
C GLN B 49 -8.29 24.36 40.62
N THR B 50 -7.38 24.76 41.49
CA THR B 50 -6.94 23.91 42.59
C THR B 50 -7.34 24.50 43.94
N VAL B 51 -8.25 23.81 44.64
CA VAL B 51 -8.64 24.19 45.99
C VAL B 51 -8.32 23.05 46.94
N CYS B 52 -8.16 23.35 48.22
CA CYS B 52 -7.89 22.31 49.20
C CYS B 52 -8.91 22.28 50.33
N LEU B 53 -9.79 21.27 50.28
CA LEU B 53 -10.70 21.00 51.38
C LEU B 53 -9.89 20.35 52.49
N ASP B 54 -10.19 20.69 53.74
CA ASP B 54 -9.40 20.27 54.90
C ASP B 54 -7.89 20.30 54.67
N ASP B 55 -7.23 19.17 54.91
CA ASP B 55 -5.78 19.07 54.75
C ASP B 55 -5.39 18.37 53.45
N THR B 56 -6.37 18.07 52.62
CA THR B 56 -6.13 17.35 51.36
C THR B 56 -6.44 18.23 50.14
N THR B 57 -5.54 18.19 49.15
CA THR B 57 -5.70 18.99 47.94
C THR B 57 -6.49 18.26 46.86
N VAL B 58 -7.41 18.97 46.21
CA VAL B 58 -8.11 18.43 45.05
C VAL B 58 -7.92 19.34 43.83
N LYS B 59 -7.94 18.75 42.65
CA LYS B 59 -7.77 19.52 41.41
C LYS B 59 -8.88 19.25 40.41
N PHE B 60 -9.53 20.31 39.95
CA PHE B 60 -10.63 20.18 39.00
C PHE B 60 -10.16 20.32 37.56
N GLU B 61 -10.68 19.46 36.68
CA GLU B 61 -10.50 19.60 35.26
C GLU B 61 -11.82 20.13 34.68
N ILE B 62 -11.96 21.45 34.67
CA ILE B 62 -13.24 22.08 34.36
C ILE B 62 -13.46 22.24 32.86
N TRP B 63 -14.65 21.84 32.40
CA TRP B 63 -15.03 22.00 31.01
C TRP B 63 -16.30 22.81 30.88
N ASP B 64 -16.17 24.11 30.59
CA ASP B 64 -17.32 24.96 30.36
C ASP B 64 -17.82 24.80 28.93
N THR B 65 -18.98 24.17 28.78
CA THR B 65 -19.53 23.85 27.46
C THR B 65 -20.33 24.99 26.85
N ALA B 66 -20.67 24.83 25.57
CA ALA B 66 -21.57 25.77 24.90
C ALA B 66 -23.00 25.29 25.05
N GLY B 67 -23.92 26.22 25.28
CA GLY B 67 -25.29 25.86 25.62
C GLY B 67 -26.26 25.71 24.45
N LEU B 68 -25.83 26.14 23.27
CA LEU B 68 -26.71 26.11 22.09
C LEU B 68 -27.09 24.69 21.68
N GLU B 69 -28.19 24.57 20.95
CA GLU B 69 -28.74 23.26 20.57
C GLU B 69 -27.80 22.46 19.67
N ARG B 70 -26.97 23.16 18.89
CA ARG B 70 -26.06 22.52 17.96
C ARG B 70 -25.00 21.69 18.68
N TYR B 71 -24.48 22.23 19.78
CA TYR B 71 -23.40 21.60 20.53
C TYR B 71 -23.87 20.41 21.37
N HIS B 72 -25.14 20.06 21.24
CA HIS B 72 -25.72 18.95 22.01
C HIS B 72 -25.12 17.61 21.63
N SER B 73 -24.75 17.45 20.36
CA SER B 73 -24.19 16.20 19.87
C SER B 73 -22.74 16.01 20.32
N LEU B 74 -22.13 17.07 20.79
CA LEU B 74 -20.74 17.03 21.24
C LEU B 74 -20.65 16.83 22.75
N ALA B 75 -21.81 16.67 23.39
CA ALA B 75 -21.89 16.53 24.84
C ALA B 75 -21.18 15.30 25.45
N PRO B 76 -21.40 14.09 24.89
CA PRO B 76 -20.78 12.92 25.50
C PRO B 76 -19.25 12.97 25.56
N MET B 77 -18.63 13.78 24.71
CA MET B 77 -17.18 13.97 24.76
C MET B 77 -16.79 14.68 26.06
N TYR B 78 -17.69 15.55 26.54
CA TYR B 78 -17.39 16.37 27.70
C TYR B 78 -17.69 15.74 29.06
N TYR B 79 -18.66 14.83 29.11
CA TYR B 79 -19.02 14.20 30.37
C TYR B 79 -18.65 12.70 30.47
N ARG B 80 -17.87 12.21 29.52
CA ARG B 80 -17.56 10.78 29.48
C ARG B 80 -16.70 10.35 30.66
N GLY B 81 -15.74 11.19 31.03
CA GLY B 81 -14.88 10.90 32.16
C GLY B 81 -15.12 11.84 33.32
N ALA B 82 -16.23 12.57 33.28
CA ALA B 82 -16.57 13.51 34.33
C ALA B 82 -17.01 12.78 35.59
N GLN B 83 -16.46 13.20 36.74
CA GLN B 83 -16.89 12.68 38.03
C GLN B 83 -17.90 13.63 38.66
N ALA B 84 -18.16 14.74 37.98
CA ALA B 84 -19.08 15.75 38.46
C ALA B 84 -19.67 16.55 37.30
N ALA B 85 -20.89 17.06 37.48
CA ALA B 85 -21.54 17.86 36.47
C ALA B 85 -22.47 18.91 37.08
N ILE B 86 -22.26 20.17 36.71
CA ILE B 86 -23.12 21.26 37.17
C ILE B 86 -24.13 21.63 36.09
N VAL B 87 -25.39 21.35 36.34
CA VAL B 87 -26.45 21.74 35.41
C VAL B 87 -27.01 23.09 35.83
N VAL B 88 -26.74 24.12 35.03
CA VAL B 88 -27.12 25.49 35.37
C VAL B 88 -28.33 25.96 34.58
N TYR B 89 -29.34 26.45 35.30
CA TYR B 89 -30.51 27.05 34.67
C TYR B 89 -30.71 28.49 35.11
N ASP B 90 -31.71 29.15 34.55
CA ASP B 90 -32.03 30.53 34.90
C ASP B 90 -33.35 30.57 35.66
N ILE B 91 -33.39 31.36 36.74
CA ILE B 91 -34.62 31.49 37.52
C ILE B 91 -35.53 32.55 36.90
N THR B 92 -35.01 33.28 35.93
CA THR B 92 -35.80 34.27 35.20
C THR B 92 -36.32 33.67 33.90
N ASN B 93 -36.17 32.36 33.76
CA ASN B 93 -36.63 31.64 32.59
C ASN B 93 -37.02 30.21 32.95
N THR B 94 -38.32 29.93 32.93
CA THR B 94 -38.85 28.62 33.29
C THR B 94 -38.33 27.52 32.35
N ASP B 95 -38.17 27.86 31.08
CA ASP B 95 -37.75 26.89 30.07
C ASP B 95 -36.30 26.42 30.24
N THR B 96 -35.44 27.32 30.71
CA THR B 96 -34.06 26.94 30.99
C THR B 96 -34.02 25.87 32.07
N PHE B 97 -34.87 26.02 33.08
CA PHE B 97 -35.01 25.02 34.13
C PHE B 97 -35.61 23.74 33.58
N ALA B 98 -36.53 23.90 32.63
CA ALA B 98 -37.16 22.75 31.98
C ALA B 98 -36.16 21.98 31.13
N ARG B 99 -35.17 22.70 30.60
CA ARG B 99 -34.12 22.08 29.79
C ARG B 99 -33.14 21.34 30.69
N ALA B 100 -32.89 21.91 31.87
CA ALA B 100 -32.00 21.32 32.85
C ALA B 100 -32.47 19.93 33.26
N LYS B 101 -33.77 19.73 33.26
CA LYS B 101 -34.36 18.44 33.58
C LYS B 101 -33.96 17.39 32.53
N ASN B 102 -33.82 17.83 31.29
CA ASN B 102 -33.41 16.94 30.20
C ASN B 102 -31.94 16.56 30.29
N TRP B 103 -31.11 17.53 30.70
CA TRP B 103 -29.68 17.28 30.87
C TRP B 103 -29.43 16.25 31.97
N VAL B 104 -30.06 16.47 33.12
CA VAL B 104 -29.97 15.54 34.24
C VAL B 104 -30.42 14.15 33.81
N LYS B 105 -31.58 14.06 33.19
CA LYS B 105 -32.13 12.79 32.75
C LYS B 105 -31.26 12.16 31.67
N GLU B 106 -30.55 12.99 30.92
CA GLU B 106 -29.59 12.49 29.92
C GLU B 106 -28.30 12.10 30.60
N LEU B 107 -27.90 12.86 31.62
CA LEU B 107 -26.73 12.53 32.42
C LEU B 107 -26.91 11.17 33.09
N GLN B 108 -28.05 10.97 33.73
CA GLN B 108 -28.34 9.73 34.44
C GLN B 108 -28.30 8.52 33.50
N ARG B 109 -28.77 8.72 32.27
CA ARG B 109 -28.80 7.65 31.28
C ARG B 109 -27.40 7.30 30.76
N GLN B 110 -26.65 8.31 30.36
CA GLN B 110 -25.44 8.11 29.56
C GLN B 110 -24.11 8.31 30.31
N ALA B 111 -24.09 9.22 31.28
CA ALA B 111 -22.84 9.50 32.00
C ALA B 111 -22.44 8.36 32.94
N SER B 112 -21.39 8.59 33.71
CA SER B 112 -20.94 7.62 34.70
C SER B 112 -21.98 7.50 35.80
N PRO B 113 -22.23 6.28 36.29
CA PRO B 113 -23.26 6.08 37.31
C PRO B 113 -22.86 6.70 38.65
N ASN B 114 -21.57 6.86 38.88
CA ASN B 114 -21.07 7.43 40.12
C ASN B 114 -20.70 8.90 39.98
N ILE B 115 -21.44 9.62 39.15
CA ILE B 115 -21.17 11.04 38.93
C ILE B 115 -21.87 11.91 39.98
N VAL B 116 -21.19 12.94 40.44
CA VAL B 116 -21.76 13.86 41.42
C VAL B 116 -22.48 15.00 40.71
N ILE B 117 -23.70 14.74 40.24
CA ILE B 117 -24.49 15.75 39.56
C ILE B 117 -24.93 16.84 40.53
N ALA B 118 -24.71 18.09 40.14
CA ALA B 118 -25.20 19.22 40.91
C ALA B 118 -26.24 19.97 40.10
N LEU B 119 -27.16 20.64 40.78
CA LEU B 119 -28.13 21.50 40.13
C LEU B 119 -27.98 22.91 40.66
N ALA B 120 -28.01 23.89 39.76
CA ALA B 120 -27.84 25.29 40.17
C ALA B 120 -28.87 26.20 39.51
N GLY B 121 -29.51 27.03 40.33
CA GLY B 121 -30.41 28.05 39.82
C GLY B 121 -29.71 29.40 39.85
N ASN B 122 -29.15 29.80 38.71
CA ASN B 122 -28.36 31.02 38.63
C ASN B 122 -29.21 32.24 38.32
N LYS B 123 -28.57 33.41 38.30
CA LYS B 123 -29.24 34.71 38.19
C LYS B 123 -30.22 34.89 39.35
N ALA B 124 -29.83 34.41 40.52
CA ALA B 124 -30.68 34.47 41.72
C ALA B 124 -30.72 35.88 42.31
N ASP B 125 -29.90 36.78 41.76
CA ASP B 125 -29.92 38.17 42.19
C ASP B 125 -31.07 38.91 41.52
N LEU B 126 -31.59 38.32 40.44
CA LEU B 126 -32.71 38.89 39.72
C LEU B 126 -34.03 38.35 40.27
N ALA B 127 -34.23 38.50 41.57
CA ALA B 127 -35.47 38.06 42.21
C ALA B 127 -36.66 38.86 41.69
N SER B 128 -36.38 40.06 41.19
CA SER B 128 -37.39 40.92 40.60
C SER B 128 -38.10 40.22 39.43
N LYS B 129 -37.34 39.48 38.63
CA LYS B 129 -37.87 38.83 37.46
C LYS B 129 -37.87 37.31 37.60
N ARG B 130 -37.72 36.84 38.84
CA ARG B 130 -37.74 35.42 39.15
C ARG B 130 -38.99 34.73 38.61
N ALA B 131 -38.80 33.61 37.93
CA ALA B 131 -39.90 32.86 37.34
C ALA B 131 -40.02 31.45 37.91
N VAL B 132 -38.89 30.86 38.25
CA VAL B 132 -38.87 29.52 38.86
C VAL B 132 -38.96 29.64 40.37
N GLU B 133 -39.62 28.69 41.02
CA GLU B 133 -39.78 28.73 42.46
C GLU B 133 -38.75 27.84 43.17
N PHE B 134 -38.07 28.41 44.16
CA PHE B 134 -37.03 27.71 44.90
C PHE B 134 -37.54 26.44 45.58
N GLN B 135 -38.79 26.47 46.00
CA GLN B 135 -39.40 25.31 46.64
C GLN B 135 -39.61 24.19 45.64
N GLU B 136 -39.82 24.55 44.37
CA GLU B 136 -40.05 23.59 43.31
C GLU B 136 -38.75 22.89 42.90
N ALA B 137 -37.71 23.68 42.66
CA ALA B 137 -36.42 23.14 42.26
C ALA B 137 -35.79 22.30 43.36
N GLN B 138 -35.93 22.77 44.60
CA GLN B 138 -35.45 22.02 45.76
C GLN B 138 -36.16 20.68 45.85
N ALA B 139 -37.43 20.67 45.43
CA ALA B 139 -38.20 19.43 45.42
C ALA B 139 -37.72 18.50 44.31
N TYR B 140 -37.65 19.01 43.09
CA TYR B 140 -37.20 18.21 41.95
C TYR B 140 -35.79 17.68 42.13
N ALA B 141 -34.94 18.46 42.80
CA ALA B 141 -33.58 18.03 43.09
C ALA B 141 -33.56 16.90 44.10
N ASP B 142 -34.24 17.12 45.23
CA ASP B 142 -34.30 16.12 46.30
C ASP B 142 -34.93 14.81 45.82
N ASP B 143 -35.76 14.90 44.79
CA ASP B 143 -36.36 13.71 44.20
C ASP B 143 -35.38 13.01 43.28
N ASN B 144 -34.43 13.76 42.75
CA ASN B 144 -33.49 13.23 41.77
C ASN B 144 -32.05 13.11 42.26
N SER B 145 -31.88 13.13 43.59
CA SER B 145 -30.59 12.90 44.23
C SER B 145 -29.51 13.92 43.84
N LEU B 146 -29.92 15.17 43.65
CA LEU B 146 -29.00 16.21 43.18
C LEU B 146 -28.46 17.07 44.32
N LEU B 147 -27.57 18.00 43.97
CA LEU B 147 -27.02 18.96 44.91
C LEU B 147 -27.46 20.35 44.49
N PHE B 148 -28.60 20.80 45.02
CA PHE B 148 -29.20 22.05 44.57
C PHE B 148 -28.87 23.27 45.44
N MET B 149 -28.41 24.33 44.79
CA MET B 149 -28.18 25.62 45.43
C MET B 149 -28.72 26.72 44.54
N GLU B 150 -28.70 27.94 45.05
CA GLU B 150 -28.98 29.12 44.24
C GLU B 150 -27.75 30.00 44.15
N THR B 151 -27.19 30.10 42.95
CA THR B 151 -25.94 30.82 42.75
C THR B 151 -26.17 32.21 42.14
N SER B 152 -25.11 33.01 42.13
CA SER B 152 -25.15 34.34 41.52
C SER B 152 -23.74 34.85 41.25
N ALA B 153 -23.32 34.82 40.00
CA ALA B 153 -21.99 35.28 39.62
C ALA B 153 -21.89 36.81 39.69
N LYS B 154 -23.03 37.46 39.87
CA LYS B 154 -23.08 38.91 39.99
C LYS B 154 -22.79 39.35 41.42
N THR B 155 -23.08 38.48 42.38
CA THR B 155 -22.86 38.80 43.78
C THR B 155 -22.08 37.71 44.51
N ALA B 156 -21.41 36.85 43.74
CA ALA B 156 -20.58 35.76 44.27
C ALA B 156 -21.34 34.78 45.19
N MET B 157 -22.66 34.88 45.19
CA MET B 157 -23.50 34.06 46.06
C MET B 157 -23.45 32.58 45.70
N ASN B 158 -23.11 31.74 46.67
CA ASN B 158 -23.11 30.28 46.52
C ASN B 158 -22.26 29.73 45.37
N VAL B 159 -21.37 30.56 44.81
CA VAL B 159 -20.51 30.10 43.73
C VAL B 159 -19.44 29.15 44.24
N ASN B 160 -18.67 29.60 45.22
CA ASN B 160 -17.64 28.78 45.82
C ASN B 160 -18.25 27.67 46.67
N GLU B 161 -19.46 27.90 47.16
CA GLU B 161 -20.15 26.94 48.01
C GLU B 161 -20.57 25.67 47.25
N ILE B 162 -21.13 25.83 46.05
CA ILE B 162 -21.62 24.69 45.28
C ILE B 162 -20.49 23.79 44.77
N PHE B 163 -19.37 24.41 44.37
CA PHE B 163 -18.23 23.66 43.86
C PHE B 163 -17.63 22.77 44.95
N MET B 164 -17.30 23.37 46.09
CA MET B 164 -16.69 22.64 47.18
C MET B 164 -17.63 21.61 47.78
N ALA B 165 -18.94 21.85 47.67
CA ALA B 165 -19.93 20.91 48.14
C ALA B 165 -19.88 19.62 47.33
N ILE B 166 -19.44 19.72 46.08
CA ILE B 166 -19.24 18.57 45.22
C ILE B 166 -17.98 17.83 45.65
N ALA B 167 -16.94 18.59 45.99
CA ALA B 167 -15.67 18.02 46.44
C ALA B 167 -15.86 17.16 47.68
N LYS B 168 -16.82 17.53 48.52
CA LYS B 168 -17.12 16.78 49.73
C LYS B 168 -17.58 15.37 49.40
N LYS B 169 -18.34 15.24 48.31
CA LYS B 169 -18.84 13.95 47.88
C LYS B 169 -17.80 13.20 47.05
N LEU B 170 -16.84 13.93 46.52
CA LEU B 170 -15.76 13.33 45.72
C LEU B 170 -14.85 12.46 46.57
N GLY C 4 34.27 33.00 31.68
CA GLY C 4 35.71 33.20 31.63
C GLY C 4 36.13 34.57 32.09
N SER C 5 35.14 35.44 32.34
CA SER C 5 35.42 36.79 32.78
C SER C 5 35.45 36.89 34.30
N GLU C 6 36.19 37.86 34.82
CA GLU C 6 36.33 38.05 36.26
C GLU C 6 36.04 39.49 36.68
N ILE C 7 35.71 39.67 37.95
CA ILE C 7 35.49 41.00 38.51
C ILE C 7 36.61 41.29 39.50
N SER C 8 37.16 42.50 39.46
CA SER C 8 38.28 42.86 40.34
C SER C 8 38.05 44.17 41.08
N LYS C 9 38.54 44.24 42.31
CA LYS C 9 38.52 45.47 43.09
C LYS C 9 39.77 46.27 42.72
N THR C 10 39.58 47.45 42.15
CA THR C 10 40.68 48.24 41.64
C THR C 10 40.90 49.54 42.40
N GLU C 11 41.94 50.29 42.02
CA GLU C 11 42.23 51.58 42.61
C GLU C 11 41.14 52.60 42.27
N ALA C 12 41.31 53.83 42.76
CA ALA C 12 40.36 54.93 42.56
C ALA C 12 38.98 54.68 43.19
N GLY C 13 38.79 53.49 43.74
CA GLY C 13 37.57 53.15 44.44
C GLY C 13 36.46 52.59 43.55
N GLN C 14 36.83 51.82 42.54
CA GLN C 14 35.86 51.27 41.60
C GLN C 14 36.21 49.85 41.15
N TYR C 15 35.32 49.26 40.35
CA TYR C 15 35.46 47.86 39.93
C TYR C 15 35.33 47.74 38.42
N SER C 16 36.26 47.02 37.80
CA SER C 16 36.23 46.82 36.35
C SER C 16 36.27 45.34 35.97
N VAL C 17 35.52 44.98 34.94
CA VAL C 17 35.48 43.61 34.44
C VAL C 17 36.78 43.27 33.71
N SER C 18 37.06 41.98 33.58
CA SER C 18 38.25 41.53 32.88
C SER C 18 38.19 41.96 31.41
N ALA C 19 39.32 42.40 30.88
CA ALA C 19 39.40 42.85 29.50
C ALA C 19 39.07 41.72 28.52
N PRO C 20 38.31 42.04 27.46
CA PRO C 20 37.93 41.04 26.46
C PRO C 20 39.09 40.66 25.56
N GLU C 21 39.23 39.37 25.28
CA GLU C 21 40.32 38.88 24.43
C GLU C 21 39.82 38.53 23.03
N HIS C 22 40.27 39.28 22.04
CA HIS C 22 39.89 39.03 20.66
C HIS C 22 40.96 38.21 19.94
N LYS C 23 40.54 37.21 19.18
CA LYS C 23 41.46 36.31 18.51
C LYS C 23 41.28 36.33 17.00
N GLY C 24 40.46 37.27 16.52
CA GLY C 24 40.19 37.37 15.10
C GLY C 24 39.93 38.79 14.62
N LEU C 25 40.24 39.05 13.37
CA LEU C 25 39.98 40.34 12.74
C LEU C 25 39.49 40.14 11.32
N VAL C 26 38.38 40.76 10.97
CA VAL C 26 37.80 40.59 9.64
C VAL C 26 37.41 41.92 8.98
N LEU C 27 37.92 42.14 7.78
CA LEU C 27 37.67 43.38 7.05
C LEU C 27 36.61 43.16 5.95
N SER C 28 35.54 43.95 6.02
CA SER C 28 34.39 43.76 5.14
C SER C 28 34.70 43.90 3.66
N GLY C 29 33.83 43.33 2.82
CA GLY C 29 33.97 43.44 1.39
C GLY C 29 33.12 44.56 0.83
N GLY C 30 33.74 45.72 0.61
CA GLY C 30 33.03 46.87 0.08
C GLY C 30 33.82 47.57 -1.00
N GLY C 31 33.49 48.84 -1.23
CA GLY C 31 34.18 49.62 -2.24
C GLY C 31 35.24 50.51 -1.64
N ALA C 32 35.58 50.25 -0.38
CA ALA C 32 36.57 51.05 0.34
C ALA C 32 37.93 51.08 -0.36
N LYS C 33 38.71 52.12 -0.07
CA LYS C 33 40.08 52.20 -0.58
C LYS C 33 41.04 51.87 0.56
N GLY C 34 42.14 51.19 0.21
CA GLY C 34 43.05 50.62 1.20
C GLY C 34 43.64 51.56 2.24
N ILE C 35 43.50 52.86 2.03
CA ILE C 35 44.04 53.84 2.97
C ILE C 35 43.13 53.99 4.18
N SER C 36 41.90 53.48 4.06
CA SER C 36 40.91 53.59 5.11
C SER C 36 41.20 52.69 6.31
N TYR C 37 42.06 51.70 6.10
CA TYR C 37 42.38 50.73 7.14
C TYR C 37 43.68 51.06 7.88
N LEU C 38 44.34 52.15 7.46
CA LEU C 38 45.63 52.51 8.04
C LEU C 38 45.51 52.94 9.50
N GLY C 39 44.57 53.84 9.78
CA GLY C 39 44.36 54.34 11.12
C GLY C 39 43.81 53.30 12.08
N MET C 40 43.17 52.27 11.53
CA MET C 40 42.61 51.19 12.35
C MET C 40 43.73 50.30 12.88
N ILE C 41 44.74 50.04 12.05
CA ILE C 41 45.88 49.23 12.45
C ILE C 41 46.76 49.94 13.48
N GLN C 42 46.99 51.24 13.28
CA GLN C 42 47.74 52.05 14.22
C GLN C 42 47.12 52.03 15.61
N ALA C 43 45.79 52.04 15.64
CA ALA C 43 45.05 52.00 16.89
C ALA C 43 45.22 50.67 17.61
N LEU C 44 45.09 49.58 16.87
CA LEU C 44 45.17 48.24 17.43
C LEU C 44 46.56 47.94 18.01
N GLN C 45 47.60 48.42 17.33
CA GLN C 45 48.97 48.27 17.82
C GLN C 45 49.16 49.04 19.12
N GLU C 46 48.61 50.25 19.18
CA GLU C 46 48.68 51.08 20.37
C GLU C 46 48.01 50.38 21.54
N ARG C 47 46.87 49.74 21.29
CA ARG C 47 46.13 49.04 22.33
C ARG C 47 46.62 47.60 22.49
N GLY C 48 47.55 47.20 21.62
CA GLY C 48 48.11 45.86 21.68
C GLY C 48 47.09 44.78 21.37
N LYS C 49 46.18 45.07 20.45
CA LYS C 49 45.11 44.14 20.10
C LYS C 49 45.55 43.14 19.03
N ILE C 50 46.70 43.42 18.40
CA ILE C 50 47.18 42.63 17.27
C ILE C 50 47.89 41.33 17.69
N LYS C 51 48.74 41.43 18.71
CA LYS C 51 49.53 40.30 19.19
C LYS C 51 48.63 39.13 19.59
N ASN C 52 47.46 39.44 20.11
CA ASN C 52 46.52 38.44 20.60
C ASN C 52 45.78 37.70 19.49
N LEU C 53 45.66 38.33 18.33
CA LEU C 53 44.95 37.75 17.20
C LEU C 53 45.58 36.43 16.75
N THR C 54 44.76 35.56 16.16
CA THR C 54 45.23 34.30 15.62
C THR C 54 44.78 34.17 14.17
N HIS C 55 43.56 34.64 13.91
CA HIS C 55 42.99 34.57 12.57
C HIS C 55 42.73 35.98 12.02
N VAL C 56 42.86 36.13 10.70
CA VAL C 56 42.56 37.39 10.05
C VAL C 56 41.94 37.17 8.67
N SER C 57 40.75 37.74 8.46
CA SER C 57 40.03 37.56 7.21
C SER C 57 39.79 38.90 6.51
N GLY C 58 39.49 38.86 5.22
CA GLY C 58 39.27 40.08 4.47
C GLY C 58 38.86 39.86 3.02
N ALA C 59 38.12 40.82 2.48
CA ALA C 59 37.71 40.80 1.07
C ALA C 59 37.89 42.19 0.47
N SER C 60 37.86 42.25 -0.86
CA SER C 60 38.08 43.51 -1.58
C SER C 60 39.41 44.16 -1.24
N ALA C 61 39.37 45.46 -0.94
CA ALA C 61 40.58 46.20 -0.59
C ALA C 61 41.17 45.69 0.73
N GLY C 62 40.31 45.15 1.58
CA GLY C 62 40.74 44.66 2.88
C GLY C 62 41.39 43.28 2.79
N ALA C 63 41.53 42.77 1.58
CA ALA C 63 42.22 41.48 1.38
C ALA C 63 43.73 41.68 1.40
N MET C 64 44.19 42.81 0.86
CA MET C 64 45.60 43.17 0.93
C MET C 64 45.99 43.49 2.36
N THR C 65 45.18 44.31 3.01
CA THR C 65 45.42 44.75 4.38
C THR C 65 45.47 43.57 5.35
N ALA C 66 44.64 42.56 5.12
CA ALA C 66 44.62 41.38 5.97
C ALA C 66 45.83 40.49 5.68
N SER C 67 46.25 40.45 4.42
CA SER C 67 47.35 39.58 4.00
C SER C 67 48.72 40.11 4.44
N ILE C 68 48.86 41.43 4.53
CA ILE C 68 50.10 42.04 5.00
C ILE C 68 50.17 42.01 6.52
N LEU C 69 49.05 41.67 7.14
CA LEU C 69 48.99 41.46 8.59
C LEU C 69 49.24 39.99 8.90
N ALA C 70 48.75 39.12 8.03
CA ALA C 70 48.91 37.68 8.18
C ALA C 70 50.35 37.25 7.93
N VAL C 71 51.09 38.09 7.22
CA VAL C 71 52.47 37.81 6.88
C VAL C 71 53.41 38.31 7.99
N GLY C 72 52.88 39.12 8.89
CA GLY C 72 53.63 39.61 10.03
C GLY C 72 54.52 40.81 9.76
N MET C 73 54.06 41.70 8.89
CA MET C 73 54.81 42.90 8.56
C MET C 73 54.84 43.87 9.74
N ASP C 74 55.97 44.55 9.93
CA ASP C 74 56.12 45.52 11.00
C ASP C 74 55.23 46.73 10.79
N ILE C 75 54.82 47.37 11.89
CA ILE C 75 53.94 48.54 11.83
C ILE C 75 54.55 49.70 11.06
N LYS C 76 55.87 49.85 11.17
CA LYS C 76 56.59 50.90 10.46
C LYS C 76 56.47 50.72 8.95
N ASP C 77 56.64 49.47 8.52
CA ASP C 77 56.59 49.15 7.09
C ASP C 77 55.16 49.25 6.55
N ILE C 78 54.17 48.95 7.38
CA ILE C 78 52.77 48.99 6.96
C ILE C 78 52.33 50.40 6.56
N LYS C 79 52.60 51.37 7.42
CA LYS C 79 52.24 52.76 7.15
C LYS C 79 52.84 53.24 5.83
N LYS C 80 54.07 52.83 5.56
CA LYS C 80 54.74 53.20 4.32
C LYS C 80 54.15 52.45 3.14
N LEU C 81 53.85 51.17 3.35
CA LEU C 81 53.29 50.32 2.29
C LEU C 81 51.86 50.74 1.96
N ILE C 82 51.10 51.15 2.97
CA ILE C 82 49.72 51.57 2.77
C ILE C 82 49.64 52.95 2.10
N GLU C 83 50.40 53.90 2.62
CA GLU C 83 50.42 55.26 2.06
C GLU C 83 51.05 55.29 0.68
N GLY C 84 52.21 54.67 0.55
CA GLY C 84 52.99 54.72 -0.68
C GLY C 84 52.37 54.01 -1.87
N LEU C 85 51.89 52.79 -1.65
CA LEU C 85 51.34 51.99 -2.73
C LEU C 85 50.03 52.55 -3.26
N ASP C 86 50.13 53.50 -4.20
CA ASP C 86 48.95 54.01 -4.87
C ASP C 86 48.43 52.97 -5.85
N ILE C 87 47.19 52.52 -5.62
CA ILE C 87 46.58 51.46 -6.42
C ILE C 87 46.48 51.86 -7.89
N THR C 88 46.42 53.17 -8.13
CA THR C 88 46.34 53.71 -9.49
C THR C 88 47.50 53.26 -10.36
N LYS C 89 48.70 53.23 -9.77
CA LYS C 89 49.93 52.93 -10.49
C LYS C 89 49.94 51.52 -11.09
N LEU C 90 49.40 50.56 -10.35
CA LEU C 90 49.50 49.16 -10.73
C LEU C 90 48.40 48.74 -11.71
N LEU C 91 47.88 49.71 -12.46
CA LEU C 91 46.86 49.43 -13.46
C LEU C 91 47.46 49.13 -14.83
N ASP C 92 47.73 47.84 -15.07
CA ASP C 92 48.36 47.40 -16.30
C ASP C 92 47.37 47.34 -17.46
N ASN C 93 46.83 48.50 -17.84
CA ASN C 93 45.89 48.59 -18.95
C ASN C 93 46.59 48.31 -20.27
N SER C 94 46.37 47.11 -20.82
CA SER C 94 46.96 46.74 -22.10
C SER C 94 46.21 47.36 -23.26
N GLY C 95 46.26 48.69 -23.35
CA GLY C 95 45.55 49.44 -24.36
C GLY C 95 44.91 50.68 -23.78
N VAL C 96 44.60 51.64 -24.63
CA VAL C 96 43.91 52.86 -24.20
C VAL C 96 42.40 52.68 -24.34
N GLY C 97 41.69 52.83 -23.23
CA GLY C 97 40.27 52.57 -23.20
C GLY C 97 39.99 51.12 -22.85
N PHE C 98 40.94 50.51 -22.14
CA PHE C 98 40.84 49.12 -21.72
C PHE C 98 40.97 49.01 -20.20
N ARG C 99 40.88 47.79 -19.69
CA ARG C 99 41.00 47.57 -18.24
C ARG C 99 42.32 46.89 -17.89
N ALA C 100 42.57 46.75 -16.60
CA ALA C 100 43.79 46.10 -16.12
C ALA C 100 43.65 44.58 -16.16
N ARG C 101 44.69 43.91 -16.61
CA ARG C 101 44.70 42.45 -16.63
C ARG C 101 44.82 41.94 -15.20
N GLY C 102 45.52 42.69 -14.36
CA GLY C 102 45.62 42.36 -12.95
C GLY C 102 46.92 41.69 -12.54
N ASP C 103 47.70 41.24 -13.52
CA ASP C 103 48.92 40.49 -13.22
C ASP C 103 50.12 41.36 -12.85
N ARG C 104 49.92 42.67 -12.75
CA ARG C 104 50.96 43.55 -12.23
C ARG C 104 50.73 43.80 -10.76
N PHE C 105 49.48 44.06 -10.40
CA PHE C 105 49.08 44.20 -9.01
C PHE C 105 49.37 42.89 -8.28
N ARG C 106 49.23 41.78 -8.99
CA ARG C 106 49.48 40.46 -8.44
C ARG C 106 50.97 40.24 -8.18
N ASN C 107 51.81 40.83 -9.04
CA ASN C 107 53.25 40.69 -8.90
C ASN C 107 53.84 41.55 -7.78
N ILE C 108 53.24 42.72 -7.56
CA ILE C 108 53.63 43.58 -6.44
C ILE C 108 53.41 42.85 -5.12
N LEU C 109 52.27 42.18 -5.01
CA LEU C 109 51.94 41.40 -3.83
C LEU C 109 52.98 40.30 -3.57
N ASP C 110 53.33 39.56 -4.62
CA ASP C 110 54.33 38.50 -4.52
C ASP C 110 55.71 39.02 -4.10
N VAL C 111 56.02 40.23 -4.53
CA VAL C 111 57.25 40.90 -4.11
C VAL C 111 57.20 41.21 -2.61
N ILE C 112 56.08 41.78 -2.18
CA ILE C 112 55.85 42.11 -0.78
C ILE C 112 55.90 40.86 0.11
N TYR C 113 55.27 39.79 -0.34
CA TYR C 113 55.21 38.55 0.43
C TYR C 113 56.58 37.90 0.59
N MET C 114 57.28 37.70 -0.51
CA MET C 114 58.61 37.07 -0.48
C MET C 114 59.61 37.88 0.34
N MET C 115 59.40 39.21 0.38
CA MET C 115 60.29 40.09 1.12
C MET C 115 60.15 39.87 2.63
N GLN C 116 58.93 40.02 3.13
CA GLN C 116 58.67 39.86 4.55
C GLN C 116 58.85 38.42 5.00
N MET C 117 58.40 37.47 4.17
CA MET C 117 58.55 36.06 4.50
C MET C 117 60.03 35.64 4.53
N LYS C 118 60.89 36.44 3.92
CA LYS C 118 62.32 36.17 3.96
C LYS C 118 62.94 36.65 5.27
N LYS C 119 62.59 37.88 5.66
CA LYS C 119 63.13 38.48 6.88
C LYS C 119 62.77 37.68 8.12
N HIS C 120 61.73 36.85 8.02
CA HIS C 120 61.36 35.95 9.11
C HIS C 120 62.08 34.62 8.96
N LEU C 121 62.30 34.20 7.71
CA LEU C 121 63.06 33.00 7.44
C LEU C 121 64.51 33.18 7.90
N GLU C 122 65.01 34.40 7.78
CA GLU C 122 66.37 34.73 8.19
C GLU C 122 66.53 34.74 9.70
N SER C 123 65.41 34.85 10.42
CA SER C 123 65.45 34.93 11.87
C SER C 123 65.29 33.56 12.53
N VAL C 124 65.23 32.51 11.71
CA VAL C 124 65.13 31.15 12.22
C VAL C 124 66.52 30.60 12.53
N GLN C 125 66.75 30.26 13.80
CA GLN C 125 68.06 29.80 14.23
C GLN C 125 68.41 28.40 13.74
N GLN C 126 69.49 28.31 12.98
CA GLN C 126 70.05 27.02 12.58
C GLN C 126 70.90 26.50 13.75
N PRO C 127 71.13 25.17 13.82
CA PRO C 127 70.76 24.09 12.90
C PRO C 127 69.26 23.85 12.83
N ILE C 128 68.76 23.54 11.64
CA ILE C 128 67.34 23.30 11.43
C ILE C 128 67.01 21.84 11.68
N PRO C 129 66.12 21.58 12.65
CA PRO C 129 65.67 20.22 12.97
C PRO C 129 65.03 19.54 11.76
N PRO C 130 65.45 18.31 11.45
CA PRO C 130 65.01 17.54 10.28
C PRO C 130 63.50 17.35 10.22
N GLU C 131 62.83 17.48 11.36
CA GLU C 131 61.38 17.43 11.42
C GLU C 131 60.78 18.66 10.77
N GLN C 132 61.59 19.70 10.63
CA GLN C 132 61.11 20.99 10.13
C GLN C 132 61.95 21.48 8.95
N GLN C 133 62.89 20.66 8.50
CA GLN C 133 63.79 21.06 7.42
C GLN C 133 63.21 20.69 6.05
N MET C 134 62.04 20.06 6.06
CA MET C 134 61.31 19.81 4.83
C MET C 134 60.50 21.08 4.50
N ASN C 135 60.13 21.80 5.56
CA ASN C 135 59.45 23.08 5.41
C ASN C 135 60.41 24.18 4.96
N TYR C 136 61.60 24.21 5.56
CA TYR C 136 62.60 25.22 5.27
C TYR C 136 63.02 25.18 3.81
N GLY C 137 63.29 23.98 3.31
CA GLY C 137 63.71 23.79 1.93
C GLY C 137 62.71 24.35 0.93
N ILE C 138 61.43 24.07 1.15
CA ILE C 138 60.38 24.52 0.25
C ILE C 138 60.23 26.05 0.28
N LEU C 139 60.29 26.62 1.48
CA LEU C 139 60.17 28.07 1.63
C LEU C 139 61.31 28.84 0.98
N LYS C 140 62.55 28.41 1.24
CA LYS C 140 63.72 29.12 0.75
C LYS C 140 63.97 28.88 -0.74
N GLN C 141 63.55 27.72 -1.24
CA GLN C 141 63.69 27.42 -2.67
C GLN C 141 62.70 28.25 -3.48
N LYS C 142 61.61 28.67 -2.84
CA LYS C 142 60.64 29.55 -3.47
C LYS C 142 61.15 30.98 -3.54
N ILE C 143 61.67 31.47 -2.42
CA ILE C 143 62.24 32.81 -2.36
C ILE C 143 63.43 32.92 -3.31
N ALA C 144 64.16 31.83 -3.46
CA ALA C 144 65.25 31.76 -4.43
C ALA C 144 64.73 32.02 -5.85
N LEU C 145 63.71 31.25 -6.24
CA LEU C 145 63.07 31.39 -7.53
C LEU C 145 62.56 32.81 -7.75
N TYR C 146 61.93 33.37 -6.73
CA TYR C 146 61.45 34.75 -6.78
C TYR C 146 62.59 35.75 -6.93
N GLU C 147 63.58 35.66 -6.05
CA GLU C 147 64.72 36.56 -6.06
C GLU C 147 65.58 36.44 -7.32
N ASP C 148 65.66 35.23 -7.86
CA ASP C 148 66.46 34.98 -9.06
C ASP C 148 65.87 35.71 -10.26
N LYS C 149 64.58 35.54 -10.49
CA LYS C 149 63.90 36.17 -11.62
C LYS C 149 64.01 37.69 -11.59
N LEU C 150 64.05 38.26 -10.40
CA LEU C 150 64.17 39.70 -10.25
C LEU C 150 65.58 40.18 -10.60
N SER C 151 66.59 39.47 -10.11
CA SER C 151 67.98 39.80 -10.40
C SER C 151 68.30 39.57 -11.87
N ARG C 152 67.53 38.69 -12.51
CA ARG C 152 67.66 38.42 -13.94
C ARG C 152 67.27 39.65 -14.73
N ALA C 153 66.38 40.45 -14.18
CA ALA C 153 65.92 41.68 -14.82
C ALA C 153 66.52 42.89 -14.13
N GLY C 154 67.26 42.66 -13.05
CA GLY C 154 67.92 43.73 -12.34
C GLY C 154 67.01 44.45 -11.35
N ILE C 155 66.20 43.68 -10.64
CA ILE C 155 65.36 44.25 -9.59
C ILE C 155 65.77 43.71 -8.23
N VAL C 156 66.23 44.60 -7.35
CA VAL C 156 66.68 44.18 -6.03
C VAL C 156 65.71 44.60 -4.93
N ILE C 157 65.17 43.62 -4.22
CA ILE C 157 64.21 43.89 -3.15
C ILE C 157 64.65 43.23 -1.84
N ASN C 158 64.93 44.05 -0.85
CA ASN C 158 65.24 43.58 0.50
C ASN C 158 64.73 44.59 1.53
N ASN C 159 64.12 45.65 1.02
CA ASN C 159 63.55 46.71 1.86
C ASN C 159 62.23 47.20 1.26
N VAL C 160 61.36 47.74 2.11
CA VAL C 160 60.02 48.15 1.69
C VAL C 160 60.04 49.34 0.74
N ASP C 161 61.02 50.23 0.92
CA ASP C 161 61.15 51.39 0.04
C ASP C 161 61.51 50.97 -1.38
N ASP C 162 62.20 49.84 -1.51
CA ASP C 162 62.54 49.29 -2.82
C ASP C 162 61.26 48.94 -3.58
N ILE C 163 60.27 48.44 -2.85
CA ILE C 163 58.96 48.11 -3.42
C ILE C 163 58.21 49.38 -3.85
N ILE C 164 58.27 50.41 -3.01
CA ILE C 164 57.54 51.66 -3.28
C ILE C 164 58.08 52.42 -4.49
N ASN C 165 59.37 52.74 -4.48
CA ASN C 165 59.97 53.50 -5.57
C ASN C 165 60.06 52.70 -6.87
N LEU C 166 59.80 51.40 -6.79
CA LEU C 166 59.67 50.55 -7.96
C LEU C 166 58.47 51.04 -8.76
N THR C 167 57.38 51.29 -8.05
CA THR C 167 56.13 51.73 -8.66
C THR C 167 56.23 53.13 -9.28
N LYS C 168 57.27 53.86 -8.90
CA LYS C 168 57.45 55.22 -9.41
C LYS C 168 58.18 55.23 -10.75
N SER C 169 58.49 54.05 -11.26
CA SER C 169 59.18 53.91 -12.55
C SER C 169 58.57 52.79 -13.39
N VAL C 170 57.87 53.17 -14.44
CA VAL C 170 57.17 52.21 -15.30
C VAL C 170 58.12 51.23 -15.98
N LYS C 171 59.35 51.67 -16.20
CA LYS C 171 60.34 50.87 -16.91
C LYS C 171 60.75 49.62 -16.11
N ASP C 172 61.16 49.82 -14.86
CA ASP C 172 61.54 48.71 -14.00
C ASP C 172 60.30 47.99 -13.45
N LEU C 173 59.14 48.56 -13.72
CA LEU C 173 57.87 47.95 -13.32
C LEU C 173 57.40 47.00 -14.43
N GLU C 174 57.89 47.23 -15.64
CA GLU C 174 57.61 46.36 -16.77
C GLU C 174 58.46 45.10 -16.71
N LYS C 175 59.70 45.25 -16.27
CA LYS C 175 60.60 44.11 -16.11
C LYS C 175 60.06 43.18 -15.04
N LEU C 176 59.47 43.76 -14.00
CA LEU C 176 58.88 43.02 -12.89
C LEU C 176 57.85 42.00 -13.36
N ASP C 177 57.02 42.41 -14.32
CA ASP C 177 56.01 41.52 -14.88
C ASP C 177 56.65 40.37 -15.65
N LYS C 178 57.41 40.70 -16.69
CA LYS C 178 58.06 39.70 -17.54
C LYS C 178 58.86 38.68 -16.72
N ALA C 179 59.48 39.14 -15.65
CA ALA C 179 60.22 38.25 -14.76
C ALA C 179 59.28 37.28 -14.05
N LEU C 180 58.27 37.81 -13.39
CA LEU C 180 57.36 37.00 -12.57
C LEU C 180 56.28 36.27 -13.38
N ASN C 181 55.95 36.78 -14.56
CA ASN C 181 54.99 36.11 -15.42
C ASN C 181 55.56 34.82 -15.99
N SER C 182 56.88 34.68 -15.93
CA SER C 182 57.55 33.48 -16.40
C SER C 182 57.46 32.35 -15.36
N ILE C 183 56.79 32.63 -14.25
CA ILE C 183 56.55 31.62 -13.22
C ILE C 183 55.16 31.03 -13.43
N PRO C 184 55.10 29.75 -13.83
CA PRO C 184 53.84 29.04 -14.13
C PRO C 184 52.81 29.16 -13.02
N THR C 185 51.53 29.12 -13.40
CA THR C 185 50.44 29.17 -12.44
C THR C 185 50.35 27.84 -11.70
N GLU C 186 50.68 26.77 -12.40
CA GLU C 186 50.60 25.42 -11.84
C GLU C 186 51.75 24.59 -12.39
N LEU C 187 51.99 23.44 -11.77
CA LEU C 187 53.06 22.55 -12.21
C LEU C 187 52.64 21.10 -12.10
N LYS C 188 52.48 20.44 -13.25
CA LYS C 188 52.07 19.04 -13.27
C LYS C 188 53.28 18.16 -13.57
N GLY C 189 53.35 17.00 -12.90
CA GLY C 189 54.48 16.12 -13.04
C GLY C 189 54.63 15.50 -14.42
N ALA C 190 55.73 14.78 -14.61
CA ALA C 190 55.99 14.11 -15.89
C ALA C 190 55.22 12.81 -15.98
N LYS C 191 54.50 12.47 -14.92
CA LYS C 191 53.68 11.27 -14.90
C LYS C 191 52.21 11.65 -14.69
N GLY C 192 51.87 12.87 -15.06
CA GLY C 192 50.51 13.37 -14.91
C GLY C 192 50.13 13.58 -13.46
N GLU C 193 51.10 14.04 -12.68
CA GLU C 193 50.91 14.21 -11.23
C GLU C 193 50.63 15.65 -10.86
N GLN C 194 50.54 15.90 -9.55
CA GLN C 194 50.33 17.24 -9.03
C GLN C 194 51.50 17.65 -8.14
N LEU C 195 52.08 18.81 -8.41
CA LEU C 195 53.27 19.25 -7.67
C LEU C 195 52.96 20.36 -6.69
N GLU C 196 53.97 20.73 -5.90
CA GLU C 196 53.86 21.85 -4.96
C GLU C 196 53.86 23.16 -5.74
N ASN C 197 52.92 24.03 -5.44
CA ASN C 197 52.79 25.31 -6.13
C ASN C 197 54.05 26.15 -5.98
N PRO C 198 54.71 26.46 -7.11
CA PRO C 198 55.97 27.23 -7.14
C PRO C 198 55.84 28.61 -6.49
N ARG C 199 54.61 29.08 -6.30
CA ARG C 199 54.38 30.36 -5.66
C ARG C 199 54.15 30.22 -4.16
N LEU C 200 54.26 31.34 -3.44
CA LEU C 200 53.97 31.36 -2.02
C LEU C 200 52.48 31.15 -1.80
N THR C 201 52.13 30.09 -1.08
CA THR C 201 50.73 29.73 -0.87
C THR C 201 50.23 30.13 0.51
N LEU C 202 48.93 29.93 0.75
CA LEU C 202 48.36 30.15 2.07
C LEU C 202 48.97 29.17 3.07
N GLY C 203 49.24 27.96 2.59
CA GLY C 203 49.82 26.92 3.42
C GLY C 203 51.26 27.22 3.82
N ASP C 204 51.95 28.00 3.01
CA ASP C 204 53.33 28.37 3.30
C ASP C 204 53.42 29.33 4.48
N LEU C 205 52.30 29.99 4.77
CA LEU C 205 52.21 30.83 5.96
C LEU C 205 52.17 29.94 7.20
N GLY C 206 51.57 28.76 7.06
CA GLY C 206 51.57 27.78 8.13
C GLY C 206 52.94 27.13 8.27
N ARG C 207 53.62 26.94 7.14
CA ARG C 207 54.97 26.38 7.13
C ARG C 207 55.95 27.33 7.79
N LEU C 208 55.73 28.63 7.62
CA LEU C 208 56.61 29.64 8.18
C LEU C 208 56.43 29.73 9.69
N ARG C 209 55.19 29.58 10.15
CA ARG C 209 54.88 29.68 11.57
C ARG C 209 55.41 28.46 12.34
N GLU C 210 55.35 27.29 11.72
CA GLU C 210 55.89 26.07 12.33
C GLU C 210 57.41 26.19 12.47
N LEU C 211 58.00 27.03 11.64
CA LEU C 211 59.45 27.14 11.56
C LEU C 211 59.99 28.24 12.48
N LEU C 212 59.08 29.06 13.00
CA LEU C 212 59.46 30.18 13.87
C LEU C 212 59.60 29.77 15.34
N PRO C 213 60.30 30.59 16.13
CA PRO C 213 60.36 30.36 17.58
C PRO C 213 58.98 30.47 18.21
N GLU C 214 58.74 29.74 19.29
CA GLU C 214 57.44 29.73 19.96
C GLU C 214 57.07 31.12 20.49
N GLU C 215 58.07 31.98 20.63
CA GLU C 215 57.86 33.35 21.08
C GLU C 215 57.41 34.23 19.91
N ASN C 216 57.85 33.88 18.70
CA ASN C 216 57.54 34.67 17.52
C ASN C 216 56.51 34.01 16.59
N LYS C 217 55.89 32.92 17.06
CA LYS C 217 54.87 32.22 16.28
C LYS C 217 53.60 33.05 16.11
N HIS C 218 53.50 34.14 16.85
CA HIS C 218 52.33 35.01 16.81
C HIS C 218 52.41 35.98 15.64
N LEU C 219 53.56 36.00 14.96
CA LEU C 219 53.77 36.93 13.85
C LEU C 219 52.94 36.55 12.62
N ILE C 220 52.81 35.25 12.37
CA ILE C 220 52.04 34.78 11.22
C ILE C 220 50.61 34.44 11.63
N LYS C 221 49.65 35.09 10.99
CA LYS C 221 48.24 34.90 11.33
C LYS C 221 47.54 34.05 10.27
N ASN C 222 46.53 33.29 10.69
CA ASN C 222 45.76 32.46 9.77
C ASN C 222 44.92 33.33 8.83
N LEU C 223 45.30 33.36 7.55
CA LEU C 223 44.64 34.24 6.59
C LEU C 223 43.41 33.61 5.94
N SER C 224 42.40 34.45 5.70
CA SER C 224 41.20 34.02 5.01
C SER C 224 40.78 35.09 4.01
N VAL C 225 40.57 34.70 2.76
CA VAL C 225 40.15 35.64 1.73
C VAL C 225 38.86 35.19 1.07
N VAL C 226 38.01 36.15 0.72
CA VAL C 226 36.74 35.85 0.07
C VAL C 226 36.67 36.49 -1.32
N VAL C 227 36.19 35.74 -2.29
CA VAL C 227 36.05 36.26 -3.65
C VAL C 227 34.63 36.05 -4.17
N THR C 228 34.39 36.48 -5.41
CA THR C 228 33.12 36.24 -6.06
C THR C 228 33.33 35.37 -7.29
N ASN C 229 32.79 34.15 -7.27
CA ASN C 229 32.85 33.29 -8.44
C ASN C 229 31.69 33.60 -9.37
N GLN C 230 31.98 34.33 -10.44
CA GLN C 230 30.95 34.81 -11.37
C GLN C 230 30.40 33.69 -12.25
N THR C 231 30.95 32.48 -12.12
CA THR C 231 30.47 31.33 -12.87
C THR C 231 29.48 30.53 -12.04
N LYS C 232 29.79 30.33 -10.76
CA LYS C 232 28.89 29.60 -9.88
C LYS C 232 28.03 30.54 -9.05
N HIS C 233 28.27 31.85 -9.19
CA HIS C 233 27.48 32.88 -8.54
C HIS C 233 27.40 32.71 -7.02
N GLU C 234 28.54 32.40 -6.40
CA GLU C 234 28.59 32.22 -4.96
C GLU C 234 29.90 32.73 -4.38
N LEU C 235 29.86 33.19 -3.13
CA LEU C 235 31.05 33.62 -2.42
C LEU C 235 31.96 32.43 -2.16
N GLU C 236 33.14 32.45 -2.78
CA GLU C 236 34.11 31.39 -2.58
C GLU C 236 35.15 31.85 -1.56
N ARG C 237 35.55 30.94 -0.68
CA ARG C 237 36.45 31.28 0.40
C ARG C 237 37.75 30.48 0.32
N TYR C 238 38.88 31.18 0.45
CA TYR C 238 40.17 30.52 0.50
C TYR C 238 40.84 30.77 1.84
N SER C 239 41.46 29.73 2.39
CA SER C 239 42.11 29.84 3.69
C SER C 239 43.42 29.08 3.76
N GLU C 240 44.09 29.18 4.90
CA GLU C 240 45.34 28.48 5.15
C GLU C 240 45.10 26.98 5.30
N ASP C 241 43.97 26.64 5.91
CA ASP C 241 43.67 25.25 6.24
C ASP C 241 42.63 24.60 5.33
N THR C 242 42.14 25.33 4.34
CA THR C 242 41.18 24.79 3.39
C THR C 242 41.78 24.73 1.98
N THR C 243 42.49 25.78 1.60
CA THR C 243 43.19 25.83 0.32
C THR C 243 44.63 26.28 0.52
N PRO C 244 45.50 25.36 0.97
CA PRO C 244 46.89 25.67 1.31
C PRO C 244 47.84 25.58 0.12
N GLN C 245 47.30 25.32 -1.06
CA GLN C 245 48.11 25.26 -2.28
C GLN C 245 47.79 26.43 -3.19
N GLN C 246 47.02 27.38 -2.67
CA GLN C 246 46.62 28.55 -3.43
C GLN C 246 47.58 29.71 -3.15
N SER C 247 48.13 30.29 -4.21
CA SER C 247 49.04 31.42 -4.05
C SER C 247 48.37 32.58 -3.33
N ILE C 248 49.13 33.28 -2.49
CA ILE C 248 48.58 34.38 -1.70
C ILE C 248 48.28 35.58 -2.61
N ALA C 249 49.25 35.95 -3.44
CA ALA C 249 49.10 37.09 -4.33
C ALA C 249 47.99 36.92 -5.35
N GLN C 250 47.69 35.66 -5.70
CA GLN C 250 46.68 35.37 -6.70
C GLN C 250 45.26 35.68 -6.22
N VAL C 251 44.97 35.33 -4.97
CA VAL C 251 43.62 35.47 -4.43
C VAL C 251 43.33 36.87 -3.89
N VAL C 252 44.39 37.58 -3.48
CA VAL C 252 44.23 38.95 -3.03
C VAL C 252 43.92 39.86 -4.23
N GLN C 253 44.53 39.55 -5.37
CA GLN C 253 44.27 40.28 -6.60
C GLN C 253 42.86 39.98 -7.12
N TRP C 254 42.42 38.73 -6.97
CA TRP C 254 41.07 38.33 -7.33
C TRP C 254 40.04 39.06 -6.47
N SER C 255 40.21 38.96 -5.16
CA SER C 255 39.28 39.54 -4.20
C SER C 255 39.15 41.06 -4.38
N GLY C 256 40.20 41.69 -4.88
CA GLY C 256 40.18 43.14 -5.10
C GLY C 256 39.97 43.52 -6.55
N ALA C 257 39.69 42.53 -7.40
CA ALA C 257 39.46 42.78 -8.82
C ALA C 257 38.01 43.16 -9.09
N HIS C 258 37.74 44.46 -9.14
CA HIS C 258 36.40 44.95 -9.47
C HIS C 258 36.29 45.14 -10.98
N PRO C 259 35.14 44.78 -11.56
CA PRO C 259 34.95 44.87 -13.01
C PRO C 259 34.98 46.31 -13.54
N VAL C 260 34.97 47.29 -12.65
CA VAL C 260 35.08 48.69 -13.04
C VAL C 260 36.52 49.04 -13.38
N LEU C 261 37.46 48.44 -12.66
CA LEU C 261 38.89 48.69 -12.88
C LEU C 261 39.63 47.47 -13.39
N PHE C 262 39.26 46.29 -12.90
CA PHE C 262 39.96 45.06 -13.26
C PHE C 262 39.11 44.12 -14.09
N VAL C 263 39.75 43.45 -15.05
CA VAL C 263 39.11 42.36 -15.79
C VAL C 263 38.96 41.18 -14.83
N PRO C 264 37.99 40.28 -15.10
CA PRO C 264 37.85 39.10 -14.24
C PRO C 264 39.04 38.16 -14.39
N GLY C 265 39.24 37.28 -13.42
CA GLY C 265 40.32 36.31 -13.48
C GLY C 265 39.81 34.90 -13.57
N ARG C 266 40.49 34.06 -14.33
CA ARG C 266 40.12 32.65 -14.43
C ARG C 266 41.05 31.78 -13.59
N ASN C 267 40.49 30.75 -12.96
CA ASN C 267 41.29 29.78 -12.22
C ASN C 267 41.62 28.56 -13.06
N ALA C 268 41.96 27.46 -12.40
CA ALA C 268 42.30 26.23 -13.09
C ALA C 268 41.11 25.65 -13.86
N LYS C 269 39.92 25.80 -13.30
CA LYS C 269 38.71 25.26 -13.90
C LYS C 269 38.26 26.05 -15.12
N GLY C 270 38.67 27.32 -15.20
CA GLY C 270 38.25 28.19 -16.28
C GLY C 270 37.10 29.08 -15.85
N GLU C 271 36.94 29.23 -14.54
CA GLU C 271 35.84 30.00 -13.98
C GLU C 271 36.26 31.44 -13.69
N TYR C 272 35.49 32.39 -14.21
CA TYR C 272 35.76 33.81 -13.99
C TYR C 272 35.66 34.15 -12.50
N ILE C 273 36.58 35.00 -12.04
CA ILE C 273 36.60 35.41 -10.63
C ILE C 273 36.85 36.91 -10.50
N ALA C 274 36.10 37.57 -9.64
CA ALA C 274 36.23 39.02 -9.45
C ALA C 274 36.20 39.40 -7.97
N ASP C 275 36.00 40.70 -7.72
CA ASP C 275 35.97 41.27 -6.37
C ASP C 275 35.01 40.52 -5.46
N GLY C 276 35.45 40.24 -4.23
CA GLY C 276 34.63 39.53 -3.27
C GLY C 276 33.75 40.46 -2.45
N GLY C 277 33.57 41.68 -2.95
CA GLY C 277 32.76 42.67 -2.26
C GLY C 277 31.91 43.51 -3.19
N ILE C 278 31.53 42.93 -4.33
CA ILE C 278 30.63 43.59 -5.27
C ILE C 278 29.35 43.97 -4.54
N LEU C 279 28.85 43.03 -3.73
CA LEU C 279 27.81 43.34 -2.76
C LEU C 279 28.46 43.39 -1.38
N ASP C 280 27.97 44.25 -0.51
CA ASP C 280 28.49 44.31 0.86
C ASP C 280 28.28 42.98 1.57
N ASN C 281 29.34 42.49 2.19
CA ASN C 281 29.30 41.20 2.87
C ASN C 281 30.26 41.15 4.05
N MET C 282 29.82 40.56 5.15
CA MET C 282 30.64 40.43 6.34
C MET C 282 31.02 38.98 6.56
N PRO C 283 32.26 38.61 6.17
CA PRO C 283 32.74 37.25 6.34
C PRO C 283 32.83 36.86 7.81
N GLU C 284 32.85 35.56 8.07
CA GLU C 284 33.03 35.06 9.44
C GLU C 284 34.26 34.18 9.50
N ILE C 285 34.72 33.90 10.71
CA ILE C 285 35.87 33.02 10.90
C ILE C 285 35.45 31.73 11.59
N GLU C 286 35.52 30.63 10.85
CA GLU C 286 35.07 29.33 11.36
C GLU C 286 35.95 28.87 12.52
N GLY C 287 35.30 28.52 13.62
CA GLY C 287 36.03 28.09 14.82
C GLY C 287 36.12 29.19 15.85
N LEU C 288 35.84 30.41 15.45
CA LEU C 288 35.86 31.55 16.36
C LEU C 288 34.45 31.99 16.75
N ASP C 289 34.30 32.48 17.97
CA ASP C 289 33.00 32.96 18.45
C ASP C 289 32.83 34.44 18.10
N ARG C 290 31.60 34.92 18.12
CA ARG C 290 31.29 36.30 17.75
C ARG C 290 31.95 37.29 18.70
N GLU C 291 32.03 36.92 19.97
CA GLU C 291 32.58 37.80 21.00
C GLU C 291 34.07 38.08 20.79
N GLU C 292 34.78 37.10 20.23
CA GLU C 292 36.23 37.21 20.08
C GLU C 292 36.66 37.52 18.65
N VAL C 293 35.82 38.24 17.91
CA VAL C 293 36.17 38.65 16.55
C VAL C 293 35.84 40.12 16.30
N LEU C 294 36.86 40.90 15.93
CA LEU C 294 36.67 42.30 15.58
C LEU C 294 36.21 42.42 14.13
N CYS C 295 35.05 43.03 13.91
CA CYS C 295 34.54 43.24 12.58
C CYS C 295 34.67 44.71 12.15
N VAL C 296 35.27 44.93 11.00
CA VAL C 296 35.46 46.28 10.48
C VAL C 296 34.71 46.48 9.17
N LYS C 297 33.78 47.42 9.15
CA LYS C 297 32.98 47.70 7.96
C LYS C 297 33.11 49.16 7.53
N ALA C 298 33.46 49.35 6.26
CA ALA C 298 33.56 50.70 5.70
C ALA C 298 32.23 51.09 5.09
N GLU C 299 31.71 52.25 5.48
CA GLU C 299 30.42 52.73 5.00
C GLU C 299 30.51 54.07 4.30
N ALA C 300 29.54 54.35 3.43
CA ALA C 300 29.44 55.64 2.77
C ALA C 300 29.13 56.72 3.80
N GLY C 301 29.61 57.94 3.55
CA GLY C 301 29.40 59.05 4.47
C GLY C 301 27.93 59.30 4.72
N THR C 302 27.13 59.21 3.68
CA THR C 302 25.68 59.38 3.78
C THR C 302 25.08 58.25 4.62
N ALA C 303 25.68 57.06 4.52
CA ALA C 303 25.19 55.90 5.25
C ALA C 303 25.81 55.83 6.65
N PHE C 304 26.98 56.43 6.82
CA PHE C 304 27.65 56.47 8.10
C PHE C 304 26.90 57.37 9.07
N GLU C 305 26.65 58.60 8.64
CA GLU C 305 25.96 59.58 9.47
C GLU C 305 24.51 59.17 9.74
N ASP C 306 23.87 58.59 8.74
CA ASP C 306 22.47 58.19 8.84
C ASP C 306 22.28 57.16 9.95
N ARG C 307 23.29 56.31 10.16
CA ARG C 307 23.24 55.30 11.20
C ARG C 307 23.47 55.89 12.58
N VAL C 308 24.40 56.84 12.66
CA VAL C 308 24.75 57.50 13.92
C VAL C 308 23.63 58.44 14.38
N ASN C 309 23.08 59.20 13.43
CA ASN C 309 22.02 60.15 13.72
C ASN C 309 20.80 59.49 14.39
N LYS C 310 20.48 58.28 13.96
CA LYS C 310 19.38 57.53 14.56
C LYS C 310 19.74 57.06 15.97
N ALA C 311 21.01 56.71 16.16
CA ALA C 311 21.49 56.25 17.46
C ALA C 311 21.41 57.35 18.52
N LYS C 312 21.91 58.53 18.18
CA LYS C 312 21.85 59.68 19.07
C LYS C 312 20.40 60.06 19.33
N GLN C 313 19.58 59.98 18.29
CA GLN C 313 18.16 60.27 18.39
C GLN C 313 17.45 59.22 19.24
N SER C 314 17.93 57.98 19.17
CA SER C 314 17.35 56.88 19.95
C SER C 314 17.47 57.15 21.45
N ALA C 315 18.69 57.43 21.90
CA ALA C 315 18.94 57.72 23.31
C ALA C 315 18.27 59.02 23.74
N MET C 316 18.06 59.91 22.76
CA MET C 316 17.40 61.18 23.03
C MET C 316 15.92 60.99 23.37
N GLU C 317 15.35 59.91 22.86
CA GLU C 317 13.94 59.60 23.11
C GLU C 317 13.74 58.85 24.43
N ALA C 318 14.78 58.15 24.88
CA ALA C 318 14.70 57.37 26.11
C ALA C 318 14.52 58.27 27.33
N ILE C 319 14.92 59.53 27.20
CA ILE C 319 14.79 60.50 28.27
C ILE C 319 13.57 61.41 28.03
N SER C 320 13.10 61.42 26.80
CA SER C 320 11.92 62.20 26.43
C SER C 320 10.66 61.53 26.94
N TRP C 321 10.64 60.20 26.93
CA TRP C 321 9.53 59.44 27.48
C TRP C 321 9.55 59.50 29.00
N PHE C 322 10.74 59.60 29.58
CA PHE C 322 10.89 59.66 31.02
C PHE C 322 10.28 60.94 31.57
N LYS C 323 10.39 62.02 30.80
CA LYS C 323 9.72 63.27 31.14
C LYS C 323 8.22 63.06 31.10
N ALA C 324 7.75 62.38 30.05
CA ALA C 324 6.33 62.11 29.86
C ALA C 324 5.71 61.37 31.05
N ARG C 325 6.52 60.57 31.73
CA ARG C 325 6.08 59.90 32.95
C ARG C 325 6.09 60.86 34.12
N MET C 326 7.15 61.67 34.21
CA MET C 326 7.33 62.60 35.31
C MET C 326 6.41 63.82 35.21
N ASP C 327 5.73 63.97 34.08
CA ASP C 327 4.81 65.08 33.88
C ASP C 327 3.36 64.62 33.91
N SER C 328 3.17 63.29 33.92
CA SER C 328 1.83 62.71 33.93
C SER C 328 1.29 62.54 35.34
N LEU C 329 1.81 63.32 36.27
CA LEU C 329 1.39 63.24 37.67
C LEU C 329 0.11 64.04 37.90
N SER C 344 7.98 47.40 21.65
CA SER C 344 8.33 48.74 21.17
C SER C 344 8.54 49.69 22.34
N VAL C 345 7.58 49.69 23.26
CA VAL C 345 7.61 50.58 24.42
C VAL C 345 8.92 50.53 25.21
N LEU C 346 9.31 49.34 25.64
CA LEU C 346 10.50 49.17 26.46
C LEU C 346 11.30 47.94 26.07
N ASN C 347 10.90 47.30 24.98
CA ASN C 347 11.59 46.10 24.50
C ASN C 347 12.48 46.39 23.31
N ARG C 348 13.09 47.57 23.30
CA ARG C 348 14.02 47.95 22.25
C ARG C 348 15.32 48.42 22.89
N GLU C 349 15.37 48.34 24.21
CA GLU C 349 16.58 48.65 24.97
C GLU C 349 17.30 47.36 25.35
N LYS C 350 18.63 47.41 25.33
CA LYS C 350 19.42 46.25 25.71
C LYS C 350 19.64 46.25 27.23
N VAL C 351 18.93 45.37 27.91
CA VAL C 351 18.93 45.34 29.37
C VAL C 351 20.17 44.64 29.92
N TYR C 352 20.68 43.66 29.18
CA TYR C 352 21.92 42.99 29.54
C TYR C 352 23.07 43.49 28.68
N TYR C 353 24.28 43.48 29.24
CA TYR C 353 25.45 43.93 28.48
C TYR C 353 25.95 42.87 27.51
N ASN C 354 26.06 43.26 26.25
CA ASN C 354 26.68 42.41 25.23
C ASN C 354 27.76 43.15 24.46
N ILE C 355 28.84 42.45 24.15
CA ILE C 355 30.02 43.04 23.55
C ILE C 355 29.73 43.66 22.18
N ASP C 356 30.33 44.82 21.91
CA ASP C 356 30.19 45.48 20.62
C ASP C 356 31.51 45.44 19.86
N ASN C 357 31.60 44.56 18.85
CA ASN C 357 32.83 44.36 18.11
C ASN C 357 32.74 44.85 16.66
N MET C 358 31.88 45.83 16.41
CA MET C 358 31.66 46.31 15.04
C MET C 358 32.24 47.69 14.78
N ILE C 359 33.42 47.73 14.18
CA ILE C 359 34.08 49.00 13.87
C ILE C 359 33.60 49.57 12.53
N TYR C 360 32.79 50.62 12.60
CA TYR C 360 32.28 51.27 11.40
C TYR C 360 33.19 52.42 10.96
N ILE C 361 33.90 52.25 9.85
CA ILE C 361 34.79 53.29 9.35
C ILE C 361 34.13 54.12 8.24
N ASN C 362 33.98 55.42 8.50
CA ASN C 362 33.49 56.33 7.49
C ASN C 362 34.48 56.41 6.34
N THR C 363 34.06 55.93 5.17
CA THR C 363 34.89 55.98 3.97
C THR C 363 35.19 57.41 3.56
N GLY C 364 34.39 58.35 4.06
CA GLY C 364 34.52 59.74 3.67
C GLY C 364 34.19 59.91 2.21
N GLU C 365 34.74 60.94 1.59
CA GLU C 365 34.55 61.18 0.17
C GLU C 365 35.68 60.53 -0.62
N VAL C 366 36.61 59.90 0.10
CA VAL C 366 37.72 59.16 -0.50
C VAL C 366 37.18 58.10 -1.46
N THR C 367 36.05 57.51 -1.11
CA THR C 367 35.46 56.42 -1.88
C THR C 367 34.01 56.77 -2.25
N THR C 368 33.44 56.16 -3.31
CA THR C 368 34.00 55.05 -4.09
C THR C 368 35.28 55.38 -4.86
N THR C 369 36.01 54.33 -5.24
CA THR C 369 37.35 54.47 -5.79
C THR C 369 37.47 55.44 -6.96
N ASN C 370 37.72 56.70 -6.63
CA ASN C 370 37.99 57.72 -7.63
C ASN C 370 39.49 57.77 -7.92
N THR C 371 39.84 57.98 -9.18
CA THR C 371 41.22 57.88 -9.67
C THR C 371 42.27 58.56 -8.78
N SER C 372 41.94 59.74 -8.27
CA SER C 372 42.87 60.45 -7.38
C SER C 372 42.17 61.42 -6.43
N PRO C 373 42.35 61.20 -5.12
CA PRO C 373 41.88 62.12 -4.07
C PRO C 373 43.01 63.02 -3.57
N THR C 374 42.67 64.20 -3.07
CA THR C 374 43.67 65.10 -2.50
C THR C 374 44.19 64.52 -1.17
N PRO C 375 45.49 64.68 -0.91
CA PRO C 375 46.11 64.11 0.29
C PRO C 375 45.56 64.71 1.59
N GLU C 376 44.90 65.85 1.48
CA GLU C 376 44.35 66.53 2.66
C GLU C 376 43.09 65.87 3.19
N GLN C 377 42.55 64.92 2.43
CA GLN C 377 41.34 64.21 2.83
C GLN C 377 41.64 62.73 3.11
N ARG C 378 42.75 62.24 2.57
CA ARG C 378 43.19 60.88 2.83
C ARG C 378 43.64 60.77 4.29
N ALA C 379 44.30 61.81 4.76
CA ALA C 379 44.71 61.89 6.15
C ALA C 379 43.48 61.96 7.06
N ARG C 380 42.42 62.57 6.55
CA ARG C 380 41.17 62.68 7.28
C ARG C 380 40.52 61.30 7.41
N ALA C 381 40.64 60.50 6.35
CA ALA C 381 40.11 59.14 6.36
C ALA C 381 40.85 58.27 7.38
N VAL C 382 42.15 58.51 7.53
CA VAL C 382 42.96 57.80 8.49
C VAL C 382 42.55 58.13 9.92
N LYS C 383 42.27 59.42 10.17
CA LYS C 383 41.82 59.86 11.48
C LYS C 383 40.48 59.21 11.83
N ASN C 384 39.66 58.97 10.82
CA ASN C 384 38.41 58.24 11.00
C ASN C 384 38.66 56.83 11.48
N GLY C 385 39.54 56.11 10.78
CA GLY C 385 39.87 54.74 11.13
C GLY C 385 40.52 54.63 12.49
N TYR C 386 41.13 55.73 12.96
CA TYR C 386 41.78 55.75 14.26
C TYR C 386 40.79 56.08 15.37
N ASP C 387 40.09 57.22 15.22
CA ASP C 387 39.14 57.67 16.23
C ASP C 387 37.98 56.71 16.41
N GLN C 388 37.47 56.16 15.31
CA GLN C 388 36.31 55.26 15.37
C GLN C 388 36.70 53.90 15.96
N THR C 389 37.95 53.49 15.75
CA THR C 389 38.45 52.26 16.35
C THR C 389 38.64 52.48 17.85
N MET C 390 39.17 53.64 18.20
CA MET C 390 39.35 54.01 19.60
C MET C 390 37.99 54.15 20.29
N GLN C 391 37.04 54.73 19.56
CA GLN C 391 35.69 54.96 20.09
C GLN C 391 35.02 53.66 20.53
N LEU C 392 35.23 52.59 19.77
CA LEU C 392 34.65 51.29 20.08
C LEU C 392 35.49 50.51 21.09
N LEU C 393 36.81 50.66 21.00
CA LEU C 393 37.72 49.93 21.87
C LEU C 393 37.59 50.36 23.34
N ASP C 394 37.21 51.62 23.55
CA ASP C 394 37.01 52.13 24.90
C ASP C 394 35.68 51.66 25.47
N SER C 395 34.81 51.13 24.63
CA SER C 395 33.49 50.67 25.07
C SER C 395 33.58 49.33 25.79
N HIS C 396 34.72 48.65 25.66
CA HIS C 396 34.94 47.40 26.35
C HIS C 396 35.33 47.67 27.80
N LYS C 397 35.54 48.94 28.12
CA LYS C 397 35.95 49.35 29.45
C LYS C 397 34.75 49.63 30.35
N GLN C 398 34.16 48.57 30.89
CA GLN C 398 33.03 48.72 31.82
C GLN C 398 33.50 48.85 33.26
N THR C 399 33.13 49.95 33.91
CA THR C 399 33.51 50.21 35.29
C THR C 399 32.37 50.86 36.06
N PHE C 400 32.06 50.34 37.24
CA PHE C 400 30.90 50.81 38.01
C PHE C 400 31.26 51.33 39.39
N ASP C 401 30.26 51.87 40.09
CA ASP C 401 30.42 52.36 41.44
C ASP C 401 30.17 51.24 42.46
N HIS C 402 29.33 50.29 42.07
CA HIS C 402 29.02 49.15 42.92
C HIS C 402 29.27 47.85 42.17
N PRO C 403 29.80 46.83 42.86
CA PRO C 403 30.11 45.55 42.21
C PRO C 403 28.85 44.79 41.80
N LEU C 404 27.79 44.87 42.60
CA LEU C 404 26.55 44.14 42.31
C LEU C 404 25.94 44.61 40.99
N MET C 405 25.98 45.91 40.74
CA MET C 405 25.50 46.49 39.49
C MET C 405 26.15 45.80 38.29
N ALA C 406 27.44 45.50 38.42
CA ALA C 406 28.16 44.76 37.39
C ALA C 406 27.61 43.34 37.25
N ILE C 407 27.41 42.67 38.38
CA ILE C 407 26.91 41.29 38.38
C ILE C 407 25.44 41.23 37.96
N LEU C 408 24.78 42.38 37.94
CA LEU C 408 23.38 42.43 37.50
C LEU C 408 23.28 42.75 36.01
N TYR C 409 24.30 43.40 35.48
CA TYR C 409 24.27 43.92 34.12
C TYR C 409 24.97 43.00 33.12
N ILE C 410 25.99 42.29 33.57
CA ILE C 410 26.75 41.37 32.71
C ILE C 410 26.02 40.09 32.25
N GLY C 411 25.44 39.30 33.16
CA GLY C 411 25.35 39.57 34.58
C GLY C 411 25.93 38.49 35.47
N HIS C 412 25.08 37.89 36.30
CA HIS C 412 25.51 36.84 37.23
C HIS C 412 26.08 35.65 36.47
N ASP C 413 25.42 35.28 35.39
CA ASP C 413 25.91 34.26 34.48
C ASP C 413 26.97 34.89 33.59
N LYS C 414 27.60 34.09 32.74
CA LYS C 414 28.64 34.56 31.81
C LYS C 414 29.89 35.11 32.51
N LEU C 415 29.88 35.11 33.84
CA LEU C 415 31.04 35.50 34.62
C LEU C 415 31.56 34.27 35.35
N LYS C 416 32.76 34.35 35.91
CA LYS C 416 33.24 33.28 36.77
C LYS C 416 32.48 33.33 38.08
N ASP C 417 32.03 32.19 38.57
CA ASP C 417 31.30 32.15 39.82
C ASP C 417 32.27 32.33 40.97
N ALA C 418 32.32 33.54 41.52
CA ALA C 418 33.25 33.88 42.58
C ALA C 418 32.92 33.13 43.87
N LEU C 419 31.69 32.63 43.95
CA LEU C 419 31.25 31.86 45.11
C LEU C 419 32.11 30.62 45.32
N ILE C 420 32.45 29.94 44.23
CA ILE C 420 33.35 28.80 44.28
C ILE C 420 34.78 29.27 44.58
N ASP C 421 35.18 30.35 43.93
CA ASP C 421 36.54 30.87 44.02
C ASP C 421 36.92 31.38 45.40
N GLU C 422 37.90 30.72 46.03
CA GLU C 422 38.40 31.15 47.33
C GLU C 422 39.61 32.07 47.16
N LYS C 423 40.03 32.27 45.91
CA LYS C 423 41.12 33.20 45.62
C LYS C 423 40.72 34.62 45.97
N SER C 424 39.44 34.92 45.80
CA SER C 424 38.91 36.27 46.00
C SER C 424 37.39 36.20 45.94
N GLU C 425 36.66 37.08 46.63
CA GLU C 425 37.17 38.05 47.60
C GLU C 425 35.95 38.34 48.45
N LYS C 426 36.14 38.61 49.75
CA LYS C 426 35.02 38.83 50.67
C LYS C 426 33.94 39.76 50.12
N GLU C 427 34.36 40.93 49.66
CA GLU C 427 33.43 41.92 49.13
C GLU C 427 32.69 41.44 47.88
N ILE C 428 33.43 40.87 46.95
CA ILE C 428 32.84 40.33 45.72
C ILE C 428 32.01 39.08 46.01
N PHE C 429 32.48 38.28 46.96
CA PHE C 429 31.80 37.05 47.34
C PHE C 429 30.36 37.31 47.81
N GLU C 430 30.17 38.41 48.53
CA GLU C 430 28.85 38.79 49.00
C GLU C 430 27.97 39.22 47.82
N ALA C 431 28.50 40.13 47.02
CA ALA C 431 27.79 40.66 45.86
C ALA C 431 27.47 39.57 44.84
N SER C 432 28.34 38.56 44.77
CA SER C 432 28.12 37.43 43.88
C SER C 432 27.12 36.44 44.48
N ALA C 433 26.70 36.72 45.71
CA ALA C 433 25.71 35.90 46.39
C ALA C 433 24.39 36.64 46.50
N HIS C 434 24.45 37.97 46.46
CA HIS C 434 23.25 38.79 46.45
C HIS C 434 22.56 38.67 45.09
N ALA C 435 23.37 38.49 44.05
CA ALA C 435 22.88 38.40 42.68
C ALA C 435 22.05 37.14 42.45
N GLN C 436 22.53 36.01 42.97
CA GLN C 436 21.81 34.76 42.81
C GLN C 436 20.52 34.76 43.60
N ALA C 437 20.45 35.63 44.61
CA ALA C 437 19.23 35.78 45.39
C ALA C 437 18.21 36.59 44.60
N ILE C 438 18.65 37.74 44.09
CA ILE C 438 17.79 38.58 43.26
C ILE C 438 17.35 37.85 41.99
N LEU C 439 18.29 37.16 41.35
CA LEU C 439 17.99 36.40 40.14
C LEU C 439 16.99 35.28 40.41
N HIS C 440 17.04 34.71 41.61
CA HIS C 440 16.08 33.69 42.01
C HIS C 440 14.67 34.29 42.09
N LEU C 441 14.59 35.51 42.61
CA LEU C 441 13.32 36.22 42.71
C LEU C 441 12.82 36.67 41.35
N GLN C 442 13.74 37.23 40.55
CA GLN C 442 13.43 37.69 39.20
C GLN C 442 12.77 36.59 38.36
N GLU C 443 13.36 35.40 38.41
CA GLU C 443 12.86 34.26 37.66
C GLU C 443 11.51 33.78 38.22
N GLN C 444 11.28 34.04 39.51
CA GLN C 444 10.03 33.65 40.15
C GLN C 444 8.88 34.58 39.80
N ILE C 445 9.16 35.87 39.74
CA ILE C 445 8.17 36.87 39.32
C ILE C 445 7.66 36.53 37.93
N VAL C 446 8.60 36.22 37.03
CA VAL C 446 8.27 35.85 35.65
C VAL C 446 7.47 34.56 35.61
N LYS C 447 7.90 33.56 36.38
CA LYS C 447 7.26 32.25 36.40
C LYS C 447 5.78 32.32 36.76
N GLU C 448 5.47 33.04 37.83
CA GLU C 448 4.09 33.15 38.31
C GLU C 448 3.21 33.94 37.34
N MET C 449 3.75 35.02 36.78
CA MET C 449 3.01 35.83 35.81
C MET C 449 2.71 35.04 34.55
N ASN C 450 3.61 34.12 34.21
CA ASN C 450 3.39 33.22 33.09
C ASN C 450 2.35 32.16 33.43
N ASP C 451 2.11 31.97 34.72
CA ASP C 451 1.10 31.04 35.19
C ASP C 451 -0.19 31.79 35.48
N GLY C 452 -0.10 33.12 35.55
CA GLY C 452 -1.27 33.96 35.76
C GLY C 452 -1.36 34.59 37.14
N ASP C 453 -0.50 34.15 38.06
CA ASP C 453 -0.54 34.64 39.44
C ASP C 453 0.34 35.87 39.64
N TYR C 454 -0.28 37.04 39.65
CA TYR C 454 0.44 38.30 39.82
C TYR C 454 0.39 38.77 41.27
N SER C 455 -0.08 37.91 42.16
CA SER C 455 -0.29 38.29 43.56
C SER C 455 0.99 38.68 44.29
N SER C 456 2.00 37.83 44.20
CA SER C 456 3.24 38.05 44.93
C SER C 456 4.26 38.87 44.15
N VAL C 457 3.81 39.51 43.07
CA VAL C 457 4.68 40.40 42.29
C VAL C 457 5.20 41.55 43.14
N GLN C 458 4.28 42.21 43.84
CA GLN C 458 4.65 43.29 44.75
C GLN C 458 5.52 42.77 45.89
N ASN C 459 5.23 41.56 46.34
CA ASN C 459 5.99 40.93 47.42
C ASN C 459 7.48 40.79 47.06
N TYR C 460 7.75 40.14 45.94
CA TYR C 460 9.12 39.88 45.50
C TYR C 460 9.89 41.16 45.20
N LEU C 461 9.21 42.14 44.61
CA LEU C 461 9.83 43.43 44.31
C LEU C 461 10.29 44.12 45.60
N ASP C 462 9.51 43.95 46.67
CA ASP C 462 9.87 44.50 47.96
C ASP C 462 11.05 43.74 48.58
N GLN C 463 11.09 42.44 48.34
CA GLN C 463 12.17 41.60 48.84
C GLN C 463 13.50 41.91 48.14
N ILE C 464 13.41 42.29 46.87
CA ILE C 464 14.59 42.65 46.09
C ILE C 464 15.22 43.94 46.63
N GLU C 465 14.39 44.95 46.84
CA GLU C 465 14.84 46.25 47.33
C GLU C 465 15.53 46.12 48.69
N ASP C 466 15.11 45.13 49.47
CA ASP C 466 15.73 44.84 50.76
C ASP C 466 17.21 44.49 50.59
N ILE C 467 17.51 43.62 49.63
CA ILE C 467 18.88 43.22 49.36
C ILE C 467 19.72 44.41 48.89
N LEU C 468 19.08 45.33 48.17
CA LEU C 468 19.78 46.46 47.56
C LEU C 468 20.15 47.56 48.57
N THR C 469 19.53 47.55 49.74
CA THR C 469 19.77 48.61 50.72
C THR C 469 20.17 48.11 52.11
N VAL C 470 19.95 46.83 52.38
CA VAL C 470 20.32 46.25 53.67
C VAL C 470 21.51 45.32 53.54
N ASP C 471 21.33 44.23 52.79
CA ASP C 471 22.40 43.26 52.56
C ASP C 471 23.56 43.88 51.81
N ALA C 472 23.31 44.25 50.55
CA ALA C 472 24.29 44.98 49.76
C ALA C 472 24.11 46.47 49.99
N LYS C 473 24.88 47.03 50.93
CA LYS C 473 24.76 48.42 51.31
C LYS C 473 25.07 49.35 50.14
N MET C 474 24.02 49.84 49.49
CA MET C 474 24.18 50.78 48.39
C MET C 474 23.81 52.19 48.83
N ASP C 475 24.46 53.19 48.24
CA ASP C 475 24.09 54.58 48.45
C ASP C 475 22.68 54.79 47.92
N ASP C 476 21.99 55.80 48.43
CA ASP C 476 20.61 56.07 48.06
C ASP C 476 20.41 56.24 46.55
N ILE C 477 21.47 56.70 45.87
CA ILE C 477 21.40 56.92 44.43
C ILE C 477 21.65 55.64 43.64
N GLN C 478 22.53 54.78 44.16
CA GLN C 478 22.87 53.55 43.45
C GLN C 478 22.00 52.37 43.86
N LYS C 479 20.90 52.65 44.53
CA LYS C 479 19.92 51.62 44.87
C LYS C 479 18.70 51.75 43.95
N GLU C 480 18.53 52.93 43.37
CA GLU C 480 17.48 53.16 42.39
C GLU C 480 17.87 52.59 41.04
N LYS C 481 19.14 52.78 40.67
CA LYS C 481 19.67 52.26 39.42
C LYS C 481 19.62 50.74 39.41
N ALA C 482 19.95 50.14 40.55
CA ALA C 482 19.93 48.69 40.70
C ALA C 482 18.50 48.15 40.64
N PHE C 483 17.58 48.81 41.32
CA PHE C 483 16.18 48.39 41.34
C PHE C 483 15.57 48.54 39.95
N ALA C 484 15.84 49.68 39.31
CA ALA C 484 15.36 49.93 37.96
C ALA C 484 15.84 48.85 37.00
N LEU C 485 17.14 48.54 37.08
CA LEU C 485 17.72 47.49 36.25
C LEU C 485 17.05 46.14 36.49
N CYS C 486 16.77 45.84 37.76
CA CYS C 486 16.10 44.59 38.12
C CYS C 486 14.69 44.52 37.55
N ILE C 487 13.97 45.64 37.63
CA ILE C 487 12.62 45.73 37.08
C ILE C 487 12.65 45.59 35.55
N LYS C 488 13.59 46.29 34.93
CA LYS C 488 13.77 46.24 33.48
C LYS C 488 14.07 44.82 33.00
N GLN C 489 14.93 44.11 33.73
CA GLN C 489 15.29 42.75 33.39
C GLN C 489 14.08 41.81 33.49
N VAL C 490 13.39 41.85 34.63
CA VAL C 490 12.19 41.05 34.84
C VAL C 490 11.16 41.29 33.72
N ASN C 491 10.91 42.56 33.42
CA ASN C 491 9.98 42.93 32.36
C ASN C 491 10.38 42.33 31.02
N PHE C 492 11.68 42.31 30.75
CA PHE C 492 12.20 41.71 29.53
C PHE C 492 12.03 40.20 29.56
N LEU C 493 12.33 39.59 30.71
CA LEU C 493 12.24 38.14 30.86
C LEU C 493 10.80 37.65 30.82
N SER C 494 9.87 38.56 31.09
CA SER C 494 8.45 38.22 31.08
C SER C 494 7.78 38.69 29.79
N GLU C 495 8.59 39.21 28.87
CA GLU C 495 8.11 39.70 27.58
C GLU C 495 7.00 40.74 27.70
N GLY C 496 7.13 41.66 28.63
CA GLY C 496 6.20 42.78 28.76
C GLY C 496 5.04 42.54 29.70
N LYS C 497 4.94 41.33 30.26
CA LYS C 497 3.81 40.97 31.11
C LYS C 497 3.74 41.81 32.39
N LEU C 498 4.90 42.23 32.89
CA LEU C 498 4.95 43.06 34.09
C LEU C 498 4.43 44.47 33.79
N GLU C 499 4.66 44.94 32.57
CA GLU C 499 4.23 46.27 32.17
C GLU C 499 2.71 46.38 32.11
N THR C 500 2.07 45.34 31.60
CA THR C 500 0.61 45.29 31.52
C THR C 500 -0.01 45.35 32.91
N TYR C 501 0.56 44.60 33.84
CA TYR C 501 0.08 44.54 35.21
C TYR C 501 0.24 45.88 35.94
N LEU C 502 1.40 46.50 35.77
CA LEU C 502 1.73 47.73 36.50
C LEU C 502 0.81 48.90 36.15
N ASN C 503 0.46 49.03 34.88
CA ASN C 503 -0.45 50.08 34.44
C ASN C 503 -1.86 49.85 35.00
N LYS C 504 -2.33 48.61 34.91
CA LYS C 504 -3.65 48.23 35.40
C LYS C 504 -3.85 48.60 36.86
N VAL C 505 -2.88 48.25 37.70
CA VAL C 505 -2.91 48.57 39.12
C VAL C 505 -3.05 50.07 39.34
N GLU C 506 -2.20 50.84 38.66
CA GLU C 506 -2.16 52.29 38.83
C GLU C 506 -3.41 52.95 38.26
N ALA C 507 -3.98 52.35 37.21
CA ALA C 507 -5.20 52.88 36.60
C ALA C 507 -6.39 52.74 37.52
N GLU C 508 -6.44 51.63 38.27
CA GLU C 508 -7.49 51.40 39.25
C GLU C 508 -7.29 52.32 40.45
N ALA C 509 -6.06 52.75 40.64
CA ALA C 509 -5.72 53.65 41.74
C ALA C 509 -6.01 55.09 41.35
N LYS C 510 -6.06 55.35 40.05
CA LYS C 510 -6.40 56.67 39.54
C LYS C 510 -7.87 56.99 39.80
N ALA C 511 -8.75 56.10 39.37
CA ALA C 511 -10.18 56.27 39.56
C ALA C 511 -10.57 56.25 41.04
N ALA C 512 -9.93 55.37 41.80
CA ALA C 512 -10.21 55.25 43.22
C ALA C 512 -9.60 56.39 44.03
N ALA C 513 -8.86 57.26 43.35
CA ALA C 513 -8.23 58.44 43.95
C ALA C 513 -7.38 58.09 45.16
N GLU C 514 -6.60 57.03 45.05
CA GLU C 514 -5.72 56.58 46.13
C GLU C 514 -4.34 56.23 45.59
N PRO C 515 -3.28 56.59 46.34
CA PRO C 515 -1.90 56.29 45.95
C PRO C 515 -1.68 54.79 45.78
N SER C 516 -0.74 54.43 44.91
CA SER C 516 -0.43 53.02 44.68
C SER C 516 1.07 52.76 44.72
N TRP C 517 1.43 51.51 44.96
CA TRP C 517 2.82 51.08 44.99
C TRP C 517 3.40 51.02 43.59
N ALA C 518 2.51 50.91 42.60
CA ALA C 518 2.91 50.83 41.21
C ALA C 518 3.34 52.19 40.67
N THR C 519 3.25 53.21 41.52
CA THR C 519 3.70 54.55 41.15
C THR C 519 5.22 54.59 41.03
N LYS C 520 5.90 54.12 42.08
CA LYS C 520 7.37 54.15 42.12
C LYS C 520 7.99 53.09 41.20
N ILE C 521 7.34 51.94 41.11
CA ILE C 521 7.85 50.84 40.27
C ILE C 521 7.86 51.24 38.80
N LEU C 522 6.81 51.95 38.36
CA LEU C 522 6.73 52.43 37.00
C LEU C 522 7.68 53.62 36.77
N ASN C 523 8.03 54.31 37.84
CA ASN C 523 8.99 55.42 37.76
C ASN C 523 10.40 54.93 37.42
N LEU C 524 10.65 53.64 37.65
CA LEU C 524 11.97 53.07 37.43
C LEU C 524 12.04 52.29 36.12
N LEU C 525 10.90 51.82 35.64
CA LEU C 525 10.84 51.08 34.38
C LEU C 525 11.14 52.00 33.21
N TRP C 526 10.56 53.19 33.26
CA TRP C 526 10.74 54.17 32.18
C TRP C 526 12.01 55.01 32.35
N ALA C 527 12.77 54.70 33.38
CA ALA C 527 14.06 55.36 33.61
C ALA C 527 14.98 55.10 32.42
N PRO C 528 15.85 56.07 32.11
CA PRO C 528 16.81 55.89 31.01
C PRO C 528 17.76 54.72 31.30
N ILE C 529 17.85 53.79 30.37
CA ILE C 529 18.72 52.62 30.53
C ILE C 529 20.18 53.07 30.64
N GLU C 530 20.53 54.15 29.92
CA GLU C 530 21.87 54.70 29.97
C GLU C 530 22.17 55.17 31.39
N TRP C 531 21.16 55.71 32.06
CA TRP C 531 21.31 56.26 33.40
C TRP C 531 21.57 55.20 34.46
N VAL C 532 20.92 54.05 34.34
CA VAL C 532 21.04 52.99 35.34
C VAL C 532 22.41 52.31 35.26
N VAL C 533 23.09 52.45 34.12
CA VAL C 533 24.42 51.90 33.95
C VAL C 533 25.44 53.03 33.86
N SER C 534 24.96 54.26 33.99
CA SER C 534 25.82 55.43 33.97
C SER C 534 26.64 55.51 35.24
N LEU C 535 27.77 56.21 35.16
CA LEU C 535 28.58 56.48 36.34
C LEU C 535 28.18 57.84 36.90
N PHE C 536 26.93 58.22 36.65
CA PHE C 536 26.39 59.49 37.11
C PHE C 536 26.17 59.45 38.61
N LYS C 537 26.29 60.61 39.24
CA LYS C 537 26.16 60.72 40.70
C LYS C 537 24.80 61.28 41.07
N GLY C 538 24.31 62.22 40.28
CA GLY C 538 23.03 62.85 40.53
C GLY C 538 21.85 61.93 40.26
N PRO C 539 20.63 62.45 40.46
CA PRO C 539 19.39 61.69 40.24
C PRO C 539 19.11 61.48 38.75
N ALA C 540 17.88 61.07 38.44
CA ALA C 540 17.48 60.83 37.06
C ALA C 540 17.45 62.12 36.24
N GLN C 541 18.63 62.69 36.03
CA GLN C 541 18.79 63.90 35.23
C GLN C 541 20.11 63.78 34.46
N ASP C 542 20.21 62.71 33.67
CA ASP C 542 21.45 62.34 33.01
C ASP C 542 21.79 63.24 31.82
N PHE C 543 23.08 63.48 31.64
CA PHE C 543 23.58 64.18 30.46
C PHE C 543 23.93 63.18 29.36
N LYS C 544 23.95 63.65 28.10
CA LYS C 544 24.20 62.77 26.97
C LYS C 544 25.57 62.11 27.04
N ILE D 7 -4.48 32.63 50.82
CA ILE D 7 -3.21 32.60 50.12
C ILE D 7 -2.15 33.42 50.85
N CYS D 8 -1.76 32.95 52.04
CA CYS D 8 -0.71 33.61 52.80
C CYS D 8 0.65 32.98 52.50
N GLN D 9 1.67 33.81 52.39
CA GLN D 9 3.00 33.34 52.03
C GLN D 9 4.01 33.56 53.16
N PHE D 10 4.63 32.47 53.61
CA PHE D 10 5.61 32.54 54.68
C PHE D 10 7.00 32.18 54.17
N LYS D 11 8.00 32.92 54.62
CA LYS D 11 9.38 32.69 54.21
C LYS D 11 10.05 31.65 55.10
N LEU D 12 10.55 30.57 54.48
CA LEU D 12 11.18 29.49 55.22
C LEU D 12 12.66 29.39 54.87
N VAL D 13 13.48 29.11 55.88
CA VAL D 13 14.93 29.01 55.68
C VAL D 13 15.48 27.74 56.32
N LEU D 14 16.42 27.08 55.64
CA LEU D 14 17.03 25.88 56.18
C LEU D 14 18.51 26.10 56.47
N LEU D 15 18.88 26.03 57.74
CA LEU D 15 20.27 26.20 58.17
C LEU D 15 20.82 24.92 58.79
N GLY D 16 22.14 24.79 58.81
CA GLY D 16 22.79 23.62 59.36
C GLY D 16 24.17 23.40 58.75
N GLU D 17 24.81 22.31 59.14
CA GLU D 17 26.12 21.96 58.61
C GLU D 17 25.95 21.19 57.30
N SER D 18 27.00 21.17 56.48
CA SER D 18 26.99 20.44 55.22
C SER D 18 26.76 18.96 55.41
N ALA D 19 26.21 18.31 54.38
CA ALA D 19 26.04 16.86 54.35
C ALA D 19 25.15 16.30 55.47
N VAL D 20 24.21 17.11 55.94
CA VAL D 20 23.22 16.63 56.90
C VAL D 20 21.93 16.24 56.17
N GLY D 21 21.77 16.76 54.96
CA GLY D 21 20.63 16.41 54.12
C GLY D 21 19.64 17.53 53.89
N LYS D 22 20.10 18.77 54.04
CA LYS D 22 19.25 19.94 53.85
C LYS D 22 18.61 19.99 52.46
N SER D 23 19.43 19.81 51.44
CA SER D 23 18.97 19.86 50.06
C SER D 23 18.06 18.69 49.70
N SER D 24 18.43 17.51 50.18
CA SER D 24 17.64 16.31 49.93
C SER D 24 16.27 16.39 50.60
N LEU D 25 16.22 17.03 51.77
CA LEU D 25 14.96 17.24 52.49
C LEU D 25 13.95 18.00 51.63
N VAL D 26 14.36 19.16 51.12
CA VAL D 26 13.51 19.98 50.27
C VAL D 26 13.13 19.22 48.99
N LEU D 27 14.01 18.33 48.57
CA LEU D 27 13.75 17.50 47.39
C LEU D 27 12.68 16.46 47.68
N ARG D 28 12.78 15.83 48.85
CA ARG D 28 11.79 14.85 49.30
C ARG D 28 10.44 15.53 49.50
N PHE D 29 10.47 16.77 49.98
CA PHE D 29 9.25 17.52 50.27
C PHE D 29 8.53 17.95 49.00
N VAL D 30 9.25 18.60 48.10
CA VAL D 30 8.65 19.17 46.90
C VAL D 30 8.44 18.14 45.78
N LYS D 31 9.50 17.43 45.42
CA LYS D 31 9.44 16.50 44.28
C LYS D 31 9.21 15.06 44.70
N GLY D 32 9.48 14.75 45.96
CA GLY D 32 9.34 13.39 46.45
C GLY D 32 10.47 12.50 45.96
N GLN D 33 11.61 13.13 45.68
CA GLN D 33 12.76 12.41 45.14
C GLN D 33 13.90 12.36 46.16
N PHE D 34 14.71 11.31 46.06
CA PHE D 34 15.90 11.18 46.91
C PHE D 34 17.09 10.71 46.09
N HIS D 35 18.24 11.34 46.30
CA HIS D 35 19.45 10.97 45.58
C HIS D 35 20.56 10.57 46.55
N GLU D 36 21.22 9.46 46.25
CA GLU D 36 22.31 8.98 47.09
C GLU D 36 23.48 9.95 47.04
N TYR D 37 23.75 10.48 45.85
CA TYR D 37 24.71 11.56 45.72
C TYR D 37 24.03 12.89 45.41
N GLN D 38 24.46 13.94 46.10
CA GLN D 38 24.02 15.29 45.81
C GLN D 38 25.20 16.25 45.98
N GLU D 39 25.53 16.99 44.93
CA GLU D 39 26.59 17.98 45.02
C GLU D 39 26.22 19.07 46.02
N SER D 40 27.24 19.66 46.65
CA SER D 40 27.03 20.68 47.66
C SER D 40 26.32 21.90 47.10
N THR D 41 25.74 22.71 47.98
CA THR D 41 24.96 23.87 47.58
C THR D 41 25.81 25.13 47.55
N ILE D 42 25.55 25.99 46.58
CA ILE D 42 26.31 27.23 46.42
C ILE D 42 25.43 28.43 46.79
N GLY D 43 25.83 29.17 47.81
CA GLY D 43 25.05 30.30 48.28
C GLY D 43 23.69 29.88 48.81
N ALA D 44 22.73 29.76 47.91
CA ALA D 44 21.38 29.31 48.27
C ALA D 44 20.61 28.77 47.08
N ALA D 45 19.68 27.87 47.36
CA ALA D 45 18.76 27.35 46.33
C ALA D 45 17.33 27.72 46.73
N PHE D 46 16.60 28.35 45.80
CA PHE D 46 15.28 28.88 46.12
C PHE D 46 14.14 28.16 45.42
N LEU D 47 13.30 27.49 46.20
CA LEU D 47 12.13 26.78 45.67
C LEU D 47 10.83 27.37 46.21
N THR D 48 9.74 26.66 45.97
CA THR D 48 8.42 27.07 46.41
C THR D 48 7.45 25.89 46.32
N GLN D 49 6.82 25.55 47.44
CA GLN D 49 5.82 24.48 47.47
C GLN D 49 4.53 24.95 48.12
N THR D 50 3.41 24.53 47.55
CA THR D 50 2.10 24.90 48.06
C THR D 50 1.47 23.75 48.84
N VAL D 51 1.09 24.01 50.08
CA VAL D 51 0.36 23.04 50.88
C VAL D 51 -0.79 23.73 51.61
N CYS D 52 -1.90 23.03 51.79
CA CYS D 52 -3.05 23.61 52.48
C CYS D 52 -3.46 22.81 53.72
N LEU D 53 -3.70 23.53 54.81
CA LEU D 53 -4.14 22.91 56.06
C LEU D 53 -5.52 23.42 56.46
N ASP D 54 -6.46 22.50 56.68
CA ASP D 54 -7.82 22.82 57.11
C ASP D 54 -8.48 23.93 56.29
N ASP D 55 -8.84 23.61 55.05
CA ASP D 55 -9.52 24.55 54.14
C ASP D 55 -8.74 25.85 53.91
N THR D 56 -7.48 25.89 54.29
CA THR D 56 -6.67 27.09 54.17
C THR D 56 -5.31 26.81 53.52
N THR D 57 -5.01 27.52 52.45
CA THR D 57 -3.79 27.29 51.69
C THR D 57 -2.65 28.22 52.11
N VAL D 58 -1.48 27.64 52.37
CA VAL D 58 -0.29 28.42 52.66
C VAL D 58 0.80 28.13 51.64
N LYS D 59 1.58 29.16 51.30
CA LYS D 59 2.60 29.04 50.28
C LYS D 59 3.99 29.29 50.87
N PHE D 60 4.86 28.28 50.78
CA PHE D 60 6.19 28.38 51.36
C PHE D 60 7.21 28.97 50.39
N GLU D 61 7.98 29.95 50.88
CA GLU D 61 9.11 30.49 50.13
C GLU D 61 10.38 29.89 50.70
N ILE D 62 10.71 28.68 50.25
CA ILE D 62 11.81 27.90 50.80
C ILE D 62 13.18 28.37 50.34
N TRP D 63 14.06 28.67 51.28
CA TRP D 63 15.43 29.07 50.97
C TRP D 63 16.44 28.07 51.53
N ASP D 64 16.83 27.10 50.71
CA ASP D 64 17.83 26.12 51.10
C ASP D 64 19.23 26.74 51.02
N THR D 65 19.92 26.82 52.15
CA THR D 65 21.22 27.48 52.22
C THR D 65 22.37 26.49 52.06
N ALA D 66 23.60 27.01 52.07
CA ALA D 66 24.79 26.19 52.00
C ALA D 66 25.35 25.95 53.40
N GLY D 67 25.70 24.70 53.69
CA GLY D 67 26.14 24.35 55.03
C GLY D 67 27.63 24.46 55.28
N LEU D 68 28.23 25.57 54.85
CA LEU D 68 29.66 25.78 55.06
C LEU D 68 29.93 27.09 55.80
N GLU D 69 31.04 27.13 56.53
CA GLU D 69 31.39 28.30 57.34
C GLU D 69 31.70 29.51 56.48
N ARG D 70 32.10 29.27 55.24
CA ARG D 70 32.34 30.35 54.29
C ARG D 70 31.08 31.16 54.06
N TYR D 71 29.94 30.48 54.07
CA TYR D 71 28.65 31.12 53.81
C TYR D 71 27.96 31.56 55.11
N HIS D 72 28.70 31.56 56.20
CA HIS D 72 28.17 31.99 57.49
C HIS D 72 27.81 33.47 57.50
N SER D 73 28.64 34.27 56.84
CA SER D 73 28.42 35.71 56.78
C SER D 73 27.18 36.08 55.97
N LEU D 74 26.80 35.19 55.05
CA LEU D 74 25.66 35.44 54.18
C LEU D 74 24.33 35.12 54.85
N ALA D 75 24.40 34.46 56.00
CA ALA D 75 23.20 33.99 56.72
C ALA D 75 22.07 35.00 56.94
N PRO D 76 22.38 36.23 57.42
CA PRO D 76 21.29 37.18 57.69
C PRO D 76 20.42 37.50 56.48
N MET D 77 20.99 37.35 55.29
CA MET D 77 20.24 37.57 54.05
C MET D 77 19.04 36.63 53.93
N TYR D 78 19.21 35.41 54.42
CA TYR D 78 18.21 34.36 54.23
C TYR D 78 17.18 34.27 55.35
N TYR D 79 17.60 34.53 56.59
CA TYR D 79 16.68 34.43 57.72
C TYR D 79 16.13 35.78 58.18
N ARG D 80 16.37 36.83 57.41
CA ARG D 80 15.94 38.17 57.78
C ARG D 80 14.44 38.27 58.02
N GLY D 81 13.67 38.37 56.94
CA GLY D 81 12.23 38.44 57.04
C GLY D 81 11.58 37.07 56.96
N ALA D 82 12.20 36.10 57.62
CA ALA D 82 11.69 34.73 57.60
C ALA D 82 10.69 34.48 58.73
N GLN D 83 9.52 33.96 58.36
CA GLN D 83 8.49 33.62 59.35
C GLN D 83 8.81 32.30 60.03
N ALA D 84 9.65 31.50 59.40
CA ALA D 84 9.99 30.17 59.92
C ALA D 84 11.43 29.80 59.61
N ALA D 85 11.91 28.74 60.27
CA ALA D 85 13.27 28.27 60.07
C ALA D 85 13.38 26.78 60.40
N ILE D 86 14.35 26.10 59.80
CA ILE D 86 14.61 24.70 60.11
C ILE D 86 16.10 24.48 60.34
N VAL D 87 16.47 24.34 61.61
CA VAL D 87 17.86 24.03 61.94
C VAL D 87 18.09 22.54 61.85
N VAL D 88 18.81 22.11 60.83
CA VAL D 88 19.00 20.69 60.54
C VAL D 88 20.31 20.16 61.12
N TYR D 89 20.28 18.94 61.63
CA TYR D 89 21.50 18.27 62.08
C TYR D 89 21.46 16.77 61.77
N ASP D 90 22.64 16.17 61.68
CA ASP D 90 22.77 14.76 61.40
C ASP D 90 22.87 13.99 62.72
N ILE D 91 22.15 12.88 62.83
CA ILE D 91 22.16 12.09 64.06
C ILE D 91 23.41 11.22 64.15
N THR D 92 24.18 11.17 63.07
CA THR D 92 25.41 10.40 63.04
C THR D 92 26.63 11.28 63.29
N ASN D 93 26.39 12.47 63.82
CA ASN D 93 27.47 13.39 64.18
C ASN D 93 27.01 14.40 65.24
N THR D 94 27.68 14.39 66.38
CA THR D 94 27.35 15.29 67.48
C THR D 94 27.74 16.73 67.15
N ASP D 95 28.75 16.87 66.30
CA ASP D 95 29.24 18.19 65.90
C ASP D 95 28.16 19.01 65.19
N THR D 96 27.27 18.33 64.48
CA THR D 96 26.13 18.99 63.84
C THR D 96 25.18 19.53 64.91
N PHE D 97 24.95 18.72 65.95
CA PHE D 97 24.11 19.12 67.07
C PHE D 97 24.72 20.31 67.79
N ALA D 98 26.05 20.42 67.75
CA ALA D 98 26.74 21.57 68.32
C ALA D 98 26.46 22.80 67.46
N ARG D 99 26.58 22.63 66.14
CA ARG D 99 26.33 23.71 65.18
C ARG D 99 24.86 24.12 65.19
N ALA D 100 24.00 23.17 65.57
CA ALA D 100 22.56 23.40 65.60
C ALA D 100 22.19 24.49 66.61
N LYS D 101 22.69 24.35 67.83
CA LYS D 101 22.47 25.35 68.88
C LYS D 101 23.01 26.71 68.44
N ASN D 102 24.17 26.68 67.77
CA ASN D 102 24.82 27.90 67.31
C ASN D 102 23.98 28.65 66.28
N TRP D 103 23.22 27.90 65.48
CA TRP D 103 22.28 28.52 64.54
C TRP D 103 21.05 29.03 65.27
N VAL D 104 20.51 28.20 66.17
CA VAL D 104 19.36 28.59 66.99
C VAL D 104 19.68 29.84 67.81
N LYS D 105 20.87 29.87 68.37
CA LYS D 105 21.33 31.01 69.18
C LYS D 105 21.29 32.31 68.37
N GLU D 106 21.89 32.28 67.18
CA GLU D 106 21.88 33.43 66.29
C GLU D 106 20.45 33.79 65.89
N LEU D 107 19.60 32.78 65.75
CA LEU D 107 18.20 32.99 65.42
C LEU D 107 17.41 33.52 66.61
N GLN D 108 17.92 33.25 67.81
CA GLN D 108 17.27 33.74 69.02
C GLN D 108 17.64 35.20 69.31
N ARG D 109 18.74 35.65 68.71
CA ARG D 109 19.24 37.01 68.94
C ARG D 109 19.01 37.90 67.73
N GLN D 110 19.74 37.61 66.65
CA GLN D 110 19.80 38.47 65.49
C GLN D 110 18.55 38.41 64.60
N ALA D 111 17.89 37.26 64.59
CA ALA D 111 16.71 37.08 63.74
C ALA D 111 15.48 37.78 64.31
N SER D 112 14.34 37.58 63.65
CA SER D 112 13.08 38.17 64.08
C SER D 112 12.58 37.51 65.36
N PRO D 113 11.96 38.31 66.25
CA PRO D 113 11.40 37.77 67.49
C PRO D 113 10.21 36.85 67.23
N ASN D 114 9.36 37.23 66.27
CA ASN D 114 8.21 36.42 65.90
C ASN D 114 8.59 35.40 64.83
N ILE D 115 9.55 34.53 65.17
CA ILE D 115 9.99 33.49 64.23
C ILE D 115 9.67 32.11 64.78
N VAL D 116 9.44 31.16 63.88
CA VAL D 116 9.18 29.78 64.28
C VAL D 116 10.36 28.89 63.92
N ILE D 117 11.13 28.51 64.95
CA ILE D 117 12.31 27.68 64.75
C ILE D 117 11.98 26.22 65.01
N ALA D 118 12.46 25.34 64.13
CA ALA D 118 12.26 23.91 64.29
C ALA D 118 13.61 23.19 64.34
N LEU D 119 13.68 22.11 65.10
CA LEU D 119 14.89 21.32 65.20
C LEU D 119 14.72 19.98 64.50
N ALA D 120 15.41 19.82 63.37
CA ALA D 120 15.31 18.59 62.59
C ALA D 120 16.56 17.73 62.69
N GLY D 121 16.37 16.47 63.05
CA GLY D 121 17.45 15.50 63.02
C GLY D 121 17.29 14.61 61.81
N ASN D 122 18.08 14.85 60.77
CA ASN D 122 17.97 14.09 59.54
C ASN D 122 18.73 12.77 59.61
N LYS D 123 18.57 11.95 58.58
CA LYS D 123 19.26 10.66 58.46
C LYS D 123 18.95 9.74 59.64
N ALA D 124 17.66 9.60 59.96
CA ALA D 124 17.24 8.75 61.06
C ALA D 124 17.13 7.29 60.61
N ASP D 125 17.17 7.08 59.30
CA ASP D 125 17.11 5.72 58.75
C ASP D 125 18.41 4.98 59.04
N LEU D 126 19.50 5.73 59.16
CA LEU D 126 20.78 5.17 59.57
C LEU D 126 20.79 5.01 61.09
N ALA D 127 19.86 4.19 61.60
CA ALA D 127 19.67 4.04 63.03
C ALA D 127 20.80 3.27 63.69
N SER D 128 21.50 2.44 62.91
CA SER D 128 22.54 1.57 63.44
C SER D 128 23.83 2.31 63.80
N LYS D 129 23.86 3.62 63.57
CA LYS D 129 25.05 4.42 63.87
C LYS D 129 24.72 5.77 64.52
N ARG D 130 23.63 5.81 65.27
CA ARG D 130 23.22 7.03 65.97
C ARG D 130 24.28 7.54 66.94
N ALA D 131 24.50 8.85 66.95
CA ALA D 131 25.48 9.47 67.84
C ALA D 131 24.86 10.53 68.75
N VAL D 132 23.57 10.80 68.57
CA VAL D 132 22.86 11.74 69.42
C VAL D 132 21.49 11.20 69.84
N GLU D 133 21.26 11.12 71.15
CA GLU D 133 20.02 10.56 71.70
C GLU D 133 18.79 11.40 71.34
N PHE D 134 17.64 10.74 71.28
CA PHE D 134 16.38 11.41 70.99
C PHE D 134 16.04 12.42 72.09
N GLN D 135 15.92 11.92 73.30
CA GLN D 135 15.50 12.73 74.45
C GLN D 135 16.48 13.86 74.75
N GLU D 136 17.75 13.64 74.43
CA GLU D 136 18.79 14.64 74.63
C GLU D 136 18.45 15.92 73.88
N ALA D 137 18.01 15.76 72.64
CA ALA D 137 17.61 16.90 71.81
C ALA D 137 16.18 17.32 72.15
N GLN D 138 15.32 16.34 72.40
CA GLN D 138 13.92 16.61 72.76
C GLN D 138 13.84 17.46 74.02
N ALA D 139 14.78 17.25 74.94
CA ALA D 139 14.87 18.08 76.13
C ALA D 139 15.27 19.49 75.74
N TYR D 140 16.31 19.61 74.92
CA TYR D 140 16.78 20.91 74.43
C TYR D 140 15.68 21.64 73.67
N ALA D 141 14.85 20.89 72.96
CA ALA D 141 13.74 21.46 72.21
C ALA D 141 12.71 22.08 73.15
N ASP D 142 12.29 21.30 74.14
CA ASP D 142 11.29 21.75 75.11
C ASP D 142 11.77 22.95 75.93
N ASP D 143 13.08 23.02 76.15
CA ASP D 143 13.65 24.13 76.90
C ASP D 143 13.57 25.44 76.13
N ASN D 144 13.95 25.40 74.85
CA ASN D 144 13.97 26.60 74.02
C ASN D 144 12.66 26.82 73.27
N SER D 145 11.67 25.96 73.55
CA SER D 145 10.35 26.05 72.93
C SER D 145 10.40 26.00 71.41
N LEU D 146 11.31 25.19 70.87
CA LEU D 146 11.39 24.98 69.43
C LEU D 146 10.48 23.81 69.05
N LEU D 147 10.66 23.28 67.86
CA LEU D 147 9.86 22.14 67.41
C LEU D 147 10.79 21.03 66.90
N PHE D 148 10.84 19.93 67.64
CA PHE D 148 11.73 18.83 67.29
C PHE D 148 11.05 17.67 66.59
N MET D 149 11.70 17.14 65.56
CA MET D 149 11.28 15.93 64.88
C MET D 149 12.49 15.22 64.28
N GLU D 150 12.45 13.90 64.27
CA GLU D 150 13.49 13.13 63.59
C GLU D 150 13.07 12.85 62.15
N THR D 151 13.83 13.40 61.21
CA THR D 151 13.52 13.23 59.80
C THR D 151 14.48 12.27 59.11
N SER D 152 14.10 11.82 57.93
CA SER D 152 14.93 10.97 57.09
C SER D 152 14.44 11.05 55.67
N ALA D 153 15.17 11.79 54.83
CA ALA D 153 14.75 12.04 53.45
C ALA D 153 14.69 10.77 52.62
N LYS D 154 15.47 9.76 53.01
CA LYS D 154 15.48 8.49 52.28
C LYS D 154 14.20 7.69 52.55
N THR D 155 13.68 7.81 53.77
CA THR D 155 12.47 7.09 54.15
C THR D 155 11.26 8.02 54.23
N ALA D 156 11.48 9.30 53.88
CA ALA D 156 10.43 10.32 53.90
C ALA D 156 9.76 10.50 55.26
N MET D 157 10.43 10.02 56.31
CA MET D 157 9.87 10.06 57.66
C MET D 157 9.85 11.49 58.21
N ASN D 158 8.68 11.91 58.67
CA ASN D 158 8.48 13.23 59.27
C ASN D 158 8.75 14.43 58.35
N VAL D 159 9.20 14.15 57.12
CA VAL D 159 9.53 15.21 56.17
C VAL D 159 8.34 16.08 55.82
N ASN D 160 7.28 15.46 55.32
CA ASN D 160 6.03 16.18 55.06
C ASN D 160 5.40 16.63 56.37
N GLU D 161 5.62 15.82 57.42
CA GLU D 161 5.04 16.08 58.73
C GLU D 161 5.62 17.30 59.44
N ILE D 162 6.91 17.57 59.22
CA ILE D 162 7.58 18.68 59.90
C ILE D 162 7.21 20.04 59.32
N PHE D 163 6.94 20.10 58.03
CA PHE D 163 6.52 21.35 57.39
C PHE D 163 5.09 21.70 57.78
N MET D 164 4.26 20.67 57.90
CA MET D 164 2.88 20.85 58.34
C MET D 164 2.85 21.20 59.82
N ALA D 165 3.92 20.85 60.54
CA ALA D 165 4.05 21.17 61.95
C ALA D 165 4.40 22.64 62.14
N ILE D 166 5.02 23.23 61.12
CA ILE D 166 5.35 24.65 61.14
C ILE D 166 4.17 25.46 60.60
N ALA D 167 3.40 24.84 59.71
CA ALA D 167 2.21 25.47 59.13
C ALA D 167 1.14 25.71 60.17
N LYS D 168 1.03 24.80 61.14
CA LYS D 168 0.03 24.92 62.20
C LYS D 168 0.41 25.99 63.22
N LYS D 169 1.71 26.24 63.36
CA LYS D 169 2.20 27.29 64.25
C LYS D 169 1.97 28.67 63.62
N LEU D 170 1.43 28.67 62.41
CA LEU D 170 1.19 29.92 61.68
C LEU D 170 -0.27 29.99 61.23
N GLY E 4 10.75 -23.69 -10.97
CA GLY E 4 9.68 -23.88 -10.00
C GLY E 4 9.95 -23.19 -8.69
N SER E 5 9.06 -23.38 -7.72
CA SER E 5 9.21 -22.77 -6.40
C SER E 5 10.40 -23.36 -5.66
N GLU E 6 10.97 -22.57 -4.75
CA GLU E 6 12.11 -23.00 -3.97
C GLU E 6 11.83 -22.91 -2.47
N ILE E 7 12.51 -23.73 -1.68
CA ILE E 7 12.36 -23.69 -0.24
C ILE E 7 13.65 -23.20 0.42
N SER E 8 13.53 -22.15 1.23
CA SER E 8 14.67 -21.56 1.90
C SER E 8 14.49 -21.52 3.41
N LYS E 9 15.61 -21.47 4.13
CA LYS E 9 15.57 -21.41 5.58
C LYS E 9 15.70 -19.97 6.07
N THR E 10 14.66 -19.47 6.73
CA THR E 10 14.62 -18.09 7.21
C THR E 10 15.74 -17.77 8.18
N GLU E 11 15.93 -16.49 8.45
CA GLU E 11 16.97 -16.04 9.38
C GLU E 11 16.56 -16.33 10.81
N ALA E 12 15.31 -16.75 11.00
CA ALA E 12 14.80 -17.09 12.31
C ALA E 12 15.04 -18.56 12.65
N GLY E 13 14.65 -19.44 11.74
CA GLY E 13 14.76 -20.87 11.97
C GLY E 13 13.60 -21.61 11.33
N GLN E 14 12.77 -20.87 10.60
CA GLN E 14 11.62 -21.44 9.92
C GLN E 14 11.91 -21.56 8.42
N TYR E 15 10.96 -22.10 7.67
CA TYR E 15 11.17 -22.35 6.24
C TYR E 15 10.11 -21.70 5.36
N SER E 16 10.54 -20.82 4.47
CA SER E 16 9.64 -20.13 3.56
C SER E 16 9.80 -20.63 2.13
N VAL E 17 8.75 -20.46 1.34
CA VAL E 17 8.78 -20.80 -0.09
C VAL E 17 8.98 -19.53 -0.90
N SER E 18 9.32 -19.68 -2.17
CA SER E 18 9.48 -18.53 -3.04
C SER E 18 8.14 -17.83 -3.26
N ALA E 19 8.16 -16.50 -3.29
CA ALA E 19 6.94 -15.74 -3.51
C ALA E 19 6.35 -16.03 -4.89
N PRO E 20 5.03 -16.27 -4.94
CA PRO E 20 4.36 -16.55 -6.20
C PRO E 20 4.45 -15.37 -7.16
N GLU E 21 4.50 -15.66 -8.46
CA GLU E 21 4.64 -14.62 -9.48
C GLU E 21 3.38 -14.58 -10.36
N HIS E 22 2.74 -13.42 -10.42
CA HIS E 22 1.52 -13.28 -11.21
C HIS E 22 1.73 -12.40 -12.45
N LYS E 23 1.15 -12.82 -13.57
CA LYS E 23 1.32 -12.12 -14.83
C LYS E 23 -0.01 -11.71 -15.44
N GLY E 24 -1.10 -12.08 -14.77
CA GLY E 24 -2.44 -11.78 -15.28
C GLY E 24 -3.35 -11.19 -14.23
N LEU E 25 -4.41 -10.52 -14.68
CA LEU E 25 -5.40 -9.92 -13.79
C LEU E 25 -6.73 -9.77 -14.52
N VAL E 26 -7.74 -10.52 -14.07
CA VAL E 26 -9.05 -10.45 -14.69
C VAL E 26 -10.10 -9.85 -13.75
N LEU E 27 -10.84 -8.87 -14.25
CA LEU E 27 -11.88 -8.22 -13.46
C LEU E 27 -13.27 -8.69 -13.90
N SER E 28 -14.07 -9.13 -12.93
CA SER E 28 -15.36 -9.78 -13.21
C SER E 28 -16.36 -8.90 -13.94
N GLY E 29 -17.33 -9.54 -14.58
CA GLY E 29 -18.45 -8.84 -15.17
C GLY E 29 -19.67 -8.97 -14.28
N GLY E 30 -20.10 -7.87 -13.68
CA GLY E 30 -21.24 -7.90 -12.79
C GLY E 30 -21.94 -6.55 -12.69
N GLY E 31 -22.48 -6.25 -11.52
CA GLY E 31 -23.16 -4.98 -11.31
C GLY E 31 -22.36 -4.03 -10.46
N ALA E 32 -21.07 -4.32 -10.31
CA ALA E 32 -20.18 -3.48 -9.53
C ALA E 32 -19.96 -2.14 -10.21
N LYS E 33 -19.71 -1.11 -9.39
CA LYS E 33 -19.33 0.19 -9.91
C LYS E 33 -17.80 0.28 -9.90
N GLY E 34 -17.26 1.35 -10.47
CA GLY E 34 -15.81 1.46 -10.62
C GLY E 34 -15.04 1.76 -9.35
N ILE E 35 -15.76 2.12 -8.29
CA ILE E 35 -15.11 2.54 -7.05
C ILE E 35 -14.67 1.34 -6.20
N SER E 36 -15.18 0.16 -6.54
CA SER E 36 -14.85 -1.05 -5.79
C SER E 36 -13.44 -1.54 -6.13
N TYR E 37 -12.97 -1.20 -7.32
CA TYR E 37 -11.66 -1.64 -7.78
C TYR E 37 -10.54 -0.67 -7.38
N LEU E 38 -10.92 0.52 -6.93
CA LEU E 38 -9.93 1.54 -6.58
C LEU E 38 -9.05 1.09 -5.42
N GLY E 39 -9.64 0.41 -4.45
CA GLY E 39 -8.89 -0.12 -3.33
C GLY E 39 -8.08 -1.35 -3.70
N MET E 40 -8.56 -2.09 -4.70
CA MET E 40 -7.86 -3.28 -5.16
C MET E 40 -6.54 -2.92 -5.85
N ILE E 41 -6.62 -1.96 -6.77
CA ILE E 41 -5.44 -1.46 -7.46
C ILE E 41 -4.46 -0.83 -6.47
N GLN E 42 -4.99 -0.08 -5.52
CA GLN E 42 -4.18 0.64 -4.54
C GLN E 42 -3.47 -0.30 -3.58
N ALA E 43 -3.90 -1.56 -3.56
CA ALA E 43 -3.26 -2.58 -2.73
C ALA E 43 -2.17 -3.32 -3.50
N LEU E 44 -2.42 -3.62 -4.77
CA LEU E 44 -1.45 -4.27 -5.63
C LEU E 44 -0.23 -3.37 -5.83
N GLN E 45 -0.47 -2.06 -5.86
CA GLN E 45 0.60 -1.07 -6.01
C GLN E 45 1.59 -1.13 -4.85
N GLU E 46 1.07 -1.16 -3.63
CA GLU E 46 1.90 -1.22 -2.43
C GLU E 46 2.67 -2.53 -2.38
N ARG E 47 2.06 -3.60 -2.90
CA ARG E 47 2.68 -4.91 -2.93
C ARG E 47 3.58 -5.09 -4.15
N GLY E 48 3.38 -4.25 -5.16
CA GLY E 48 4.17 -4.31 -6.39
C GLY E 48 3.78 -5.48 -7.27
N LYS E 49 2.48 -5.75 -7.36
CA LYS E 49 1.99 -6.85 -8.19
C LYS E 49 1.66 -6.35 -9.59
N ILE E 50 1.57 -5.04 -9.75
CA ILE E 50 1.20 -4.42 -11.02
C ILE E 50 2.30 -4.48 -12.08
N LYS E 51 3.51 -4.11 -11.68
CA LYS E 51 4.64 -3.99 -12.61
C LYS E 51 4.95 -5.30 -13.35
N ASN E 52 4.74 -6.43 -12.69
CA ASN E 52 5.04 -7.72 -13.29
C ASN E 52 3.88 -8.28 -14.10
N LEU E 53 2.77 -7.55 -14.15
CA LEU E 53 1.63 -7.95 -14.96
C LEU E 53 1.92 -7.74 -16.44
N THR E 54 1.56 -8.73 -17.25
CA THR E 54 1.72 -8.64 -18.69
C THR E 54 0.37 -8.49 -19.35
N HIS E 55 -0.64 -9.13 -18.77
CA HIS E 55 -1.99 -9.11 -19.30
C HIS E 55 -2.98 -8.57 -18.28
N VAL E 56 -4.13 -8.11 -18.75
CA VAL E 56 -5.22 -7.70 -17.87
C VAL E 56 -6.56 -7.79 -18.61
N SER E 57 -7.46 -8.61 -18.07
CA SER E 57 -8.78 -8.80 -18.67
C SER E 57 -9.85 -8.17 -17.80
N GLY E 58 -11.01 -7.87 -18.39
CA GLY E 58 -12.08 -7.25 -17.64
C GLY E 58 -13.39 -7.18 -18.41
N ALA E 59 -14.50 -7.23 -17.67
CA ALA E 59 -15.83 -7.08 -18.25
C ALA E 59 -16.64 -6.11 -17.40
N SER E 60 -17.75 -5.61 -17.96
CA SER E 60 -18.59 -4.63 -17.27
C SER E 60 -17.81 -3.39 -16.85
N ALA E 61 -17.87 -3.06 -15.56
CA ALA E 61 -17.17 -1.91 -15.03
C ALA E 61 -15.67 -2.19 -14.95
N GLY E 62 -15.30 -3.47 -14.95
CA GLY E 62 -13.91 -3.85 -14.89
C GLY E 62 -13.22 -3.76 -16.24
N ALA E 63 -14.00 -3.45 -17.28
CA ALA E 63 -13.45 -3.29 -18.63
C ALA E 63 -12.82 -1.91 -18.80
N MET E 64 -13.33 -0.95 -18.03
CA MET E 64 -12.81 0.42 -18.05
C MET E 64 -11.65 0.56 -17.08
N THR E 65 -11.70 -0.24 -16.02
CA THR E 65 -10.66 -0.27 -15.01
C THR E 65 -9.42 -0.98 -15.56
N ALA E 66 -9.65 -2.07 -16.29
CA ALA E 66 -8.56 -2.81 -16.92
C ALA E 66 -7.93 -2.00 -18.04
N SER E 67 -8.74 -1.17 -18.69
CA SER E 67 -8.29 -0.40 -19.83
C SER E 67 -7.34 0.73 -19.43
N ILE E 68 -7.62 1.38 -18.31
CA ILE E 68 -6.76 2.47 -17.83
C ILE E 68 -5.56 1.90 -17.07
N LEU E 69 -5.61 0.59 -16.78
CA LEU E 69 -4.46 -0.11 -16.24
C LEU E 69 -3.54 -0.52 -17.38
N ALA E 70 -4.15 -0.94 -18.48
CA ALA E 70 -3.40 -1.41 -19.65
C ALA E 70 -2.72 -0.27 -20.39
N VAL E 71 -3.22 0.94 -20.21
CA VAL E 71 -2.70 2.10 -20.92
C VAL E 71 -1.50 2.71 -20.17
N GLY E 72 -1.21 2.14 -19.00
CA GLY E 72 -0.06 2.56 -18.21
C GLY E 72 -0.28 3.86 -17.47
N MET E 73 -1.54 4.20 -17.21
CA MET E 73 -1.87 5.43 -16.49
C MET E 73 -1.30 5.42 -15.08
N ASP E 74 -0.64 6.52 -14.72
CA ASP E 74 -0.10 6.72 -13.38
C ASP E 74 -1.20 6.53 -12.34
N ILE E 75 -0.92 5.70 -11.33
CA ILE E 75 -1.91 5.36 -10.30
C ILE E 75 -2.44 6.60 -9.57
N LYS E 76 -1.67 7.68 -9.61
CA LYS E 76 -2.10 8.96 -9.08
C LYS E 76 -3.32 9.46 -9.85
N ASP E 77 -3.27 9.29 -11.17
CA ASP E 77 -4.35 9.74 -12.04
C ASP E 77 -5.52 8.75 -12.06
N ILE E 78 -5.22 7.47 -11.86
CA ILE E 78 -6.25 6.45 -11.77
C ILE E 78 -7.20 6.75 -10.60
N LYS E 79 -6.63 7.20 -9.49
CA LYS E 79 -7.41 7.58 -8.32
C LYS E 79 -8.44 8.64 -8.68
N LYS E 80 -7.95 9.77 -9.21
CA LYS E 80 -8.83 10.87 -9.62
C LYS E 80 -9.83 10.44 -10.70
N LEU E 81 -9.36 9.59 -11.61
CA LEU E 81 -10.21 9.13 -12.72
C LEU E 81 -11.32 8.22 -12.22
N ILE E 82 -11.00 7.36 -11.26
CA ILE E 82 -11.98 6.45 -10.67
C ILE E 82 -12.99 7.18 -9.79
N GLU E 83 -12.47 7.98 -8.86
CA GLU E 83 -13.29 8.65 -7.87
C GLU E 83 -14.25 9.69 -8.46
N GLY E 84 -13.77 10.45 -9.44
CA GLY E 84 -14.55 11.54 -10.00
C GLY E 84 -15.09 11.29 -11.39
N LEU E 85 -15.61 10.10 -11.63
CA LEU E 85 -16.18 9.77 -12.94
C LEU E 85 -17.21 8.65 -12.83
N ASP E 86 -18.37 8.96 -12.26
CA ASP E 86 -19.47 8.00 -12.19
C ASP E 86 -20.13 7.86 -13.55
N ILE E 87 -20.72 6.70 -13.80
CA ILE E 87 -21.44 6.44 -15.05
C ILE E 87 -22.66 7.37 -15.16
N THR E 88 -23.18 7.77 -14.01
CA THR E 88 -24.35 8.64 -13.94
C THR E 88 -24.08 10.00 -14.57
N LYS E 89 -22.87 10.51 -14.37
CA LYS E 89 -22.46 11.79 -14.94
C LYS E 89 -22.42 11.73 -16.47
N LEU E 90 -22.27 10.53 -17.00
CA LEU E 90 -22.03 10.35 -18.43
C LEU E 90 -23.19 9.67 -19.16
N LEU E 91 -24.41 10.01 -18.75
CA LEU E 91 -25.61 9.50 -19.42
C LEU E 91 -26.14 10.55 -20.39
N ASP E 92 -26.30 10.15 -21.66
CA ASP E 92 -26.74 11.07 -22.69
C ASP E 92 -27.98 10.57 -23.43
N ASN E 93 -29.10 10.50 -22.71
CA ASN E 93 -30.35 10.00 -23.28
C ASN E 93 -30.88 10.89 -24.40
N SER E 94 -30.87 10.36 -25.62
CA SER E 94 -31.41 11.09 -26.76
C SER E 94 -32.43 10.23 -27.51
N GLY E 95 -33.71 10.55 -27.35
CA GLY E 95 -34.14 11.63 -26.48
C GLY E 95 -34.32 11.19 -25.04
N VAL E 96 -34.64 12.13 -24.16
CA VAL E 96 -34.76 11.85 -22.74
C VAL E 96 -36.04 11.09 -22.41
N GLY E 97 -36.89 10.89 -23.42
CA GLY E 97 -38.12 10.16 -23.24
C GLY E 97 -37.91 8.69 -22.92
N ARG E 99 -33.35 6.22 -23.29
CA ARG E 99 -32.18 5.56 -22.74
C ARG E 99 -30.90 6.16 -23.31
N ALA E 100 -29.79 6.00 -22.58
CA ALA E 100 -28.51 6.54 -23.00
C ALA E 100 -27.99 5.87 -24.26
N ARG E 101 -27.69 6.67 -25.27
CA ARG E 101 -27.09 6.18 -26.51
C ARG E 101 -25.69 5.64 -26.26
N GLY E 102 -25.02 6.19 -25.25
CA GLY E 102 -23.77 5.63 -24.77
C GLY E 102 -22.52 6.00 -25.55
N ASP E 103 -22.63 6.97 -26.45
CA ASP E 103 -21.45 7.41 -27.20
C ASP E 103 -20.76 8.59 -26.51
N ARG E 104 -21.34 9.06 -25.41
CA ARG E 104 -20.69 10.07 -24.58
C ARG E 104 -19.64 9.39 -23.72
N PHE E 105 -19.98 8.21 -23.21
CA PHE E 105 -19.05 7.40 -22.44
C PHE E 105 -17.94 6.89 -23.36
N ARG E 106 -18.28 6.66 -24.62
CA ARG E 106 -17.31 6.18 -25.60
C ARG E 106 -16.31 7.28 -25.96
N ASN E 107 -16.82 8.50 -26.08
CA ASN E 107 -15.97 9.66 -26.39
C ASN E 107 -15.11 10.09 -25.20
N ILE E 108 -15.64 9.89 -23.99
CA ILE E 108 -14.89 10.18 -22.77
C ILE E 108 -13.67 9.26 -22.67
N LEU E 109 -13.87 7.98 -22.98
CA LEU E 109 -12.78 7.00 -22.97
C LEU E 109 -11.70 7.36 -23.98
N ASP E 110 -12.13 7.73 -25.18
CA ASP E 110 -11.20 8.13 -26.25
C ASP E 110 -10.31 9.29 -25.83
N VAL E 111 -10.86 10.19 -25.03
CA VAL E 111 -10.10 11.31 -24.48
C VAL E 111 -9.11 10.82 -23.42
N ILE E 112 -9.59 9.93 -22.55
CA ILE E 112 -8.74 9.31 -21.53
C ILE E 112 -7.59 8.53 -22.18
N TYR E 113 -7.89 7.81 -23.25
CA TYR E 113 -6.89 6.99 -23.93
C TYR E 113 -5.88 7.85 -24.69
N MET E 114 -6.37 8.82 -25.46
CA MET E 114 -5.48 9.67 -26.24
C MET E 114 -4.57 10.52 -25.37
N MET E 115 -5.06 10.90 -24.18
CA MET E 115 -4.28 11.73 -23.27
C MET E 115 -3.07 10.98 -22.74
N GLN E 116 -3.29 9.72 -22.34
CA GLN E 116 -2.23 8.91 -21.77
C GLN E 116 -1.27 8.39 -22.85
N MET E 117 -1.83 7.89 -23.95
CA MET E 117 -1.02 7.34 -25.03
C MET E 117 -0.18 8.42 -25.70
N LYS E 118 -0.57 9.68 -25.54
CA LYS E 118 0.21 10.80 -26.04
C LYS E 118 1.40 11.04 -25.13
N LYS E 119 1.18 10.97 -23.82
CA LYS E 119 2.25 11.19 -22.84
C LYS E 119 3.34 10.13 -22.92
N HIS E 120 2.95 8.92 -23.29
CA HIS E 120 3.90 7.82 -23.43
C HIS E 120 4.65 7.90 -24.75
N LEU E 121 4.04 8.54 -25.74
CA LEU E 121 4.70 8.76 -27.03
C LEU E 121 5.84 9.78 -26.91
N GLU E 122 5.63 10.76 -26.03
CA GLU E 122 6.60 11.84 -25.85
C GLU E 122 7.80 11.40 -25.03
N SER E 123 7.75 10.17 -24.52
CA SER E 123 8.88 9.63 -23.77
C SER E 123 9.82 8.87 -24.72
N VAL E 124 9.30 8.49 -25.87
CA VAL E 124 10.10 7.81 -26.89
C VAL E 124 11.26 8.69 -27.35
N GLN E 125 12.46 8.12 -27.33
CA GLN E 125 13.66 8.87 -27.71
C GLN E 125 13.90 8.79 -29.21
N GLN E 126 13.94 9.95 -29.86
CA GLN E 126 14.29 10.02 -31.27
C GLN E 126 15.80 10.26 -31.40
N PRO E 127 16.42 9.76 -32.49
CA PRO E 127 15.85 9.08 -33.67
C PRO E 127 15.21 7.72 -33.37
N ILE E 128 14.34 7.29 -34.27
CA ILE E 128 13.59 6.05 -34.11
C ILE E 128 14.00 5.03 -35.17
N PRO E 129 14.27 3.79 -34.75
CA PRO E 129 14.63 2.70 -35.67
C PRO E 129 13.63 2.55 -36.81
N PRO E 130 14.13 2.33 -38.04
CA PRO E 130 13.34 2.27 -39.27
C PRO E 130 12.22 1.22 -39.20
N GLU E 131 12.51 0.08 -38.60
CA GLU E 131 11.53 -0.99 -38.44
C GLU E 131 10.40 -0.57 -37.52
N GLN E 132 10.67 0.41 -36.66
CA GLN E 132 9.70 0.89 -35.70
C GLN E 132 9.27 2.31 -36.03
N GLN E 133 9.35 2.67 -37.32
CA GLN E 133 9.07 4.03 -37.76
C GLN E 133 7.65 4.19 -38.29
N MET E 134 7.07 3.09 -38.78
CA MET E 134 5.68 3.10 -39.23
C MET E 134 4.74 3.22 -38.03
N ASN E 135 5.04 2.45 -36.98
CA ASN E 135 4.23 2.45 -35.77
C ASN E 135 4.16 3.83 -35.11
N TYR E 136 5.25 4.58 -35.21
CA TYR E 136 5.30 5.92 -34.62
C TYR E 136 4.40 6.89 -35.36
N GLY E 137 4.36 6.77 -36.68
CA GLY E 137 3.53 7.62 -37.50
C GLY E 137 2.05 7.38 -37.27
N ILE E 138 1.64 6.11 -37.36
CA ILE E 138 0.24 5.73 -37.19
C ILE E 138 -0.35 6.22 -35.87
N LEU E 139 0.38 6.03 -34.78
CA LEU E 139 -0.07 6.47 -33.46
C LEU E 139 -0.18 7.99 -33.38
N LYS E 140 0.88 8.67 -33.82
CA LYS E 140 0.93 10.13 -33.76
C LYS E 140 -0.07 10.76 -34.72
N GLN E 141 -0.45 10.00 -35.75
CA GLN E 141 -1.43 10.45 -36.73
C GLN E 141 -2.82 10.54 -36.11
N LYS E 142 -3.16 9.54 -35.30
CA LYS E 142 -4.48 9.46 -34.67
C LYS E 142 -4.68 10.54 -33.62
N ILE E 143 -3.66 10.74 -32.79
CA ILE E 143 -3.71 11.74 -31.72
C ILE E 143 -3.98 13.13 -32.28
N ALA E 144 -3.33 13.46 -33.39
CA ALA E 144 -3.58 14.73 -34.07
C ALA E 144 -5.02 14.82 -34.54
N LEU E 145 -5.55 13.72 -35.08
CA LEU E 145 -6.93 13.64 -35.54
C LEU E 145 -7.90 13.90 -34.38
N TYR E 146 -7.59 13.32 -33.23
CA TYR E 146 -8.37 13.54 -32.01
C TYR E 146 -8.27 15.01 -31.58
N GLU E 147 -7.05 15.52 -31.52
CA GLU E 147 -6.81 16.89 -31.08
C GLU E 147 -7.36 17.92 -32.06
N ASP E 148 -7.36 17.58 -33.35
CA ASP E 148 -7.95 18.44 -34.36
C ASP E 148 -9.44 18.61 -34.11
N LYS E 149 -10.12 17.50 -33.81
CA LYS E 149 -11.53 17.53 -33.49
C LYS E 149 -11.81 18.28 -32.19
N LEU E 150 -10.91 18.14 -31.22
CA LEU E 150 -11.07 18.78 -29.93
C LEU E 150 -10.83 20.29 -30.01
N SER E 151 -9.81 20.69 -30.75
CA SER E 151 -9.48 22.11 -30.89
C SER E 151 -10.58 22.83 -31.68
N ARG E 152 -11.17 22.12 -32.63
CA ARG E 152 -12.29 22.64 -33.42
C ARG E 152 -13.41 23.11 -32.50
N ALA E 153 -13.70 22.31 -31.49
CA ALA E 153 -14.79 22.61 -30.55
C ALA E 153 -14.29 23.33 -29.31
N GLY E 154 -13.06 23.83 -29.36
CA GLY E 154 -12.50 24.58 -28.25
C GLY E 154 -12.27 23.76 -27.00
N ILE E 155 -11.97 22.48 -27.19
CA ILE E 155 -11.65 21.59 -26.09
C ILE E 155 -10.16 21.30 -26.03
N VAL E 156 -9.55 21.51 -24.88
CA VAL E 156 -8.12 21.26 -24.71
C VAL E 156 -7.85 20.30 -23.55
N ILE E 157 -7.31 19.13 -23.89
CA ILE E 157 -7.07 18.08 -22.90
C ILE E 157 -5.60 17.65 -22.87
N ASN E 158 -4.92 17.99 -21.78
CA ASN E 158 -3.53 17.58 -21.56
C ASN E 158 -3.32 17.22 -20.10
N ASN E 159 -4.39 16.73 -19.47
CA ASN E 159 -4.43 16.48 -18.05
C ASN E 159 -5.69 15.68 -17.71
N VAL E 160 -5.61 14.87 -16.65
CA VAL E 160 -6.78 14.08 -16.21
C VAL E 160 -7.84 15.00 -15.62
N ASP E 161 -7.40 16.02 -14.89
CA ASP E 161 -8.31 17.01 -14.33
C ASP E 161 -9.14 17.70 -15.43
N ASP E 162 -8.53 17.90 -16.59
CA ASP E 162 -9.20 18.55 -17.70
C ASP E 162 -10.33 17.70 -18.28
N ILE E 163 -10.28 16.40 -18.05
CA ILE E 163 -11.33 15.48 -18.49
C ILE E 163 -12.47 15.44 -17.48
N ILE E 164 -12.13 15.43 -16.20
CA ILE E 164 -13.11 15.35 -15.13
C ILE E 164 -14.02 16.59 -15.09
N ASN E 165 -13.42 17.78 -15.05
CA ASN E 165 -14.19 19.01 -15.06
C ASN E 165 -14.71 19.40 -16.43
N LEU E 166 -14.66 18.44 -17.37
CA LEU E 166 -15.32 18.58 -18.66
C LEU E 166 -16.69 17.91 -18.54
N THR E 167 -16.79 17.00 -17.57
CA THR E 167 -18.03 16.29 -17.31
C THR E 167 -18.96 17.12 -16.42
N LYS E 168 -18.42 18.20 -15.86
CA LYS E 168 -19.20 19.09 -15.01
C LYS E 168 -19.86 20.18 -15.86
N SER E 169 -19.76 20.04 -17.17
CA SER E 169 -20.32 21.00 -18.11
C SER E 169 -21.14 20.31 -19.19
N VAL E 170 -22.43 20.66 -19.27
CA VAL E 170 -23.32 20.06 -20.27
C VAL E 170 -23.01 20.58 -21.66
N LYS E 171 -22.49 21.80 -21.73
CA LYS E 171 -22.17 22.44 -23.00
C LYS E 171 -20.92 21.83 -23.64
N ASP E 172 -19.86 21.71 -22.84
CA ASP E 172 -18.62 21.12 -23.30
C ASP E 172 -18.81 19.64 -23.62
N LEU E 173 -19.76 19.02 -22.92
CA LEU E 173 -20.11 17.63 -23.15
C LEU E 173 -20.76 17.48 -24.51
N GLU E 174 -21.52 18.50 -24.92
CA GLU E 174 -22.16 18.52 -26.23
C GLU E 174 -21.17 18.87 -27.32
N LYS E 175 -20.18 19.68 -27.00
CA LYS E 175 -19.12 20.01 -27.92
C LYS E 175 -18.27 18.77 -28.20
N LEU E 176 -18.10 17.95 -27.17
CA LEU E 176 -17.28 16.73 -27.26
C LEU E 176 -17.93 15.70 -28.17
N ASP E 177 -19.23 15.47 -27.97
CA ASP E 177 -19.97 14.52 -28.78
C ASP E 177 -19.97 14.92 -30.25
N LYS E 178 -20.20 16.20 -30.51
CA LYS E 178 -20.25 16.72 -31.87
C LYS E 178 -18.92 16.53 -32.60
N ALA E 179 -17.82 16.71 -31.87
CA ALA E 179 -16.49 16.57 -32.44
C ALA E 179 -16.16 15.11 -32.78
N LEU E 180 -16.16 14.25 -31.77
CA LEU E 180 -15.67 12.88 -31.94
C LEU E 180 -16.60 11.94 -32.71
N ASN E 181 -17.91 12.20 -32.67
CA ASN E 181 -18.86 11.39 -33.43
C ASN E 181 -18.68 11.55 -34.94
N SER E 182 -17.98 12.62 -35.33
CA SER E 182 -17.67 12.87 -36.73
C SER E 182 -16.62 11.88 -37.25
N ILE E 183 -15.93 11.21 -36.35
CA ILE E 183 -14.95 10.18 -36.72
C ILE E 183 -15.67 8.89 -37.10
N PRO E 184 -15.46 8.42 -38.34
CA PRO E 184 -16.09 7.18 -38.80
C PRO E 184 -15.61 5.97 -38.00
N THR E 185 -16.46 4.96 -37.87
CA THR E 185 -16.12 3.76 -37.12
C THR E 185 -15.28 2.80 -37.97
N GLU E 186 -15.59 2.76 -39.26
CA GLU E 186 -14.77 2.00 -40.20
C GLU E 186 -14.45 2.85 -41.42
N LEU E 187 -13.33 2.55 -42.05
CA LEU E 187 -12.87 3.33 -43.20
C LEU E 187 -12.51 2.40 -44.35
N LYS E 188 -13.24 2.52 -45.45
CA LYS E 188 -12.95 1.72 -46.64
C LYS E 188 -12.61 2.64 -47.82
N GLY E 189 -11.73 2.16 -48.71
CA GLY E 189 -11.29 2.95 -49.83
C GLY E 189 -10.56 2.14 -50.89
N ALA E 190 -10.49 2.67 -52.11
CA ALA E 190 -9.94 1.97 -53.27
C ALA E 190 -10.70 0.67 -53.56
N LYS E 191 -9.98 -0.45 -53.63
CA LYS E 191 -10.61 -1.75 -53.73
C LYS E 191 -11.24 -2.04 -52.37
N GLY E 192 -11.95 -3.16 -52.25
CA GLY E 192 -12.57 -3.58 -50.99
C GLY E 192 -13.09 -2.42 -50.15
N GLU E 193 -12.45 -2.09 -49.02
CA GLU E 193 -11.38 -2.84 -48.36
C GLU E 193 -11.20 -2.18 -47.00
N GLN E 194 -10.80 -2.95 -45.99
CA GLN E 194 -10.64 -2.38 -44.65
C GLN E 194 -9.32 -1.60 -44.50
N LEU E 195 -9.44 -0.32 -44.15
CA LEU E 195 -8.27 0.51 -43.86
C LEU E 195 -8.05 0.59 -42.35
N GLU E 196 -6.98 1.26 -41.94
CA GLU E 196 -6.67 1.43 -40.53
C GLU E 196 -7.75 2.21 -39.82
N ASN E 197 -8.14 1.74 -38.63
CA ASN E 197 -9.12 2.43 -37.79
C ASN E 197 -8.58 3.80 -37.41
N PRO E 198 -9.36 4.86 -37.66
CA PRO E 198 -8.95 6.22 -37.30
C PRO E 198 -8.91 6.44 -35.80
N ARG E 199 -9.48 5.49 -35.04
CA ARG E 199 -9.45 5.56 -33.59
C ARG E 199 -8.32 4.73 -33.00
N LEU E 200 -8.09 4.89 -31.70
CA LEU E 200 -7.10 4.09 -30.99
C LEU E 200 -7.67 2.69 -30.73
N THR E 201 -6.93 1.67 -31.14
CA THR E 201 -7.40 0.29 -31.06
C THR E 201 -6.62 -0.54 -30.05
N LEU E 202 -6.95 -1.83 -29.95
CA LEU E 202 -6.24 -2.73 -29.06
C LEU E 202 -4.83 -3.00 -29.57
N GLY E 203 -4.67 -3.08 -30.89
CA GLY E 203 -3.39 -3.33 -31.50
C GLY E 203 -2.47 -2.12 -31.41
N ASP E 204 -3.06 -0.96 -31.13
CA ASP E 204 -2.28 0.26 -30.97
C ASP E 204 -1.54 0.26 -29.64
N LEU E 205 -2.06 -0.52 -28.69
CA LEU E 205 -1.38 -0.70 -27.41
C LEU E 205 -0.08 -1.48 -27.62
N GLY E 206 -0.09 -2.39 -28.59
CA GLY E 206 1.09 -3.17 -28.92
C GLY E 206 2.15 -2.31 -29.60
N ARG E 207 1.70 -1.42 -30.49
CA ARG E 207 2.59 -0.49 -31.18
C ARG E 207 3.35 0.37 -30.17
N LEU E 208 2.60 0.96 -29.24
CA LEU E 208 3.17 1.82 -28.21
C LEU E 208 4.24 1.06 -27.43
N ARG E 209 3.94 -0.20 -27.07
CA ARG E 209 4.86 -1.01 -26.28
C ARG E 209 6.14 -1.35 -27.04
N GLU E 210 6.02 -1.71 -28.31
CA GLU E 210 7.19 -1.99 -29.14
C GLU E 210 8.05 -0.75 -29.31
N LEU E 211 7.41 0.40 -29.17
CA LEU E 211 8.05 1.70 -29.39
C LEU E 211 8.79 2.15 -28.14
N LEU E 212 8.40 1.61 -27.00
CA LEU E 212 8.98 1.98 -25.71
C LEU E 212 10.26 1.22 -25.41
N PRO E 213 11.14 1.79 -24.57
CA PRO E 213 12.34 1.07 -24.14
C PRO E 213 11.99 -0.19 -23.36
N GLU E 214 12.87 -1.18 -23.33
CA GLU E 214 12.67 -2.40 -22.56
C GLU E 214 12.59 -2.11 -21.05
N GLU E 215 12.86 -0.86 -20.70
CA GLU E 215 12.75 -0.36 -19.33
C GLU E 215 11.30 -0.01 -19.00
N ASN E 216 10.54 0.39 -20.02
CA ASN E 216 9.18 0.87 -19.82
C ASN E 216 8.08 0.02 -20.46
N LYS E 217 8.47 -1.07 -21.13
CA LYS E 217 7.51 -1.92 -21.83
C LYS E 217 6.51 -2.61 -20.91
N HIS E 218 6.78 -2.55 -19.61
CA HIS E 218 5.90 -3.16 -18.61
C HIS E 218 4.70 -2.28 -18.33
N LEU E 219 4.78 -1.01 -18.73
CA LEU E 219 3.71 -0.05 -18.49
C LEU E 219 2.44 -0.41 -19.26
N ILE E 220 2.60 -0.80 -20.51
CA ILE E 220 1.47 -1.14 -21.36
C ILE E 220 1.12 -2.62 -21.24
N LYS E 221 -0.06 -2.92 -20.72
CA LYS E 221 -0.50 -4.29 -20.54
C LYS E 221 -1.21 -4.82 -21.78
N ASN E 222 -1.49 -6.12 -21.80
CA ASN E 222 -2.26 -6.72 -22.89
C ASN E 222 -3.74 -6.72 -22.54
N LEU E 223 -4.47 -5.73 -23.06
CA LEU E 223 -5.88 -5.56 -22.72
C LEU E 223 -6.81 -6.48 -23.51
N SER E 224 -7.69 -7.16 -22.80
CA SER E 224 -8.71 -7.99 -23.43
C SER E 224 -10.02 -7.86 -22.66
N VAL E 225 -11.07 -7.42 -23.35
CA VAL E 225 -12.36 -7.25 -22.69
C VAL E 225 -13.39 -8.25 -23.23
N VAL E 226 -14.39 -8.55 -22.42
CA VAL E 226 -15.43 -9.51 -22.82
C VAL E 226 -16.80 -8.85 -22.84
N VAL E 227 -17.54 -9.05 -23.93
CA VAL E 227 -18.87 -8.49 -24.07
C VAL E 227 -19.89 -9.60 -24.30
N THR E 228 -21.16 -9.20 -24.46
CA THR E 228 -22.21 -10.16 -24.75
C THR E 228 -22.78 -9.90 -26.14
N ASN E 229 -22.57 -10.84 -27.05
CA ASN E 229 -23.20 -10.78 -28.36
C ASN E 229 -24.61 -11.32 -28.25
N GLN E 230 -25.57 -10.40 -28.05
CA GLN E 230 -26.96 -10.77 -27.83
C GLN E 230 -27.56 -11.51 -29.03
N THR E 231 -27.10 -11.16 -30.23
CA THR E 231 -27.56 -11.83 -31.44
C THR E 231 -27.11 -13.28 -31.48
N LYS E 232 -25.82 -13.52 -31.24
CA LYS E 232 -25.28 -14.87 -31.21
C LYS E 232 -25.65 -15.58 -29.92
N HIS E 233 -26.19 -14.83 -28.96
CA HIS E 233 -26.55 -15.36 -27.64
C HIS E 233 -25.37 -16.03 -26.94
N GLU E 234 -24.23 -15.36 -26.94
CA GLU E 234 -23.03 -15.87 -26.27
C GLU E 234 -22.01 -14.77 -26.01
N LEU E 235 -20.87 -15.15 -25.44
CA LEU E 235 -19.86 -14.19 -25.03
C LEU E 235 -18.76 -14.01 -26.07
N GLU E 236 -18.62 -12.79 -26.58
CA GLU E 236 -17.54 -12.47 -27.51
C GLU E 236 -16.36 -11.89 -26.76
N ARG E 237 -15.16 -12.11 -27.27
CA ARG E 237 -13.94 -11.64 -26.60
C ARG E 237 -13.12 -10.76 -27.54
N TYR E 238 -12.65 -9.64 -27.02
CA TYR E 238 -11.85 -8.71 -27.81
C TYR E 238 -10.48 -8.46 -27.18
N SER E 239 -9.44 -8.98 -27.81
CA SER E 239 -8.08 -8.83 -27.29
C SER E 239 -7.22 -7.90 -28.12
N GLU E 240 -5.94 -7.84 -27.77
CA GLU E 240 -4.96 -7.05 -28.50
C GLU E 240 -4.43 -7.86 -29.68
N ASP E 241 -4.39 -9.18 -29.52
CA ASP E 241 -3.82 -10.05 -30.54
C ASP E 241 -4.86 -10.92 -31.25
N THR E 242 -6.13 -10.77 -30.88
CA THR E 242 -7.20 -11.48 -31.56
C THR E 242 -8.05 -10.53 -32.38
N THR E 243 -8.35 -9.37 -31.80
CA THR E 243 -9.06 -8.30 -32.50
C THR E 243 -8.30 -6.97 -32.36
N PRO E 244 -7.16 -6.86 -33.04
CA PRO E 244 -6.24 -5.73 -32.85
C PRO E 244 -6.75 -4.44 -33.46
N GLN E 245 -7.67 -4.54 -34.41
CA GLN E 245 -8.20 -3.38 -35.10
C GLN E 245 -9.50 -2.88 -34.49
N GLN E 246 -9.77 -3.30 -33.26
CA GLN E 246 -11.00 -2.91 -32.58
C GLN E 246 -10.72 -1.73 -31.65
N SER E 247 -11.49 -0.64 -31.81
CA SER E 247 -11.34 0.54 -30.97
C SER E 247 -11.54 0.20 -29.49
N ILE E 248 -10.62 0.67 -28.66
CA ILE E 248 -10.66 0.40 -27.22
C ILE E 248 -11.92 0.97 -26.59
N ALA E 249 -12.25 2.20 -26.94
CA ALA E 249 -13.39 2.89 -26.36
C ALA E 249 -14.71 2.23 -26.74
N GLN E 250 -14.71 1.48 -27.84
CA GLN E 250 -15.92 0.81 -28.32
C GLN E 250 -16.19 -0.48 -27.54
N VAL E 251 -15.14 -1.26 -27.32
CA VAL E 251 -15.28 -2.53 -26.62
C VAL E 251 -15.46 -2.37 -25.11
N VAL E 252 -14.94 -1.26 -24.58
CA VAL E 252 -15.10 -0.95 -23.17
C VAL E 252 -16.50 -0.40 -22.91
N GLN E 253 -17.02 0.37 -23.87
CA GLN E 253 -18.38 0.88 -23.79
C GLN E 253 -19.37 -0.28 -23.86
N TRP E 254 -19.18 -1.15 -24.85
CA TRP E 254 -20.02 -2.33 -25.04
C TRP E 254 -20.04 -3.21 -23.80
N SER E 255 -18.86 -3.50 -23.27
CA SER E 255 -18.73 -4.35 -22.10
C SER E 255 -19.46 -3.75 -20.90
N GLY E 256 -19.51 -2.42 -20.86
CA GLY E 256 -20.22 -1.72 -19.81
C GLY E 256 -21.56 -1.16 -20.26
N ALA E 257 -22.04 -1.63 -21.41
CA ALA E 257 -23.34 -1.21 -21.90
C ALA E 257 -24.44 -2.11 -21.36
N HIS E 258 -25.04 -1.72 -20.24
CA HIS E 258 -26.09 -2.51 -19.62
C HIS E 258 -27.47 -2.06 -20.10
N PRO E 259 -28.30 -3.04 -20.53
CA PRO E 259 -29.63 -2.79 -21.10
C PRO E 259 -30.56 -1.95 -20.22
N VAL E 260 -30.34 -1.96 -18.91
CA VAL E 260 -31.11 -1.09 -18.02
C VAL E 260 -30.78 0.38 -18.29
N LEU E 261 -29.49 0.69 -18.33
CA LEU E 261 -29.05 2.07 -18.48
C LEU E 261 -28.67 2.40 -19.92
N PHE E 262 -28.11 1.43 -20.63
CA PHE E 262 -27.61 1.66 -21.98
C PHE E 262 -28.36 0.88 -23.06
N VAL E 263 -28.44 1.48 -24.25
CA VAL E 263 -28.96 0.79 -25.42
C VAL E 263 -27.97 -0.29 -25.81
N PRO E 264 -28.43 -1.30 -26.59
CA PRO E 264 -27.45 -2.26 -27.10
C PRO E 264 -26.57 -1.62 -28.17
N GLY E 265 -25.41 -2.21 -28.43
CA GLY E 265 -24.51 -1.67 -29.43
C GLY E 265 -24.50 -2.48 -30.71
N ARG E 266 -24.11 -1.83 -31.81
CA ARG E 266 -24.04 -2.51 -33.10
C ARG E 266 -22.60 -2.53 -33.60
N ASN E 267 -22.11 -3.73 -33.91
CA ASN E 267 -20.79 -3.88 -34.50
C ASN E 267 -20.92 -4.04 -36.02
N ALA E 268 -19.87 -4.55 -36.66
CA ALA E 268 -19.99 -4.98 -38.04
C ALA E 268 -20.95 -6.16 -38.04
N LYS E 269 -21.59 -6.41 -39.18
CA LYS E 269 -22.67 -7.40 -39.31
C LYS E 269 -23.91 -6.98 -38.54
N GLY E 270 -23.89 -5.76 -37.98
CA GLY E 270 -25.03 -5.20 -37.28
C GLY E 270 -25.56 -6.02 -36.12
N GLU E 271 -24.72 -6.86 -35.54
CA GLU E 271 -25.15 -7.70 -34.42
C GLU E 271 -25.31 -6.87 -33.15
N TYR E 272 -26.18 -7.31 -32.24
CA TYR E 272 -26.43 -6.59 -31.00
C TYR E 272 -25.42 -6.95 -29.92
N ILE E 273 -24.80 -5.93 -29.34
CA ILE E 273 -23.78 -6.13 -28.31
C ILE E 273 -24.10 -5.32 -27.04
N ALA E 274 -24.01 -5.97 -25.89
CA ALA E 274 -24.31 -5.33 -24.61
C ALA E 274 -23.31 -5.71 -23.54
N ASP E 275 -23.66 -5.45 -22.27
CA ASP E 275 -22.78 -5.71 -21.14
C ASP E 275 -22.27 -7.16 -21.10
N GLY E 276 -20.98 -7.31 -20.87
CA GLY E 276 -20.38 -8.63 -20.81
C GLY E 276 -20.54 -9.28 -19.45
N GLY E 277 -21.39 -8.68 -18.62
CA GLY E 277 -21.65 -9.22 -17.30
C GLY E 277 -23.11 -9.12 -16.90
N ILE E 278 -24.01 -9.46 -17.83
CA ILE E 278 -25.43 -9.53 -17.51
C ILE E 278 -25.64 -10.75 -16.62
N LEU E 279 -24.89 -11.80 -16.89
CA LEU E 279 -24.79 -12.94 -15.99
C LEU E 279 -23.37 -12.97 -15.42
N ASP E 280 -23.21 -13.50 -14.22
CA ASP E 280 -21.90 -13.58 -13.59
C ASP E 280 -20.95 -14.44 -14.43
N ASN E 281 -19.86 -13.82 -14.88
CA ASN E 281 -18.90 -14.48 -15.74
C ASN E 281 -17.47 -14.09 -15.41
N MET E 282 -16.58 -15.07 -15.33
CA MET E 282 -15.16 -14.81 -15.08
C MET E 282 -14.33 -15.22 -16.28
N PRO E 283 -13.87 -14.23 -17.06
CA PRO E 283 -13.06 -14.49 -18.26
C PRO E 283 -11.72 -15.12 -17.90
N GLU E 284 -11.19 -15.94 -18.81
CA GLU E 284 -9.86 -16.50 -18.63
C GLU E 284 -8.86 -15.78 -19.52
N ILE E 285 -7.60 -15.75 -19.11
CA ILE E 285 -6.55 -15.16 -19.91
C ILE E 285 -5.79 -16.22 -20.69
N GLU E 286 -6.00 -16.25 -22.01
CA GLU E 286 -5.41 -17.26 -22.88
C GLU E 286 -3.89 -17.16 -22.93
N GLY E 287 -3.22 -18.26 -22.64
CA GLY E 287 -1.77 -18.29 -22.67
C GLY E 287 -1.15 -18.20 -21.28
N LEU E 288 -1.99 -18.12 -20.26
CA LEU E 288 -1.50 -18.04 -18.88
C LEU E 288 -2.08 -19.16 -18.02
N ASP E 289 -1.36 -19.52 -16.96
CA ASP E 289 -1.83 -20.54 -16.02
C ASP E 289 -2.80 -19.93 -15.00
N ARG E 290 -3.59 -20.80 -14.38
CA ARG E 290 -4.56 -20.37 -13.38
C ARG E 290 -3.85 -19.78 -12.15
N GLU E 291 -2.70 -20.34 -11.81
CA GLU E 291 -1.96 -19.93 -10.62
C GLU E 291 -1.22 -18.62 -10.77
N GLU E 292 -1.01 -18.18 -12.00
CA GLU E 292 -0.31 -16.92 -12.25
C GLU E 292 -1.29 -15.81 -12.66
N VAL E 293 -2.58 -16.06 -12.44
CA VAL E 293 -3.60 -15.08 -12.79
C VAL E 293 -4.47 -14.72 -11.59
N LEU E 294 -4.39 -13.46 -11.16
CA LEU E 294 -5.23 -12.95 -10.08
C LEU E 294 -6.65 -12.67 -10.58
N CYS E 295 -7.65 -13.18 -9.86
CA CYS E 295 -9.03 -12.98 -10.24
C CYS E 295 -9.77 -12.14 -9.19
N VAL E 296 -10.52 -11.15 -9.66
CA VAL E 296 -11.27 -10.28 -8.76
C VAL E 296 -12.76 -10.29 -9.09
N LYS E 297 -13.57 -10.66 -8.11
CA LYS E 297 -15.02 -10.75 -8.29
C LYS E 297 -15.74 -9.94 -7.23
N ALA E 298 -16.44 -8.89 -7.67
CA ALA E 298 -17.22 -8.05 -6.77
C ALA E 298 -18.61 -8.63 -6.55
N GLU E 299 -18.87 -9.09 -5.33
CA GLU E 299 -20.16 -9.66 -4.98
C GLU E 299 -21.03 -8.61 -4.28
N ALA E 300 -22.33 -8.89 -4.23
CA ALA E 300 -23.24 -8.10 -3.40
C ALA E 300 -22.95 -8.46 -1.95
N GLY E 301 -23.43 -7.64 -1.03
CA GLY E 301 -23.20 -7.87 0.39
C GLY E 301 -23.74 -9.20 0.87
N THR E 302 -24.99 -9.49 0.51
CA THR E 302 -25.65 -10.73 0.92
C THR E 302 -24.92 -11.96 0.40
N ALA E 303 -24.47 -11.91 -0.85
CA ALA E 303 -23.72 -13.02 -1.43
C ALA E 303 -22.34 -13.13 -0.77
N PHE E 304 -21.76 -11.97 -0.45
CA PHE E 304 -20.46 -11.92 0.21
C PHE E 304 -20.56 -12.47 1.62
N GLU E 305 -21.67 -12.18 2.30
CA GLU E 305 -21.89 -12.65 3.66
C GLU E 305 -22.04 -14.17 3.71
N ASP E 306 -22.88 -14.71 2.83
CA ASP E 306 -23.14 -16.15 2.79
C ASP E 306 -21.90 -16.96 2.45
N ARG E 307 -21.03 -16.42 1.60
CA ARG E 307 -19.83 -17.14 1.19
C ARG E 307 -18.79 -17.17 2.30
N VAL E 308 -18.72 -16.10 3.08
CA VAL E 308 -17.80 -16.02 4.20
C VAL E 308 -18.27 -16.89 5.37
N ASN E 309 -19.56 -16.81 5.69
CA ASN E 309 -20.11 -17.55 6.83
C ASN E 309 -20.02 -19.06 6.68
N LYS E 310 -20.37 -19.57 5.50
CA LYS E 310 -20.25 -21.00 5.21
C LYS E 310 -18.79 -21.42 5.29
N ALA E 311 -17.89 -20.53 4.88
CA ALA E 311 -16.46 -20.78 4.94
C ALA E 311 -15.96 -20.70 6.38
N LYS E 312 -16.65 -19.92 7.20
CA LYS E 312 -16.30 -19.79 8.61
C LYS E 312 -16.90 -20.93 9.43
N GLN E 313 -17.79 -21.69 8.81
CA GLN E 313 -18.47 -22.78 9.50
C GLN E 313 -17.82 -24.12 9.22
N SER E 314 -17.32 -24.29 8.00
CA SER E 314 -16.64 -25.52 7.61
C SER E 314 -15.30 -25.65 8.32
N ALA E 315 -14.79 -24.53 8.82
CA ALA E 315 -13.56 -24.53 9.61
C ALA E 315 -13.88 -24.84 11.07
N MET E 316 -15.10 -24.53 11.48
CA MET E 316 -15.56 -24.84 12.84
C MET E 316 -15.89 -26.33 12.96
N GLU E 317 -16.53 -26.86 11.92
CA GLU E 317 -16.93 -28.26 11.91
C GLU E 317 -15.73 -29.18 11.79
N ALA E 318 -14.69 -28.72 11.10
CA ALA E 318 -13.47 -29.49 10.93
C ALA E 318 -12.81 -29.80 12.28
N ILE E 319 -13.00 -28.90 13.25
CA ILE E 319 -12.51 -29.11 14.60
C ILE E 319 -13.52 -29.91 15.40
N SER E 320 -14.80 -29.70 15.09
CA SER E 320 -15.89 -30.38 15.78
C SER E 320 -15.92 -31.88 15.49
N TRP E 321 -15.67 -32.23 14.22
CA TRP E 321 -15.64 -33.63 13.82
C TRP E 321 -14.43 -34.38 14.36
N PHE E 322 -13.40 -33.63 14.74
CA PHE E 322 -12.22 -34.23 15.36
C PHE E 322 -12.46 -34.49 16.84
N LYS E 323 -13.06 -33.51 17.51
CA LYS E 323 -13.43 -33.67 18.92
C LYS E 323 -14.57 -34.67 19.03
N ALA E 324 -15.23 -34.94 17.91
CA ALA E 324 -16.25 -35.97 17.84
C ALA E 324 -15.59 -37.35 17.77
N ARG E 325 -14.35 -37.37 17.29
CA ARG E 325 -13.60 -38.62 17.15
C ARG E 325 -12.94 -39.03 18.46
N MET E 326 -12.35 -38.04 19.16
CA MET E 326 -11.68 -38.31 20.42
C MET E 326 -12.70 -38.53 21.54
N ASP E 327 -13.91 -38.03 21.33
CA ASP E 327 -15.01 -38.27 22.26
C ASP E 327 -15.88 -39.41 21.74
N SER E 328 -15.34 -40.17 20.79
CA SER E 328 -16.00 -41.38 20.31
C SER E 328 -15.38 -42.57 21.03
N LEU E 329 -14.37 -42.30 21.85
CA LEU E 329 -13.76 -43.32 22.69
C LEU E 329 -14.50 -43.41 24.03
N VAL E 330 -15.81 -43.62 23.94
CA VAL E 330 -16.65 -43.82 25.11
C VAL E 330 -17.86 -44.68 24.72
N GLU E 331 -17.93 -45.89 25.28
CA GLU E 331 -16.91 -46.38 26.19
C GLU E 331 -16.07 -47.48 25.56
N THR E 342 -20.60 -39.47 9.71
CA THR E 342 -19.68 -40.56 10.05
C THR E 342 -18.85 -40.97 8.84
N SER E 343 -18.32 -39.99 8.12
CA SER E 343 -17.45 -40.23 6.98
C SER E 343 -16.60 -38.99 6.72
N SER E 344 -15.41 -39.18 6.15
CA SER E 344 -14.48 -38.08 5.94
C SER E 344 -14.87 -37.19 4.77
N VAL E 345 -16.02 -37.49 4.16
CA VAL E 345 -16.57 -36.60 3.13
C VAL E 345 -17.67 -35.74 3.78
N LEU E 346 -17.49 -35.44 5.05
CA LEU E 346 -18.36 -34.51 5.76
C LEU E 346 -17.68 -33.15 5.80
N ASN E 347 -16.46 -33.12 5.30
CA ASN E 347 -15.66 -31.90 5.24
C ASN E 347 -14.77 -31.89 4.00
N ARG E 348 -14.74 -30.76 3.30
CA ARG E 348 -13.95 -30.64 2.09
C ARG E 348 -12.57 -30.09 2.41
N GLU E 349 -11.69 -30.96 2.89
CA GLU E 349 -10.32 -30.54 3.21
C GLU E 349 -9.44 -30.58 1.99
N LYS E 350 -8.65 -29.53 1.79
CA LYS E 350 -7.68 -29.50 0.72
C LYS E 350 -6.36 -30.09 1.19
N VAL E 351 -6.09 -31.30 0.72
CA VAL E 351 -4.96 -32.10 1.20
C VAL E 351 -3.61 -31.67 0.62
N TYR E 352 -3.61 -31.26 -0.65
CA TYR E 352 -2.43 -30.67 -1.26
C TYR E 352 -2.61 -29.16 -1.38
N TYR E 353 -1.51 -28.43 -1.45
CA TYR E 353 -1.59 -26.97 -1.55
C TYR E 353 -1.82 -26.48 -2.97
N ASN E 354 -2.73 -25.53 -3.12
CA ASN E 354 -2.98 -24.88 -4.39
C ASN E 354 -3.29 -23.40 -4.17
N ILE E 355 -2.54 -22.53 -4.85
CA ILE E 355 -2.62 -21.09 -4.63
C ILE E 355 -4.01 -20.50 -4.89
N ASP E 356 -4.53 -19.78 -3.90
CA ASP E 356 -5.82 -19.10 -4.04
C ASP E 356 -5.60 -17.73 -4.66
N ASN E 357 -6.23 -17.51 -5.81
CA ASN E 357 -6.06 -16.25 -6.53
C ASN E 357 -7.36 -15.46 -6.69
N MET E 358 -8.41 -15.92 -6.03
CA MET E 358 -9.72 -15.29 -6.15
C MET E 358 -9.95 -14.21 -5.08
N ILE E 359 -10.01 -12.96 -5.51
CA ILE E 359 -10.28 -11.84 -4.60
C ILE E 359 -11.77 -11.49 -4.61
N TYR E 360 -12.43 -11.67 -3.47
CA TYR E 360 -13.83 -11.29 -3.34
C TYR E 360 -13.95 -9.92 -2.70
N ILE E 361 -14.70 -9.02 -3.35
CA ILE E 361 -14.90 -7.68 -2.82
C ILE E 361 -16.38 -7.43 -2.52
N ASN E 362 -16.65 -6.82 -1.38
CA ASN E 362 -18.02 -6.48 -1.00
C ASN E 362 -18.44 -5.12 -1.56
N THR E 363 -19.38 -5.13 -2.49
CA THR E 363 -19.89 -3.91 -3.10
C THR E 363 -20.60 -3.02 -2.07
N GLY E 364 -21.01 -3.62 -0.97
CA GLY E 364 -21.62 -2.88 0.13
C GLY E 364 -22.95 -2.23 -0.24
N GLU E 365 -23.10 -0.96 0.11
CA GLU E 365 -24.32 -0.23 -0.21
C GLU E 365 -24.23 0.42 -1.59
N VAL E 366 -23.24 0.00 -2.37
CA VAL E 366 -23.08 0.47 -3.74
C VAL E 366 -23.63 -0.57 -4.70
N THR E 367 -24.93 -0.86 -4.56
CA THR E 367 -25.60 -1.88 -5.35
C THR E 367 -26.02 -1.33 -6.71
N THR E 368 -26.74 -2.15 -7.47
CA THR E 368 -27.35 -1.70 -8.71
C THR E 368 -28.69 -1.04 -8.42
N THR E 369 -29.30 -1.47 -7.31
CA THR E 369 -30.56 -0.90 -6.85
C THR E 369 -30.37 0.52 -6.30
N ASN E 370 -29.15 0.82 -5.87
CA ASN E 370 -28.83 2.14 -5.35
C ASN E 370 -28.77 3.17 -6.47
N THR E 371 -29.11 4.41 -6.13
CA THR E 371 -28.98 5.54 -7.05
C THR E 371 -28.23 6.66 -6.35
N SER E 372 -27.07 7.02 -6.90
CA SER E 372 -26.20 8.01 -6.31
C SER E 372 -25.85 7.70 -4.85
N PRO E 373 -24.89 6.79 -4.64
CA PRO E 373 -24.49 6.39 -3.29
C PRO E 373 -23.79 7.53 -2.56
N THR E 374 -23.95 7.59 -1.24
CA THR E 374 -23.34 8.65 -0.44
C THR E 374 -21.82 8.44 -0.37
N PRO E 375 -21.06 9.55 -0.24
CA PRO E 375 -19.59 9.51 -0.13
C PRO E 375 -19.07 8.53 0.93
N GLU E 376 -19.80 8.39 2.05
CA GLU E 376 -19.34 7.54 3.14
C GLU E 376 -19.30 6.05 2.78
N GLN E 377 -20.21 5.62 1.91
CA GLN E 377 -20.25 4.21 1.52
C GLN E 377 -19.45 3.97 0.24
N ARG E 378 -18.87 5.04 -0.29
CA ARG E 378 -17.91 4.94 -1.38
C ARG E 378 -16.54 4.65 -0.78
N ALA E 379 -16.24 5.36 0.30
CA ALA E 379 -14.96 5.18 1.00
C ALA E 379 -14.87 3.82 1.65
N ARG E 380 -16.01 3.19 1.89
CA ARG E 380 -16.02 1.85 2.47
C ARG E 380 -15.81 0.79 1.39
N ALA E 381 -16.13 1.14 0.16
CA ALA E 381 -15.90 0.24 -0.98
C ALA E 381 -14.41 0.19 -1.31
N VAL E 382 -13.72 1.31 -1.13
CA VAL E 382 -12.28 1.37 -1.29
C VAL E 382 -11.62 0.56 -0.18
N LYS E 383 -12.16 0.69 1.03
CA LYS E 383 -11.64 -0.02 2.19
C LYS E 383 -11.86 -1.53 2.06
N ASN E 384 -13.05 -1.93 1.63
CA ASN E 384 -13.35 -3.34 1.42
C ASN E 384 -12.45 -3.96 0.36
N GLY E 385 -12.14 -3.19 -0.68
CA GLY E 385 -11.29 -3.65 -1.75
C GLY E 385 -9.83 -3.76 -1.32
N TYR E 386 -9.38 -2.81 -0.50
CA TYR E 386 -8.02 -2.81 -0.01
C TYR E 386 -7.78 -3.95 0.97
N ASP E 387 -8.73 -4.13 1.90
CA ASP E 387 -8.60 -5.14 2.95
C ASP E 387 -8.62 -6.57 2.39
N GLN E 388 -9.59 -6.86 1.54
CA GLN E 388 -9.76 -8.22 1.01
C GLN E 388 -8.70 -8.60 0.00
N THR E 389 -8.17 -7.60 -0.70
CA THR E 389 -7.05 -7.82 -1.62
C THR E 389 -5.79 -8.10 -0.80
N MET E 390 -5.68 -7.45 0.34
CA MET E 390 -4.56 -7.63 1.25
C MET E 390 -4.68 -8.94 2.00
N GLN E 391 -5.91 -9.29 2.36
CA GLN E 391 -6.19 -10.51 3.10
C GLN E 391 -5.81 -11.75 2.28
N LEU E 392 -5.98 -11.65 0.96
CA LEU E 392 -5.65 -12.75 0.06
C LEU E 392 -4.14 -12.84 -0.18
N LEU E 393 -3.53 -11.69 -0.45
CA LEU E 393 -2.10 -11.63 -0.76
C LEU E 393 -1.24 -12.14 0.39
N ASP E 394 -1.72 -11.96 1.63
CA ASP E 394 -1.02 -12.45 2.80
C ASP E 394 -1.09 -13.98 2.88
N SER E 395 -2.09 -14.55 2.20
CA SER E 395 -2.24 -16.01 2.15
C SER E 395 -1.42 -16.61 1.01
N HIS E 396 -0.43 -15.85 0.54
CA HIS E 396 0.50 -16.34 -0.47
C HIS E 396 1.87 -16.58 0.16
N LYS E 397 2.09 -15.95 1.30
CA LYS E 397 3.34 -16.09 2.02
C LYS E 397 3.27 -17.34 2.90
N GLN E 398 4.03 -18.37 2.55
CA GLN E 398 4.00 -19.62 3.28
C GLN E 398 5.20 -19.79 4.20
N THR E 399 4.96 -20.34 5.39
CA THR E 399 6.02 -20.56 6.37
C THR E 399 5.80 -21.89 7.07
N PHE E 400 6.85 -22.67 7.23
CA PHE E 400 6.73 -24.02 7.80
C PHE E 400 7.71 -24.29 8.93
N ASP E 401 7.39 -25.30 9.75
CA ASP E 401 8.29 -25.75 10.82
C ASP E 401 9.42 -26.58 10.23
N HIS E 402 9.04 -27.64 9.52
CA HIS E 402 10.00 -28.58 8.95
C HIS E 402 9.85 -28.58 7.44
N PRO E 403 10.98 -28.57 6.71
CA PRO E 403 10.96 -28.52 5.25
C PRO E 403 10.26 -29.72 4.60
N LEU E 404 10.20 -30.84 5.32
CA LEU E 404 9.51 -32.02 4.79
C LEU E 404 8.01 -31.76 4.68
N MET E 405 7.46 -31.01 5.63
CA MET E 405 6.06 -30.64 5.59
C MET E 405 5.76 -29.84 4.33
N ALA E 406 6.68 -28.96 3.96
CA ALA E 406 6.53 -28.15 2.76
C ALA E 406 6.52 -29.01 1.50
N ILE E 407 7.48 -29.91 1.38
CA ILE E 407 7.60 -30.76 0.20
C ILE E 407 6.45 -31.77 0.08
N LEU E 408 5.86 -32.13 1.21
CA LEU E 408 4.73 -33.06 1.22
C LEU E 408 3.40 -32.37 0.94
N TYR E 409 3.35 -31.06 1.21
CA TYR E 409 2.10 -30.30 1.13
C TYR E 409 1.92 -29.59 -0.21
N ILE E 410 3.02 -29.38 -0.93
CA ILE E 410 2.97 -28.57 -2.15
C ILE E 410 2.52 -29.26 -3.46
N GLY E 411 3.16 -30.34 -3.91
CA GLY E 411 4.30 -30.97 -3.27
C GLY E 411 5.57 -30.80 -4.09
N HIS E 412 6.04 -31.87 -4.72
CA HIS E 412 7.29 -31.82 -5.46
C HIS E 412 7.11 -31.39 -6.91
N ASP E 413 5.86 -31.40 -7.38
CA ASP E 413 5.56 -30.97 -8.74
C ASP E 413 5.82 -29.47 -8.89
N LYS E 414 5.27 -28.70 -7.96
CA LYS E 414 5.39 -27.25 -7.99
C LYS E 414 6.69 -26.76 -7.36
N LEU E 415 7.61 -27.69 -7.09
CA LEU E 415 8.90 -27.33 -6.51
C LEU E 415 10.07 -27.72 -7.42
N LYS E 416 11.13 -26.93 -7.40
CA LYS E 416 12.34 -27.29 -8.13
C LYS E 416 12.96 -28.54 -7.52
N ASP E 417 13.46 -29.43 -8.37
CA ASP E 417 14.05 -30.68 -7.89
C ASP E 417 15.39 -30.40 -7.22
N ALA E 418 15.42 -30.52 -5.89
CA ALA E 418 16.62 -30.22 -5.13
C ALA E 418 17.67 -31.34 -5.24
N LEU E 419 17.21 -32.51 -5.67
CA LEU E 419 18.11 -33.65 -5.84
C LEU E 419 19.01 -33.44 -7.07
N ILE E 420 18.43 -32.93 -8.14
CA ILE E 420 19.15 -32.71 -9.39
C ILE E 420 20.16 -31.58 -9.26
N ASP E 421 19.74 -30.47 -8.64
CA ASP E 421 20.62 -29.34 -8.40
C ASP E 421 21.85 -29.75 -7.58
N GLU E 422 23.01 -29.74 -8.23
CA GLU E 422 24.27 -30.10 -7.59
C GLU E 422 24.62 -29.09 -6.49
N LYS E 423 24.06 -27.89 -6.60
CA LYS E 423 24.42 -26.78 -5.73
C LYS E 423 23.80 -26.84 -4.34
N SER E 424 22.50 -26.55 -4.25
CA SER E 424 21.84 -26.34 -2.97
C SER E 424 20.54 -27.15 -2.84
N GLU E 425 20.20 -27.57 -1.62
CA GLU E 425 21.03 -27.41 -0.42
C GLU E 425 20.88 -28.67 0.45
N LYS E 426 21.90 -28.96 1.24
CA LYS E 426 21.98 -30.21 2.02
C LYS E 426 20.73 -30.53 2.84
N GLU E 427 20.20 -29.54 3.55
CA GLU E 427 19.04 -29.77 4.41
C GLU E 427 17.78 -30.09 3.61
N ILE E 428 17.65 -29.45 2.45
CA ILE E 428 16.49 -29.65 1.58
C ILE E 428 16.72 -30.87 0.67
N PHE E 429 17.97 -31.09 0.29
CA PHE E 429 18.35 -32.26 -0.50
C PHE E 429 17.97 -33.56 0.21
N GLU E 430 18.20 -33.59 1.52
CA GLU E 430 17.87 -34.77 2.32
C GLU E 430 16.37 -34.87 2.52
N ALA E 431 15.72 -33.74 2.77
CA ALA E 431 14.28 -33.69 2.97
C ALA E 431 13.53 -34.09 1.70
N SER E 432 14.14 -33.82 0.55
CA SER E 432 13.55 -34.15 -0.73
C SER E 432 13.74 -35.63 -1.05
N ALA E 433 14.74 -36.24 -0.40
CA ALA E 433 14.95 -37.67 -0.53
C ALA E 433 13.98 -38.41 0.38
N HIS E 434 13.70 -37.80 1.53
CA HIS E 434 12.70 -38.33 2.45
C HIS E 434 11.33 -38.30 1.78
N ALA E 435 11.08 -37.25 1.01
CA ALA E 435 9.80 -37.04 0.36
C ALA E 435 9.50 -38.08 -0.72
N GLN E 436 10.48 -38.36 -1.57
CA GLN E 436 10.29 -39.31 -2.66
C GLN E 436 10.15 -40.73 -2.11
N ALA E 437 10.67 -40.95 -0.91
CA ALA E 437 10.56 -42.26 -0.26
C ALA E 437 9.15 -42.45 0.30
N ILE E 438 8.67 -41.46 1.02
CA ILE E 438 7.30 -41.46 1.54
C ILE E 438 6.29 -41.55 0.39
N LEU E 439 6.54 -40.78 -0.67
CA LEU E 439 5.68 -40.76 -1.84
C LEU E 439 5.64 -42.14 -2.50
N HIS E 440 6.77 -42.82 -2.53
CA HIS E 440 6.86 -44.18 -3.05
C HIS E 440 6.01 -45.12 -2.22
N LEU E 441 6.05 -44.94 -0.90
CA LEU E 441 5.30 -45.79 0.03
C LEU E 441 3.80 -45.48 -0.03
N GLN E 442 3.46 -44.20 -0.10
CA GLN E 442 2.06 -43.78 -0.21
C GLN E 442 1.40 -44.37 -1.43
N GLU E 443 2.09 -44.30 -2.57
CA GLU E 443 1.55 -44.77 -3.84
C GLU E 443 1.49 -46.29 -3.92
N GLN E 444 2.15 -46.96 -2.98
CA GLN E 444 2.11 -48.42 -2.92
C GLN E 444 0.96 -48.94 -2.06
N ILE E 445 0.56 -48.14 -1.08
CA ILE E 445 -0.63 -48.46 -0.29
C ILE E 445 -1.85 -48.34 -1.19
N VAL E 446 -1.93 -47.25 -1.92
CA VAL E 446 -3.03 -47.00 -2.85
C VAL E 446 -3.12 -48.06 -3.93
N LYS E 447 -1.96 -48.42 -4.50
CA LYS E 447 -1.91 -49.39 -5.59
C LYS E 447 -2.39 -50.76 -5.16
N GLU E 448 -2.05 -51.18 -3.94
CA GLU E 448 -2.42 -52.50 -3.46
C GLU E 448 -3.87 -52.57 -2.97
N MET E 449 -4.40 -51.45 -2.51
CA MET E 449 -5.79 -51.41 -2.04
C MET E 449 -6.77 -51.51 -3.19
N ASN E 450 -6.45 -50.88 -4.31
CA ASN E 450 -7.27 -50.95 -5.51
C ASN E 450 -7.30 -52.36 -6.09
N ASP E 451 -6.32 -53.18 -5.72
CA ASP E 451 -6.25 -54.56 -6.17
C ASP E 451 -6.93 -55.48 -5.15
N GLY E 452 -7.16 -54.96 -3.95
CA GLY E 452 -7.81 -55.72 -2.90
C GLY E 452 -6.85 -56.27 -1.88
N ASP E 453 -5.59 -55.84 -1.95
CA ASP E 453 -4.56 -56.33 -1.03
C ASP E 453 -4.25 -55.28 0.04
N TYR E 454 -4.70 -55.57 1.27
CA TYR E 454 -4.50 -54.65 2.39
C TYR E 454 -3.51 -55.23 3.39
N SER E 455 -2.85 -56.32 3.01
CA SER E 455 -2.00 -57.08 3.92
C SER E 455 -0.74 -56.34 4.36
N SER E 456 -0.46 -55.20 3.72
CA SER E 456 0.77 -54.46 3.99
C SER E 456 0.54 -52.98 4.19
N VAL E 457 -0.71 -52.60 4.51
CA VAL E 457 -1.05 -51.21 4.76
C VAL E 457 -0.35 -50.68 6.01
N GLN E 458 -0.52 -51.38 7.13
CA GLN E 458 0.13 -51.02 8.38
C GLN E 458 1.64 -51.05 8.22
N ASN E 459 2.13 -51.97 7.39
CA ASN E 459 3.56 -52.09 7.10
C ASN E 459 4.11 -50.80 6.49
N TYR E 460 3.54 -50.39 5.37
CA TYR E 460 3.97 -49.18 4.67
C TYR E 460 3.74 -47.93 5.52
N LEU E 461 2.63 -47.89 6.25
CA LEU E 461 2.31 -46.76 7.10
C LEU E 461 3.35 -46.60 8.21
N ASP E 462 3.80 -47.72 8.76
CA ASP E 462 4.83 -47.70 9.80
C ASP E 462 6.18 -47.25 9.22
N GLN E 463 6.46 -47.68 7.99
CA GLN E 463 7.68 -47.28 7.30
C GLN E 463 7.71 -45.78 7.04
N ILE E 464 6.55 -45.23 6.67
CA ILE E 464 6.41 -43.79 6.47
C ILE E 464 6.69 -43.04 7.76
N GLU E 465 6.00 -43.43 8.83
CA GLU E 465 6.16 -42.81 10.13
C GLU E 465 7.61 -42.90 10.61
N ASP E 466 8.26 -44.01 10.28
CA ASP E 466 9.65 -44.24 10.69
C ASP E 466 10.59 -43.21 10.06
N ILE E 467 10.34 -42.86 8.81
CA ILE E 467 11.14 -41.86 8.11
C ILE E 467 10.96 -40.49 8.75
N LEU E 468 9.73 -40.17 9.13
CA LEU E 468 9.39 -38.88 9.73
C LEU E 468 10.07 -38.68 11.08
N THR E 469 10.25 -39.75 11.84
CA THR E 469 10.76 -39.66 13.20
C THR E 469 12.26 -39.93 13.32
N VAL E 470 12.81 -40.68 12.37
CA VAL E 470 14.23 -41.05 12.43
C VAL E 470 15.07 -40.25 11.44
N ASP E 471 14.65 -40.24 10.18
CA ASP E 471 15.40 -39.55 9.13
C ASP E 471 15.12 -38.04 9.10
N ALA E 472 13.86 -37.67 9.30
CA ALA E 472 13.47 -36.26 9.28
C ALA E 472 13.83 -35.57 10.59
N LYS E 473 14.00 -36.36 11.64
CA LYS E 473 14.31 -35.84 12.98
C LYS E 473 13.30 -34.78 13.41
N MET E 474 12.02 -35.10 13.22
CA MET E 474 10.93 -34.23 13.64
C MET E 474 10.67 -34.44 15.12
N ASP E 475 10.17 -33.41 15.80
CA ASP E 475 9.74 -33.58 17.19
C ASP E 475 8.39 -34.29 17.19
N ASP E 476 7.77 -34.39 18.36
CA ASP E 476 6.52 -35.13 18.50
C ASP E 476 5.35 -34.50 17.74
N ILE E 477 5.23 -33.18 17.84
CA ILE E 477 4.13 -32.46 17.22
C ILE E 477 4.23 -32.41 15.69
N GLN E 478 5.41 -32.08 15.17
CA GLN E 478 5.61 -32.01 13.73
C GLN E 478 5.78 -33.40 13.10
N LYS E 479 5.55 -34.44 13.89
CA LYS E 479 5.44 -35.80 13.39
C LYS E 479 3.95 -36.17 13.37
N GLU E 480 3.25 -35.76 14.41
CA GLU E 480 1.80 -35.92 14.48
C GLU E 480 1.14 -35.19 13.32
N LYS E 481 1.71 -34.05 12.95
CA LYS E 481 1.20 -33.25 11.84
C LYS E 481 1.57 -33.87 10.50
N ALA E 482 2.84 -34.26 10.36
CA ALA E 482 3.33 -34.83 9.11
C ALA E 482 2.66 -36.17 8.80
N PHE E 483 2.57 -37.03 9.81
CA PHE E 483 1.97 -38.34 9.64
C PHE E 483 0.48 -38.22 9.33
N ALA E 484 -0.16 -37.23 9.93
CA ALA E 484 -1.58 -36.96 9.64
C ALA E 484 -1.75 -36.58 8.18
N LEU E 485 -0.86 -35.73 7.69
CA LEU E 485 -0.90 -35.29 6.30
C LEU E 485 -0.69 -36.47 5.35
N CYS E 486 0.35 -37.25 5.60
CA CYS E 486 0.64 -38.43 4.78
C CYS E 486 -0.54 -39.39 4.71
N ILE E 487 -1.20 -39.61 5.84
CA ILE E 487 -2.38 -40.46 5.89
C ILE E 487 -3.53 -39.84 5.11
N LYS E 488 -3.77 -38.55 5.33
CA LYS E 488 -4.82 -37.81 4.62
C LYS E 488 -4.65 -37.88 3.11
N GLN E 489 -3.41 -37.80 2.65
CA GLN E 489 -3.10 -37.86 1.23
C GLN E 489 -3.43 -39.25 0.65
N VAL E 490 -3.02 -40.29 1.36
CA VAL E 490 -3.27 -41.66 0.94
C VAL E 490 -4.77 -41.95 0.78
N ASN E 491 -5.55 -41.48 1.75
CA ASN E 491 -7.00 -41.65 1.70
C ASN E 491 -7.62 -40.99 0.47
N PHE E 492 -7.11 -39.82 0.11
CA PHE E 492 -7.62 -39.09 -1.05
C PHE E 492 -7.29 -39.77 -2.37
N LEU E 493 -6.02 -40.17 -2.52
CA LEU E 493 -5.56 -40.81 -3.74
C LEU E 493 -6.18 -42.20 -3.93
N SER E 494 -6.87 -42.66 -2.90
CA SER E 494 -7.50 -43.98 -2.91
C SER E 494 -9.01 -43.89 -2.86
N GLU E 495 -9.55 -42.68 -2.94
CA GLU E 495 -10.99 -42.44 -2.94
C GLU E 495 -11.70 -43.01 -1.72
N GLY E 496 -11.12 -42.83 -0.54
CA GLY E 496 -11.74 -43.25 0.70
C GLY E 496 -11.69 -44.74 0.97
N LYS E 497 -10.80 -45.45 0.27
CA LYS E 497 -10.65 -46.89 0.47
C LYS E 497 -9.85 -47.19 1.72
N LEU E 498 -9.03 -46.23 2.15
CA LEU E 498 -8.24 -46.38 3.36
C LEU E 498 -9.11 -46.26 4.60
N GLU E 499 -10.00 -45.28 4.60
CA GLU E 499 -10.83 -44.99 5.76
C GLU E 499 -11.80 -46.13 6.06
N THR E 500 -12.28 -46.80 5.01
CA THR E 500 -13.18 -47.94 5.19
C THR E 500 -12.44 -49.12 5.80
N TYR E 501 -11.19 -49.32 5.37
CA TYR E 501 -10.37 -50.41 5.89
C TYR E 501 -10.07 -50.22 7.37
N LEU E 502 -9.65 -49.01 7.73
CA LEU E 502 -9.34 -48.67 9.12
C LEU E 502 -10.57 -48.81 10.01
N ASN E 503 -11.69 -48.24 9.57
CA ASN E 503 -12.95 -48.33 10.30
C ASN E 503 -13.37 -49.78 10.49
N LYS E 504 -13.12 -50.60 9.48
CA LYS E 504 -13.41 -52.03 9.55
C LYS E 504 -12.48 -52.74 10.52
N VAL E 505 -11.20 -52.39 10.46
CA VAL E 505 -10.20 -52.95 11.37
C VAL E 505 -10.50 -52.57 12.82
N GLU E 506 -10.77 -51.29 13.05
CA GLU E 506 -11.06 -50.79 14.39
C GLU E 506 -12.36 -51.37 14.95
N ALA E 507 -13.27 -51.76 14.06
CA ALA E 507 -14.55 -52.30 14.47
C ALA E 507 -14.48 -53.79 14.81
N GLU E 508 -13.48 -54.47 14.25
CA GLU E 508 -13.27 -55.89 14.54
C GLU E 508 -12.52 -56.06 15.85
N ALA E 509 -11.88 -54.99 16.30
CA ALA E 509 -11.08 -55.02 17.51
C ALA E 509 -11.91 -54.73 18.76
N LYS E 510 -12.99 -53.98 18.58
CA LYS E 510 -13.90 -53.69 19.69
C LYS E 510 -14.70 -54.94 20.05
N ALA E 511 -15.03 -55.75 19.05
CA ALA E 511 -15.79 -56.97 19.25
C ALA E 511 -14.89 -58.09 19.80
N ALA E 512 -13.59 -57.87 19.75
CA ALA E 512 -12.63 -58.84 20.27
C ALA E 512 -12.07 -58.39 21.62
N ALA E 513 -12.52 -57.23 22.08
CA ALA E 513 -12.01 -56.61 23.30
C ALA E 513 -10.49 -56.46 23.26
N GLU E 514 -10.00 -55.79 22.23
CA GLU E 514 -8.57 -55.61 22.03
C GLU E 514 -8.25 -54.29 21.35
N PRO E 515 -7.09 -53.70 21.65
CA PRO E 515 -6.64 -52.47 20.99
C PRO E 515 -6.24 -52.71 19.55
N SER E 516 -6.24 -51.66 18.74
CA SER E 516 -5.86 -51.76 17.34
C SER E 516 -4.92 -50.63 16.92
N TRP E 517 -4.09 -50.90 15.93
CA TRP E 517 -3.17 -49.90 15.39
C TRP E 517 -3.95 -48.83 14.63
N ALA E 518 -5.13 -49.20 14.16
CA ALA E 518 -5.95 -48.31 13.35
C ALA E 518 -6.48 -47.11 14.13
N THR E 519 -6.55 -47.25 15.45
CA THR E 519 -7.12 -46.21 16.31
C THR E 519 -6.38 -44.87 16.19
N LYS E 520 -5.06 -44.90 16.25
CA LYS E 520 -4.27 -43.67 16.16
C LYS E 520 -4.23 -43.14 14.73
N ILE E 521 -4.32 -44.05 13.76
CA ILE E 521 -4.30 -43.65 12.35
C ILE E 521 -5.56 -42.87 11.98
N LEU E 522 -6.70 -43.33 12.48
CA LEU E 522 -7.97 -42.64 12.23
C LEU E 522 -8.08 -41.33 13.00
N ASN E 523 -7.27 -41.18 14.05
CA ASN E 523 -7.25 -39.96 14.83
C ASN E 523 -6.44 -38.86 14.13
N LEU E 524 -5.41 -39.28 13.40
CA LEU E 524 -4.63 -38.36 12.57
C LEU E 524 -5.37 -38.07 11.27
N LEU E 525 -6.17 -39.04 10.84
CA LEU E 525 -6.96 -38.91 9.62
C LEU E 525 -8.13 -37.97 9.86
N TRP E 526 -8.62 -37.95 11.09
CA TRP E 526 -9.73 -37.07 11.46
C TRP E 526 -9.23 -35.79 12.13
N ALA E 527 -7.93 -35.54 12.08
CA ALA E 527 -7.36 -34.32 12.62
C ALA E 527 -7.71 -33.13 11.73
N PRO E 528 -7.85 -31.94 12.32
CA PRO E 528 -8.12 -30.75 11.52
C PRO E 528 -6.93 -30.41 10.61
N ILE E 529 -7.20 -30.22 9.31
CA ILE E 529 -6.12 -30.01 8.35
C ILE E 529 -5.52 -28.61 8.48
N GLU E 530 -6.27 -27.70 9.08
CA GLU E 530 -5.75 -26.35 9.33
C GLU E 530 -4.68 -26.39 10.40
N TRP E 531 -4.69 -27.48 11.17
CA TRP E 531 -3.71 -27.68 12.24
C TRP E 531 -2.41 -28.30 11.75
N VAL E 532 -2.53 -29.28 10.84
CA VAL E 532 -1.37 -30.03 10.38
C VAL E 532 -0.37 -29.16 9.60
N VAL E 533 -0.87 -28.08 9.02
CA VAL E 533 -0.03 -27.17 8.24
C VAL E 533 0.23 -25.90 9.02
N SER E 534 -0.13 -25.92 10.30
CA SER E 534 0.00 -24.75 11.17
C SER E 534 1.35 -24.70 11.88
N LEU E 535 1.76 -23.51 12.28
CA LEU E 535 2.96 -23.35 13.09
C LEU E 535 2.59 -23.47 14.58
N PHE E 536 1.42 -24.05 14.83
CA PHE E 536 0.93 -24.23 16.19
C PHE E 536 1.86 -25.14 16.97
N LYS E 537 2.35 -24.65 18.11
CA LYS E 537 3.25 -25.43 18.96
C LYS E 537 2.46 -26.25 19.97
N GLY E 538 1.14 -26.31 19.77
CA GLY E 538 0.29 -27.16 20.57
C GLY E 538 -0.17 -28.35 19.75
N PRO E 539 -0.69 -29.39 20.41
CA PRO E 539 -1.14 -30.59 19.72
C PRO E 539 -2.66 -30.66 19.56
N ALA E 540 -3.14 -30.45 18.34
CA ALA E 540 -4.55 -30.62 17.99
C ALA E 540 -5.53 -29.78 18.80
N GLN E 541 -5.01 -28.85 19.61
CA GLN E 541 -5.84 -27.93 20.37
C GLN E 541 -6.12 -26.69 19.54
N ASP E 542 -5.99 -26.83 18.23
CA ASP E 542 -6.14 -25.71 17.30
C ASP E 542 -7.50 -25.04 17.46
N PHE E 543 -7.50 -23.70 17.46
CA PHE E 543 -8.73 -22.93 17.56
C PHE E 543 -9.07 -22.33 16.20
N LYS E 544 -10.23 -21.68 16.14
CA LYS E 544 -10.61 -20.97 14.91
C LYS E 544 -9.80 -19.68 14.82
N VAL E 545 -9.52 -19.24 13.60
CA VAL E 545 -8.78 -18.00 13.39
C VAL E 545 -9.52 -17.11 12.39
N ILE F 7 2.71 -65.60 2.45
CA ILE F 7 3.14 -64.25 2.11
C ILE F 7 4.05 -63.67 3.19
N CYS F 8 5.29 -63.38 2.81
CA CYS F 8 6.26 -62.81 3.73
C CYS F 8 6.94 -61.59 3.13
N GLN F 9 6.68 -60.42 3.72
CA GLN F 9 7.22 -59.17 3.21
C GLN F 9 8.69 -58.99 3.60
N PHE F 10 9.54 -58.78 2.60
CA PHE F 10 10.95 -58.55 2.84
C PHE F 10 11.47 -57.31 2.11
N LYS F 11 12.22 -56.48 2.81
CA LYS F 11 12.75 -55.25 2.25
C LYS F 11 14.19 -55.44 1.77
N LEU F 12 14.44 -55.14 0.49
CA LEU F 12 15.75 -55.35 -0.10
C LEU F 12 16.31 -54.07 -0.70
N VAL F 13 17.59 -53.81 -0.45
CA VAL F 13 18.23 -52.59 -0.92
C VAL F 13 19.47 -52.88 -1.77
N LEU F 14 19.64 -52.15 -2.87
CA LEU F 14 20.82 -52.28 -3.71
C LEU F 14 21.80 -51.16 -3.41
N LEU F 15 23.07 -51.51 -3.22
CA LEU F 15 24.11 -50.52 -2.94
C LEU F 15 25.32 -50.72 -3.85
N GLY F 16 26.06 -49.64 -4.10
CA GLY F 16 27.25 -49.71 -4.92
C GLY F 16 27.55 -48.40 -5.63
N GLU F 17 28.65 -48.36 -6.38
CA GLU F 17 29.02 -47.19 -7.16
C GLU F 17 28.08 -47.04 -8.36
N SER F 18 28.09 -45.88 -9.00
CA SER F 18 27.29 -45.67 -10.19
C SER F 18 27.79 -46.52 -11.35
N ALA F 19 26.94 -46.71 -12.36
CA ALA F 19 27.29 -47.44 -13.58
C ALA F 19 27.77 -48.87 -13.36
N VAL F 20 27.34 -49.48 -12.26
CA VAL F 20 27.65 -50.88 -12.01
C VAL F 20 26.47 -51.75 -12.44
N GLY F 21 25.32 -51.12 -12.64
CA GLY F 21 24.14 -51.82 -13.11
C GLY F 21 23.24 -52.32 -12.00
N LYS F 22 22.56 -51.40 -11.31
CA LYS F 22 21.61 -51.77 -10.27
C LYS F 22 20.20 -51.69 -10.83
N SER F 23 19.92 -50.59 -11.52
CA SER F 23 18.61 -50.39 -12.13
C SER F 23 18.37 -51.42 -13.23
N SER F 24 19.45 -51.84 -13.88
CA SER F 24 19.37 -52.82 -14.95
C SER F 24 19.11 -54.22 -14.40
N LEU F 25 19.69 -54.52 -13.24
CA LEU F 25 19.48 -55.80 -12.58
C LEU F 25 18.03 -55.94 -12.12
N VAL F 26 17.53 -54.93 -11.41
CA VAL F 26 16.16 -54.91 -10.94
C VAL F 26 15.18 -55.06 -12.12
N LEU F 27 15.44 -54.32 -13.19
CA LEU F 27 14.62 -54.37 -14.39
C LEU F 27 14.52 -55.79 -14.94
N ARG F 28 15.66 -56.43 -15.11
CA ARG F 28 15.71 -57.81 -15.61
C ARG F 28 14.96 -58.76 -14.68
N PHE F 29 15.06 -58.53 -13.38
CA PHE F 29 14.40 -59.37 -12.39
C PHE F 29 12.90 -59.09 -12.32
N VAL F 30 12.52 -57.85 -12.63
CA VAL F 30 11.13 -57.43 -12.51
C VAL F 30 10.35 -57.46 -13.82
N LYS F 31 10.83 -56.74 -14.82
CA LYS F 31 10.12 -56.66 -16.10
C LYS F 31 10.75 -57.53 -17.18
N GLY F 32 11.73 -58.35 -16.78
CA GLY F 32 12.38 -59.27 -17.69
C GLY F 32 13.02 -58.60 -18.89
N GLN F 33 13.42 -57.34 -18.72
CA GLN F 33 13.99 -56.57 -19.81
C GLN F 33 15.37 -56.02 -19.47
N PHE F 34 16.04 -55.49 -20.48
CA PHE F 34 17.35 -54.87 -20.29
C PHE F 34 17.47 -53.68 -21.25
N HIS F 35 18.18 -52.66 -20.82
CA HIS F 35 18.40 -51.48 -21.65
C HIS F 35 19.83 -50.97 -21.50
N GLU F 36 20.54 -50.91 -22.62
CA GLU F 36 21.93 -50.47 -22.62
C GLU F 36 22.04 -49.02 -22.16
N TYR F 37 21.03 -48.22 -22.48
CA TYR F 37 21.03 -46.80 -22.15
C TYR F 37 19.98 -46.44 -21.12
N GLN F 38 20.20 -46.87 -19.88
CA GLN F 38 19.32 -46.47 -18.78
C GLN F 38 19.86 -45.23 -18.08
N GLU F 39 19.00 -44.24 -17.91
CA GLU F 39 19.38 -42.99 -17.25
C GLU F 39 19.81 -43.24 -15.80
N SER F 40 20.65 -42.37 -15.28
CA SER F 40 21.10 -42.47 -13.90
C SER F 40 19.93 -42.35 -12.93
N THR F 41 19.97 -43.14 -11.87
CA THR F 41 18.92 -43.10 -10.85
C THR F 41 19.12 -41.87 -9.96
N ILE F 42 18.02 -41.19 -9.64
CA ILE F 42 18.07 -40.02 -8.76
C ILE F 42 17.44 -40.35 -7.41
N GLY F 43 18.21 -40.14 -6.34
CA GLY F 43 17.76 -40.49 -5.01
C GLY F 43 17.62 -41.99 -4.85
N ALA F 44 16.46 -42.50 -5.25
CA ALA F 44 16.21 -43.94 -5.25
C ALA F 44 14.99 -44.28 -6.10
N ALA F 45 14.75 -45.57 -6.28
CA ALA F 45 13.57 -46.05 -7.00
C ALA F 45 12.94 -47.22 -6.24
N PHE F 46 11.61 -47.26 -6.20
CA PHE F 46 10.92 -48.32 -5.49
C PHE F 46 10.20 -49.26 -6.45
N LEU F 47 10.34 -50.55 -6.22
CA LEU F 47 9.65 -51.55 -7.01
C LEU F 47 9.24 -52.75 -6.17
N THR F 48 8.55 -53.69 -6.79
CA THR F 48 8.08 -54.89 -6.09
C THR F 48 7.88 -56.02 -7.07
N GLN F 49 8.56 -57.14 -6.85
CA GLN F 49 8.35 -58.34 -7.64
C GLN F 49 8.05 -59.51 -6.72
N THR F 50 7.25 -60.44 -7.20
CA THR F 50 6.83 -61.59 -6.40
C THR F 50 7.30 -62.90 -7.00
N VAL F 51 8.04 -63.68 -6.23
CA VAL F 51 8.54 -64.97 -6.68
C VAL F 51 8.03 -66.10 -5.79
N CYS F 52 8.05 -67.32 -6.33
CA CYS F 52 7.62 -68.48 -5.56
C CYS F 52 8.84 -69.29 -5.13
N LEU F 53 8.90 -69.66 -3.85
CA LEU F 53 10.00 -70.43 -3.31
C LEU F 53 9.49 -71.61 -2.50
N ASP F 54 9.43 -72.78 -3.13
CA ASP F 54 9.01 -74.02 -2.45
C ASP F 54 7.63 -73.90 -1.83
N ASP F 55 6.61 -73.76 -2.66
CA ASP F 55 5.22 -73.68 -2.22
C ASP F 55 4.94 -72.56 -1.21
N THR F 56 5.88 -71.64 -1.07
CA THR F 56 5.70 -70.49 -0.19
C THR F 56 6.05 -69.21 -0.94
N THR F 57 5.12 -68.26 -0.94
CA THR F 57 5.27 -67.05 -1.72
C THR F 57 5.87 -65.92 -0.90
N VAL F 58 6.98 -65.36 -1.38
CA VAL F 58 7.62 -64.23 -0.72
C VAL F 58 7.49 -62.97 -1.56
N LYS F 59 7.44 -61.82 -0.90
CA LYS F 59 7.27 -60.55 -1.59
C LYS F 59 8.44 -59.62 -1.29
N PHE F 60 9.05 -59.07 -2.34
CA PHE F 60 10.21 -58.21 -2.19
C PHE F 60 9.87 -56.73 -2.31
N GLU F 61 10.39 -55.94 -1.37
CA GLU F 61 10.30 -54.49 -1.45
C GLU F 61 11.67 -53.96 -1.89
N ILE F 62 11.80 -53.71 -3.19
CA ILE F 62 13.10 -53.34 -3.75
C ILE F 62 13.36 -51.83 -3.72
N TRP F 63 14.47 -51.46 -3.11
CA TRP F 63 14.89 -50.05 -3.07
C TRP F 63 16.14 -49.84 -3.92
N ASP F 64 15.94 -49.59 -5.20
CA ASP F 64 17.05 -49.31 -6.12
C ASP F 64 17.63 -47.93 -5.83
N THR F 65 18.78 -47.90 -5.17
CA THR F 65 19.39 -46.64 -4.75
C THR F 65 20.26 -46.02 -5.84
N ALA F 66 20.60 -44.74 -5.64
CA ALA F 66 21.53 -44.05 -6.52
C ALA F 66 22.94 -44.14 -5.93
N GLY F 67 23.91 -44.50 -6.76
CA GLY F 67 25.25 -44.76 -6.28
C GLY F 67 26.25 -43.64 -6.44
N LEU F 68 25.75 -42.42 -6.64
CA LEU F 68 26.62 -41.26 -6.76
C LEU F 68 27.15 -40.81 -5.39
N GLU F 69 28.15 -39.94 -5.40
CA GLU F 69 28.79 -39.47 -4.17
C GLU F 69 27.79 -38.75 -3.25
N ARG F 70 26.97 -37.89 -3.83
CA ARG F 70 26.01 -37.09 -3.08
C ARG F 70 25.05 -37.92 -2.24
N TYR F 71 24.53 -38.99 -2.82
CA TYR F 71 23.49 -39.79 -2.17
C TYR F 71 24.01 -40.78 -1.13
N HIS F 72 25.24 -40.57 -0.67
CA HIS F 72 25.83 -41.45 0.33
C HIS F 72 25.13 -41.31 1.67
N SER F 73 24.78 -40.08 2.03
CA SER F 73 24.15 -39.79 3.31
C SER F 73 22.73 -40.35 3.40
N LEU F 74 22.13 -40.60 2.24
CA LEU F 74 20.74 -41.06 2.19
C LEU F 74 20.63 -42.56 2.45
N ALA F 75 21.76 -43.25 2.41
CA ALA F 75 21.80 -44.71 2.53
C ALA F 75 21.11 -45.33 3.76
N PRO F 76 21.34 -44.77 4.97
CA PRO F 76 20.70 -45.37 6.16
C PRO F 76 19.18 -45.43 6.08
N MET F 77 18.58 -44.49 5.33
CA MET F 77 17.13 -44.47 5.15
C MET F 77 16.67 -45.69 4.35
N TYR F 78 17.61 -46.31 3.62
CA TYR F 78 17.28 -47.41 2.73
C TYR F 78 17.61 -48.80 3.27
N TYR F 79 18.60 -48.89 4.16
CA TYR F 79 19.01 -50.20 4.69
C TYR F 79 18.73 -50.42 6.17
N ARG F 80 18.07 -49.46 6.82
CA ARG F 80 17.78 -49.56 8.25
C ARG F 80 16.87 -50.73 8.59
N GLY F 81 15.78 -50.87 7.86
CA GLY F 81 14.84 -51.95 8.10
C GLY F 81 14.96 -53.07 7.10
N ALA F 82 16.08 -53.10 6.38
CA ALA F 82 16.30 -54.10 5.34
C ALA F 82 16.48 -55.51 5.89
N GLN F 83 15.76 -56.46 5.31
CA GLN F 83 15.93 -57.88 5.63
C GLN F 83 17.02 -58.47 4.76
N ALA F 84 17.45 -57.70 3.76
CA ALA F 84 18.49 -58.14 2.83
C ALA F 84 19.10 -56.95 2.10
N ALA F 85 20.23 -57.19 1.44
CA ALA F 85 20.91 -56.16 0.67
C ALA F 85 21.74 -56.76 -0.44
N ILE F 86 21.83 -56.06 -1.57
CA ILE F 86 22.66 -56.51 -2.69
C ILE F 86 23.68 -55.44 -3.05
N VAL F 87 24.94 -55.67 -2.68
CA VAL F 87 26.01 -54.75 -3.02
C VAL F 87 26.58 -55.12 -4.38
N VAL F 88 26.52 -54.19 -5.33
CA VAL F 88 26.95 -54.46 -6.69
C VAL F 88 28.30 -53.81 -7.00
N TYR F 89 29.26 -54.63 -7.44
CA TYR F 89 30.54 -54.12 -7.93
C TYR F 89 30.72 -54.52 -9.38
N ASP F 90 31.42 -53.69 -10.14
CA ASP F 90 31.71 -53.99 -11.53
C ASP F 90 33.03 -54.74 -11.64
N ILE F 91 33.12 -55.66 -12.61
CA ILE F 91 34.34 -56.43 -12.83
C ILE F 91 35.33 -55.68 -13.71
N THR F 92 34.82 -54.70 -14.46
CA THR F 92 35.66 -53.88 -15.32
C THR F 92 36.19 -52.67 -14.57
N ASN F 93 36.14 -52.74 -13.24
CA ASN F 93 36.58 -51.64 -12.38
C ASN F 93 36.89 -52.16 -10.98
N THR F 94 38.16 -52.08 -10.58
CA THR F 94 38.59 -52.59 -9.28
C THR F 94 38.15 -51.68 -8.15
N ASP F 95 38.02 -50.38 -8.46
CA ASP F 95 37.61 -49.39 -7.47
C ASP F 95 36.19 -49.66 -6.96
N THR F 96 35.33 -50.14 -7.84
CA THR F 96 33.96 -50.48 -7.48
C THR F 96 33.91 -51.64 -6.50
N PHE F 97 34.86 -52.57 -6.64
CA PHE F 97 34.96 -53.70 -5.72
C PHE F 97 35.52 -53.24 -4.39
N ALA F 98 36.40 -52.25 -4.43
CA ALA F 98 36.94 -51.64 -3.22
C ALA F 98 35.86 -50.81 -2.55
N ARG F 99 35.00 -50.21 -3.37
CA ARG F 99 33.87 -49.44 -2.87
C ARG F 99 32.87 -50.36 -2.18
N ALA F 100 32.76 -51.57 -2.71
CA ALA F 100 31.82 -52.57 -2.19
C ALA F 100 32.17 -53.00 -0.78
N LYS F 101 33.45 -53.27 -0.53
CA LYS F 101 33.92 -53.67 0.79
C LYS F 101 33.57 -52.62 1.84
N ASN F 102 33.60 -51.35 1.44
CA ASN F 102 33.27 -50.26 2.33
C ASN F 102 31.78 -50.22 2.63
N TRP F 103 30.97 -50.54 1.63
CA TRP F 103 29.53 -50.69 1.83
C TRP F 103 29.25 -51.84 2.77
N VAL F 104 29.85 -52.99 2.48
CA VAL F 104 29.73 -54.17 3.32
C VAL F 104 30.15 -53.86 4.76
N LYS F 105 31.27 -53.14 4.90
CA LYS F 105 31.74 -52.75 6.22
C LYS F 105 30.78 -51.81 6.91
N GLU F 106 30.17 -50.90 6.14
CA GLU F 106 29.17 -49.98 6.69
C GLU F 106 27.88 -50.73 6.99
N LEU F 107 27.58 -51.75 6.19
CA LEU F 107 26.41 -52.58 6.42
C LEU F 107 26.56 -53.39 7.71
N GLN F 108 27.77 -53.89 7.95
CA GLN F 108 28.04 -54.67 9.16
C GLN F 108 28.08 -53.78 10.40
N ARG F 109 28.51 -52.54 10.22
CA ARG F 109 28.64 -51.60 11.33
C ARG F 109 27.31 -50.97 11.75
N GLN F 110 26.47 -50.67 10.76
CA GLN F 110 25.30 -49.84 11.00
C GLN F 110 23.96 -50.57 10.88
N ALA F 111 23.85 -51.49 9.91
CA ALA F 111 22.59 -52.16 9.64
C ALA F 111 22.26 -53.25 10.67
N SER F 112 21.11 -53.90 10.47
CA SER F 112 20.66 -54.95 11.37
C SER F 112 21.56 -56.18 11.27
N PRO F 113 21.83 -56.83 12.42
CA PRO F 113 22.67 -58.03 12.45
C PRO F 113 22.00 -59.22 11.76
N ASN F 114 20.67 -59.29 11.84
CA ASN F 114 19.92 -60.37 11.23
C ASN F 114 19.64 -60.10 9.76
N ILE F 115 20.65 -59.59 9.05
CA ILE F 115 20.50 -59.22 7.64
C ILE F 115 21.19 -60.24 6.73
N VAL F 116 20.81 -60.23 5.46
CA VAL F 116 21.41 -61.13 4.48
C VAL F 116 22.06 -60.32 3.36
N ILE F 117 23.37 -60.13 3.47
CA ILE F 117 24.11 -59.35 2.48
C ILE F 117 24.61 -60.24 1.35
N ALA F 118 24.24 -59.89 0.12
CA ALA F 118 24.72 -60.61 -1.06
C ALA F 118 25.77 -59.76 -1.77
N LEU F 119 26.46 -60.35 -2.73
CA LEU F 119 27.50 -59.65 -3.48
C LEU F 119 27.42 -59.98 -4.97
N ALA F 120 27.49 -58.94 -5.81
CA ALA F 120 27.33 -59.13 -7.24
C ALA F 120 28.47 -58.54 -8.07
N GLY F 121 29.11 -59.39 -8.86
CA GLY F 121 30.09 -58.94 -9.83
C GLY F 121 29.45 -58.80 -11.19
N ASN F 122 28.75 -57.68 -11.40
CA ASN F 122 27.98 -57.47 -12.62
C ASN F 122 28.87 -57.28 -13.86
N LYS F 123 28.22 -57.06 -15.00
CA LYS F 123 28.90 -56.88 -16.28
C LYS F 123 29.76 -58.08 -16.67
N ALA F 124 29.33 -59.27 -16.25
CA ALA F 124 30.08 -60.49 -16.53
C ALA F 124 29.82 -61.02 -17.94
N ASP F 125 29.08 -60.24 -18.73
CA ASP F 125 28.86 -60.57 -20.13
C ASP F 125 30.12 -60.25 -20.93
N LEU F 126 30.98 -59.42 -20.34
CA LEU F 126 32.24 -59.05 -20.96
C LEU F 126 33.40 -59.39 -20.03
N ALA F 127 33.70 -60.68 -19.89
CA ALA F 127 34.80 -61.13 -19.06
C ALA F 127 36.15 -60.76 -19.67
N SER F 128 36.11 -60.27 -20.91
CA SER F 128 37.31 -59.79 -21.60
C SER F 128 37.96 -58.64 -20.84
N LYS F 129 37.12 -57.78 -20.26
CA LYS F 129 37.61 -56.58 -19.60
C LYS F 129 37.64 -56.73 -18.09
N ARG F 130 37.47 -57.97 -17.63
CA ARG F 130 37.49 -58.30 -16.21
C ARG F 130 38.75 -57.78 -15.52
N ALA F 131 38.57 -57.12 -14.38
CA ALA F 131 39.69 -56.61 -13.61
C ALA F 131 39.68 -57.17 -12.19
N VAL F 132 38.69 -58.02 -11.92
CA VAL F 132 38.56 -58.65 -10.61
C VAL F 132 38.38 -60.17 -10.75
N GLU F 133 39.28 -60.93 -10.16
CA GLU F 133 39.20 -62.39 -10.22
C GLU F 133 38.13 -62.95 -9.28
N PHE F 134 37.56 -64.09 -9.66
CA PHE F 134 36.51 -64.74 -8.89
C PHE F 134 36.99 -65.10 -7.48
N GLN F 135 38.19 -65.67 -7.40
CA GLN F 135 38.77 -66.09 -6.14
C GLN F 135 38.98 -64.92 -5.19
N GLU F 136 39.26 -63.75 -5.76
CA GLU F 136 39.47 -62.54 -4.98
C GLU F 136 38.19 -62.14 -4.23
N ALA F 137 37.06 -62.30 -4.90
CA ALA F 137 35.78 -61.96 -4.30
C ALA F 137 35.23 -63.11 -3.47
N GLN F 138 35.48 -64.34 -3.92
CA GLN F 138 34.96 -65.54 -3.25
C GLN F 138 35.54 -65.73 -1.85
N ALA F 139 36.83 -65.41 -1.70
CA ALA F 139 37.48 -65.52 -0.40
C ALA F 139 36.91 -64.50 0.58
N TYR F 140 36.79 -63.26 0.11
CA TYR F 140 36.22 -62.19 0.91
C TYR F 140 34.77 -62.49 1.28
N ALA F 141 34.09 -63.22 0.42
CA ALA F 141 32.70 -63.59 0.64
C ALA F 141 32.54 -64.47 1.88
N ASP F 142 33.24 -65.60 1.89
CA ASP F 142 33.15 -66.55 3.00
C ASP F 142 33.74 -66.01 4.29
N ASP F 143 34.65 -65.04 4.17
CA ASP F 143 35.23 -64.40 5.33
C ASP F 143 34.17 -63.66 6.13
N ASN F 144 33.46 -62.75 5.47
CA ASN F 144 32.44 -61.94 6.10
C ASN F 144 31.05 -62.56 5.99
N SER F 145 31.02 -63.83 5.60
CA SER F 145 29.78 -64.59 5.41
C SER F 145 28.85 -63.93 4.39
N LEU F 146 29.39 -63.61 3.22
CA LEU F 146 28.61 -62.98 2.17
C LEU F 146 28.04 -64.00 1.18
N LEU F 147 26.87 -63.71 0.64
CA LEU F 147 26.26 -64.56 -0.38
C LEU F 147 26.65 -64.02 -1.76
N PHE F 148 27.84 -64.37 -2.21
CA PHE F 148 28.40 -63.80 -3.43
C PHE F 148 28.10 -64.60 -4.68
N MET F 149 27.78 -63.89 -5.76
CA MET F 149 27.56 -64.50 -7.07
C MET F 149 28.12 -63.60 -8.16
N GLU F 150 28.19 -64.14 -9.37
CA GLU F 150 28.62 -63.35 -10.52
C GLU F 150 27.44 -63.18 -11.49
N THR F 151 27.07 -61.93 -11.74
CA THR F 151 25.85 -61.63 -12.47
C THR F 151 26.08 -60.84 -13.75
N SER F 152 25.07 -60.81 -14.60
CA SER F 152 25.08 -59.97 -15.80
C SER F 152 23.66 -59.73 -16.29
N ALA F 153 23.24 -58.48 -16.35
CA ALA F 153 21.88 -58.12 -16.74
C ALA F 153 21.64 -58.26 -18.23
N LYS F 154 22.71 -58.42 -19.00
CA LYS F 154 22.61 -58.53 -20.44
C LYS F 154 22.52 -59.99 -20.89
N THR F 155 22.81 -60.90 -19.97
CA THR F 155 22.72 -62.33 -20.24
C THR F 155 21.85 -63.03 -19.22
N ALA F 156 21.36 -62.26 -18.24
CA ALA F 156 20.52 -62.76 -17.16
C ALA F 156 21.17 -63.89 -16.37
N MET F 157 22.49 -64.00 -16.42
CA MET F 157 23.21 -65.05 -15.72
C MET F 157 23.19 -64.83 -14.21
N ASN F 158 22.63 -65.80 -13.49
CA ASN F 158 22.51 -65.73 -12.04
C ASN F 158 21.76 -64.51 -11.51
N VAL F 159 21.09 -63.80 -12.42
CA VAL F 159 20.35 -62.59 -12.05
C VAL F 159 19.08 -62.94 -11.26
N ASN F 160 18.31 -63.89 -11.77
CA ASN F 160 17.14 -64.37 -11.06
C ASN F 160 17.55 -65.28 -9.90
N GLU F 161 18.66 -66.00 -10.08
CA GLU F 161 19.14 -66.94 -9.07
C GLU F 161 19.68 -66.26 -7.81
N ILE F 162 20.24 -65.06 -7.96
CA ILE F 162 20.82 -64.35 -6.82
C ILE F 162 19.73 -63.80 -5.88
N PHE F 163 18.57 -63.50 -6.44
CA PHE F 163 17.44 -63.05 -5.62
C PHE F 163 16.84 -64.22 -4.86
N MET F 164 16.64 -65.34 -5.55
CA MET F 164 16.11 -66.55 -4.94
C MET F 164 17.07 -67.08 -3.88
N ALA F 165 18.36 -66.92 -4.12
CA ALA F 165 19.39 -67.36 -3.18
C ALA F 165 19.28 -66.62 -1.86
N ILE F 166 18.78 -65.39 -1.92
CA ILE F 166 18.55 -64.59 -0.72
C ILE F 166 17.29 -65.02 -0.01
N ALA F 167 16.24 -65.30 -0.78
CA ALA F 167 14.95 -65.71 -0.25
C ALA F 167 15.03 -66.96 0.63
N LYS F 168 15.93 -67.86 0.26
CA LYS F 168 16.16 -69.08 1.03
C LYS F 168 16.85 -68.74 2.35
N LYS F 169 17.72 -67.74 2.31
CA LYS F 169 18.48 -67.32 3.48
C LYS F 169 17.65 -66.48 4.45
N LEU F 170 16.37 -66.31 4.15
CA LEU F 170 15.48 -65.49 4.97
C LEU F 170 14.61 -66.35 5.88
N GLY G 4 -36.74 -50.81 -16.33
CA GLY G 4 -35.68 -51.09 -17.27
C GLY G 4 -36.17 -51.38 -18.67
N SER G 5 -35.26 -51.40 -19.63
CA SER G 5 -35.62 -51.69 -21.01
C SER G 5 -35.63 -53.19 -21.27
N GLU G 6 -36.60 -53.65 -22.05
CA GLU G 6 -36.77 -55.08 -22.31
C GLU G 6 -36.56 -55.41 -23.78
N ILE G 7 -35.92 -56.55 -24.06
CA ILE G 7 -35.64 -56.96 -25.42
C ILE G 7 -36.64 -58.00 -25.91
N SER G 8 -37.57 -57.57 -26.76
CA SER G 8 -38.61 -58.45 -27.29
C SER G 8 -38.31 -58.87 -28.73
N LYS G 9 -38.67 -60.09 -29.08
CA LYS G 9 -38.44 -60.62 -30.42
C LYS G 9 -39.59 -60.23 -31.35
N THR G 10 -39.25 -59.90 -32.59
CA THR G 10 -40.26 -59.54 -33.59
C THR G 10 -40.70 -60.76 -34.38
N GLU G 11 -41.77 -60.59 -35.17
CA GLU G 11 -42.33 -61.68 -35.96
C GLU G 11 -41.52 -61.91 -37.22
N ALA G 12 -40.63 -60.97 -37.54
CA ALA G 12 -39.81 -61.05 -38.74
C ALA G 12 -38.50 -61.79 -38.48
N GLY G 13 -38.17 -61.98 -37.21
CA GLY G 13 -36.94 -62.66 -36.84
C GLY G 13 -35.87 -61.73 -36.32
N GLN G 14 -36.28 -60.51 -35.97
CA GLN G 14 -35.37 -59.52 -35.42
C GLN G 14 -35.64 -59.30 -33.94
N TYR G 15 -34.94 -58.35 -33.35
CA TYR G 15 -35.07 -58.10 -31.91
C TYR G 15 -35.21 -56.61 -31.62
N SER G 16 -36.25 -56.25 -30.86
CA SER G 16 -36.50 -54.85 -30.52
C SER G 16 -36.21 -54.57 -29.06
N VAL G 17 -36.08 -53.29 -28.72
CA VAL G 17 -35.97 -52.87 -27.34
C VAL G 17 -37.24 -52.13 -26.95
N SER G 18 -37.46 -51.93 -25.65
CA SER G 18 -38.67 -51.25 -25.19
C SER G 18 -38.70 -49.80 -25.64
N ALA G 19 -39.91 -49.28 -25.86
CA ALA G 19 -40.08 -47.87 -26.23
C ALA G 19 -39.71 -46.97 -25.07
N PRO G 20 -38.76 -46.05 -25.29
CA PRO G 20 -38.31 -45.11 -24.25
C PRO G 20 -39.44 -44.23 -23.73
N GLU G 21 -39.44 -43.97 -22.43
CA GLU G 21 -40.49 -43.19 -21.79
C GLU G 21 -39.97 -41.81 -21.36
N HIS G 22 -40.61 -40.76 -21.85
CA HIS G 22 -40.22 -39.40 -21.48
C HIS G 22 -41.32 -38.72 -20.65
N LYS G 23 -40.92 -38.06 -19.57
CA LYS G 23 -41.87 -37.39 -18.70
C LYS G 23 -41.52 -35.91 -18.52
N GLY G 24 -40.79 -35.36 -19.49
CA GLY G 24 -40.38 -33.97 -19.43
C GLY G 24 -40.14 -33.35 -20.79
N LEU G 25 -40.33 -32.03 -20.87
CA LEU G 25 -40.09 -31.28 -22.10
C LEU G 25 -39.57 -29.89 -21.78
N VAL G 26 -38.38 -29.57 -22.29
CA VAL G 26 -37.77 -28.28 -22.03
C VAL G 26 -37.44 -27.52 -23.32
N LEU G 27 -37.86 -26.26 -23.39
CA LEU G 27 -37.60 -25.44 -24.56
C LEU G 27 -36.54 -24.37 -24.24
N SER G 28 -35.45 -24.35 -25.01
CA SER G 28 -34.32 -23.49 -24.71
C SER G 28 -34.42 -22.09 -25.32
N GLY G 29 -33.89 -21.11 -24.59
CA GLY G 29 -33.98 -19.72 -25.00
C GLY G 29 -33.14 -19.36 -26.22
N GLY G 30 -33.72 -18.52 -27.08
CA GLY G 30 -33.01 -18.03 -28.25
C GLY G 30 -33.69 -16.78 -28.81
N GLY G 31 -33.42 -16.49 -30.07
CA GLY G 31 -34.07 -15.38 -30.74
C GLY G 31 -35.17 -15.88 -31.64
N ALA G 32 -35.60 -17.11 -31.39
CA ALA G 32 -36.62 -17.76 -32.21
C ALA G 32 -38.01 -17.19 -31.97
N LYS G 33 -38.90 -17.44 -32.92
CA LYS G 33 -40.30 -17.06 -32.77
C LYS G 33 -41.09 -18.24 -32.21
N GLY G 34 -42.37 -18.02 -31.94
CA GLY G 34 -43.22 -19.06 -31.41
C GLY G 34 -43.71 -20.04 -32.47
N ILE G 35 -43.51 -19.66 -33.73
CA ILE G 35 -43.96 -20.48 -34.85
C ILE G 35 -43.02 -21.67 -35.04
N SER G 36 -41.79 -21.54 -34.57
CA SER G 36 -40.78 -22.58 -34.73
C SER G 36 -41.12 -23.85 -33.94
N TYR G 37 -41.89 -23.67 -32.86
CA TYR G 37 -42.24 -24.78 -31.98
C TYR G 37 -43.54 -25.46 -32.41
N LEU G 38 -44.27 -24.84 -33.32
CA LEU G 38 -45.57 -25.34 -33.77
C LEU G 38 -45.47 -26.73 -34.38
N GLY G 39 -44.44 -26.94 -35.20
CA GLY G 39 -44.24 -28.22 -35.86
C GLY G 39 -43.84 -29.34 -34.92
N MET G 40 -43.05 -29.00 -33.90
CA MET G 40 -42.57 -29.98 -32.93
C MET G 40 -43.73 -30.58 -32.12
N ILE G 41 -44.66 -29.74 -31.70
CA ILE G 41 -45.84 -30.18 -30.97
C ILE G 41 -46.66 -31.16 -31.81
N GLN G 42 -46.89 -30.80 -33.07
CA GLN G 42 -47.60 -31.65 -34.01
C GLN G 42 -46.93 -33.00 -34.16
N ALA G 43 -45.60 -33.00 -34.10
CA ALA G 43 -44.82 -34.22 -34.22
C ALA G 43 -44.99 -35.10 -32.98
N LEU G 44 -44.89 -34.48 -31.81
CA LEU G 44 -45.02 -35.20 -30.54
C LEU G 44 -46.42 -35.79 -30.37
N GLN G 45 -47.44 -34.99 -30.66
CA GLN G 45 -48.82 -35.44 -30.55
C GLN G 45 -49.09 -36.64 -31.45
N GLU G 46 -48.50 -36.62 -32.65
CA GLU G 46 -48.67 -37.70 -33.61
C GLU G 46 -48.12 -39.01 -33.09
N ARG G 47 -47.07 -38.93 -32.27
CA ARG G 47 -46.48 -40.12 -31.67
C ARG G 47 -46.94 -40.29 -30.22
N GLY G 48 -47.88 -39.46 -29.80
CA GLY G 48 -48.44 -39.53 -28.46
C GLY G 48 -47.41 -39.30 -27.36
N LYS G 49 -46.43 -38.45 -27.64
CA LYS G 49 -45.35 -38.19 -26.69
C LYS G 49 -45.69 -37.02 -25.75
N ILE G 50 -46.98 -36.73 -25.61
CA ILE G 50 -47.43 -35.61 -24.80
C ILE G 50 -48.19 -36.05 -23.56
N LYS G 51 -49.00 -37.10 -23.70
CA LYS G 51 -49.81 -37.62 -22.61
C LYS G 51 -48.93 -38.17 -21.48
N ASN G 52 -47.71 -38.55 -21.83
CA ASN G 52 -46.77 -39.11 -20.86
C ASN G 52 -45.97 -38.04 -20.12
N LEU G 53 -46.04 -36.81 -20.62
CA LEU G 53 -45.28 -35.71 -20.02
C LEU G 53 -45.90 -35.25 -18.71
N THR G 54 -45.08 -35.18 -17.66
CA THR G 54 -45.52 -34.71 -16.36
C THR G 54 -45.08 -33.27 -16.17
N HIS G 55 -43.85 -32.97 -16.57
CA HIS G 55 -43.30 -31.63 -16.44
C HIS G 55 -43.01 -31.01 -17.80
N VAL G 56 -43.19 -29.69 -17.89
CA VAL G 56 -42.80 -28.97 -19.08
C VAL G 56 -42.09 -27.67 -18.71
N SER G 57 -40.90 -27.47 -19.25
CA SER G 57 -40.08 -26.30 -18.91
C SER G 57 -39.79 -25.48 -20.16
N GLY G 58 -39.44 -24.21 -19.97
CA GLY G 58 -39.16 -23.34 -21.09
C GLY G 58 -38.65 -21.98 -20.73
N ALA G 59 -38.01 -21.32 -21.69
CA ALA G 59 -37.54 -19.95 -21.54
C ALA G 59 -37.72 -19.22 -22.88
N SER G 60 -37.62 -17.90 -22.85
CA SER G 60 -37.80 -17.08 -24.04
C SER G 60 -39.15 -17.31 -24.72
N ALA G 61 -39.12 -17.67 -26.00
CA ALA G 61 -40.34 -17.96 -26.75
C ALA G 61 -40.92 -19.30 -26.33
N GLY G 62 -40.09 -20.14 -25.73
CA GLY G 62 -40.52 -21.43 -25.23
C GLY G 62 -41.15 -21.33 -23.87
N ALA G 63 -41.30 -20.11 -23.36
CA ALA G 63 -41.95 -19.89 -22.08
C ALA G 63 -43.48 -19.86 -22.27
N MET G 64 -43.91 -19.29 -23.39
CA MET G 64 -45.32 -19.27 -23.74
C MET G 64 -45.76 -20.61 -24.30
N THR G 65 -44.93 -21.18 -25.16
CA THR G 65 -45.20 -22.46 -25.79
C THR G 65 -45.33 -23.58 -24.74
N ALA G 66 -44.51 -23.51 -23.70
CA ALA G 66 -44.58 -24.47 -22.61
C ALA G 66 -45.82 -24.22 -21.75
N SER G 67 -46.26 -22.97 -21.69
CA SER G 67 -47.39 -22.60 -20.86
C SER G 67 -48.72 -23.13 -21.43
N ILE G 68 -48.90 -22.99 -22.73
CA ILE G 68 -50.12 -23.47 -23.38
C ILE G 68 -50.16 -24.99 -23.44
N LEU G 69 -48.99 -25.61 -23.29
CA LEU G 69 -48.90 -27.06 -23.19
C LEU G 69 -49.20 -27.50 -21.77
N ALA G 70 -48.87 -26.65 -20.81
CA ALA G 70 -49.09 -26.94 -19.40
C ALA G 70 -50.53 -26.66 -18.99
N VAL G 71 -51.22 -25.84 -19.77
CA VAL G 71 -52.59 -25.45 -19.46
C VAL G 71 -53.59 -26.49 -20.00
N GLY G 72 -53.09 -27.42 -20.81
CA GLY G 72 -53.92 -28.50 -21.32
C GLY G 72 -54.62 -28.21 -22.62
N MET G 73 -54.24 -27.11 -23.27
CA MET G 73 -54.84 -26.69 -24.53
C MET G 73 -54.72 -27.77 -25.59
N ASP G 74 -55.84 -28.11 -26.23
CA ASP G 74 -55.88 -29.13 -27.27
C ASP G 74 -55.06 -28.72 -28.49
N ILE G 75 -54.45 -29.69 -29.16
CA ILE G 75 -53.58 -29.43 -30.31
C ILE G 75 -54.29 -28.61 -31.40
N LYS G 76 -55.57 -28.88 -31.61
CA LYS G 76 -56.38 -28.13 -32.56
C LYS G 76 -56.38 -26.65 -32.22
N ASP G 77 -56.55 -26.34 -30.93
CA ASP G 77 -56.53 -24.97 -30.47
C ASP G 77 -55.13 -24.37 -30.51
N ILE G 78 -54.12 -25.21 -30.27
CA ILE G 78 -52.73 -24.78 -30.33
C ILE G 78 -52.35 -24.28 -31.72
N LYS G 79 -52.77 -25.03 -32.74
CA LYS G 79 -52.45 -24.68 -34.12
C LYS G 79 -53.05 -23.34 -34.53
N LYS G 80 -54.30 -23.10 -34.15
CA LYS G 80 -54.93 -21.81 -34.42
C LYS G 80 -54.33 -20.72 -33.54
N LEU G 81 -53.85 -21.10 -32.36
CA LEU G 81 -53.24 -20.15 -31.44
C LEU G 81 -51.89 -19.68 -31.97
N ILE G 82 -50.95 -20.60 -32.09
CA ILE G 82 -49.59 -20.28 -32.55
C ILE G 82 -49.59 -19.58 -33.93
N GLU G 83 -50.33 -20.13 -34.88
CA GLU G 83 -50.40 -19.54 -36.21
C GLU G 83 -51.13 -18.20 -36.21
N GLY G 84 -52.24 -18.14 -35.47
CA GLY G 84 -53.05 -16.93 -35.42
C GLY G 84 -52.41 -15.81 -34.65
N LEU G 85 -51.77 -16.14 -33.53
CA LEU G 85 -51.15 -15.13 -32.67
C LEU G 85 -49.83 -14.65 -33.25
N ASP G 86 -49.77 -13.35 -33.58
CA ASP G 86 -48.54 -12.75 -34.07
C ASP G 86 -48.08 -11.66 -33.10
N ILE G 87 -46.91 -11.85 -32.50
CA ILE G 87 -46.39 -10.96 -31.48
C ILE G 87 -46.16 -9.54 -32.01
N THR G 88 -46.08 -9.41 -33.33
CA THR G 88 -45.92 -8.12 -33.99
C THR G 88 -47.09 -7.18 -33.65
N LYS G 89 -48.30 -7.70 -33.84
CA LYS G 89 -49.51 -6.89 -33.65
C LYS G 89 -49.96 -6.86 -32.19
N LEU G 90 -49.13 -7.40 -31.31
CA LEU G 90 -49.41 -7.40 -29.88
C LEU G 90 -48.69 -6.26 -29.18
N LEU G 91 -47.85 -5.55 -29.93
CA LEU G 91 -47.03 -4.49 -29.37
C LEU G 91 -47.88 -3.34 -28.81
N ASP G 92 -47.51 -2.87 -27.63
CA ASP G 92 -48.24 -1.83 -26.94
C ASP G 92 -47.35 -0.61 -26.75
N ASN G 93 -46.37 -0.47 -27.63
CA ASN G 93 -45.40 0.62 -27.55
C ASN G 93 -46.03 2.01 -27.66
N SER G 94 -46.67 2.45 -26.58
CA SER G 94 -47.21 3.79 -26.50
C SER G 94 -46.08 4.79 -26.27
N GLY G 95 -44.91 4.25 -25.93
CA GLY G 95 -43.71 5.05 -25.84
C GLY G 95 -42.93 4.93 -27.14
N VAL G 96 -43.59 5.27 -28.24
CA VAL G 96 -43.00 5.12 -29.57
C VAL G 96 -42.30 6.40 -30.05
N GLY G 97 -40.99 6.31 -30.25
CA GLY G 97 -40.25 5.08 -30.04
C GLY G 97 -39.59 4.58 -31.30
N ARG G 99 -40.51 1.44 -27.96
CA ARG G 99 -40.40 0.10 -27.41
C ARG G 99 -41.62 -0.24 -26.56
N ALA G 100 -42.02 -1.51 -26.58
CA ALA G 100 -43.25 -1.94 -25.91
C ALA G 100 -43.09 -2.06 -24.39
N ARG G 101 -44.16 -1.70 -23.67
CA ARG G 101 -44.20 -1.87 -22.22
C ARG G 101 -44.28 -3.34 -21.85
N GLY G 102 -44.81 -4.15 -22.76
CA GLY G 102 -44.91 -5.58 -22.55
C GLY G 102 -46.06 -5.98 -21.65
N ASP G 103 -46.79 -4.99 -21.13
CA ASP G 103 -47.89 -5.26 -20.22
C ASP G 103 -49.22 -5.49 -20.95
N ARG G 104 -49.16 -5.56 -22.27
CA ARG G 104 -50.31 -5.98 -23.06
C ARG G 104 -50.13 -7.43 -23.49
N PHE G 105 -48.89 -7.79 -23.80
CA PHE G 105 -48.55 -9.17 -24.12
C PHE G 105 -48.85 -10.08 -22.93
N ARG G 106 -48.58 -9.57 -21.73
CA ARG G 106 -48.91 -10.30 -20.51
C ARG G 106 -50.42 -10.45 -20.38
N ASN G 107 -51.15 -9.41 -20.75
CA ASN G 107 -52.61 -9.43 -20.67
C ASN G 107 -53.26 -10.37 -21.69
N ILE G 108 -52.60 -10.56 -22.82
CA ILE G 108 -53.06 -11.52 -23.83
C ILE G 108 -52.94 -12.92 -23.26
N LEU G 109 -51.86 -13.17 -22.52
CA LEU G 109 -51.61 -14.46 -21.90
C LEU G 109 -52.65 -14.75 -20.81
N ASP G 110 -52.92 -13.76 -19.95
CA ASP G 110 -53.93 -13.88 -18.89
C ASP G 110 -55.28 -14.28 -19.48
N VAL G 111 -55.62 -13.74 -20.64
CA VAL G 111 -56.83 -14.09 -21.35
C VAL G 111 -56.80 -15.56 -21.79
N ILE G 112 -55.70 -15.95 -22.42
CA ILE G 112 -55.51 -17.32 -22.88
C ILE G 112 -55.58 -18.31 -21.71
N TYR G 113 -54.94 -17.95 -20.60
CA TYR G 113 -54.92 -18.80 -19.42
C TYR G 113 -56.30 -18.95 -18.80
N MET G 114 -57.06 -17.86 -18.73
CA MET G 114 -58.40 -17.88 -18.16
C MET G 114 -59.36 -18.72 -19.00
N MET G 115 -59.12 -18.76 -20.31
CA MET G 115 -60.03 -19.43 -21.23
C MET G 115 -59.95 -20.95 -21.15
N GLN G 116 -58.73 -21.48 -21.20
CA GLN G 116 -58.54 -22.93 -21.22
C GLN G 116 -58.61 -23.53 -19.82
N MET G 117 -58.44 -22.71 -18.79
CA MET G 117 -58.58 -23.17 -17.41
C MET G 117 -60.04 -23.16 -16.99
N LYS G 118 -60.86 -22.42 -17.72
CA LYS G 118 -62.30 -22.40 -17.47
C LYS G 118 -62.97 -23.59 -18.15
N LYS G 119 -62.44 -23.98 -19.31
CA LYS G 119 -62.98 -25.13 -20.03
C LYS G 119 -62.70 -26.43 -19.30
N HIS G 120 -61.73 -26.43 -18.40
CA HIS G 120 -61.42 -27.60 -17.60
C HIS G 120 -62.24 -27.62 -16.30
N LEU G 121 -62.48 -26.44 -15.74
CA LEU G 121 -63.36 -26.31 -14.58
C LEU G 121 -64.76 -26.81 -14.93
N GLU G 122 -65.19 -26.53 -16.16
CA GLU G 122 -66.49 -26.95 -16.64
C GLU G 122 -66.51 -28.41 -17.06
N SER G 123 -65.58 -29.19 -16.50
CA SER G 123 -65.51 -30.62 -16.76
C SER G 123 -65.39 -31.39 -15.45
N VAL G 124 -65.42 -30.66 -14.35
CA VAL G 124 -65.33 -31.26 -13.02
C VAL G 124 -66.71 -31.69 -12.52
N GLN G 125 -66.87 -32.98 -12.28
CA GLN G 125 -68.15 -33.52 -11.81
C GLN G 125 -68.45 -33.13 -10.36
N GLN G 126 -69.60 -32.50 -10.16
CA GLN G 126 -70.04 -32.08 -8.85
C GLN G 126 -70.89 -33.17 -8.21
N PRO G 127 -71.08 -33.13 -6.87
CA PRO G 127 -70.62 -32.15 -5.88
C PRO G 127 -69.12 -32.21 -5.65
N ILE G 128 -68.58 -31.17 -5.03
CA ILE G 128 -67.14 -31.07 -4.80
C ILE G 128 -66.82 -31.41 -3.34
N PRO G 129 -66.05 -32.48 -3.13
CA PRO G 129 -65.66 -32.96 -1.80
C PRO G 129 -64.99 -31.85 -0.97
N PRO G 130 -65.25 -31.83 0.34
CA PRO G 130 -64.76 -30.80 1.26
C PRO G 130 -63.25 -30.55 1.15
N GLU G 131 -62.51 -31.63 0.93
CA GLU G 131 -61.06 -31.55 0.75
C GLU G 131 -60.69 -30.68 -0.45
N GLN G 132 -61.40 -30.87 -1.55
CA GLN G 132 -61.12 -30.16 -2.78
C GLN G 132 -62.18 -29.10 -3.05
N GLN G 133 -62.78 -28.59 -1.97
CA GLN G 133 -63.89 -27.65 -2.08
C GLN G 133 -63.41 -26.20 -2.04
N MET G 134 -62.31 -25.96 -1.34
CA MET G 134 -61.74 -24.61 -1.25
C MET G 134 -61.05 -24.21 -2.56
N ASN G 135 -60.29 -25.15 -3.12
CA ASN G 135 -59.60 -24.93 -4.39
C ASN G 135 -60.55 -24.48 -5.50
N TYR G 136 -61.65 -25.21 -5.62
CA TYR G 136 -62.69 -24.92 -6.61
C TYR G 136 -63.19 -23.49 -6.47
N GLY G 137 -63.34 -23.04 -5.24
CA GLY G 137 -63.87 -21.71 -4.96
C GLY G 137 -62.90 -20.59 -5.26
N ILE G 138 -61.61 -20.88 -5.22
CA ILE G 138 -60.59 -19.88 -5.49
C ILE G 138 -60.41 -19.66 -6.99
N LEU G 139 -60.50 -20.74 -7.77
CA LEU G 139 -60.38 -20.67 -9.22
C LEU G 139 -61.50 -19.84 -9.84
N LYS G 140 -62.74 -20.20 -9.55
CA LYS G 140 -63.89 -19.50 -10.10
C LYS G 140 -63.91 -18.02 -9.69
N GLN G 141 -63.48 -17.75 -8.47
CA GLN G 141 -63.43 -16.38 -7.97
C GLN G 141 -62.44 -15.54 -8.78
N LYS G 142 -61.40 -16.18 -9.28
CA LYS G 142 -60.42 -15.51 -10.13
C LYS G 142 -60.93 -15.36 -11.55
N ILE G 143 -61.48 -16.45 -12.10
CA ILE G 143 -62.01 -16.44 -13.46
C ILE G 143 -63.14 -15.43 -13.59
N ALA G 144 -63.99 -15.34 -12.57
CA ALA G 144 -65.05 -14.35 -12.53
C ALA G 144 -64.46 -12.95 -12.50
N LEU G 145 -63.48 -12.75 -11.62
CA LEU G 145 -62.75 -11.48 -11.53
C LEU G 145 -62.13 -11.14 -12.88
N TYR G 146 -61.60 -12.16 -13.56
CA TYR G 146 -61.06 -12.00 -14.90
C TYR G 146 -62.16 -11.65 -15.89
N GLU G 147 -63.21 -12.47 -15.92
CA GLU G 147 -64.30 -12.31 -16.88
C GLU G 147 -65.09 -11.01 -16.71
N ASP G 148 -65.40 -10.64 -15.46
CA ASP G 148 -66.20 -9.46 -15.20
C ASP G 148 -65.49 -8.18 -15.62
N LYS G 149 -64.16 -8.19 -15.55
CA LYS G 149 -63.36 -7.05 -15.97
C LYS G 149 -63.38 -6.91 -17.48
N LEU G 150 -63.59 -8.03 -18.18
CA LEU G 150 -63.57 -8.04 -19.63
C LEU G 150 -64.93 -7.73 -20.26
N SER G 151 -66.00 -8.00 -19.52
CA SER G 151 -67.34 -7.69 -20.00
C SER G 151 -67.56 -6.19 -20.06
N ARG G 152 -66.98 -5.49 -19.09
CA ARG G 152 -67.04 -4.03 -19.04
C ARG G 152 -66.39 -3.41 -20.29
N ALA G 153 -65.38 -4.11 -20.82
CA ALA G 153 -64.70 -3.65 -22.01
C ALA G 153 -65.34 -4.21 -23.28
N GLY G 154 -66.49 -4.86 -23.10
CA GLY G 154 -67.20 -5.45 -24.22
C GLY G 154 -66.49 -6.64 -24.82
N ILE G 155 -65.60 -7.25 -24.03
CA ILE G 155 -64.82 -8.38 -24.50
C ILE G 155 -65.23 -9.66 -23.80
N VAL G 156 -65.87 -10.57 -24.54
CA VAL G 156 -66.17 -11.90 -24.02
C VAL G 156 -65.31 -12.95 -24.72
N ILE G 157 -64.69 -13.81 -23.92
CA ILE G 157 -63.78 -14.82 -24.45
C ILE G 157 -64.23 -16.23 -24.08
N ASN G 158 -64.59 -17.01 -25.09
CA ASN G 158 -65.01 -18.39 -24.89
C ASN G 158 -64.50 -19.32 -25.98
N ASN G 159 -63.54 -18.81 -26.77
CA ASN G 159 -62.93 -19.57 -27.85
C ASN G 159 -61.56 -18.99 -28.19
N VAL G 160 -60.72 -19.78 -28.86
CA VAL G 160 -59.40 -19.32 -29.28
C VAL G 160 -59.52 -18.19 -30.31
N ASP G 161 -60.45 -18.36 -31.25
CA ASP G 161 -60.68 -17.38 -32.31
C ASP G 161 -61.00 -15.99 -31.74
N ASP G 162 -61.72 -15.96 -30.63
CA ASP G 162 -62.07 -14.71 -29.96
C ASP G 162 -60.82 -13.96 -29.53
N ILE G 163 -59.80 -14.70 -29.10
CA ILE G 163 -58.54 -14.11 -28.67
C ILE G 163 -57.73 -13.68 -29.89
N ILE G 164 -57.87 -14.41 -30.99
CA ILE G 164 -57.13 -14.12 -32.22
C ILE G 164 -57.50 -12.76 -32.82
N ASN G 165 -58.76 -12.61 -33.24
CA ASN G 165 -59.21 -11.36 -33.85
C ASN G 165 -59.24 -10.18 -32.88
N LEU G 166 -59.07 -10.47 -31.60
CA LEU G 166 -58.90 -9.43 -30.59
C LEU G 166 -57.60 -8.70 -30.90
N THR G 167 -56.58 -9.47 -31.28
CA THR G 167 -55.27 -8.92 -31.58
C THR G 167 -55.25 -8.16 -32.90
N LYS G 168 -56.31 -8.32 -33.68
CA LYS G 168 -56.42 -7.64 -34.97
C LYS G 168 -57.09 -6.27 -34.82
N SER G 169 -57.85 -6.10 -33.75
CA SER G 169 -58.56 -4.85 -33.49
C SER G 169 -57.89 -4.06 -32.37
N VAL G 170 -57.18 -3.00 -32.74
CA VAL G 170 -56.50 -2.13 -31.78
C VAL G 170 -57.49 -1.52 -30.80
N LYS G 171 -58.70 -1.25 -31.28
CA LYS G 171 -59.75 -0.64 -30.47
C LYS G 171 -60.12 -1.55 -29.29
N ASP G 172 -60.41 -2.81 -29.59
CA ASP G 172 -60.73 -3.79 -28.55
C ASP G 172 -59.48 -4.18 -27.75
N LEU G 173 -58.31 -3.98 -28.34
CA LEU G 173 -57.06 -4.36 -27.71
C LEU G 173 -56.65 -3.34 -26.65
N GLU G 174 -57.01 -2.08 -26.88
CA GLU G 174 -56.70 -1.01 -25.94
C GLU G 174 -57.65 -1.05 -24.74
N LYS G 175 -58.83 -1.61 -24.95
CA LYS G 175 -59.80 -1.78 -23.86
C LYS G 175 -59.30 -2.83 -22.88
N LEU G 176 -58.62 -3.84 -23.43
CA LEU G 176 -58.09 -4.95 -22.64
C LEU G 176 -57.18 -4.48 -21.51
N ASP G 177 -56.21 -3.64 -21.85
CA ASP G 177 -55.26 -3.09 -20.88
C ASP G 177 -55.99 -2.36 -19.74
N LYS G 178 -56.75 -1.34 -20.10
CA LYS G 178 -57.52 -0.55 -19.14
C LYS G 178 -58.36 -1.43 -18.22
N ALA G 179 -58.88 -2.53 -18.77
CA ALA G 179 -59.67 -3.48 -18.01
C ALA G 179 -58.80 -4.35 -17.12
N LEU G 180 -57.73 -4.90 -17.70
CA LEU G 180 -56.89 -5.87 -17.00
C LEU G 180 -55.82 -5.25 -16.08
N ASN G 181 -55.53 -3.97 -16.29
CA ASN G 181 -54.57 -3.28 -15.43
C ASN G 181 -55.18 -2.90 -14.08
N SER G 182 -56.50 -3.01 -14.00
CA SER G 182 -57.23 -2.70 -12.76
C SER G 182 -57.06 -3.80 -11.71
N ILE G 183 -56.42 -4.90 -12.12
CA ILE G 183 -56.12 -5.99 -11.21
C ILE G 183 -54.69 -5.86 -10.71
N PRO G 184 -54.51 -5.51 -9.42
CA PRO G 184 -53.19 -5.29 -8.83
C PRO G 184 -52.28 -6.50 -8.96
N THR G 185 -50.97 -6.26 -8.92
CA THR G 185 -49.98 -7.33 -9.05
C THR G 185 -49.76 -8.01 -7.70
N GLU G 186 -50.32 -7.42 -6.65
CA GLU G 186 -50.12 -7.91 -5.29
C GLU G 186 -51.22 -7.33 -4.41
N LEU G 187 -51.57 -8.06 -3.35
CA LEU G 187 -52.69 -7.64 -2.51
C LEU G 187 -52.40 -7.79 -1.01
N LYS G 188 -52.45 -6.68 -0.29
CA LYS G 188 -52.26 -6.68 1.16
C LYS G 188 -53.59 -6.51 1.86
N GLY G 189 -53.79 -7.23 2.96
CA GLY G 189 -55.05 -7.21 3.67
C GLY G 189 -55.29 -5.96 4.49
N ALA G 190 -56.22 -6.04 5.43
CA ALA G 190 -56.58 -4.91 6.27
C ALA G 190 -55.49 -4.60 7.29
N LYS G 191 -54.86 -5.64 7.82
CA LYS G 191 -53.78 -5.49 8.78
C LYS G 191 -52.46 -5.28 8.07
N GLY G 192 -52.34 -5.86 6.88
CA GLY G 192 -51.10 -5.82 6.12
C GLY G 192 -50.58 -7.23 5.90
N GLU G 193 -51.49 -8.14 5.60
CA GLU G 193 -51.15 -9.55 5.44
C GLU G 193 -50.91 -9.88 3.97
N GLN G 194 -49.95 -10.75 3.70
CA GLN G 194 -49.71 -11.22 2.34
C GLN G 194 -50.83 -12.16 1.94
N LEU G 195 -51.60 -11.76 0.93
CA LEU G 195 -52.78 -12.53 0.52
C LEU G 195 -52.51 -13.34 -0.74
N GLU G 196 -53.57 -13.94 -1.29
CA GLU G 196 -53.45 -14.77 -2.48
C GLU G 196 -53.46 -13.92 -3.73
N ASN G 197 -52.55 -14.22 -4.65
CA ASN G 197 -52.41 -13.50 -5.91
C ASN G 197 -53.72 -13.50 -6.69
N PRO G 198 -54.30 -12.30 -6.91
CA PRO G 198 -55.59 -12.16 -7.62
C PRO G 198 -55.53 -12.62 -9.07
N ARG G 199 -54.33 -12.92 -9.57
CA ARG G 199 -54.17 -13.47 -10.91
C ARG G 199 -53.92 -14.97 -10.85
N LEU G 200 -54.15 -15.65 -11.97
CA LEU G 200 -53.89 -17.08 -12.07
C LEU G 200 -52.41 -17.36 -11.88
N THR G 201 -52.10 -18.25 -10.94
CA THR G 201 -50.71 -18.51 -10.58
C THR G 201 -50.20 -19.86 -11.08
N LEU G 202 -48.92 -20.13 -10.79
CA LEU G 202 -48.33 -21.42 -11.08
C LEU G 202 -48.98 -22.49 -10.21
N GLY G 203 -49.53 -22.06 -9.08
CA GLY G 203 -50.19 -22.97 -8.14
C GLY G 203 -51.62 -23.27 -8.51
N ASP G 204 -52.33 -22.27 -9.06
CA ASP G 204 -53.70 -22.45 -9.52
C ASP G 204 -53.71 -23.51 -10.62
N LEU G 205 -52.61 -23.60 -11.35
CA LEU G 205 -52.42 -24.63 -12.34
C LEU G 205 -52.37 -25.99 -11.64
N GLY G 206 -51.78 -26.01 -10.45
CA GLY G 206 -51.68 -27.23 -9.67
C GLY G 206 -52.98 -27.57 -8.95
N ARG G 207 -53.68 -26.53 -8.46
CA ARG G 207 -54.97 -26.69 -7.82
C ARG G 207 -55.95 -27.38 -8.78
N LEU G 208 -56.00 -26.87 -10.00
CA LEU G 208 -56.89 -27.37 -11.05
C LEU G 208 -56.71 -28.88 -11.24
N ARG G 209 -55.46 -29.31 -11.30
CA ARG G 209 -55.15 -30.72 -11.55
C ARG G 209 -55.65 -31.63 -10.43
N GLU G 210 -55.59 -31.14 -9.20
CA GLU G 210 -56.09 -31.91 -8.05
C GLU G 210 -57.62 -31.89 -8.03
N LEU G 211 -58.21 -31.03 -8.85
CA LEU G 211 -59.65 -30.82 -8.88
C LEU G 211 -60.29 -31.63 -10.00
N LEU G 212 -59.48 -32.00 -11.00
CA LEU G 212 -59.96 -32.77 -12.14
C LEU G 212 -60.13 -34.24 -11.80
N PRO G 213 -60.84 -35.00 -12.66
CA PRO G 213 -60.90 -36.44 -12.51
C PRO G 213 -59.54 -37.10 -12.77
N GLU G 214 -59.32 -38.29 -12.23
CA GLU G 214 -58.06 -39.01 -12.37
C GLU G 214 -57.79 -39.37 -13.83
N GLU G 215 -58.83 -39.31 -14.65
CA GLU G 215 -58.75 -39.69 -16.06
C GLU G 215 -58.08 -38.60 -16.88
N ASN G 216 -58.17 -37.35 -16.41
CA ASN G 216 -57.66 -36.21 -17.16
C ASN G 216 -56.70 -35.32 -16.37
N LYS G 217 -55.87 -35.93 -15.52
CA LYS G 217 -54.88 -35.17 -14.76
C LYS G 217 -53.55 -35.12 -15.52
N HIS G 218 -53.53 -35.71 -16.71
CA HIS G 218 -52.37 -35.68 -17.58
C HIS G 218 -52.44 -34.46 -18.49
N LEU G 219 -53.53 -33.72 -18.37
CA LEU G 219 -53.73 -32.53 -19.19
C LEU G 219 -52.95 -31.35 -18.63
N ILE G 220 -52.83 -31.29 -17.31
CA ILE G 220 -52.13 -30.20 -16.66
C ILE G 220 -50.69 -30.58 -16.33
N LYS G 221 -49.74 -29.85 -16.89
CA LYS G 221 -48.32 -30.15 -16.72
C LYS G 221 -47.68 -29.26 -15.66
N ASN G 222 -46.63 -29.78 -15.03
CA ASN G 222 -45.86 -29.00 -14.06
C ASN G 222 -45.04 -27.95 -14.79
N LEU G 223 -45.59 -26.75 -14.93
CA LEU G 223 -44.94 -25.68 -15.69
C LEU G 223 -43.78 -25.08 -14.92
N SER G 224 -42.70 -24.80 -15.65
CA SER G 224 -41.55 -24.11 -15.08
C SER G 224 -40.87 -23.24 -16.12
N VAL G 225 -40.74 -21.95 -15.80
CA VAL G 225 -40.13 -21.01 -16.74
C VAL G 225 -38.90 -20.34 -16.14
N VAL G 226 -37.90 -20.06 -16.98
CA VAL G 226 -36.65 -19.48 -16.51
C VAL G 226 -36.49 -18.05 -17.01
N VAL G 227 -36.07 -17.14 -16.13
CA VAL G 227 -35.83 -15.76 -16.51
C VAL G 227 -34.41 -15.33 -16.12
N THR G 228 -34.06 -14.10 -16.46
CA THR G 228 -32.77 -13.54 -16.08
C THR G 228 -32.97 -12.39 -15.10
N ASN G 229 -32.33 -12.49 -13.94
CA ASN G 229 -32.37 -11.41 -12.96
C ASN G 229 -31.20 -10.46 -13.18
N GLN G 230 -31.48 -9.31 -13.79
CA GLN G 230 -30.44 -8.36 -14.14
C GLN G 230 -29.94 -7.56 -12.94
N THR G 231 -30.57 -7.79 -11.79
CA THR G 231 -30.18 -7.12 -10.54
C THR G 231 -29.19 -7.97 -9.77
N LYS G 232 -29.42 -9.28 -9.75
CA LYS G 232 -28.51 -10.20 -9.06
C LYS G 232 -27.62 -10.95 -10.05
N HIS G 233 -27.82 -10.68 -11.34
CA HIS G 233 -27.03 -11.28 -12.41
C HIS G 233 -26.99 -12.80 -12.34
N GLU G 234 -28.16 -13.41 -12.46
CA GLU G 234 -28.30 -14.86 -12.34
C GLU G 234 -29.64 -15.33 -12.88
N LEU G 235 -29.67 -16.56 -13.40
CA LEU G 235 -30.89 -17.15 -13.92
C LEU G 235 -31.83 -17.53 -12.77
N GLU G 236 -32.96 -16.83 -12.68
CA GLU G 236 -33.95 -17.09 -11.64
C GLU G 236 -35.07 -17.96 -12.21
N ARG G 237 -35.59 -18.87 -11.39
CA ARG G 237 -36.53 -19.87 -11.85
C ARG G 237 -37.88 -19.80 -11.11
N TYR G 238 -38.96 -19.98 -11.85
CA TYR G 238 -40.30 -19.99 -11.28
C TYR G 238 -41.00 -21.29 -11.63
N SER G 239 -41.67 -21.89 -10.64
CA SER G 239 -42.34 -23.17 -10.86
C SER G 239 -43.65 -23.30 -10.08
N GLU G 240 -44.40 -24.35 -10.38
CA GLU G 240 -45.64 -24.65 -9.70
C GLU G 240 -45.39 -25.03 -8.25
N ASP G 241 -44.27 -25.71 -8.01
CA ASP G 241 -43.96 -26.24 -6.70
C ASP G 241 -42.76 -25.57 -6.03
N THR G 242 -42.40 -24.38 -6.51
CA THR G 242 -41.35 -23.58 -5.87
C THR G 242 -41.86 -22.16 -5.67
N THR G 243 -42.59 -21.65 -6.66
CA THR G 243 -43.22 -20.34 -6.58
C THR G 243 -44.67 -20.41 -7.07
N PRO G 244 -45.56 -21.00 -6.26
CA PRO G 244 -46.95 -21.22 -6.67
C PRO G 244 -47.82 -19.98 -6.51
N GLN G 245 -47.24 -18.87 -6.08
CA GLN G 245 -47.99 -17.64 -5.87
C GLN G 245 -47.66 -16.58 -6.92
N GLN G 246 -46.90 -16.97 -7.93
CA GLN G 246 -46.50 -16.05 -8.99
C GLN G 246 -47.42 -16.22 -10.19
N SER G 247 -47.86 -15.09 -10.75
CA SER G 247 -48.73 -15.10 -11.93
C SER G 247 -48.06 -15.80 -13.11
N ILE G 248 -48.83 -16.59 -13.86
CA ILE G 248 -48.30 -17.31 -15.01
C ILE G 248 -47.89 -16.33 -16.10
N ALA G 249 -48.82 -15.45 -16.45
CA ALA G 249 -48.62 -14.49 -17.54
C ALA G 249 -47.49 -13.51 -17.27
N GLN G 250 -47.30 -13.13 -16.01
CA GLN G 250 -46.30 -12.15 -15.64
C GLN G 250 -44.88 -12.69 -15.76
N VAL G 251 -44.73 -14.00 -15.57
CA VAL G 251 -43.41 -14.62 -15.61
C VAL G 251 -43.08 -15.16 -17.00
N VAL G 252 -44.11 -15.47 -17.77
CA VAL G 252 -43.92 -15.82 -19.18
C VAL G 252 -43.52 -14.57 -19.96
N GLN G 253 -44.14 -13.44 -19.61
CA GLN G 253 -43.82 -12.16 -20.23
C GLN G 253 -42.39 -11.76 -19.90
N TRP G 254 -41.97 -12.01 -18.66
CA TRP G 254 -40.61 -11.72 -18.21
C TRP G 254 -39.59 -12.54 -19.00
N SER G 255 -39.81 -13.85 -19.07
CA SER G 255 -38.92 -14.74 -19.80
C SER G 255 -38.94 -14.44 -21.29
N GLY G 256 -40.05 -13.88 -21.77
CA GLY G 256 -40.18 -13.51 -23.16
C GLY G 256 -40.01 -12.02 -23.40
N ALA G 257 -39.21 -11.39 -22.55
CA ALA G 257 -38.92 -9.96 -22.69
C ALA G 257 -37.47 -9.72 -23.07
N HIS G 258 -37.19 -9.76 -24.37
CA HIS G 258 -35.85 -9.50 -24.88
C HIS G 258 -35.56 -8.00 -24.81
N PRO G 259 -34.41 -7.63 -24.22
CA PRO G 259 -34.02 -6.22 -24.02
C PRO G 259 -33.88 -5.43 -25.31
N VAL G 260 -33.82 -6.13 -26.44
CA VAL G 260 -33.74 -5.47 -27.74
C VAL G 260 -35.16 -5.25 -28.27
N LEU G 261 -36.14 -5.84 -27.58
CA LEU G 261 -37.53 -5.77 -28.01
C LEU G 261 -38.44 -5.23 -26.90
N PHE G 262 -38.17 -5.62 -25.67
CA PHE G 262 -39.03 -5.25 -24.54
C PHE G 262 -38.31 -4.43 -23.47
N VAL G 263 -39.06 -3.57 -22.80
CA VAL G 263 -38.56 -2.87 -21.62
C VAL G 263 -38.34 -3.90 -20.52
N PRO G 264 -37.34 -3.67 -19.66
CA PRO G 264 -37.07 -4.63 -18.58
C PRO G 264 -38.21 -4.66 -17.56
N GLY G 265 -38.55 -5.85 -17.07
CA GLY G 265 -39.65 -5.99 -16.14
C GLY G 265 -39.25 -5.84 -14.68
N ARG G 266 -40.05 -5.08 -13.94
CA ARG G 266 -39.81 -4.89 -12.51
C ARG G 266 -40.72 -5.79 -11.67
N ASN G 267 -40.26 -6.15 -10.48
CA ASN G 267 -41.06 -6.98 -9.58
C ASN G 267 -41.40 -6.29 -8.26
N ALA G 268 -41.90 -7.08 -7.31
CA ALA G 268 -42.30 -6.57 -6.00
C ALA G 268 -41.12 -5.99 -5.24
N LYS G 269 -39.94 -6.57 -5.42
CA LYS G 269 -38.75 -6.12 -4.72
C LYS G 269 -38.17 -4.87 -5.38
N GLY G 270 -38.43 -4.71 -6.68
CA GLY G 270 -37.92 -3.57 -7.43
C GLY G 270 -36.86 -3.98 -8.43
N GLU G 271 -36.51 -5.27 -8.43
CA GLU G 271 -35.49 -5.82 -9.31
C GLU G 271 -35.85 -5.66 -10.78
N TYR G 272 -34.86 -5.82 -11.65
CA TYR G 272 -35.09 -5.79 -13.09
C TYR G 272 -35.05 -7.21 -13.66
N ILE G 273 -36.10 -7.60 -14.36
CA ILE G 273 -36.20 -8.95 -14.92
C ILE G 273 -36.46 -8.92 -16.43
N ALA G 274 -35.75 -9.78 -17.17
CA ALA G 274 -35.91 -9.86 -18.61
C ALA G 274 -35.76 -11.28 -19.13
N ASP G 275 -35.61 -11.41 -20.45
CA ASP G 275 -35.52 -12.69 -21.14
C ASP G 275 -34.52 -13.64 -20.49
N GLY G 276 -34.87 -14.93 -20.40
CA GLY G 276 -34.02 -15.91 -19.77
C GLY G 276 -33.13 -16.65 -20.75
N GLY G 277 -33.11 -16.18 -21.99
CA GLY G 277 -32.29 -16.79 -23.01
C GLY G 277 -31.33 -15.81 -23.67
N ILE G 278 -30.86 -14.84 -22.89
CA ILE G 278 -29.84 -13.90 -23.36
C ILE G 278 -28.59 -14.67 -23.75
N LEU G 279 -28.17 -15.59 -22.88
CA LEU G 279 -27.15 -16.56 -23.21
C LEU G 279 -27.81 -17.91 -23.39
N ASP G 280 -27.37 -18.67 -24.40
CA ASP G 280 -27.98 -19.98 -24.68
C ASP G 280 -27.81 -20.97 -23.55
N ASN G 281 -28.76 -20.96 -22.62
CA ASN G 281 -28.78 -21.91 -21.52
C ASN G 281 -29.85 -22.98 -21.71
N MET G 282 -29.50 -24.22 -21.43
CA MET G 282 -30.44 -25.33 -21.48
C MET G 282 -30.92 -25.63 -20.06
N PRO G 283 -32.17 -25.25 -19.75
CA PRO G 283 -32.72 -25.49 -18.42
C PRO G 283 -32.84 -26.98 -18.12
N GLU G 284 -32.71 -27.34 -16.85
CA GLU G 284 -32.96 -28.72 -16.43
C GLU G 284 -34.30 -28.78 -15.73
N ILE G 285 -34.89 -29.97 -15.67
CA ILE G 285 -36.12 -30.17 -14.91
C ILE G 285 -35.82 -30.94 -13.63
N GLU G 286 -35.99 -30.27 -12.49
CA GLU G 286 -35.63 -30.84 -11.19
C GLU G 286 -36.46 -32.08 -10.86
N GLY G 287 -35.77 -33.19 -10.61
CA GLY G 287 -36.42 -34.42 -10.21
C GLY G 287 -36.47 -35.46 -11.31
N LEU G 288 -36.15 -35.06 -12.53
CA LEU G 288 -36.22 -35.97 -13.68
C LEU G 288 -34.83 -36.39 -14.15
N ASP G 289 -34.72 -37.65 -14.58
CA ASP G 289 -33.48 -38.14 -15.17
C ASP G 289 -33.24 -37.46 -16.52
N ARG G 290 -32.01 -37.55 -17.01
CA ARG G 290 -31.65 -36.94 -18.28
C ARG G 290 -32.35 -37.66 -19.44
N GLU G 291 -32.42 -38.98 -19.35
CA GLU G 291 -32.95 -39.81 -20.41
C GLU G 291 -34.48 -39.92 -20.40
N GLU G 292 -35.13 -39.06 -19.64
CA GLU G 292 -36.60 -39.00 -19.65
C GLU G 292 -37.07 -37.57 -19.86
N VAL G 293 -36.17 -36.72 -20.31
CA VAL G 293 -36.49 -35.33 -20.62
C VAL G 293 -36.09 -35.00 -22.06
N LEU G 294 -37.07 -34.60 -22.86
CA LEU G 294 -36.81 -34.19 -24.23
C LEU G 294 -36.37 -32.73 -24.27
N CYS G 295 -35.16 -32.49 -24.76
CA CYS G 295 -34.61 -31.15 -24.82
C CYS G 295 -34.73 -30.60 -26.24
N VAL G 296 -35.19 -29.35 -26.35
CA VAL G 296 -35.36 -28.71 -27.66
C VAL G 296 -34.69 -27.35 -27.71
N LYS G 297 -33.74 -27.19 -28.64
CA LYS G 297 -33.04 -25.94 -28.84
C LYS G 297 -33.36 -25.36 -30.20
N ALA G 298 -33.65 -24.06 -30.25
CA ALA G 298 -33.99 -23.40 -31.50
C ALA G 298 -32.76 -22.68 -32.09
N GLU G 299 -31.92 -23.43 -32.79
CA GLU G 299 -30.72 -22.87 -33.40
C GLU G 299 -31.04 -21.98 -34.58
N ALA G 300 -30.08 -21.14 -34.94
CA ALA G 300 -30.15 -20.39 -36.19
C ALA G 300 -29.47 -21.21 -37.27
N GLY G 301 -29.84 -20.96 -38.53
CA GLY G 301 -29.33 -21.72 -39.65
C GLY G 301 -27.81 -21.77 -39.74
N THR G 302 -27.17 -20.63 -39.46
CA THR G 302 -25.72 -20.52 -39.50
C THR G 302 -25.06 -21.49 -38.53
N ALA G 303 -25.68 -21.66 -37.36
CA ALA G 303 -25.19 -22.60 -36.37
C ALA G 303 -25.73 -24.00 -36.66
N PHE G 304 -26.94 -24.05 -37.21
CA PHE G 304 -27.61 -25.32 -37.52
C PHE G 304 -26.83 -26.14 -38.54
N GLU G 305 -26.83 -25.66 -39.78
CA GLU G 305 -26.22 -26.37 -40.90
C GLU G 305 -24.74 -26.68 -40.68
N ASP G 306 -24.05 -25.79 -39.95
CA ASP G 306 -22.64 -25.97 -39.68
C ASP G 306 -22.42 -27.20 -38.79
N ARG G 307 -23.32 -27.38 -37.82
CA ARG G 307 -23.23 -28.52 -36.89
C ARG G 307 -23.54 -29.82 -37.61
N VAL G 308 -24.50 -29.77 -38.54
CA VAL G 308 -24.88 -30.95 -39.32
C VAL G 308 -23.74 -31.37 -40.25
N ASN G 309 -23.09 -30.38 -40.86
CA ASN G 309 -21.93 -30.64 -41.71
C ASN G 309 -20.81 -31.28 -40.93
N LYS G 310 -20.55 -30.77 -39.73
CA LYS G 310 -19.49 -31.31 -38.88
C LYS G 310 -19.90 -32.60 -38.19
N ALA G 311 -21.13 -33.05 -38.45
CA ALA G 311 -21.62 -34.31 -37.91
C ALA G 311 -21.35 -35.45 -38.88
N LYS G 312 -21.84 -35.30 -40.11
CA LYS G 312 -21.63 -36.31 -41.15
C LYS G 312 -20.19 -36.32 -41.64
N GLN G 313 -19.44 -35.27 -41.32
CA GLN G 313 -18.02 -35.22 -41.64
C GLN G 313 -17.27 -36.20 -40.74
N SER G 314 -17.75 -36.36 -39.52
CA SER G 314 -17.18 -37.32 -38.58
C SER G 314 -17.67 -38.73 -38.88
N ALA G 315 -18.87 -38.82 -39.44
CA ALA G 315 -19.43 -40.09 -39.87
C ALA G 315 -18.73 -40.55 -41.15
N MET G 316 -18.18 -39.60 -41.89
CA MET G 316 -17.49 -39.89 -43.14
C MET G 316 -16.07 -40.38 -42.87
N GLU G 317 -15.42 -39.76 -41.89
CA GLU G 317 -14.04 -40.12 -41.54
C GLU G 317 -13.99 -41.47 -40.83
N ALA G 318 -15.14 -41.97 -40.41
CA ALA G 318 -15.24 -43.27 -39.79
C ALA G 318 -14.73 -44.36 -40.72
N ILE G 319 -15.17 -44.31 -41.97
CA ILE G 319 -14.74 -45.27 -42.99
C ILE G 319 -13.38 -44.88 -43.55
N SER G 320 -13.09 -43.58 -43.59
CA SER G 320 -11.83 -43.07 -44.08
C SER G 320 -10.64 -43.64 -43.33
N TRP G 321 -10.63 -43.44 -42.01
CA TRP G 321 -9.58 -43.99 -41.16
C TRP G 321 -9.56 -45.52 -41.23
N PHE G 322 -10.71 -46.11 -41.53
CA PHE G 322 -10.81 -47.54 -41.73
C PHE G 322 -10.31 -47.93 -43.12
N LYS G 323 -10.51 -47.03 -44.08
CA LYS G 323 -10.01 -47.25 -45.43
C LYS G 323 -8.50 -47.05 -45.47
N ALA G 324 -7.96 -46.48 -44.39
CA ALA G 324 -6.53 -46.32 -44.25
C ALA G 324 -5.94 -47.43 -43.38
N ARG G 325 -6.82 -48.27 -42.85
CA ARG G 325 -6.41 -49.38 -42.00
C ARG G 325 -6.61 -50.72 -42.70
N MET G 326 -7.67 -50.82 -43.50
CA MET G 326 -7.97 -52.03 -44.26
C MET G 326 -7.01 -52.13 -45.45
N ASP G 327 -6.43 -51.00 -45.83
CA ASP G 327 -5.54 -50.95 -46.99
C ASP G 327 -4.06 -50.98 -46.57
N SER G 328 -3.80 -50.89 -45.27
CA SER G 328 -2.44 -50.80 -44.76
C SER G 328 -1.64 -52.10 -44.90
N LEU G 329 -2.20 -53.07 -45.63
CA LEU G 329 -1.52 -54.33 -45.89
C LEU G 329 -0.58 -54.21 -47.09
N VAL G 330 0.29 -53.22 -47.05
CA VAL G 330 1.26 -53.01 -48.12
C VAL G 330 2.64 -52.62 -47.56
N GLU G 331 3.62 -53.49 -47.75
CA GLU G 331 3.41 -54.78 -48.40
C GLU G 331 4.02 -55.92 -47.60
N SER G 343 -4.85 -41.70 -35.55
CA SER G 343 -4.59 -42.56 -34.40
C SER G 343 -5.67 -42.40 -33.33
N SER G 344 -6.43 -43.47 -33.09
CA SER G 344 -7.53 -43.45 -32.14
C SER G 344 -7.02 -43.16 -30.72
N VAL G 345 -7.84 -42.49 -29.90
CA VAL G 345 -9.17 -42.03 -30.29
C VAL G 345 -9.15 -40.75 -31.12
N LEU G 346 -9.74 -40.83 -32.32
CA LEU G 346 -9.84 -39.68 -33.20
C LEU G 346 -11.19 -39.71 -33.90
N ASN G 347 -12.19 -40.22 -33.19
CA ASN G 347 -13.54 -40.30 -33.71
C ASN G 347 -14.50 -39.46 -32.87
N ARG G 348 -15.78 -39.71 -33.04
CA ARG G 348 -16.80 -39.13 -32.17
C ARG G 348 -17.83 -40.22 -31.90
N GLU G 349 -17.32 -41.41 -31.63
CA GLU G 349 -18.17 -42.60 -31.51
C GLU G 349 -18.62 -42.87 -30.07
N LYS G 350 -19.77 -43.53 -29.96
CA LYS G 350 -20.29 -43.94 -28.66
C LYS G 350 -20.20 -45.46 -28.54
N VAL G 351 -19.22 -45.93 -27.77
CA VAL G 351 -19.04 -47.36 -27.55
C VAL G 351 -20.26 -47.98 -26.89
N TYR G 352 -20.83 -47.26 -25.93
CA TYR G 352 -22.09 -47.65 -25.31
C TYR G 352 -23.21 -46.77 -25.83
N TYR G 353 -24.44 -47.26 -25.74
CA TYR G 353 -25.58 -46.50 -26.24
C TYR G 353 -26.08 -45.49 -25.21
N ASN G 354 -26.28 -44.25 -25.67
CA ASN G 354 -26.94 -43.24 -24.85
C ASN G 354 -28.03 -42.52 -25.63
N ILE G 355 -29.14 -42.25 -24.95
CA ILE G 355 -30.34 -41.72 -25.60
C ILE G 355 -30.14 -40.28 -26.07
N ASP G 356 -30.52 -40.02 -27.31
CA ASP G 356 -30.41 -38.69 -27.90
C ASP G 356 -31.72 -37.93 -27.77
N ASN G 357 -31.83 -37.15 -26.70
CA ASN G 357 -33.04 -36.37 -26.44
C ASN G 357 -32.90 -34.90 -26.84
N MET G 358 -32.05 -34.63 -27.83
CA MET G 358 -31.75 -33.26 -28.22
C MET G 358 -32.27 -32.90 -29.61
N ILE G 359 -33.34 -32.13 -29.67
CA ILE G 359 -33.90 -31.67 -30.93
C ILE G 359 -33.45 -30.24 -31.26
N TYR G 360 -32.71 -30.08 -32.34
CA TYR G 360 -32.32 -28.76 -32.81
C TYR G 360 -33.27 -28.28 -33.90
N ILE G 361 -33.97 -27.19 -33.65
CA ILE G 361 -34.90 -26.64 -34.65
C ILE G 361 -34.27 -25.50 -35.44
N ASN G 362 -34.30 -25.62 -36.77
CA ASN G 362 -33.75 -24.60 -37.66
C ASN G 362 -34.72 -23.45 -37.83
N THR G 363 -34.32 -22.26 -37.37
CA THR G 363 -35.14 -21.06 -37.51
C THR G 363 -35.10 -20.51 -38.92
N GLY G 364 -34.00 -20.79 -39.64
CA GLY G 364 -33.83 -20.33 -41.01
C GLY G 364 -33.86 -18.82 -41.13
N GLU G 365 -34.73 -18.32 -42.01
CA GLU G 365 -34.89 -16.89 -42.20
C GLU G 365 -35.57 -16.25 -40.99
N VAL G 366 -36.59 -16.93 -40.47
CA VAL G 366 -37.36 -16.41 -39.34
C VAL G 366 -36.53 -16.41 -38.06
N THR G 367 -35.63 -15.43 -37.94
CA THR G 367 -34.78 -15.30 -36.76
C THR G 367 -35.16 -14.05 -35.96
N THR G 368 -34.24 -13.61 -35.10
CA THR G 368 -34.48 -12.44 -34.26
C THR G 368 -34.31 -11.15 -35.06
N THR G 369 -33.86 -11.28 -36.30
CA THR G 369 -33.65 -10.14 -37.17
C THR G 369 -34.96 -9.69 -37.82
N ASN G 370 -35.45 -10.51 -38.75
CA ASN G 370 -36.64 -10.19 -39.53
C ASN G 370 -37.90 -10.07 -38.68
N THR G 371 -38.83 -9.23 -39.13
CA THR G 371 -40.11 -9.06 -38.46
C THR G 371 -41.26 -9.17 -39.47
N SER G 372 -42.32 -9.85 -39.06
CA SER G 372 -43.45 -10.16 -39.94
C SER G 372 -42.99 -10.83 -41.23
N PRO G 373 -42.60 -12.11 -41.14
CA PRO G 373 -42.03 -12.85 -42.28
C PRO G 373 -43.10 -13.38 -43.22
N THR G 374 -42.67 -13.92 -44.36
CA THR G 374 -43.60 -14.43 -45.37
C THR G 374 -44.16 -15.79 -44.97
N PRO G 375 -45.42 -16.07 -45.35
CA PRO G 375 -46.02 -17.38 -45.09
C PRO G 375 -45.29 -18.51 -45.79
N GLU G 376 -44.44 -18.18 -46.76
CA GLU G 376 -43.61 -19.17 -47.42
C GLU G 376 -42.41 -19.55 -46.56
N GLN G 377 -42.13 -18.73 -45.55
CA GLN G 377 -41.03 -19.00 -44.62
C GLN G 377 -41.55 -19.30 -43.21
N ARG G 378 -42.82 -18.99 -42.97
CA ARG G 378 -43.48 -19.46 -41.75
C ARG G 378 -43.74 -20.94 -41.87
N ALA G 379 -44.30 -21.34 -43.01
CA ALA G 379 -44.57 -22.74 -43.30
C ALA G 379 -43.27 -23.53 -43.44
N ARG G 380 -42.18 -22.82 -43.68
CA ARG G 380 -40.86 -23.43 -43.76
C ARG G 380 -40.33 -23.72 -42.36
N ALA G 381 -40.69 -22.84 -41.42
CA ALA G 381 -40.26 -22.98 -40.03
C ALA G 381 -41.03 -24.09 -39.30
N VAL G 382 -42.14 -24.50 -39.89
CA VAL G 382 -42.95 -25.58 -39.33
C VAL G 382 -42.54 -26.92 -39.92
N LYS G 383 -42.00 -26.90 -41.13
CA LYS G 383 -41.48 -28.12 -41.74
C LYS G 383 -40.20 -28.58 -41.03
N ASN G 384 -39.41 -27.63 -40.55
CA ASN G 384 -38.23 -27.95 -39.77
C ASN G 384 -38.58 -28.54 -38.41
N GLY G 385 -39.42 -27.83 -37.66
CA GLY G 385 -39.84 -28.29 -36.35
C GLY G 385 -40.46 -29.66 -36.36
N TYR G 386 -41.17 -29.97 -37.45
CA TYR G 386 -41.81 -31.27 -37.62
C TYR G 386 -40.80 -32.34 -38.04
N ASP G 387 -40.21 -32.15 -39.22
CA ASP G 387 -39.33 -33.15 -39.82
C ASP G 387 -38.06 -33.43 -39.01
N GLN G 388 -37.60 -32.44 -38.24
CA GLN G 388 -36.42 -32.64 -37.40
C GLN G 388 -36.78 -33.43 -36.15
N THR G 389 -37.94 -33.11 -35.57
CA THR G 389 -38.43 -33.80 -34.39
C THR G 389 -38.70 -35.27 -34.72
N MET G 390 -39.40 -35.49 -35.83
CA MET G 390 -39.75 -36.84 -36.27
C MET G 390 -38.51 -37.70 -36.51
N GLN G 391 -37.43 -37.05 -36.93
CA GLN G 391 -36.17 -37.74 -37.19
C GLN G 391 -35.53 -38.25 -35.92
N LEU G 392 -35.60 -37.43 -34.86
CA LEU G 392 -35.02 -37.81 -33.57
C LEU G 392 -35.83 -38.92 -32.89
N LEU G 393 -37.15 -38.80 -32.99
CA LEU G 393 -38.05 -39.78 -32.38
C LEU G 393 -37.89 -41.15 -33.02
N ASP G 394 -37.40 -41.17 -34.26
CA ASP G 394 -37.14 -42.44 -34.96
C ASP G 394 -35.80 -43.03 -34.55
N SER G 395 -34.92 -42.18 -34.02
CA SER G 395 -33.61 -42.64 -33.56
C SER G 395 -33.74 -43.41 -32.25
N HIS G 396 -34.85 -43.21 -31.56
CA HIS G 396 -35.11 -43.88 -30.29
C HIS G 396 -35.47 -45.35 -30.49
N LYS G 397 -35.97 -45.67 -31.68
CA LYS G 397 -36.35 -47.05 -31.98
C LYS G 397 -35.12 -47.86 -32.37
N GLN G 398 -34.93 -49.00 -31.71
CA GLN G 398 -33.76 -49.84 -31.94
C GLN G 398 -34.14 -51.23 -32.42
N THR G 399 -33.27 -51.83 -33.24
CA THR G 399 -33.50 -53.16 -33.77
C THR G 399 -32.14 -53.82 -34.06
N PHE G 400 -32.03 -55.11 -33.77
CA PHE G 400 -30.77 -55.81 -33.95
C PHE G 400 -30.94 -57.18 -34.62
N ASP G 401 -29.83 -57.72 -35.12
CA ASP G 401 -29.82 -59.04 -35.73
C ASP G 401 -29.75 -60.13 -34.67
N HIS G 402 -29.06 -59.81 -33.58
CA HIS G 402 -28.82 -60.77 -32.50
C HIS G 402 -29.03 -60.10 -31.15
N PRO G 403 -29.65 -60.80 -30.20
CA PRO G 403 -29.93 -60.21 -28.88
C PRO G 403 -28.66 -59.93 -28.08
N LEU G 404 -27.61 -60.73 -28.27
CA LEU G 404 -26.35 -60.52 -27.57
C LEU G 404 -25.78 -59.14 -27.94
N MET G 405 -25.88 -58.79 -29.22
CA MET G 405 -25.49 -57.48 -29.70
C MET G 405 -26.25 -56.38 -28.96
N ALA G 406 -27.54 -56.61 -28.76
CA ALA G 406 -28.39 -55.67 -28.04
C ALA G 406 -27.97 -55.53 -26.58
N ILE G 407 -27.73 -56.67 -25.93
CA ILE G 407 -27.30 -56.67 -24.52
C ILE G 407 -25.97 -55.94 -24.32
N LEU G 408 -25.06 -56.11 -25.27
CA LEU G 408 -23.72 -55.55 -25.16
C LEU G 408 -23.67 -54.04 -25.40
N TYR G 409 -24.54 -53.55 -26.27
CA TYR G 409 -24.49 -52.15 -26.70
C TYR G 409 -25.27 -51.21 -25.79
N ILE G 410 -26.15 -51.74 -24.95
CA ILE G 410 -27.02 -50.90 -24.13
C ILE G 410 -26.39 -50.24 -22.89
N GLY G 411 -25.81 -50.99 -21.94
CA GLY G 411 -25.74 -52.45 -21.94
C GLY G 411 -26.64 -53.05 -20.87
N HIS G 412 -26.10 -54.00 -20.10
CA HIS G 412 -26.90 -54.72 -19.10
C HIS G 412 -27.45 -53.82 -18.00
N ASP G 413 -26.70 -52.77 -17.66
CA ASP G 413 -27.06 -51.92 -16.53
C ASP G 413 -28.27 -51.03 -16.82
N LYS G 414 -28.57 -50.84 -18.10
CA LYS G 414 -29.67 -49.98 -18.51
C LYS G 414 -30.89 -50.78 -18.91
N LEU G 415 -30.76 -52.10 -18.87
CA LEU G 415 -31.85 -53.00 -19.24
C LEU G 415 -32.52 -53.60 -18.01
N LYS G 416 -33.40 -54.56 -18.23
CA LYS G 416 -33.93 -55.38 -17.16
C LYS G 416 -32.92 -56.49 -16.87
N ASP G 417 -33.30 -57.45 -16.05
CA ASP G 417 -32.43 -58.60 -15.81
C ASP G 417 -33.12 -59.90 -16.20
N ALA G 418 -32.68 -60.50 -17.30
CA ALA G 418 -33.29 -61.72 -17.80
C ALA G 418 -32.82 -62.95 -17.05
N LEU G 419 -31.74 -62.81 -16.29
CA LEU G 419 -31.20 -63.91 -15.50
C LEU G 419 -32.03 -64.16 -14.24
N ILE G 420 -32.76 -63.13 -13.81
CA ILE G 420 -33.61 -63.25 -12.63
C ILE G 420 -35.00 -63.78 -13.01
N ASP G 421 -35.60 -63.16 -14.03
CA ASP G 421 -36.95 -63.51 -14.46
C ASP G 421 -37.05 -64.98 -14.91
N GLU G 422 -37.92 -65.72 -14.24
CA GLU G 422 -38.10 -67.14 -14.54
C GLU G 422 -39.12 -67.34 -15.65
N LYS G 423 -39.88 -66.29 -15.96
CA LYS G 423 -40.94 -66.37 -16.96
C LYS G 423 -40.46 -66.06 -18.37
N SER G 424 -39.45 -65.20 -18.48
CA SER G 424 -38.96 -64.76 -19.79
C SER G 424 -37.47 -64.45 -19.77
N GLU G 425 -36.73 -64.92 -20.77
CA GLU G 425 -37.21 -65.80 -21.84
C GLU G 425 -36.01 -66.62 -22.32
N LYS G 426 -36.22 -67.90 -22.58
CA LYS G 426 -35.14 -68.85 -22.90
C LYS G 426 -34.07 -68.34 -23.87
N GLU G 427 -34.52 -67.71 -24.96
CA GLU G 427 -33.60 -67.17 -25.95
C GLU G 427 -32.80 -66.00 -25.37
N ILE G 428 -33.50 -65.06 -24.75
CA ILE G 428 -32.89 -63.88 -24.17
C ILE G 428 -32.13 -64.23 -22.88
N PHE G 429 -32.64 -65.20 -22.14
CA PHE G 429 -32.00 -65.66 -20.91
C PHE G 429 -30.57 -66.12 -21.15
N GLU G 430 -30.35 -66.80 -22.28
CA GLU G 430 -29.04 -67.32 -22.62
C GLU G 430 -28.11 -66.23 -23.14
N ALA G 431 -28.66 -65.32 -23.95
CA ALA G 431 -27.88 -64.21 -24.48
C ALA G 431 -27.48 -63.23 -23.37
N SER G 432 -28.31 -63.18 -22.32
CA SER G 432 -28.03 -62.34 -21.17
C SER G 432 -26.95 -62.97 -20.29
N ALA G 433 -26.69 -64.26 -20.51
CA ALA G 433 -25.67 -64.97 -19.75
C ALA G 433 -24.31 -64.85 -20.43
N HIS G 434 -24.31 -64.90 -21.76
CA HIS G 434 -23.10 -64.77 -22.55
C HIS G 434 -22.43 -63.43 -22.25
N ALA G 435 -23.23 -62.37 -22.30
CA ALA G 435 -22.73 -61.02 -22.04
C ALA G 435 -22.15 -60.88 -20.63
N GLN G 436 -22.70 -61.65 -19.69
CA GLN G 436 -22.17 -61.67 -18.32
C GLN G 436 -20.77 -62.25 -18.29
N ALA G 437 -20.59 -63.38 -18.96
CA ALA G 437 -19.27 -64.01 -19.07
C ALA G 437 -18.32 -63.10 -19.84
N ILE G 438 -18.81 -62.51 -20.91
CA ILE G 438 -18.03 -61.58 -21.72
C ILE G 438 -17.59 -60.37 -20.89
N LEU G 439 -18.52 -59.78 -20.15
CA LEU G 439 -18.23 -58.60 -19.33
C LEU G 439 -17.25 -58.94 -18.22
N HIS G 440 -17.24 -60.19 -17.77
CA HIS G 440 -16.26 -60.66 -16.81
C HIS G 440 -14.87 -60.60 -17.42
N LEU G 441 -14.75 -61.07 -18.66
CA LEU G 441 -13.48 -61.09 -19.38
C LEU G 441 -13.04 -59.68 -19.77
N GLN G 442 -14.00 -58.86 -20.20
CA GLN G 442 -13.72 -57.48 -20.58
C GLN G 442 -13.08 -56.71 -19.44
N GLU G 443 -13.69 -56.81 -18.26
CA GLU G 443 -13.20 -56.12 -17.07
C GLU G 443 -11.84 -56.65 -16.62
N GLN G 444 -11.58 -57.93 -16.89
CA GLN G 444 -10.32 -58.55 -16.50
C GLN G 444 -9.16 -58.14 -17.40
N ILE G 445 -9.44 -57.99 -18.69
CA ILE G 445 -8.45 -57.46 -19.63
C ILE G 445 -8.07 -56.04 -19.22
N VAL G 446 -9.09 -55.27 -18.83
CA VAL G 446 -8.90 -53.90 -18.37
C VAL G 446 -8.16 -53.85 -17.03
N LYS G 447 -8.53 -54.74 -16.12
CA LYS G 447 -7.92 -54.80 -14.81
C LYS G 447 -6.41 -55.05 -14.88
N GLU G 448 -6.02 -56.15 -15.52
CA GLU G 448 -4.61 -56.52 -15.60
C GLU G 448 -3.77 -55.49 -16.34
N MET G 449 -4.31 -54.93 -17.42
CA MET G 449 -3.62 -53.88 -18.16
C MET G 449 -3.45 -52.62 -17.31
N ASN G 450 -4.32 -52.46 -16.32
CA ASN G 450 -4.17 -51.37 -15.36
C ASN G 450 -3.31 -51.79 -14.17
N ASP G 451 -2.58 -52.90 -14.34
CA ASP G 451 -1.63 -53.36 -13.33
C ASP G 451 -0.30 -53.73 -13.98
N GLY G 452 -0.31 -53.85 -15.31
CA GLY G 452 0.92 -54.06 -16.05
C GLY G 452 0.98 -55.28 -16.96
N ASP G 453 0.17 -56.29 -16.67
CA ASP G 453 0.24 -57.54 -17.43
C ASP G 453 -0.53 -57.47 -18.75
N TYR G 454 0.12 -57.91 -19.82
CA TYR G 454 -0.47 -57.91 -21.15
C TYR G 454 -0.37 -59.30 -21.79
N SER G 455 -0.11 -60.31 -20.96
CA SER G 455 0.10 -61.67 -21.45
C SER G 455 -1.19 -62.33 -21.91
N SER G 456 -2.15 -62.47 -20.99
CA SER G 456 -3.40 -63.15 -21.29
C SER G 456 -4.43 -62.25 -21.97
N VAL G 457 -3.96 -61.16 -22.58
CA VAL G 457 -4.83 -60.27 -23.33
C VAL G 457 -5.45 -60.98 -24.52
N GLN G 458 -4.59 -61.60 -25.33
CA GLN G 458 -5.03 -62.38 -26.47
C GLN G 458 -5.88 -63.57 -26.03
N ASN G 459 -5.54 -64.13 -24.88
CA ASN G 459 -6.26 -65.28 -24.33
C ASN G 459 -7.73 -64.97 -24.06
N TYR G 460 -7.98 -63.89 -23.34
CA TYR G 460 -9.34 -63.51 -22.96
C TYR G 460 -10.16 -63.07 -24.17
N LEU G 461 -9.48 -62.53 -25.18
CA LEU G 461 -10.12 -62.20 -26.45
C LEU G 461 -10.59 -63.48 -27.14
N ASP G 462 -9.75 -64.51 -27.07
CA ASP G 462 -10.08 -65.81 -27.66
C ASP G 462 -11.27 -66.45 -26.95
N GLN G 463 -11.38 -66.22 -25.66
CA GLN G 463 -12.51 -66.74 -24.88
C GLN G 463 -13.81 -66.04 -25.27
N ILE G 464 -13.73 -64.73 -25.48
CA ILE G 464 -14.87 -63.95 -25.95
C ILE G 464 -15.28 -64.41 -27.34
N GLU G 465 -14.29 -64.67 -28.19
CA GLU G 465 -14.53 -65.15 -29.55
C GLU G 465 -15.26 -66.49 -29.52
N ASP G 466 -14.85 -67.37 -28.61
CA ASP G 466 -15.48 -68.68 -28.45
C ASP G 466 -16.93 -68.54 -28.00
N ILE G 467 -17.16 -67.65 -27.05
CA ILE G 467 -18.51 -67.38 -26.55
C ILE G 467 -19.40 -66.82 -27.65
N LEU G 468 -18.83 -65.96 -28.48
CA LEU G 468 -19.57 -65.36 -29.59
C LEU G 468 -19.87 -66.36 -30.71
N THR G 469 -18.92 -67.23 -31.02
CA THR G 469 -19.02 -68.09 -32.19
C THR G 469 -19.62 -69.48 -31.91
N VAL G 470 -19.73 -69.85 -30.64
CA VAL G 470 -20.26 -71.16 -30.26
C VAL G 470 -21.58 -71.06 -29.50
N ASP G 471 -21.49 -70.56 -28.26
CA ASP G 471 -22.67 -70.43 -27.40
C ASP G 471 -23.72 -69.51 -28.02
N ALA G 472 -23.25 -68.51 -28.75
CA ALA G 472 -24.14 -67.64 -29.51
C ALA G 472 -24.18 -68.09 -30.95
N LYS G 473 -25.38 -68.23 -31.50
CA LYS G 473 -25.55 -68.69 -32.87
C LYS G 473 -25.41 -67.53 -33.85
N MET G 474 -24.24 -66.92 -33.87
CA MET G 474 -23.98 -65.77 -34.72
C MET G 474 -23.43 -66.19 -36.09
N ASP G 475 -23.75 -65.41 -37.11
CA ASP G 475 -23.20 -65.61 -38.45
C ASP G 475 -21.73 -65.24 -38.48
N ASP G 476 -21.11 -65.39 -39.63
CA ASP G 476 -19.72 -64.98 -39.83
C ASP G 476 -19.62 -63.47 -39.74
N ILE G 477 -20.71 -62.80 -40.11
CA ILE G 477 -20.74 -61.33 -40.14
C ILE G 477 -21.10 -60.71 -38.79
N GLN G 478 -22.23 -61.11 -38.22
CA GLN G 478 -22.73 -60.49 -37.00
C GLN G 478 -21.88 -60.81 -35.77
N LYS G 479 -20.88 -61.66 -35.94
CA LYS G 479 -19.91 -61.93 -34.88
C LYS G 479 -18.67 -61.07 -35.08
N GLU G 480 -18.45 -60.62 -36.31
CA GLU G 480 -17.37 -59.69 -36.59
C GLU G 480 -17.77 -58.29 -36.14
N LYS G 481 -19.08 -58.08 -36.00
CA LYS G 481 -19.61 -56.80 -35.57
C LYS G 481 -19.73 -56.76 -34.05
N ALA G 482 -19.99 -57.93 -33.47
CA ALA G 482 -20.07 -58.06 -32.02
C ALA G 482 -18.68 -58.01 -31.39
N PHE G 483 -17.75 -58.77 -31.97
CA PHE G 483 -16.37 -58.78 -31.49
C PHE G 483 -15.76 -57.39 -31.62
N ALA G 484 -16.01 -56.73 -32.75
CA ALA G 484 -15.55 -55.37 -32.95
C ALA G 484 -16.13 -54.42 -31.91
N LEU G 485 -17.39 -54.66 -31.56
CA LEU G 485 -18.05 -53.88 -30.51
C LEU G 485 -17.38 -54.12 -29.17
N CYS G 486 -17.14 -55.38 -28.85
CA CYS G 486 -16.50 -55.77 -27.60
C CYS G 486 -15.09 -55.20 -27.48
N ILE G 487 -14.34 -55.27 -28.58
CA ILE G 487 -12.96 -54.75 -28.60
C ILE G 487 -12.90 -53.26 -28.28
N LYS G 488 -13.70 -52.47 -28.99
CA LYS G 488 -13.76 -51.02 -28.78
C LYS G 488 -14.07 -50.67 -27.33
N GLN G 489 -14.98 -51.42 -26.72
CA GLN G 489 -15.36 -51.20 -25.33
C GLN G 489 -14.19 -51.47 -24.39
N VAL G 490 -13.48 -52.56 -24.63
CA VAL G 490 -12.27 -52.88 -23.85
C VAL G 490 -11.26 -51.75 -23.96
N ASN G 491 -11.08 -51.25 -25.17
CA ASN G 491 -10.18 -50.13 -25.43
C ASN G 491 -10.63 -48.86 -24.71
N PHE G 492 -11.95 -48.66 -24.66
CA PHE G 492 -12.53 -47.50 -23.97
C PHE G 492 -12.32 -47.60 -22.46
N LEU G 493 -12.55 -48.79 -21.92
CA LEU G 493 -12.50 -49.01 -20.48
C LEU G 493 -11.08 -48.95 -19.92
N SER G 494 -10.08 -49.07 -20.79
CA SER G 494 -8.69 -49.02 -20.37
C SER G 494 -8.03 -47.69 -20.72
N GLU G 495 -8.84 -46.78 -21.25
CA GLU G 495 -8.37 -45.46 -21.68
C GLU G 495 -7.28 -45.53 -22.74
N GLY G 496 -7.44 -46.45 -23.69
CA GLY G 496 -6.53 -46.54 -24.83
C GLY G 496 -5.40 -47.53 -24.68
N LYS G 497 -5.22 -48.06 -23.47
CA LYS G 497 -4.10 -48.94 -23.16
C LYS G 497 -4.03 -50.19 -24.05
N LEU G 498 -5.19 -50.71 -24.42
CA LEU G 498 -5.26 -51.88 -25.31
C LEU G 498 -4.65 -51.54 -26.67
N GLU G 499 -4.97 -50.36 -27.18
CA GLU G 499 -4.52 -49.93 -28.50
C GLU G 499 -3.00 -49.89 -28.61
N THR G 500 -2.34 -49.40 -27.56
CA THR G 500 -0.88 -49.31 -27.54
C THR G 500 -0.24 -50.68 -27.73
N TYR G 501 -0.73 -51.66 -26.97
CA TYR G 501 -0.22 -53.02 -27.06
C TYR G 501 -0.52 -53.63 -28.42
N LEU G 502 -1.69 -53.31 -28.97
CA LEU G 502 -2.09 -53.84 -30.27
C LEU G 502 -1.18 -53.33 -31.39
N ASN G 503 -0.82 -52.06 -31.33
CA ASN G 503 0.09 -51.47 -32.31
C ASN G 503 1.53 -51.94 -32.12
N LYS G 504 1.87 -52.31 -30.89
CA LYS G 504 3.20 -52.81 -30.58
C LYS G 504 3.46 -54.16 -31.24
N VAL G 505 2.60 -55.14 -30.95
CA VAL G 505 2.73 -56.48 -31.51
C VAL G 505 2.63 -56.44 -33.04
N GLU G 506 1.81 -55.53 -33.55
CA GLU G 506 1.64 -55.35 -34.98
C GLU G 506 2.95 -54.94 -35.64
N ALA G 507 3.77 -54.18 -34.91
CA ALA G 507 5.06 -53.74 -35.41
C ALA G 507 6.08 -54.87 -35.39
N GLU G 508 5.94 -55.76 -34.41
CA GLU G 508 6.84 -56.91 -34.28
C GLU G 508 6.37 -58.06 -35.17
N ALA G 509 5.47 -57.75 -36.09
CA ALA G 509 4.98 -58.73 -37.06
C ALA G 509 5.59 -58.46 -38.42
N LYS G 510 5.92 -57.19 -38.67
CA LYS G 510 6.54 -56.79 -39.92
C LYS G 510 8.05 -57.02 -39.90
N ALA G 511 8.67 -56.78 -38.74
CA ALA G 511 10.11 -56.92 -38.59
C ALA G 511 10.57 -58.37 -38.81
N ALA G 512 9.79 -59.32 -38.29
CA ALA G 512 10.16 -60.73 -38.39
C ALA G 512 9.47 -61.42 -39.56
N ALA G 513 8.77 -60.65 -40.37
CA ALA G 513 8.03 -61.17 -41.53
C ALA G 513 7.07 -62.30 -41.16
N GLU G 514 6.28 -62.08 -40.10
CA GLU G 514 5.30 -63.08 -39.66
C GLU G 514 3.95 -62.44 -39.41
N PRO G 515 2.88 -63.06 -39.93
CA PRO G 515 1.51 -62.56 -39.74
C PRO G 515 1.14 -62.50 -38.26
N SER G 516 0.39 -61.46 -37.87
CA SER G 516 0.03 -61.27 -36.47
C SER G 516 -1.41 -61.66 -36.18
N TRP G 517 -1.67 -62.00 -34.93
CA TRP G 517 -3.03 -62.26 -34.46
C TRP G 517 -3.72 -60.94 -34.22
N ALA G 518 -2.93 -59.91 -33.92
CA ALA G 518 -3.45 -58.58 -33.63
C ALA G 518 -3.66 -57.76 -34.90
N THR G 519 -3.67 -58.45 -36.04
CA THR G 519 -3.94 -57.81 -37.32
C THR G 519 -5.44 -57.70 -37.54
N LYS G 520 -6.15 -58.82 -37.41
CA LYS G 520 -7.60 -58.83 -37.54
C LYS G 520 -8.25 -58.01 -36.44
N ILE G 521 -7.69 -58.08 -35.24
CA ILE G 521 -8.20 -57.34 -34.09
C ILE G 521 -8.22 -55.84 -34.34
N LEU G 522 -7.08 -55.31 -34.78
CA LEU G 522 -6.97 -53.88 -35.09
C LEU G 522 -7.85 -53.50 -36.28
N ASN G 523 -8.13 -54.48 -37.16
CA ASN G 523 -9.07 -54.25 -38.25
C ASN G 523 -10.49 -54.09 -37.74
N LEU G 524 -10.82 -54.84 -36.69
CA LEU G 524 -12.12 -54.74 -36.05
C LEU G 524 -12.20 -53.46 -35.21
N LEU G 525 -11.09 -53.15 -34.53
CA LEU G 525 -11.01 -51.98 -33.66
C LEU G 525 -11.24 -50.70 -34.45
N TRP G 526 -10.87 -50.71 -35.72
CA TRP G 526 -10.98 -49.52 -36.56
C TRP G 526 -12.23 -49.49 -37.43
N ALA G 527 -13.04 -50.53 -37.34
CA ALA G 527 -14.29 -50.60 -38.09
C ALA G 527 -15.22 -49.47 -37.66
N PRO G 528 -15.97 -48.89 -38.61
CA PRO G 528 -16.92 -47.84 -38.30
C PRO G 528 -17.97 -48.31 -37.30
N ILE G 529 -18.42 -47.43 -36.41
CA ILE G 529 -19.35 -47.85 -35.36
C ILE G 529 -20.79 -47.80 -35.85
N GLU G 530 -21.02 -47.12 -36.96
CA GLU G 530 -22.36 -47.04 -37.54
C GLU G 530 -22.70 -48.34 -38.26
N TRP G 531 -21.71 -49.21 -38.41
CA TRP G 531 -21.90 -50.48 -39.10
C TRP G 531 -22.00 -51.66 -38.13
N VAL G 532 -21.25 -51.60 -37.04
CA VAL G 532 -21.25 -52.70 -36.06
C VAL G 532 -22.59 -52.84 -35.35
N VAL G 533 -23.37 -51.77 -35.35
CA VAL G 533 -24.68 -51.76 -34.71
C VAL G 533 -25.80 -51.67 -35.74
N SER G 534 -25.43 -51.86 -37.01
CA SER G 534 -26.41 -51.80 -38.10
C SER G 534 -26.88 -53.18 -38.50
N LEU G 535 -27.86 -53.22 -39.39
CA LEU G 535 -28.44 -54.48 -39.85
C LEU G 535 -27.94 -54.85 -41.24
N PHE G 536 -27.00 -54.05 -41.76
CA PHE G 536 -26.52 -54.21 -43.12
C PHE G 536 -25.45 -55.30 -43.24
N LYS G 537 -25.75 -56.31 -44.07
CA LYS G 537 -24.82 -57.40 -44.30
C LYS G 537 -23.62 -56.95 -45.12
N GLY G 538 -22.50 -57.65 -44.98
CA GLY G 538 -21.29 -57.30 -45.71
C GLY G 538 -20.39 -56.37 -44.94
N PRO G 539 -19.10 -56.73 -44.82
CA PRO G 539 -18.12 -55.94 -44.08
C PRO G 539 -17.40 -54.91 -44.96
N ALA G 540 -17.08 -53.75 -44.38
CA ALA G 540 -16.36 -52.68 -45.07
C ALA G 540 -17.07 -52.19 -46.33
N GLN G 541 -18.39 -52.35 -46.35
CA GLN G 541 -19.18 -51.90 -47.50
C GLN G 541 -20.38 -51.09 -47.03
N ASP G 542 -20.35 -50.65 -45.78
CA ASP G 542 -21.40 -49.79 -45.25
C ASP G 542 -21.42 -48.49 -46.05
N PHE G 543 -22.59 -47.86 -46.12
CA PHE G 543 -22.81 -46.67 -46.96
C PHE G 543 -21.69 -45.65 -46.91
N ILE H 7 3.57 -69.23 -14.77
CA ILE H 7 2.48 -68.36 -15.19
C ILE H 7 1.44 -69.15 -15.98
N CYS H 8 1.51 -70.47 -15.87
CA CYS H 8 0.57 -71.34 -16.57
C CYS H 8 -0.84 -71.14 -16.04
N GLN H 9 -1.61 -70.33 -16.76
CA GLN H 9 -2.98 -70.02 -16.36
C GLN H 9 -3.90 -71.19 -16.70
N PHE H 10 -4.93 -71.37 -15.88
CA PHE H 10 -5.88 -72.46 -16.10
C PHE H 10 -7.31 -72.06 -15.77
N LYS H 11 -8.25 -72.46 -16.62
CA LYS H 11 -9.66 -72.20 -16.37
C LYS H 11 -10.21 -73.25 -15.42
N LEU H 12 -10.96 -72.82 -14.42
CA LEU H 12 -11.53 -73.73 -13.44
C LEU H 12 -13.02 -73.44 -13.27
N VAL H 13 -13.80 -74.50 -13.03
CA VAL H 13 -15.24 -74.36 -12.90
C VAL H 13 -15.77 -75.17 -11.73
N LEU H 14 -16.67 -74.57 -10.94
CA LEU H 14 -17.30 -75.27 -9.83
C LEU H 14 -18.73 -75.65 -10.16
N LEU H 15 -19.07 -76.92 -9.94
CA LEU H 15 -20.40 -77.42 -10.27
C LEU H 15 -21.03 -78.12 -9.07
N GLY H 16 -22.35 -78.06 -8.97
CA GLY H 16 -23.07 -78.70 -7.88
C GLY H 16 -24.46 -78.13 -7.71
N GLU H 17 -25.28 -78.82 -6.92
CA GLU H 17 -26.64 -78.36 -6.62
C GLU H 17 -26.57 -77.06 -5.83
N SER H 18 -27.67 -76.31 -5.80
CA SER H 18 -27.72 -75.02 -5.13
C SER H 18 -27.45 -75.13 -3.63
N ALA H 19 -26.92 -74.05 -3.06
CA ALA H 19 -26.68 -73.93 -1.62
C ALA H 19 -25.81 -75.03 -1.02
N VAL H 20 -24.80 -75.48 -1.77
CA VAL H 20 -23.86 -76.47 -1.26
C VAL H 20 -22.57 -75.80 -0.79
N GLY H 21 -22.31 -74.60 -1.29
CA GLY H 21 -21.16 -73.84 -0.84
C GLY H 21 -20.07 -73.66 -1.88
N LYS H 22 -20.47 -73.43 -3.13
CA LYS H 22 -19.50 -73.19 -4.19
C LYS H 22 -18.86 -71.82 -4.05
N SER H 23 -19.68 -70.82 -3.72
CA SER H 23 -19.22 -69.45 -3.55
C SER H 23 -18.46 -69.29 -2.24
N SER H 24 -18.80 -70.10 -1.25
CA SER H 24 -18.16 -70.02 0.06
C SER H 24 -16.75 -70.61 0.05
N LEU H 25 -16.56 -71.65 -0.75
CA LEU H 25 -15.24 -72.25 -0.92
C LEU H 25 -14.30 -71.24 -1.58
N VAL H 26 -14.77 -70.62 -2.65
CA VAL H 26 -14.00 -69.61 -3.36
C VAL H 26 -13.68 -68.43 -2.46
N LEU H 27 -14.68 -67.93 -1.75
CA LEU H 27 -14.50 -66.81 -0.82
C LEU H 27 -13.48 -67.15 0.26
N ARG H 28 -13.47 -68.41 0.70
CA ARG H 28 -12.48 -68.88 1.65
C ARG H 28 -11.09 -68.95 1.00
N PHE H 29 -11.03 -69.61 -0.14
CA PHE H 29 -9.77 -69.80 -0.86
C PHE H 29 -9.16 -68.49 -1.32
N VAL H 30 -10.01 -67.51 -1.62
CA VAL H 30 -9.54 -66.22 -2.14
C VAL H 30 -9.28 -65.18 -1.05
N LYS H 31 -10.23 -65.00 -0.14
CA LYS H 31 -10.14 -63.93 0.84
C LYS H 31 -10.06 -64.40 2.30
N GLY H 32 -10.16 -65.71 2.51
CA GLY H 32 -10.08 -66.26 3.86
C GLY H 32 -11.27 -65.85 4.71
N GLN H 33 -12.43 -65.74 4.07
CA GLN H 33 -13.66 -65.34 4.76
C GLN H 33 -14.72 -66.42 4.64
N PHE H 34 -15.78 -66.29 5.45
CA PHE H 34 -16.92 -67.18 5.38
C PHE H 34 -18.15 -66.50 5.96
N HIS H 35 -19.28 -66.66 5.29
CA HIS H 35 -20.51 -66.00 5.73
C HIS H 35 -21.63 -67.02 5.95
N GLU H 36 -22.40 -66.83 7.03
CA GLU H 36 -23.49 -67.73 7.35
C GLU H 36 -24.64 -67.57 6.35
N TYR H 37 -24.72 -66.39 5.75
CA TYR H 37 -25.65 -66.16 4.66
C TYR H 37 -24.96 -65.56 3.44
N GLN H 38 -25.21 -66.14 2.28
CA GLN H 38 -24.81 -65.52 1.02
C GLN H 38 -25.90 -65.75 -0.03
N GLU H 39 -26.22 -64.68 -0.77
CA GLU H 39 -27.22 -64.74 -1.82
C GLU H 39 -26.82 -65.76 -2.88
N SER H 40 -27.80 -66.53 -3.36
CA SER H 40 -27.54 -67.55 -4.37
C SER H 40 -26.94 -66.90 -5.62
N THR H 41 -25.99 -67.60 -6.24
CA THR H 41 -25.28 -67.06 -7.39
C THR H 41 -26.21 -66.98 -8.61
N ILE H 42 -26.20 -65.83 -9.27
CA ILE H 42 -27.00 -65.64 -10.48
C ILE H 42 -26.10 -65.65 -11.71
N GLY H 43 -26.29 -66.65 -12.57
CA GLY H 43 -25.45 -66.83 -13.74
C GLY H 43 -24.11 -67.45 -13.37
N ALA H 44 -23.07 -66.63 -13.31
CA ALA H 44 -21.74 -67.09 -12.91
C ALA H 44 -20.88 -65.95 -12.38
N ALA H 45 -20.04 -66.25 -11.39
CA ALA H 45 -19.10 -65.27 -10.86
C ALA H 45 -17.69 -65.61 -11.31
N PHE H 46 -16.87 -64.59 -11.53
CA PHE H 46 -15.51 -64.80 -12.05
C PHE H 46 -14.42 -64.17 -11.18
N LEU H 47 -13.57 -65.00 -10.60
CA LEU H 47 -12.47 -64.54 -9.78
C LEU H 47 -11.14 -65.00 -10.38
N THR H 48 -10.04 -64.54 -9.80
CA THR H 48 -8.71 -64.92 -10.24
C THR H 48 -7.77 -65.03 -9.04
N GLN H 49 -6.98 -66.11 -9.01
CA GLN H 49 -6.06 -66.34 -7.89
C GLN H 49 -4.80 -67.08 -8.35
N THR H 50 -3.65 -66.61 -7.88
CA THR H 50 -2.37 -67.22 -8.22
C THR H 50 -1.75 -67.89 -7.01
N VAL H 51 -1.46 -69.17 -7.13
CA VAL H 51 -0.83 -69.93 -6.05
C VAL H 51 0.50 -70.53 -6.52
N CYS H 52 1.37 -70.84 -5.57
CA CYS H 52 2.70 -71.36 -5.90
C CYS H 52 2.80 -72.87 -5.82
N LEU H 53 3.31 -73.48 -6.90
CA LEU H 53 3.52 -74.92 -6.93
C LEU H 53 4.97 -75.24 -7.26
N ASP H 54 5.77 -75.46 -6.22
CA ASP H 54 7.19 -75.82 -6.37
C ASP H 54 7.96 -74.82 -7.24
N ASP H 55 8.18 -73.63 -6.68
CA ASP H 55 8.94 -72.58 -7.35
C ASP H 55 8.33 -72.15 -8.69
N THR H 56 7.03 -72.36 -8.83
CA THR H 56 6.33 -71.97 -10.05
C THR H 56 5.00 -71.30 -9.69
N THR H 57 4.50 -70.44 -10.56
CA THR H 57 3.23 -69.76 -10.31
C THR H 57 2.13 -70.25 -11.24
N VAL H 58 1.10 -70.86 -10.67
CA VAL H 58 -0.06 -71.26 -11.45
C VAL H 58 -1.23 -70.31 -11.23
N LYS H 59 -1.87 -69.90 -12.32
CA LYS H 59 -2.97 -68.96 -12.27
C LYS H 59 -4.30 -69.67 -12.52
N PHE H 60 -5.30 -69.33 -11.73
CA PHE H 60 -6.61 -69.96 -11.84
C PHE H 60 -7.67 -69.00 -12.35
N GLU H 61 -8.22 -69.29 -13.54
CA GLU H 61 -9.41 -68.60 -14.01
C GLU H 61 -10.61 -69.32 -13.41
N ILE H 62 -11.14 -68.78 -12.32
CA ILE H 62 -12.20 -69.46 -11.58
C ILE H 62 -13.59 -69.00 -12.00
N TRP H 63 -14.45 -69.96 -12.35
CA TRP H 63 -15.82 -69.67 -12.74
C TRP H 63 -16.80 -70.27 -11.73
N ASP H 64 -17.41 -69.40 -10.93
CA ASP H 64 -18.36 -69.84 -9.91
C ASP H 64 -19.78 -69.90 -10.48
N THR H 65 -20.24 -71.11 -10.77
CA THR H 65 -21.52 -71.32 -11.44
C THR H 65 -22.72 -71.28 -10.49
N ALA H 66 -23.90 -71.09 -11.07
CA ALA H 66 -25.14 -71.27 -10.35
C ALA H 66 -25.57 -72.72 -10.48
N GLY H 67 -26.11 -73.28 -9.40
CA GLY H 67 -26.44 -74.69 -9.37
C GLY H 67 -27.88 -75.03 -9.73
N LEU H 68 -28.72 -74.00 -9.81
CA LEU H 68 -30.13 -74.19 -10.10
C LEU H 68 -30.38 -74.85 -11.46
N GLU H 69 -31.54 -75.48 -11.60
CA GLU H 69 -31.90 -76.22 -12.81
C GLU H 69 -31.96 -75.31 -14.04
N ARG H 70 -32.40 -74.08 -13.82
CA ARG H 70 -32.54 -73.10 -14.90
C ARG H 70 -31.22 -72.87 -15.64
N TYR H 71 -30.12 -72.85 -14.89
CA TYR H 71 -28.82 -72.51 -15.45
C TYR H 71 -28.09 -73.73 -16.02
N HIS H 72 -28.75 -74.88 -16.02
CA HIS H 72 -28.15 -76.11 -16.53
C HIS H 72 -27.82 -76.00 -18.02
N SER H 73 -28.63 -75.24 -18.75
CA SER H 73 -28.42 -75.07 -20.18
C SER H 73 -27.22 -74.19 -20.48
N LEU H 74 -26.76 -73.46 -19.47
CA LEU H 74 -25.62 -72.55 -19.63
C LEU H 74 -24.29 -73.27 -19.41
N ALA H 75 -24.34 -74.35 -18.62
CA ALA H 75 -23.14 -75.08 -18.20
C ALA H 75 -22.05 -75.36 -19.27
N PRO H 76 -22.44 -75.81 -20.48
CA PRO H 76 -21.42 -76.06 -21.51
C PRO H 76 -20.49 -74.87 -21.78
N MET H 77 -21.00 -73.66 -21.67
CA MET H 77 -20.20 -72.45 -21.88
C MET H 77 -19.04 -72.38 -20.88
N TYR H 78 -19.25 -72.96 -19.70
CA TYR H 78 -18.30 -72.85 -18.60
C TYR H 78 -17.20 -73.91 -18.61
N TYR H 79 -17.57 -75.16 -18.84
CA TYR H 79 -16.60 -76.27 -18.78
C TYR H 79 -15.97 -76.64 -20.12
N ARG H 80 -16.26 -75.87 -21.16
CA ARG H 80 -15.80 -76.20 -22.50
C ARG H 80 -14.30 -76.00 -22.69
N GLY H 81 -13.79 -74.85 -22.23
CA GLY H 81 -12.38 -74.55 -22.37
C GLY H 81 -11.58 -74.72 -21.08
N ALA H 82 -12.15 -75.43 -20.12
CA ALA H 82 -11.51 -75.61 -18.82
C ALA H 82 -10.60 -76.84 -18.78
N GLN H 83 -9.58 -76.78 -17.93
CA GLN H 83 -8.69 -77.91 -17.72
C GLN H 83 -8.84 -78.45 -16.31
N ALA H 84 -9.78 -77.90 -15.57
CA ALA H 84 -10.03 -78.29 -14.19
C ALA H 84 -11.48 -78.04 -13.79
N ALA H 85 -12.01 -78.90 -12.94
CA ALA H 85 -13.39 -78.78 -12.48
C ALA H 85 -13.56 -79.33 -11.07
N ILE H 86 -14.41 -78.67 -10.28
CA ILE H 86 -14.71 -79.15 -8.94
C ILE H 86 -16.21 -79.40 -8.80
N VAL H 87 -16.58 -80.63 -8.44
CA VAL H 87 -17.98 -80.96 -8.21
C VAL H 87 -18.25 -80.97 -6.71
N VAL H 88 -19.19 -80.15 -6.27
CA VAL H 88 -19.45 -79.95 -4.84
C VAL H 88 -20.79 -80.54 -4.41
N TYR H 89 -20.78 -81.27 -3.31
CA TYR H 89 -22.02 -81.78 -2.73
C TYR H 89 -22.10 -81.52 -1.24
N ASP H 90 -23.33 -81.35 -0.75
CA ASP H 90 -23.60 -81.16 0.68
C ASP H 90 -23.75 -82.53 1.33
N ILE H 91 -22.88 -82.85 2.28
CA ILE H 91 -22.91 -84.16 2.93
C ILE H 91 -24.18 -84.37 3.75
N THR H 92 -24.85 -83.28 4.09
CA THR H 92 -26.09 -83.34 4.85
C THR H 92 -27.28 -83.47 3.90
N ASN H 93 -27.03 -84.07 2.73
CA ASN H 93 -28.06 -84.24 1.71
C ASN H 93 -27.61 -85.26 0.67
N THR H 94 -28.30 -86.41 0.63
CA THR H 94 -27.94 -87.48 -0.30
C THR H 94 -28.20 -87.08 -1.75
N ASP H 95 -29.23 -86.25 -1.96
CA ASP H 95 -29.63 -85.83 -3.29
C ASP H 95 -28.56 -84.96 -3.96
N THR H 96 -27.98 -84.04 -3.20
CA THR H 96 -26.90 -83.21 -3.70
C THR H 96 -25.71 -84.09 -4.07
N PHE H 97 -25.57 -85.21 -3.36
CA PHE H 97 -24.54 -86.19 -3.66
C PHE H 97 -24.92 -86.99 -4.91
N ALA H 98 -26.22 -87.19 -5.10
CA ALA H 98 -26.72 -87.87 -6.28
C ALA H 98 -26.61 -86.96 -7.51
N ARG H 99 -26.96 -85.69 -7.33
CA ARG H 99 -26.83 -84.70 -8.39
C ARG H 99 -25.38 -84.51 -8.77
N ALA H 100 -24.50 -84.70 -7.79
CA ALA H 100 -23.06 -84.58 -7.99
C ALA H 100 -22.56 -85.58 -9.04
N LYS H 101 -23.08 -86.80 -8.97
CA LYS H 101 -22.70 -87.86 -9.91
C LYS H 101 -23.07 -87.48 -11.34
N ASN H 102 -24.27 -86.93 -11.52
CA ASN H 102 -24.75 -86.50 -12.83
C ASN H 102 -23.86 -85.43 -13.44
N TRP H 103 -23.33 -84.55 -12.60
CA TRP H 103 -22.40 -83.53 -13.06
C TRP H 103 -21.08 -84.15 -13.49
N VAL H 104 -20.57 -85.09 -12.69
CA VAL H 104 -19.39 -85.87 -13.07
C VAL H 104 -19.68 -86.64 -14.34
N LYS H 105 -20.86 -87.27 -14.37
CA LYS H 105 -21.35 -88.02 -15.52
C LYS H 105 -21.27 -87.16 -16.78
N GLU H 106 -21.79 -85.95 -16.69
CA GLU H 106 -21.78 -85.00 -17.80
C GLU H 106 -20.36 -84.58 -18.13
N LEU H 107 -19.55 -84.36 -17.10
CA LEU H 107 -18.16 -83.98 -17.27
C LEU H 107 -17.33 -85.13 -17.85
N GLN H 108 -17.74 -86.36 -17.55
CA GLN H 108 -17.00 -87.53 -18.02
C GLN H 108 -17.03 -87.67 -19.55
N ARG H 109 -18.18 -87.39 -20.16
CA ARG H 109 -18.33 -87.58 -21.60
C ARG H 109 -18.20 -86.31 -22.46
N GLN H 110 -19.18 -85.41 -22.35
CA GLN H 110 -19.21 -84.24 -23.22
C GLN H 110 -18.42 -83.03 -22.71
N ALA H 111 -17.35 -83.30 -21.96
CA ALA H 111 -16.38 -82.27 -21.62
C ALA H 111 -15.03 -82.67 -22.20
N SER H 112 -14.00 -81.88 -21.94
CA SER H 112 -12.66 -82.20 -22.43
C SER H 112 -12.15 -83.48 -21.76
N PRO H 113 -11.67 -84.44 -22.55
CA PRO H 113 -11.25 -85.76 -22.07
C PRO H 113 -10.02 -85.73 -21.16
N ASN H 114 -9.32 -84.61 -21.13
CA ASN H 114 -8.12 -84.48 -20.29
C ASN H 114 -8.38 -83.62 -19.06
N ILE H 115 -9.64 -83.27 -18.84
CA ILE H 115 -10.02 -82.40 -17.72
C ILE H 115 -9.71 -83.06 -16.38
N VAL H 116 -9.48 -82.24 -15.37
CA VAL H 116 -9.23 -82.73 -14.02
C VAL H 116 -10.49 -82.54 -13.18
N ILE H 117 -11.17 -83.64 -12.87
CA ILE H 117 -12.39 -83.58 -12.09
C ILE H 117 -12.11 -83.91 -10.62
N ALA H 118 -12.51 -83.00 -9.73
CA ALA H 118 -12.34 -83.21 -8.30
C ALA H 118 -13.68 -83.11 -7.59
N LEU H 119 -14.01 -84.13 -6.80
CA LEU H 119 -15.24 -84.13 -6.03
C LEU H 119 -15.00 -83.57 -4.64
N ALA H 120 -15.96 -82.80 -4.12
CA ALA H 120 -15.80 -82.15 -2.83
C ALA H 120 -17.02 -82.31 -1.92
N GLY H 121 -16.82 -83.02 -0.81
CA GLY H 121 -17.87 -83.16 0.19
C GLY H 121 -17.89 -81.98 1.14
N ASN H 122 -18.64 -80.95 0.79
CA ASN H 122 -18.67 -79.72 1.57
C ASN H 122 -19.54 -79.83 2.80
N LYS H 123 -19.44 -78.83 3.68
CA LYS H 123 -20.17 -78.81 4.95
C LYS H 123 -19.90 -80.05 5.79
N ALA H 124 -18.62 -80.40 5.89
CA ALA H 124 -18.21 -81.58 6.65
C ALA H 124 -18.27 -81.32 8.15
N ASP H 125 -18.33 -80.05 8.52
CA ASP H 125 -18.45 -79.65 9.92
C ASP H 125 -19.79 -80.08 10.51
N LEU H 126 -20.82 -80.10 9.67
CA LEU H 126 -22.15 -80.49 10.09
C LEU H 126 -22.30 -82.01 10.20
N ALA H 127 -21.29 -82.66 10.80
CA ALA H 127 -21.31 -84.10 10.98
C ALA H 127 -22.42 -84.52 11.95
N SER H 128 -22.91 -83.54 12.72
CA SER H 128 -24.04 -83.76 13.62
C SER H 128 -25.27 -84.23 12.87
N LYS H 129 -25.35 -83.89 11.58
CA LYS H 129 -26.47 -84.28 10.75
C LYS H 129 -26.01 -84.82 9.39
N ARG H 130 -24.93 -85.59 9.41
CA ARG H 130 -24.40 -86.19 8.19
C ARG H 130 -25.32 -87.29 7.65
N ALA H 131 -25.61 -87.23 6.36
CA ALA H 131 -26.49 -88.22 5.73
C ALA H 131 -25.74 -89.03 4.66
N VAL H 132 -24.51 -88.65 4.39
CA VAL H 132 -23.68 -89.36 3.41
C VAL H 132 -22.36 -89.81 4.03
N GLU H 133 -22.14 -91.13 4.06
CA GLU H 133 -20.94 -91.70 4.65
C GLU H 133 -19.70 -91.37 3.82
N PHE H 134 -18.53 -91.48 4.43
CA PHE H 134 -17.27 -91.12 3.77
C PHE H 134 -16.87 -92.15 2.71
N GLN H 135 -16.82 -93.41 3.11
CA GLN H 135 -16.41 -94.50 2.22
C GLN H 135 -17.25 -94.55 0.96
N GLU H 136 -18.55 -94.27 1.11
CA GLU H 136 -19.51 -94.26 0.01
C GLU H 136 -19.02 -93.37 -1.14
N ALA H 137 -18.66 -92.14 -0.81
CA ALA H 137 -18.18 -91.18 -1.82
C ALA H 137 -16.76 -91.49 -2.26
N GLN H 138 -15.92 -91.91 -1.31
CA GLN H 138 -14.52 -92.22 -1.59
C GLN H 138 -14.39 -93.36 -2.61
N ALA H 139 -15.16 -94.41 -2.40
CA ALA H 139 -15.15 -95.55 -3.32
C ALA H 139 -15.65 -95.14 -4.70
N TYR H 140 -16.56 -94.17 -4.73
CA TYR H 140 -17.09 -93.66 -5.99
C TYR H 140 -16.04 -92.88 -6.77
N ALA H 141 -15.22 -92.12 -6.07
CA ALA H 141 -14.16 -91.34 -6.69
C ALA H 141 -13.13 -92.25 -7.36
N ASP H 142 -12.73 -93.30 -6.66
CA ASP H 142 -11.74 -94.25 -7.18
C ASP H 142 -12.28 -95.01 -8.38
N ASP H 143 -13.60 -95.19 -8.44
CA ASP H 143 -14.24 -95.83 -9.59
C ASP H 143 -14.18 -94.91 -10.80
N ASN H 144 -14.34 -93.61 -10.57
CA ASN H 144 -14.28 -92.62 -11.64
C ASN H 144 -12.95 -91.91 -11.71
N SER H 145 -11.95 -92.48 -11.03
CA SER H 145 -10.59 -91.93 -11.01
C SER H 145 -10.59 -90.46 -10.61
N LEU H 146 -11.32 -90.13 -9.54
CA LEU H 146 -11.49 -88.75 -9.13
C LEU H 146 -10.60 -88.35 -7.95
N LEU H 147 -10.27 -87.06 -7.91
CA LEU H 147 -9.56 -86.49 -6.78
C LEU H 147 -10.63 -86.11 -5.75
N PHE H 148 -10.54 -86.66 -4.54
CA PHE H 148 -11.61 -86.47 -3.56
C PHE H 148 -11.14 -85.98 -2.20
N MET H 149 -11.86 -84.98 -1.67
CA MET H 149 -11.64 -84.46 -0.33
C MET H 149 -12.97 -84.07 0.30
N GLU H 150 -13.05 -84.16 1.62
CA GLU H 150 -14.19 -83.61 2.34
C GLU H 150 -13.85 -82.21 2.85
N THR H 151 -14.50 -81.20 2.28
CA THR H 151 -14.17 -79.81 2.60
C THR H 151 -15.16 -79.18 3.55
N SER H 152 -14.81 -77.99 4.03
CA SER H 152 -15.68 -77.19 4.88
C SER H 152 -15.25 -75.73 4.79
N ALA H 153 -15.99 -74.93 4.04
CA ALA H 153 -15.66 -73.54 3.84
C ALA H 153 -15.75 -72.74 5.13
N LYS H 154 -16.52 -73.26 6.08
CA LYS H 154 -16.68 -72.64 7.39
C LYS H 154 -15.41 -72.74 8.22
N THR H 155 -14.75 -73.90 8.15
CA THR H 155 -13.57 -74.16 8.96
C THR H 155 -12.31 -74.34 8.12
N ALA H 156 -12.40 -74.01 6.83
CA ALA H 156 -11.27 -74.06 5.91
C ALA H 156 -10.60 -75.43 5.78
N MET H 157 -11.26 -76.48 6.25
CA MET H 157 -10.72 -77.83 6.17
C MET H 157 -10.63 -78.32 4.73
N ASN H 158 -9.43 -78.74 4.33
CA ASN H 158 -9.19 -79.28 2.98
C ASN H 158 -9.59 -78.33 1.84
N VAL H 159 -9.86 -77.07 2.16
CA VAL H 159 -10.29 -76.10 1.16
C VAL H 159 -9.12 -75.62 0.31
N ASN H 160 -8.08 -75.11 0.97
CA ASN H 160 -6.88 -74.68 0.26
C ASN H 160 -6.09 -75.89 -0.25
N GLU H 161 -6.30 -77.03 0.40
CA GLU H 161 -5.65 -78.27 0.00
C GLU H 161 -6.14 -78.75 -1.36
N ILE H 162 -7.45 -78.67 -1.57
CA ILE H 162 -8.07 -79.21 -2.79
C ILE H 162 -7.76 -78.38 -4.03
N PHE H 163 -7.47 -77.10 -3.84
CA PHE H 163 -7.14 -76.23 -4.96
C PHE H 163 -5.69 -76.41 -5.40
N MET H 164 -4.88 -77.00 -4.52
CA MET H 164 -3.47 -77.26 -4.82
C MET H 164 -3.27 -78.66 -5.37
N ALA H 165 -4.11 -79.60 -4.92
CA ALA H 165 -4.06 -80.97 -5.40
C ALA H 165 -4.42 -81.04 -6.88
N ILE H 166 -5.21 -80.07 -7.34
CA ILE H 166 -5.56 -79.95 -8.74
C ILE H 166 -4.40 -79.37 -9.53
N ALA H 167 -3.66 -78.45 -8.89
CA ALA H 167 -2.50 -77.82 -9.53
C ALA H 167 -1.41 -78.83 -9.86
N LYS H 168 -1.31 -79.88 -9.04
CA LYS H 168 -0.32 -80.93 -9.25
C LYS H 168 -0.69 -81.80 -10.45
N LYS H 169 -1.98 -82.06 -10.62
CA LYS H 169 -2.46 -82.93 -11.68
C LYS H 169 -2.62 -82.20 -13.01
N LEU H 170 -1.94 -81.06 -13.15
CA LEU H 170 -1.99 -80.28 -14.38
C LEU H 170 -0.64 -80.26 -15.09
C1 EDO I . 16.59 5.58 21.05
O1 EDO I . 15.39 5.20 21.73
C2 EDO I . 17.08 4.43 20.19
O2 EDO I . 16.02 3.99 19.33
C1 EDO J . 19.72 55.91 -5.85
O1 EDO J . 20.25 54.91 -6.72
C2 EDO J . 20.78 56.28 -4.81
O2 EDO J . 20.26 57.30 -3.95
C1 GOL K . 11.65 18.67 17.57
O1 GOL K . 11.63 18.34 18.94
C2 GOL K . 10.76 17.70 16.79
O2 GOL K . 11.58 16.84 16.02
C3 GOL K . 9.91 16.88 17.75
O3 GOL K . 9.07 16.02 17.01
C1 GOL L . 10.58 13.29 6.29
O1 GOL L . 10.83 13.04 7.65
C2 GOL L . 11.19 14.63 5.90
O2 GOL L . 12.03 15.09 6.93
C3 GOL L . 12.00 14.46 4.62
O3 GOL L . 12.80 15.60 4.41
PG GNP M . -22.83 30.31 26.68
O1G GNP M . -23.59 30.28 25.39
O2G GNP M . -21.43 30.87 26.61
O3G GNP M . -22.95 28.92 27.23
N3B GNP M . -23.58 31.25 27.70
PB GNP M . -23.36 31.08 29.27
O1B GNP M . -24.28 30.06 29.80
O2B GNP M . -21.91 30.88 29.45
O3A GNP M . -23.73 32.40 29.92
PA GNP M . -22.65 33.43 30.25
O1A GNP M . -21.94 32.95 31.45
O2A GNP M . -21.84 33.72 29.05
O5' GNP M . -23.38 34.77 30.64
C5' GNP M . -24.55 35.19 29.95
C4' GNP M . -25.09 36.50 30.49
O4' GNP M . -25.76 36.29 31.76
C3' GNP M . -24.05 37.59 30.73
O3' GNP M . -24.54 38.84 30.26
C2' GNP M . -23.87 37.58 32.25
O2' GNP M . -23.52 38.85 32.76
C1' GNP M . -25.24 37.17 32.75
N9 GNP M . -25.21 36.44 34.02
C8 GNP M . -24.53 35.27 34.27
N7 GNP M . -24.68 34.84 35.50
C5 GNP M . -25.51 35.78 36.09
C6 GNP M . -26.01 35.85 37.40
O6 GNP M . -25.82 35.05 38.35
N1 GNP M . -26.81 36.96 37.60
C2 GNP M . -27.09 37.90 36.64
N2 GNP M . -27.88 38.92 37.01
N3 GNP M . -26.63 37.86 35.40
C4 GNP M . -25.84 36.77 35.19
C1 EDO N . -15.56 29.93 31.04
O1 EDO N . -16.13 29.87 29.73
C2 EDO N . -14.05 30.09 30.93
O2 EDO N . -13.75 31.37 30.36
C1 EDO O . -12.61 15.13 26.56
O1 EDO O . -13.83 15.72 27.03
C2 EDO O . -11.70 14.82 27.75
O2 EDO O . -11.57 16.00 28.54
MG MG P . -20.55 29.78 28.11
PG GNP Q . 25.29 21.26 51.74
O1G GNP Q . 26.79 21.37 51.65
O2G GNP Q . 24.53 21.70 50.52
O3G GNP Q . 24.93 21.95 53.03
N3B GNP Q . 24.89 19.74 51.95
PB GNP Q . 23.42 19.34 52.37
O1B GNP Q . 23.15 19.78 53.76
O2B GNP Q . 22.54 19.85 51.30
O3A GNP Q . 23.33 17.83 52.35
PA GNP Q . 22.77 17.11 51.13
O1A GNP Q . 21.30 17.31 51.12
O2A GNP Q . 23.52 17.50 49.93
O5' GNP Q . 23.01 15.57 51.34
C5' GNP Q . 24.30 15.11 51.73
C4' GNP Q . 24.41 13.59 51.67
O4' GNP Q . 23.58 13.00 52.71
C3' GNP Q . 23.96 12.98 50.35
O3' GNP Q . 24.90 11.99 49.96
C2' GNP Q . 22.60 12.38 50.68
O2' GNP Q . 22.32 11.21 49.92
C1' GNP Q . 22.74 12.02 52.16
N9 GNP Q . 21.47 12.05 52.88
C8 GNP Q . 20.63 13.13 53.01
N7 GNP Q . 19.56 12.87 53.73
C5 GNP Q . 19.71 11.54 54.10
C6 GNP Q . 18.87 10.73 54.88
O6 GNP Q . 17.79 11.02 55.42
N1 GNP Q . 19.38 9.44 55.02
C2 GNP Q . 20.57 9.01 54.48
N2 GNP Q . 20.91 7.74 54.73
N3 GNP Q . 21.38 9.77 53.74
C4 GNP Q . 20.88 11.02 53.59
MG MG R . 22.57 21.50 50.23
C1 EDO S . -20.83 -32.59 15.41
O1 EDO S . -22.02 -33.31 15.06
C2 EDO S . -20.06 -32.24 14.14
O2 EDO S . -20.85 -31.35 13.34
C1 GOL T . -12.34 -35.88 1.43
O1 GOL T . -13.05 -35.53 2.59
C2 GOL T . -11.51 -37.14 1.70
O2 GOL T . -11.54 -37.98 0.57
C3 GOL T . -10.07 -36.73 2.00
O3 GOL T . -9.63 -35.78 1.05
PG GNP U . 22.92 -45.49 -11.00
O1G GNP U . 23.91 -44.42 -10.63
O2G GNP U . 21.62 -45.02 -11.62
O3G GNP U . 22.78 -46.33 -9.75
N3B GNP U . 23.55 -46.45 -12.08
PB GNP U . 23.20 -47.99 -12.08
O1B GNP U . 24.07 -48.70 -11.13
O2B GNP U . 21.74 -48.09 -11.89
O3A GNP U . 23.51 -48.52 -13.46
PA GNP U . 22.42 -48.71 -14.51
O1A GNP U . 21.72 -49.96 -14.18
O2A GNP U . 21.62 -47.47 -14.64
O5' GNP U . 23.14 -48.93 -15.89
C5' GNP U . 24.39 -48.31 -16.13
C4' GNP U . 25.11 -48.98 -17.29
O4' GNP U . 25.49 -50.33 -16.91
C3' GNP U . 24.31 -49.09 -18.58
O3' GNP U . 25.09 -48.67 -19.68
C2' GNP U . 23.98 -50.59 -18.66
O2' GNP U . 23.86 -51.04 -19.99
C1' GNP U . 25.21 -51.18 -18.00
N9 GNP U . 25.03 -52.54 -17.50
C8 GNP U . 24.28 -52.94 -16.42
N7 GNP U . 24.31 -54.23 -16.22
C5 GNP U . 25.13 -54.71 -17.22
C6 GNP U . 25.53 -56.03 -17.52
O6 GNP U . 25.23 -57.07 -16.92
N1 GNP U . 26.36 -56.09 -18.63
C2 GNP U . 26.76 -55.00 -19.36
N2 GNP U . 27.58 -55.24 -20.40
N3 GNP U . 26.40 -53.75 -19.10
C4 GNP U . 25.58 -53.68 -18.02
MG MG V . 20.45 -46.70 -11.14
C1 EDO W . -38.67 -27.95 -12.89
O1 EDO W . -38.49 -27.64 -11.50
C2 EDO W . -37.63 -27.20 -13.71
O2 EDO W . -37.75 -25.79 -13.46
PG GNP X . -25.78 -71.30 -5.31
O1G GNP X . -27.28 -71.38 -5.46
O2G GNP X . -25.16 -69.95 -5.60
O3G GNP X . -25.24 -72.46 -6.11
N3B GNP X . -25.40 -71.59 -3.81
PB GNP X . -23.94 -72.05 -3.42
O1B GNP X . -23.71 -73.46 -3.85
O2B GNP X . -23.02 -71.02 -3.93
O3A GNP X . -23.85 -72.03 -1.91
PA GNP X . -23.40 -70.78 -1.18
O1A GNP X . -21.93 -70.70 -1.30
O2A GNP X . -24.19 -69.61 -1.65
O5' GNP X . -23.73 -70.98 0.35
C5' GNP X . -24.98 -71.56 0.71
C4' GNP X . -25.09 -71.74 2.22
O4' GNP X . -24.19 -72.79 2.65
C3' GNP X . -24.75 -70.51 3.05
O3' GNP X . -25.72 -70.36 4.09
C2' GNP X . -23.38 -70.84 3.61
O2' GNP X . -23.13 -70.21 4.86
C1' GNP X . -23.48 -72.35 3.79
N9 GNP X . -22.20 -73.05 3.83
C8 GNP X . -21.25 -73.12 2.84
N7 GNP X . -20.19 -73.80 3.17
C5 GNP X . -20.44 -74.21 4.47
C6 GNP X . -19.66 -74.98 5.35
O6 GNP X . -18.54 -75.47 5.14
N1 GNP X . -20.28 -75.17 6.57
C2 GNP X . -21.52 -74.67 6.91
N2 GNP X . -21.96 -74.95 8.15
N3 GNP X . -22.27 -73.94 6.10
C4 GNP X . -21.67 -73.75 4.89
MG MG Y . -22.74 -69.73 -5.40
#